data_1M5Q
#
_entry.id   1M5Q
#
_cell.length_a   83.322
_cell.length_b   172.427
_cell.length_c   148.108
_cell.angle_alpha   90.00
_cell.angle_beta   90.00
_cell.angle_gamma   90.00
#
_symmetry.space_group_name_H-M   'P 1 21 1'
#
loop_
_entity.id
_entity.type
_entity.pdbx_description
1 polymer 'small nuclear ribonucleoprotein homolog'
2 non-polymer 'CADMIUM ION'
3 non-polymer 'SODIUM ION'
4 non-polymer GLYCEROL
5 non-polymer 'ACETIC ACID'
6 water water
#
_entity_poly.entity_id   1
_entity_poly.type   'polypeptide(L)'
_entity_poly.pdbx_seq_one_letter_code
;FVAELNNLLGREVQVVLSNGEVYKGVLHAVDNQLNIVLANASNKAGEKFNRVFI(MSE)YRYIVHIDSTERRID(MSE)R
EFAKQAEKIFPG(MSE)VKYIEETNVVLIGDKVRVSEIGVEGVGPVAERAKRLFEEFLKRYS
;
_entity_poly.pdbx_strand_id   A,B,C,D,E,F,G,H,I,J,K,L,M,N,O,P,Q,R,S,T,U,V,W,X,Y,Z,1,2
#
# COMPACT_ATOMS: atom_id res chain seq x y z
N PHE A 1 -27.80 -0.32 35.28
CA PHE A 1 -27.78 -1.29 36.41
C PHE A 1 -28.64 -0.71 37.51
N VAL A 2 -29.73 -0.10 37.08
CA VAL A 2 -30.66 0.46 38.01
C VAL A 2 -31.22 -0.66 38.90
N ALA A 3 -31.48 -1.81 38.28
CA ALA A 3 -32.04 -2.91 39.07
C ALA A 3 -30.98 -3.48 40.09
N GLU A 4 -29.75 -3.69 39.65
CA GLU A 4 -28.75 -4.20 40.58
C GLU A 4 -28.52 -3.22 41.73
N LEU A 5 -28.42 -1.92 41.44
CA LEU A 5 -28.23 -0.95 42.51
C LEU A 5 -29.40 -0.93 43.44
N ASN A 6 -30.62 -1.12 42.91
CA ASN A 6 -31.78 -1.16 43.83
C ASN A 6 -31.66 -2.25 44.85
N ASN A 7 -30.96 -3.33 44.51
CA ASN A 7 -30.78 -4.46 45.41
C ASN A 7 -29.84 -4.07 46.56
N LEU A 8 -29.05 -3.00 46.35
CA LEU A 8 -28.10 -2.53 47.35
C LEU A 8 -28.60 -1.38 48.22
N LEU A 9 -29.88 -1.00 48.07
CA LEU A 9 -30.48 0.04 48.91
C LEU A 9 -30.32 -0.34 50.39
N GLY A 10 -29.94 0.63 51.24
CA GLY A 10 -29.75 0.33 52.64
C GLY A 10 -28.38 -0.32 52.88
N ARG A 11 -27.60 -0.56 51.83
CA ARG A 11 -26.27 -1.14 52.03
C ARG A 11 -25.25 -0.06 51.72
N GLU A 12 -24.07 -0.21 52.29
CA GLU A 12 -23.01 0.75 52.08
C GLU A 12 -22.36 0.57 50.71
N VAL A 13 -22.08 1.67 50.05
CA VAL A 13 -21.38 1.58 48.78
C VAL A 13 -20.41 2.73 48.75
N GLN A 14 -19.65 2.74 47.68
CA GLN A 14 -18.67 3.78 47.43
C GLN A 14 -19.00 4.37 46.05
N VAL A 15 -19.00 5.69 45.95
CA VAL A 15 -19.26 6.33 44.68
C VAL A 15 -18.07 7.23 44.34
N VAL A 16 -17.45 6.96 43.22
CA VAL A 16 -16.28 7.70 42.72
C VAL A 16 -16.77 8.75 41.73
N LEU A 17 -16.45 10.02 42.00
CA LEU A 17 -16.88 11.14 41.16
C LEU A 17 -15.73 11.57 40.26
N SER A 18 -16.06 12.18 39.13
CA SER A 18 -15.04 12.60 38.19
C SER A 18 -14.23 13.80 38.64
N ASN A 19 -14.66 14.50 39.70
CA ASN A 19 -13.84 15.59 40.21
C ASN A 19 -12.80 14.98 41.17
N GLY A 20 -12.73 13.65 41.27
CA GLY A 20 -11.74 13.05 42.16
C GLY A 20 -12.22 12.65 43.55
N GLU A 21 -13.34 13.20 43.97
CA GLU A 21 -13.88 12.85 45.28
C GLU A 21 -14.46 11.42 45.26
N VAL A 22 -14.43 10.78 46.42
CA VAL A 22 -14.96 9.45 46.65
C VAL A 22 -15.80 9.48 47.92
N TYR A 23 -17.09 9.24 47.76
CA TYR A 23 -17.99 9.22 48.89
C TYR A 23 -18.36 7.80 49.28
N LYS A 24 -18.39 7.55 50.59
CA LYS A 24 -18.77 6.27 51.11
C LYS A 24 -19.94 6.48 52.05
N GLY A 25 -21.04 5.75 51.82
CA GLY A 25 -22.23 5.85 52.64
C GLY A 25 -23.27 4.76 52.30
N VAL A 26 -24.44 4.83 52.93
CA VAL A 26 -25.53 3.88 52.67
C VAL A 26 -26.27 4.32 51.41
N LEU A 27 -26.52 3.40 50.48
CA LEU A 27 -27.22 3.73 49.22
C LEU A 27 -28.62 3.98 49.70
N HIS A 28 -29.05 5.22 49.59
CA HIS A 28 -30.36 5.64 50.06
C HIS A 28 -31.43 5.66 48.96
N ALA A 29 -31.08 6.10 47.76
CA ALA A 29 -32.00 6.21 46.63
C ALA A 29 -31.22 6.17 45.32
N VAL A 30 -31.83 5.56 44.30
CA VAL A 30 -31.25 5.53 42.96
C VAL A 30 -32.45 5.65 41.99
N ASP A 31 -32.35 6.49 40.96
CA ASP A 31 -33.47 6.65 40.04
C ASP A 31 -33.11 6.12 38.63
N ASN A 32 -34.06 6.12 37.71
CA ASN A 32 -33.78 5.62 36.38
C ASN A 32 -32.59 6.26 35.66
N GLN A 33 -32.27 7.51 35.98
CA GLN A 33 -31.15 8.19 35.31
C GLN A 33 -29.90 7.97 36.09
N LEU A 34 -29.98 7.15 37.13
CA LEU A 34 -28.81 6.85 37.97
C LEU A 34 -28.23 8.04 38.80
N ASN A 35 -29.11 8.94 39.22
CA ASN A 35 -28.73 9.96 40.18
C ASN A 35 -28.72 9.06 41.40
N ILE A 36 -27.90 9.40 42.39
CA ILE A 36 -27.75 8.59 43.61
C ILE A 36 -27.82 9.47 44.85
N VAL A 37 -28.48 8.97 45.90
CA VAL A 37 -28.54 9.68 47.17
C VAL A 37 -27.85 8.75 48.18
N LEU A 38 -26.95 9.31 48.99
CA LEU A 38 -26.25 8.52 49.99
C LEU A 38 -26.62 9.11 51.34
N ALA A 39 -26.74 8.23 52.35
CA ALA A 39 -27.08 8.55 53.73
C ALA A 39 -25.85 8.36 54.60
N ASN A 40 -25.64 9.25 55.55
CA ASN A 40 -24.50 9.16 56.47
C ASN A 40 -23.24 8.93 55.69
N ALA A 41 -22.96 9.75 54.72
CA ALA A 41 -21.82 9.47 53.91
C ALA A 41 -20.61 10.28 54.35
N SER A 42 -19.44 9.92 53.84
CA SER A 42 -18.25 10.68 54.13
C SER A 42 -17.30 10.56 52.97
N ASN A 43 -16.46 11.57 52.80
CA ASN A 43 -15.48 11.59 51.72
C ASN A 43 -14.09 11.20 52.29
N LYS A 44 -13.06 11.17 51.44
CA LYS A 44 -11.73 10.80 51.88
C LYS A 44 -11.10 11.82 52.84
N ALA A 45 -11.63 13.05 52.87
CA ALA A 45 -11.14 14.10 53.78
C ALA A 45 -11.84 13.97 55.15
N GLY A 46 -12.62 12.91 55.34
CA GLY A 46 -13.27 12.73 56.62
C GLY A 46 -14.53 13.51 56.90
N GLU A 47 -14.95 14.39 55.99
CA GLU A 47 -16.18 15.15 56.20
C GLU A 47 -17.47 14.28 56.11
N LYS A 48 -18.33 14.40 57.12
CA LYS A 48 -19.58 13.64 57.22
C LYS A 48 -20.84 14.39 56.82
N PHE A 49 -21.71 13.72 56.08
CA PHE A 49 -22.95 14.34 55.64
C PHE A 49 -24.14 13.42 55.88
N ASN A 50 -25.22 13.99 56.38
CA ASN A 50 -26.44 13.27 56.61
C ASN A 50 -26.93 12.81 55.21
N ARG A 51 -26.88 13.71 54.23
CA ARG A 51 -27.26 13.34 52.86
C ARG A 51 -26.34 13.95 51.81
N VAL A 52 -26.05 13.15 50.77
CA VAL A 52 -25.26 13.60 49.65
C VAL A 52 -26.03 13.19 48.37
N PHE A 53 -26.48 14.20 47.66
CA PHE A 53 -27.27 14.10 46.41
C PHE A 53 -26.29 14.25 45.26
N ILE A 54 -25.99 13.13 44.62
CA ILE A 54 -25.00 13.05 43.56
C ILE A 54 -25.60 13.01 42.18
N TYR A 56 -25.97 12.35 38.35
CA TYR A 56 -25.43 11.25 37.56
C TYR A 56 -24.28 11.58 36.59
N ARG A 57 -24.24 12.78 36.03
CA ARG A 57 -23.21 13.09 35.05
C ARG A 57 -21.77 13.07 35.58
N TYR A 58 -21.61 13.16 36.89
CA TYR A 58 -20.28 13.18 37.50
C TYR A 58 -19.90 11.88 38.16
N ILE A 59 -20.76 10.87 37.99
CA ILE A 59 -20.49 9.55 38.58
C ILE A 59 -19.75 8.66 37.61
N VAL A 60 -18.54 8.25 37.99
CA VAL A 60 -17.71 7.37 37.18
C VAL A 60 -18.11 5.88 37.40
N HIS A 61 -18.14 5.48 38.67
CA HIS A 61 -18.52 4.14 39.04
C HIS A 61 -18.96 4.06 40.50
N ILE A 62 -19.61 2.97 40.84
CA ILE A 62 -20.13 2.72 42.17
C ILE A 62 -19.61 1.36 42.53
N ASP A 63 -19.08 1.21 43.75
CA ASP A 63 -18.50 -0.06 44.17
C ASP A 63 -19.06 -0.65 45.45
N SER A 64 -19.06 -1.98 45.53
CA SER A 64 -19.59 -2.67 46.69
C SER A 64 -18.65 -3.80 47.04
N THR A 65 -18.33 -3.91 48.32
CA THR A 65 -17.46 -4.99 48.73
C THR A 65 -18.27 -6.13 49.28
N GLU A 66 -19.58 -5.96 49.37
CA GLU A 66 -20.46 -6.99 49.88
C GLU A 66 -21.07 -7.90 48.83
N ARG A 67 -21.26 -9.16 49.16
CA ARG A 67 -21.94 -10.02 48.23
C ARG A 67 -23.33 -10.00 48.77
N ARG A 68 -24.30 -9.66 47.94
CA ARG A 68 -25.66 -9.63 48.41
C ARG A 68 -26.55 -10.43 47.47
N ILE A 69 -27.34 -11.32 48.05
CA ILE A 69 -28.22 -12.20 47.31
C ILE A 69 -29.37 -11.44 46.67
N ASP A 70 -29.48 -11.56 45.35
CA ASP A 70 -30.58 -10.94 44.63
C ASP A 70 -31.44 -12.06 43.98
N ARG A 72 -34.10 -11.94 42.16
CA ARG A 72 -34.58 -11.68 40.81
C ARG A 72 -33.49 -12.19 39.91
N GLU A 73 -32.26 -12.05 40.37
CA GLU A 73 -31.13 -12.52 39.58
C GLU A 73 -31.26 -14.07 39.46
N PHE A 74 -31.42 -14.77 40.58
CA PHE A 74 -31.60 -16.21 40.56
C PHE A 74 -32.78 -16.54 39.62
N ALA A 75 -33.84 -15.76 39.68
CA ALA A 75 -34.97 -16.02 38.80
C ALA A 75 -34.52 -15.94 37.31
N LYS A 76 -33.72 -14.93 36.95
CA LYS A 76 -33.29 -14.80 35.56
C LYS A 76 -32.57 -16.06 35.16
N GLN A 77 -31.69 -16.51 36.05
CA GLN A 77 -30.96 -17.72 35.76
C GLN A 77 -31.84 -18.96 35.69
N ALA A 78 -32.77 -19.06 36.63
CA ALA A 78 -33.66 -20.23 36.69
C ALA A 78 -34.48 -20.36 35.40
N GLU A 79 -34.79 -19.20 34.80
CA GLU A 79 -35.57 -19.15 33.57
C GLU A 79 -34.83 -19.79 32.39
N LYS A 80 -33.51 -19.73 32.41
CA LYS A 80 -32.75 -20.35 31.37
C LYS A 80 -32.71 -21.88 31.55
N ILE A 81 -32.84 -22.35 32.80
CA ILE A 81 -32.77 -23.78 33.09
C ILE A 81 -34.19 -24.41 33.11
N PHE A 82 -35.20 -23.62 33.45
CA PHE A 82 -36.57 -24.12 33.49
C PHE A 82 -37.43 -23.17 32.71
N PRO A 83 -37.16 -23.01 31.41
CA PRO A 83 -37.97 -22.08 30.61
C PRO A 83 -39.49 -22.22 30.76
N GLY A 84 -40.17 -21.08 30.97
CA GLY A 84 -41.62 -21.07 31.08
C GLY A 84 -42.20 -21.49 32.45
N VAL A 86 -40.85 -20.42 35.54
CA VAL A 86 -40.29 -19.60 36.61
C VAL A 86 -41.00 -18.30 36.90
N LYS A 87 -41.13 -17.99 38.18
CA LYS A 87 -41.78 -16.78 38.56
C LYS A 87 -41.19 -16.22 39.85
N TYR A 88 -40.89 -14.93 39.82
CA TYR A 88 -40.38 -14.28 41.01
C TYR A 88 -41.56 -13.69 41.76
N ILE A 89 -41.66 -13.95 43.07
CA ILE A 89 -42.79 -13.39 43.81
C ILE A 89 -42.20 -12.30 44.70
N GLU A 90 -42.49 -11.04 44.37
CA GLU A 90 -41.97 -9.94 45.13
C GLU A 90 -42.57 -9.91 46.52
N GLU A 91 -43.81 -10.37 46.65
CA GLU A 91 -44.47 -10.27 47.93
C GLU A 91 -43.70 -11.04 49.02
N THR A 92 -43.10 -12.18 48.65
CA THR A 92 -42.36 -12.95 49.64
C THR A 92 -40.86 -13.11 49.34
N ASN A 93 -40.38 -12.49 48.24
CA ASN A 93 -38.99 -12.57 47.79
C ASN A 93 -38.60 -14.07 47.60
N VAL A 94 -39.42 -14.75 46.83
CA VAL A 94 -39.23 -16.16 46.60
C VAL A 94 -39.27 -16.41 45.06
N VAL A 95 -38.66 -17.49 44.58
CA VAL A 95 -38.70 -17.80 43.19
C VAL A 95 -39.44 -19.13 43.07
N LEU A 96 -40.52 -19.15 42.32
CA LEU A 96 -41.24 -20.40 42.19
C LEU A 96 -40.87 -21.09 40.91
N ILE A 97 -40.61 -22.39 40.99
CA ILE A 97 -40.24 -23.19 39.81
C ILE A 97 -41.26 -24.30 39.71
N GLY A 98 -42.08 -24.23 38.69
CA GLY A 98 -43.15 -25.20 38.53
C GLY A 98 -44.04 -24.90 39.70
N ASP A 99 -44.96 -25.77 40.07
CA ASP A 99 -45.73 -25.38 41.22
C ASP A 99 -45.53 -26.15 42.49
N LYS A 100 -44.39 -26.83 42.60
CA LYS A 100 -44.06 -27.60 43.80
C LYS A 100 -42.64 -27.33 44.29
N VAL A 101 -41.91 -26.40 43.65
CA VAL A 101 -40.56 -26.09 44.10
C VAL A 101 -40.49 -24.57 44.37
N ARG A 102 -39.94 -24.22 45.52
CA ARG A 102 -39.88 -22.83 45.99
C ARG A 102 -38.44 -22.55 46.43
N VAL A 103 -37.84 -21.47 45.97
CA VAL A 103 -36.47 -21.13 46.34
C VAL A 103 -36.43 -19.75 47.01
N SER A 104 -35.84 -19.69 48.20
CA SER A 104 -35.70 -18.44 48.92
C SER A 104 -34.17 -18.14 49.05
N GLU A 105 -33.83 -17.09 49.79
CA GLU A 105 -32.45 -16.75 50.02
C GLU A 105 -31.71 -17.83 50.78
N ILE A 106 -32.44 -18.69 51.49
CA ILE A 106 -31.74 -19.76 52.20
C ILE A 106 -31.76 -21.09 51.45
N GLY A 107 -32.48 -21.16 50.34
CA GLY A 107 -32.46 -22.42 49.61
C GLY A 107 -33.74 -22.98 49.01
N VAL A 108 -33.56 -24.13 48.38
CA VAL A 108 -34.59 -24.88 47.69
C VAL A 108 -35.43 -25.76 48.61
N GLU A 109 -36.74 -25.66 48.47
CA GLU A 109 -37.64 -26.50 49.22
C GLU A 109 -38.41 -27.23 48.11
N GLY A 110 -38.50 -28.55 48.27
CA GLY A 110 -39.19 -29.38 47.27
C GLY A 110 -38.47 -30.73 47.15
N VAL A 111 -39.01 -31.61 46.33
CA VAL A 111 -38.45 -32.96 46.15
C VAL A 111 -38.53 -33.38 44.68
N GLY A 112 -37.71 -34.36 44.31
CA GLY A 112 -37.74 -34.84 42.93
C GLY A 112 -36.68 -34.21 42.04
N PRO A 113 -36.66 -34.59 40.75
CA PRO A 113 -35.72 -34.09 39.73
C PRO A 113 -35.65 -32.55 39.69
N VAL A 114 -36.83 -31.90 39.59
CA VAL A 114 -36.87 -30.44 39.54
C VAL A 114 -36.11 -29.82 40.74
N ALA A 115 -36.39 -30.32 41.92
CA ALA A 115 -35.72 -29.83 43.13
C ALA A 115 -34.22 -30.09 43.12
N GLU A 116 -33.80 -31.25 42.60
CA GLU A 116 -32.37 -31.55 42.58
C GLU A 116 -31.64 -30.61 41.63
N ARG A 117 -32.24 -30.35 40.47
CA ARG A 117 -31.65 -29.45 39.47
C ARG A 117 -31.66 -28.00 40.01
N ALA A 118 -32.67 -27.68 40.81
CA ALA A 118 -32.75 -26.35 41.38
C ALA A 118 -31.68 -26.16 42.45
N LYS A 119 -31.41 -27.22 43.22
CA LYS A 119 -30.40 -27.17 44.28
C LYS A 119 -29.05 -26.94 43.64
N ARG A 120 -28.75 -27.71 42.60
CA ARG A 120 -27.47 -27.52 41.91
C ARG A 120 -27.43 -26.09 41.42
N LEU A 121 -28.49 -25.60 40.78
CA LEU A 121 -28.45 -24.19 40.32
C LEU A 121 -28.25 -23.17 41.46
N PHE A 122 -29.02 -23.33 42.54
CA PHE A 122 -28.91 -22.41 43.65
C PHE A 122 -27.47 -22.42 44.19
N GLU A 123 -26.89 -23.60 44.34
CA GLU A 123 -25.51 -23.73 44.85
C GLU A 123 -24.58 -22.93 43.95
N GLU A 124 -24.70 -23.12 42.63
CA GLU A 124 -23.86 -22.39 41.69
C GLU A 124 -24.10 -20.88 41.83
N PHE A 125 -25.38 -20.50 41.95
CA PHE A 125 -25.76 -19.11 42.09
C PHE A 125 -25.03 -18.44 43.24
N LEU A 126 -24.93 -19.10 44.38
CA LEU A 126 -24.22 -18.49 45.50
C LEU A 126 -22.70 -18.46 45.31
N PHE B 1 -33.50 13.57 42.24
CA PHE B 1 -33.85 13.86 43.64
C PHE B 1 -34.50 15.23 43.77
N VAL B 2 -35.24 15.61 42.73
CA VAL B 2 -35.93 16.89 42.78
C VAL B 2 -36.86 16.98 43.98
N ALA B 3 -37.56 15.88 44.27
CA ALA B 3 -38.50 15.87 45.40
C ALA B 3 -37.76 15.98 46.74
N GLU B 4 -36.66 15.25 46.89
CA GLU B 4 -35.92 15.35 48.13
C GLU B 4 -35.40 16.76 48.35
N LEU B 5 -34.88 17.38 47.29
CA LEU B 5 -34.34 18.73 47.40
C LEU B 5 -35.41 19.72 47.75
N ASN B 6 -36.60 19.50 47.20
CA ASN B 6 -37.67 20.40 47.56
C ASN B 6 -37.94 20.40 49.04
N ASN B 7 -37.79 19.25 49.69
CA ASN B 7 -38.03 19.17 51.12
C ASN B 7 -36.96 20.02 51.87
N LEU B 8 -35.85 20.38 51.22
CA LEU B 8 -34.78 21.23 51.83
C LEU B 8 -34.88 22.73 51.49
N LEU B 9 -35.87 23.14 50.71
CA LEU B 9 -36.05 24.56 50.42
C LEU B 9 -36.04 25.36 51.77
N GLY B 10 -35.24 26.43 51.83
CA GLY B 10 -35.20 27.25 53.04
C GLY B 10 -34.19 26.72 54.03
N ARG B 11 -33.59 25.59 53.68
CA ARG B 11 -32.58 25.02 54.55
C ARG B 11 -31.20 25.23 53.93
N GLU B 12 -30.19 25.24 54.79
CA GLU B 12 -28.85 25.40 54.29
C GLU B 12 -28.32 24.10 53.71
N VAL B 13 -27.66 24.23 52.56
CA VAL B 13 -27.02 23.10 51.87
C VAL B 13 -25.67 23.56 51.29
N GLN B 14 -24.86 22.58 50.94
CA GLN B 14 -23.58 22.83 50.30
C GLN B 14 -23.69 22.32 48.85
N VAL B 15 -23.21 23.12 47.88
CA VAL B 15 -23.21 22.71 46.48
C VAL B 15 -21.78 22.73 45.92
N VAL B 16 -21.27 21.56 45.56
CA VAL B 16 -19.94 21.41 45.00
C VAL B 16 -20.01 21.41 43.48
N LEU B 17 -19.27 22.36 42.90
CA LEU B 17 -19.24 22.57 41.46
C LEU B 17 -18.01 21.93 40.83
N SER B 18 -18.14 21.75 39.52
CA SER B 18 -17.15 21.09 38.68
C SER B 18 -15.84 21.87 38.58
N ASN B 19 -15.96 23.17 38.72
CA ASN B 19 -14.79 24.04 38.63
C ASN B 19 -14.05 24.10 39.96
N GLY B 20 -14.51 23.34 40.96
CA GLY B 20 -13.79 23.37 42.22
C GLY B 20 -14.37 24.28 43.27
N GLU B 21 -15.29 25.17 42.91
CA GLU B 21 -15.90 25.99 43.93
C GLU B 21 -16.96 25.19 44.73
N VAL B 22 -17.21 25.67 45.95
CA VAL B 22 -18.18 25.05 46.84
C VAL B 22 -18.91 26.20 47.45
N TYR B 23 -20.23 26.23 47.24
CA TYR B 23 -21.06 27.29 47.79
C TYR B 23 -21.98 26.70 48.88
N LYS B 24 -22.17 27.45 49.95
CA LYS B 24 -23.09 27.05 51.02
C LYS B 24 -24.05 28.22 51.10
N GLY B 25 -25.32 27.92 51.25
CA GLY B 25 -26.30 28.99 51.30
C GLY B 25 -27.64 28.37 51.55
N VAL B 26 -28.67 29.18 51.66
CA VAL B 26 -30.01 28.64 51.85
C VAL B 26 -30.52 28.17 50.45
N LEU B 27 -31.07 26.95 50.39
CA LEU B 27 -31.62 26.40 49.11
C LEU B 27 -32.85 27.24 48.86
N HIS B 28 -32.73 28.13 47.90
CA HIS B 28 -33.84 29.03 47.59
C HIS B 28 -34.79 28.46 46.51
N ALA B 29 -34.25 27.78 45.50
CA ALA B 29 -35.09 27.27 44.39
C ALA B 29 -34.46 26.05 43.72
N VAL B 30 -35.29 25.11 43.25
CA VAL B 30 -34.80 23.92 42.54
C VAL B 30 -35.83 23.59 41.45
N ASP B 31 -35.38 23.33 40.24
CA ASP B 31 -36.33 22.99 39.20
C ASP B 31 -36.15 21.54 38.74
N ASN B 32 -36.99 21.11 37.80
CA ASN B 32 -36.95 19.75 37.32
C ASN B 32 -35.62 19.36 36.73
N GLN B 33 -34.93 20.30 36.11
CA GLN B 33 -33.61 20.00 35.53
C GLN B 33 -32.51 20.09 36.57
N LEU B 34 -32.89 20.43 37.79
CA LEU B 34 -31.95 20.52 38.87
C LEU B 34 -30.99 21.75 38.85
N ASN B 35 -31.44 22.83 38.21
CA ASN B 35 -30.69 24.08 38.28
C ASN B 35 -31.00 24.43 39.74
N ILE B 36 -30.11 25.19 40.36
CA ILE B 36 -30.30 25.55 41.76
C ILE B 36 -30.02 27.03 42.05
N VAL B 37 -30.83 27.61 42.93
CA VAL B 37 -30.62 29.00 43.33
C VAL B 37 -30.38 28.93 44.83
N LEU B 38 -29.26 29.52 45.29
CA LEU B 38 -28.95 29.59 46.72
C LEU B 38 -29.16 31.05 47.11
N ALA B 39 -29.57 31.29 48.36
CA ALA B 39 -29.73 32.65 48.82
C ALA B 39 -28.65 32.86 49.89
N ASN B 40 -28.10 34.08 49.96
CA ASN B 40 -27.11 34.43 50.97
C ASN B 40 -26.07 33.39 51.03
N ALA B 41 -25.46 33.11 49.90
CA ALA B 41 -24.47 32.07 49.83
C ALA B 41 -23.04 32.63 49.88
N SER B 42 -22.10 31.76 50.24
CA SER B 42 -20.72 32.20 50.26
C SER B 42 -19.90 31.05 49.70
N ASN B 43 -18.72 31.35 49.19
CA ASN B 43 -17.84 30.33 48.66
C ASN B 43 -16.66 30.16 49.60
N LYS B 44 -15.72 29.30 49.22
CA LYS B 44 -14.58 29.07 50.08
C LYS B 44 -13.66 30.28 50.18
N ALA B 45 -13.80 31.23 49.26
CA ALA B 45 -12.92 32.42 49.29
C ALA B 45 -13.56 33.47 50.14
N GLY B 46 -14.58 33.06 50.87
CA GLY B 46 -15.28 34.00 51.70
C GLY B 46 -16.21 35.01 51.02
N GLU B 47 -16.33 35.03 49.69
CA GLU B 47 -17.24 36.02 49.09
C GLU B 47 -18.69 35.67 49.41
N LYS B 48 -19.54 36.68 49.55
CA LYS B 48 -20.93 36.41 49.87
C LYS B 48 -21.78 37.00 48.77
N PHE B 49 -22.87 36.31 48.45
CA PHE B 49 -23.77 36.79 47.41
C PHE B 49 -25.20 36.57 47.87
N ASN B 50 -26.04 37.54 47.53
CA ASN B 50 -27.44 37.51 47.90
C ASN B 50 -28.09 36.33 47.19
N ARG B 51 -27.81 36.24 45.88
CA ARG B 51 -28.31 35.13 45.07
C ARG B 51 -27.18 34.50 44.20
N VAL B 52 -27.13 33.18 44.16
CA VAL B 52 -26.18 32.48 43.29
C VAL B 52 -27.05 31.51 42.44
N PHE B 53 -27.05 31.69 41.11
CA PHE B 53 -27.84 30.86 40.20
C PHE B 53 -26.90 29.87 39.58
N ILE B 54 -27.01 28.61 40.01
CA ILE B 54 -26.16 27.56 39.55
C ILE B 54 -26.77 26.64 38.46
N TYR B 56 -27.20 23.49 36.25
CA TYR B 56 -27.14 22.07 36.58
C TYR B 56 -25.96 21.29 35.96
N ARG B 57 -25.53 21.66 34.77
CA ARG B 57 -24.39 20.98 34.14
C ARG B 57 -23.11 20.97 34.97
N TYR B 58 -22.96 21.92 35.87
CA TYR B 58 -21.70 22.01 36.65
C TYR B 58 -21.81 21.59 38.09
N ILE B 59 -22.97 21.10 38.48
CA ILE B 59 -23.15 20.64 39.86
C ILE B 59 -22.74 19.18 39.99
N VAL B 60 -21.78 18.91 40.87
CA VAL B 60 -21.29 17.53 41.12
C VAL B 60 -22.21 16.90 42.20
N HIS B 61 -22.41 17.60 43.31
CA HIS B 61 -23.28 17.09 44.35
C HIS B 61 -23.75 18.20 45.30
N ILE B 62 -24.83 17.90 46.02
CA ILE B 62 -25.46 18.79 46.98
C ILE B 62 -25.44 18.05 48.31
N ASP B 63 -24.95 18.71 49.36
CA ASP B 63 -24.82 18.05 50.66
C ASP B 63 -25.55 18.71 51.80
N SER B 64 -26.13 17.90 52.67
CA SER B 64 -26.84 18.46 53.79
C SER B 64 -26.33 17.76 55.06
N THR B 65 -26.16 18.55 56.11
CA THR B 65 -25.70 17.98 57.36
C THR B 65 -26.85 17.98 58.34
N GLU B 66 -28.05 18.30 57.86
CA GLU B 66 -29.22 18.35 58.74
C GLU B 66 -30.17 17.16 58.58
N ARG B 67 -30.89 16.84 59.65
CA ARG B 67 -31.90 15.76 59.63
C ARG B 67 -33.21 16.51 59.42
N ARG B 68 -33.91 16.28 58.32
CA ARG B 68 -35.16 17.00 58.11
C ARG B 68 -36.32 16.08 57.77
N ILE B 69 -37.21 15.87 58.72
CA ILE B 69 -38.35 15.00 58.49
C ILE B 69 -39.09 15.40 57.21
N ASP B 70 -39.36 14.43 56.36
CA ASP B 70 -40.10 14.64 55.12
C ASP B 70 -41.31 13.69 55.20
N ARG B 72 -43.61 13.12 53.18
CA ARG B 72 -43.94 12.51 51.87
C ARG B 72 -43.24 11.17 51.82
N GLU B 73 -42.02 11.17 52.35
CA GLU B 73 -41.19 9.97 52.41
C GLU B 73 -41.85 9.01 53.41
N PHE B 74 -42.31 9.56 54.55
CA PHE B 74 -42.97 8.66 55.51
C PHE B 74 -44.17 8.01 54.81
N ALA B 75 -44.87 8.78 53.98
CA ALA B 75 -46.07 8.24 53.28
C ALA B 75 -45.73 7.07 52.34
N LYS B 76 -44.58 7.18 51.71
CA LYS B 76 -44.10 6.13 50.81
C LYS B 76 -43.80 4.89 51.57
N GLN B 77 -43.19 5.07 52.74
CA GLN B 77 -42.82 3.94 53.60
C GLN B 77 -44.06 3.30 54.20
N ALA B 78 -45.05 4.14 54.57
CA ALA B 78 -46.31 3.67 55.16
C ALA B 78 -47.10 2.85 54.13
N GLU B 79 -47.07 3.31 52.88
CA GLU B 79 -47.75 2.61 51.77
C GLU B 79 -47.30 1.13 51.62
N LYS B 80 -46.04 0.82 51.90
CA LYS B 80 -45.53 -0.55 51.83
C LYS B 80 -46.01 -1.43 53.01
N ILE B 81 -46.39 -0.78 54.11
CA ILE B 81 -46.88 -1.48 55.31
C ILE B 81 -48.40 -1.55 55.36
N PHE B 82 -49.06 -0.51 54.88
CA PHE B 82 -50.50 -0.43 54.88
C PHE B 82 -50.91 -0.12 53.44
N PRO B 83 -50.62 -1.04 52.52
CA PRO B 83 -50.96 -0.81 51.10
C PRO B 83 -52.39 -0.42 50.88
N GLY B 84 -52.62 0.57 50.01
CA GLY B 84 -53.98 1.04 49.76
C GLY B 84 -54.65 1.90 50.83
N VAL B 86 -53.03 4.60 52.55
CA VAL B 86 -52.21 5.77 52.86
C VAL B 86 -52.42 6.98 52.00
N LYS B 87 -52.39 8.14 52.63
CA LYS B 87 -52.57 9.33 51.84
C LYS B 87 -51.83 10.48 52.48
N TYR B 88 -50.97 11.14 51.72
CA TYR B 88 -50.24 12.32 52.21
C TYR B 88 -51.20 13.49 51.94
N ILE B 89 -51.36 14.33 52.97
CA ILE B 89 -52.24 15.49 52.91
C ILE B 89 -51.37 16.75 52.93
N GLU B 90 -51.16 17.34 51.78
CA GLU B 90 -50.31 18.54 51.67
C GLU B 90 -50.95 19.75 52.41
N GLU B 91 -52.27 19.80 52.48
CA GLU B 91 -52.87 20.96 53.11
C GLU B 91 -52.48 21.11 54.59
N THR B 92 -52.17 19.98 55.27
CA THR B 92 -51.78 20.02 56.69
C THR B 92 -50.47 19.32 56.98
N ASN B 93 -49.83 18.76 55.95
CA ASN B 93 -48.52 18.06 56.09
C ASN B 93 -48.65 16.83 57.02
N VAL B 94 -49.68 16.04 56.76
CA VAL B 94 -49.97 14.92 57.59
C VAL B 94 -50.15 13.65 56.75
N VAL B 95 -49.92 12.49 57.34
CA VAL B 95 -50.13 11.28 56.58
C VAL B 95 -51.29 10.54 57.26
N LEU B 96 -52.34 10.23 56.50
CA LEU B 96 -53.47 9.49 57.05
C LEU B 96 -53.31 8.03 56.72
N ILE B 97 -53.53 7.18 57.71
CA ILE B 97 -53.43 5.75 57.49
C ILE B 97 -54.81 5.23 57.83
N GLY B 98 -55.52 4.77 56.80
CA GLY B 98 -56.86 4.31 57.02
C GLY B 98 -57.70 5.52 57.37
N ASP B 99 -58.84 5.26 57.97
CA ASP B 99 -59.75 6.34 58.30
C ASP B 99 -59.56 6.94 59.68
N LYS B 100 -58.78 6.32 60.53
CA LYS B 100 -58.69 6.81 61.89
C LYS B 100 -57.35 7.10 62.50
N VAL B 101 -56.27 6.86 61.79
CA VAL B 101 -54.95 7.14 62.32
C VAL B 101 -54.37 8.30 61.48
N ARG B 102 -53.66 9.21 62.15
CA ARG B 102 -53.06 10.34 61.44
C ARG B 102 -51.66 10.54 61.96
N VAL B 103 -50.74 10.81 61.06
CA VAL B 103 -49.36 10.97 61.47
C VAL B 103 -48.83 12.29 61.02
N SER B 104 -48.30 13.08 61.96
CA SER B 104 -47.69 14.39 61.65
C SER B 104 -46.19 14.29 61.93
N GLU B 105 -45.47 15.40 61.75
CA GLU B 105 -44.04 15.35 61.98
C GLU B 105 -43.70 15.15 63.43
N ILE B 106 -44.68 15.30 64.32
CA ILE B 106 -44.52 15.11 65.77
C ILE B 106 -44.82 13.65 66.16
N GLY B 107 -45.36 12.87 65.24
CA GLY B 107 -45.68 11.49 65.59
C GLY B 107 -47.08 11.01 65.27
N VAL B 108 -47.36 9.81 65.75
CA VAL B 108 -48.62 9.15 65.52
C VAL B 108 -49.73 9.47 66.49
N GLU B 109 -50.91 9.71 65.95
CA GLU B 109 -52.13 9.96 66.71
C GLU B 109 -53.19 8.92 66.31
N GLY B 110 -53.69 8.16 67.29
CA GLY B 110 -54.73 7.19 66.99
C GLY B 110 -54.81 6.03 67.98
N VAL B 111 -55.71 5.09 67.77
CA VAL B 111 -55.84 4.01 68.73
C VAL B 111 -55.94 2.67 68.07
N GLY B 112 -55.46 1.65 68.76
CA GLY B 112 -55.58 0.31 68.22
C GLY B 112 -54.34 -0.26 67.58
N PRO B 113 -54.48 -1.42 66.93
CA PRO B 113 -53.39 -2.13 66.25
C PRO B 113 -52.76 -1.28 65.14
N VAL B 114 -53.58 -0.56 64.39
CA VAL B 114 -53.07 0.27 63.27
C VAL B 114 -52.17 1.35 63.82
N ALA B 115 -52.63 2.03 64.86
CA ALA B 115 -51.82 3.05 65.50
C ALA B 115 -50.52 2.43 66.01
N GLU B 116 -50.62 1.28 66.63
CA GLU B 116 -49.42 0.61 67.14
C GLU B 116 -48.45 0.30 66.01
N ARG B 117 -48.93 -0.32 64.93
CA ARG B 117 -47.99 -0.60 63.83
C ARG B 117 -47.42 0.72 63.31
N ALA B 118 -48.24 1.76 63.22
CA ALA B 118 -47.74 3.02 62.70
C ALA B 118 -46.70 3.64 63.64
N LYS B 119 -46.86 3.47 64.94
CA LYS B 119 -45.91 4.03 65.91
C LYS B 119 -44.54 3.47 65.68
N ARG B 120 -44.46 2.16 65.57
CA ARG B 120 -43.17 1.51 65.34
C ARG B 120 -42.56 1.99 64.04
N LEU B 121 -43.41 2.17 63.01
CA LEU B 121 -42.93 2.60 61.70
C LEU B 121 -42.38 4.03 61.76
N PHE B 122 -43.09 4.91 62.47
CA PHE B 122 -42.61 6.28 62.64
C PHE B 122 -41.27 6.33 63.43
N GLU B 123 -41.10 5.48 64.45
CA GLU B 123 -39.83 5.44 65.21
C GLU B 123 -38.69 5.00 64.30
N GLU B 124 -38.89 3.93 63.55
CA GLU B 124 -37.84 3.48 62.63
C GLU B 124 -37.57 4.64 61.67
N PHE B 125 -38.65 5.27 61.24
CA PHE B 125 -38.56 6.36 60.30
C PHE B 125 -37.71 7.53 60.79
N LEU B 126 -37.79 7.86 62.07
CA LEU B 126 -36.97 8.96 62.55
C LEU B 126 -35.45 8.71 62.44
N LYS B 127 -35.00 7.46 62.31
CA LYS B 127 -33.56 7.21 62.10
C LYS B 127 -33.24 6.59 60.72
N PHE C 1 -33.78 28.96 35.96
CA PHE C 1 -34.08 30.30 36.55
C PHE C 1 -34.15 31.47 35.54
N VAL C 2 -34.66 31.19 34.32
CA VAL C 2 -34.82 32.26 33.34
C VAL C 2 -35.63 33.45 33.91
N ALA C 3 -36.72 33.14 34.62
CA ALA C 3 -37.60 34.16 35.23
C ALA C 3 -36.85 35.04 36.25
N GLU C 4 -36.12 34.40 37.15
CA GLU C 4 -35.38 35.13 38.17
C GLU C 4 -34.40 36.06 37.52
N LEU C 5 -33.66 35.57 36.52
CA LEU C 5 -32.69 36.44 35.86
C LEU C 5 -33.32 37.59 35.10
N ASN C 6 -34.50 37.36 34.52
CA ASN C 6 -35.16 38.42 33.77
C ASN C 6 -35.43 39.63 34.70
N ASN C 7 -35.63 39.35 35.99
CA ASN C 7 -35.86 40.39 37.00
C ASN C 7 -34.54 41.15 37.28
N LEU C 8 -33.41 40.59 36.87
CA LEU C 8 -32.15 41.27 37.11
C LEU C 8 -31.61 42.01 35.88
N LEU C 9 -32.42 42.10 34.83
CA LEU C 9 -31.99 42.77 33.62
C LEU C 9 -31.75 44.25 33.97
N GLY C 10 -30.64 44.80 33.50
CA GLY C 10 -30.34 46.20 33.75
C GLY C 10 -29.56 46.37 35.04
N ARG C 11 -29.34 45.26 35.76
CA ARG C 11 -28.60 45.26 37.01
C ARG C 11 -27.27 44.61 36.78
N GLU C 12 -26.33 44.86 37.69
CA GLU C 12 -25.01 44.27 37.60
C GLU C 12 -25.03 42.84 38.15
N VAL C 13 -24.36 41.93 37.44
CA VAL C 13 -24.25 40.56 37.87
C VAL C 13 -22.83 40.15 37.55
N GLN C 14 -22.45 38.98 38.05
CA GLN C 14 -21.16 38.40 37.81
C GLN C 14 -21.43 36.98 37.23
N VAL C 15 -20.72 36.60 36.17
CA VAL C 15 -20.89 35.30 35.55
C VAL C 15 -19.57 34.57 35.52
N VAL C 16 -19.52 33.43 36.18
CA VAL C 16 -18.32 32.61 36.28
C VAL C 16 -18.36 31.50 35.22
N LEU C 17 -17.32 31.43 34.38
CA LEU C 17 -17.25 30.46 33.26
C LEU C 17 -16.35 29.30 33.61
N SER C 18 -16.53 28.16 32.92
CA SER C 18 -15.72 26.98 33.20
C SER C 18 -14.28 27.10 32.75
N ASN C 19 -13.93 28.12 31.95
CA ASN C 19 -12.52 28.27 31.55
C ASN C 19 -11.75 29.09 32.62
N GLY C 20 -12.42 29.35 33.73
CA GLY C 20 -11.79 30.09 34.80
C GLY C 20 -12.01 31.58 34.73
N GLU C 21 -12.63 32.12 33.67
CA GLU C 21 -12.83 33.57 33.63
C GLU C 21 -14.07 33.95 34.36
N VAL C 22 -14.09 35.20 34.80
CA VAL C 22 -15.22 35.74 35.51
C VAL C 22 -15.52 37.10 34.91
N TYR C 23 -16.75 37.26 34.42
CA TYR C 23 -17.20 38.53 33.83
C TYR C 23 -18.22 39.20 34.71
N LYS C 24 -18.10 40.51 34.81
CA LYS C 24 -19.01 41.27 35.63
C LYS C 24 -19.45 42.40 34.75
N GLY C 25 -20.75 42.64 34.75
CA GLY C 25 -21.30 43.68 33.92
C GLY C 25 -22.79 43.75 34.11
N VAL C 26 -23.42 44.60 33.33
CA VAL C 26 -24.87 44.76 33.36
C VAL C 26 -25.55 43.63 32.56
N LEU C 27 -26.44 42.90 33.23
CA LEU C 27 -27.20 41.83 32.58
C LEU C 27 -28.01 42.48 31.48
N HIS C 28 -27.67 42.18 30.26
CA HIS C 28 -28.37 42.83 29.16
C HIS C 28 -29.46 41.97 28.49
N ALA C 29 -29.26 40.65 28.42
CA ALA C 29 -30.29 39.79 27.82
C ALA C 29 -30.12 38.37 28.29
N VAL C 30 -31.23 37.66 28.44
CA VAL C 30 -31.22 36.25 28.85
C VAL C 30 -32.28 35.53 28.02
N ASP C 31 -31.94 34.35 27.49
CA ASP C 31 -32.96 33.61 26.74
C ASP C 31 -33.31 32.30 27.50
N ASN C 32 -34.21 31.49 26.95
CA ASN C 32 -34.65 30.28 27.59
C ASN C 32 -33.53 29.27 27.76
N GLN C 33 -32.52 29.31 26.91
CA GLN C 33 -31.44 28.36 27.04
C GLN C 33 -30.37 28.91 27.97
N LEU C 34 -30.62 30.11 28.46
CA LEU C 34 -29.75 30.81 29.40
C LEU C 34 -28.43 31.28 28.83
N ASN C 35 -28.42 31.60 27.53
CA ASN C 35 -27.24 32.20 26.94
C ASN C 35 -27.37 33.56 27.63
N ILE C 36 -26.24 34.20 27.89
CA ILE C 36 -26.26 35.50 28.54
C ILE C 36 -25.51 36.56 27.72
N VAL C 37 -26.04 37.78 27.72
CA VAL C 37 -25.38 38.94 27.09
C VAL C 37 -25.17 40.01 28.21
N LEU C 38 -23.92 40.37 28.47
CA LEU C 38 -23.60 41.43 29.44
C LEU C 38 -23.21 42.71 28.69
N ALA C 39 -23.56 43.87 29.24
CA ALA C 39 -23.21 45.17 28.65
C ALA C 39 -22.14 45.82 29.52
N ASN C 40 -21.20 46.51 28.89
CA ASN C 40 -20.14 47.20 29.64
C ASN C 40 -19.52 46.33 30.74
N ALA C 41 -19.02 45.18 30.33
CA ALA C 41 -18.47 44.25 31.29
C ALA C 41 -16.97 44.15 31.26
N SER C 42 -16.40 43.60 32.34
CA SER C 42 -14.97 43.44 32.48
C SER C 42 -14.64 42.07 33.08
N ASN C 43 -13.43 41.60 32.85
CA ASN C 43 -13.03 40.35 33.43
C ASN C 43 -12.05 40.72 34.54
N LYS C 44 -11.42 39.73 35.17
CA LYS C 44 -10.51 40.02 36.27
C LYS C 44 -9.18 40.68 35.85
N ALA C 45 -8.85 40.59 34.57
CA ALA C 45 -7.62 41.17 34.07
C ALA C 45 -7.86 42.61 33.73
N GLY C 46 -9.01 43.15 34.08
CA GLY C 46 -9.28 44.54 33.75
C GLY C 46 -9.78 44.87 32.35
N GLU C 47 -9.75 43.93 31.42
CA GLU C 47 -10.25 44.24 30.07
C GLU C 47 -11.75 44.55 30.12
N LYS C 48 -12.19 45.50 29.30
CA LYS C 48 -13.58 45.92 29.26
C LYS C 48 -14.17 45.73 27.89
N PHE C 49 -15.44 45.40 27.82
CA PHE C 49 -16.07 45.19 26.52
C PHE C 49 -17.43 45.79 26.52
N ASN C 50 -17.83 46.37 25.40
CA ASN C 50 -19.14 46.97 25.32
C ASN C 50 -20.20 45.85 25.45
N ARG C 51 -19.91 44.70 24.88
CA ARG C 51 -20.83 43.55 24.95
C ARG C 51 -20.03 42.28 25.02
N VAL C 52 -20.47 41.37 25.90
CA VAL C 52 -19.89 40.04 25.99
C VAL C 52 -21.09 39.04 25.79
N PHE C 53 -20.99 38.15 24.80
CA PHE C 53 -22.05 37.17 24.52
C PHE C 53 -21.56 35.84 25.04
N ILE C 54 -22.16 35.39 26.14
CA ILE C 54 -21.76 34.17 26.81
C ILE C 54 -22.63 32.95 26.46
N TYR C 56 -24.27 29.52 26.88
CA TYR C 56 -24.75 28.85 28.12
C TYR C 56 -23.97 27.58 28.55
N ARG C 57 -23.39 26.85 27.60
CA ARG C 57 -22.66 25.64 27.95
C ARG C 57 -21.43 25.87 28.86
N TYR C 58 -20.85 27.06 28.81
CA TYR C 58 -19.67 27.37 29.64
C TYR C 58 -19.96 28.19 30.91
N ILE C 59 -21.23 28.53 31.17
CA ILE C 59 -21.57 29.29 32.38
C ILE C 59 -21.78 28.35 33.56
N VAL C 60 -21.01 28.54 34.62
CA VAL C 60 -21.10 27.70 35.82
C VAL C 60 -22.22 28.23 36.72
N HIS C 61 -22.16 29.54 37.01
CA HIS C 61 -23.17 30.21 37.83
C HIS C 61 -23.14 31.73 37.60
N ILE C 62 -24.23 32.37 38.01
CA ILE C 62 -24.40 33.79 37.88
C ILE C 62 -24.69 34.25 39.28
N ASP C 63 -24.01 35.31 39.71
CA ASP C 63 -24.17 35.84 41.05
C ASP C 63 -24.60 37.29 41.11
N SER C 64 -25.45 37.59 42.09
CA SER C 64 -25.93 38.93 42.29
C SER C 64 -25.76 39.34 43.77
N THR C 65 -25.37 40.58 44.00
CA THR C 65 -25.19 41.09 45.35
C THR C 65 -26.25 42.14 45.59
N GLU C 66 -27.35 42.05 44.87
CA GLU C 66 -28.41 43.02 45.09
C GLU C 66 -29.73 42.40 45.60
N ARG C 67 -30.45 43.19 46.39
CA ARG C 67 -31.75 42.81 46.93
C ARG C 67 -32.69 42.61 45.72
N ARG C 68 -33.25 43.69 45.21
CA ARG C 68 -34.16 43.63 44.04
C ARG C 68 -35.49 42.91 44.28
N ILE C 69 -36.55 43.69 44.39
CA ILE C 69 -37.87 43.16 44.64
C ILE C 69 -38.55 42.60 43.38
N ASP C 70 -39.09 41.40 43.45
CA ASP C 70 -39.75 40.81 42.28
C ASP C 70 -41.23 40.57 42.61
N ARG C 72 -43.54 39.34 40.88
CA ARG C 72 -44.13 38.10 40.40
C ARG C 72 -43.90 37.07 41.48
N GLU C 73 -42.71 37.08 42.09
CA GLU C 73 -42.42 36.18 43.18
C GLU C 73 -43.38 36.48 44.32
N PHE C 74 -43.60 37.75 44.64
CA PHE C 74 -44.55 38.04 45.73
C PHE C 74 -45.94 37.45 45.35
N ALA C 75 -46.37 37.62 44.11
CA ALA C 75 -47.63 37.04 43.68
C ALA C 75 -47.66 35.52 43.92
N LYS C 76 -46.60 34.82 43.55
CA LYS C 76 -46.56 33.38 43.76
C LYS C 76 -46.72 33.04 45.22
N GLN C 77 -46.03 33.78 46.06
CA GLN C 77 -46.11 33.53 47.48
C GLN C 77 -47.50 33.92 48.02
N ALA C 78 -48.09 35.02 47.51
CA ALA C 78 -49.42 35.41 48.00
C ALA C 78 -50.48 34.36 47.66
N GLU C 79 -50.28 33.69 46.51
CA GLU C 79 -51.19 32.66 46.04
C GLU C 79 -51.36 31.52 47.05
N LYS C 80 -50.29 31.23 47.78
CA LYS C 80 -50.29 30.19 48.81
C LYS C 80 -51.07 30.63 50.06
N ILE C 81 -51.19 31.94 50.25
CA ILE C 81 -51.85 32.49 51.43
C ILE C 81 -53.32 32.83 51.11
N PHE C 82 -53.55 33.33 49.89
CA PHE C 82 -54.87 33.74 49.47
C PHE C 82 -55.22 32.96 48.21
N PRO C 83 -55.29 31.62 48.33
CA PRO C 83 -55.61 30.82 47.13
C PRO C 83 -56.81 31.34 46.37
N GLY C 84 -56.63 31.37 45.05
CA GLY C 84 -57.64 31.83 44.12
C GLY C 84 -58.00 33.29 44.11
N VAL C 86 -55.45 35.85 43.89
CA VAL C 86 -54.27 36.63 43.53
C VAL C 86 -53.98 36.79 42.07
N LYS C 87 -53.69 38.04 41.71
CA LYS C 87 -53.40 38.35 40.32
C LYS C 87 -52.24 39.29 40.21
N TYR C 88 -51.27 38.90 39.39
CA TYR C 88 -50.14 39.78 39.10
C TYR C 88 -50.56 40.64 37.90
N ILE C 89 -50.29 41.95 37.99
CA ILE C 89 -50.58 42.85 36.88
C ILE C 89 -49.29 43.45 36.37
N GLU C 90 -48.81 42.88 35.27
CA GLU C 90 -47.59 43.36 34.65
C GLU C 90 -47.74 44.81 34.17
N GLU C 91 -48.94 45.23 33.74
CA GLU C 91 -49.10 46.62 33.25
C GLU C 91 -48.67 47.70 34.28
N THR C 92 -49.00 47.50 35.54
CA THR C 92 -48.67 48.49 36.55
C THR C 92 -47.68 47.93 37.56
N ASN C 93 -47.28 46.68 37.36
CA ASN C 93 -46.32 45.99 38.23
C ASN C 93 -46.79 45.90 39.69
N VAL C 94 -48.04 45.53 39.86
CA VAL C 94 -48.69 45.40 41.17
C VAL C 94 -49.32 43.99 41.37
N VAL C 95 -49.62 43.62 42.62
CA VAL C 95 -50.32 42.34 42.85
C VAL C 95 -51.70 42.63 43.50
N LEU C 96 -52.80 42.19 42.89
CA LEU C 96 -54.14 42.35 43.48
C LEU C 96 -54.55 41.12 44.30
N ILE C 97 -54.98 41.35 45.53
CA ILE C 97 -55.44 40.31 46.43
C ILE C 97 -56.93 40.64 46.65
N GLY C 98 -57.79 39.77 46.14
CA GLY C 98 -59.20 40.00 46.27
C GLY C 98 -59.51 41.25 45.48
N ASP C 99 -60.65 41.91 45.74
CA ASP C 99 -61.05 43.13 45.02
C ASP C 99 -60.60 44.45 45.64
N LYS C 100 -60.15 44.40 46.89
CA LYS C 100 -59.78 45.63 47.60
C LYS C 100 -58.40 45.79 48.15
N VAL C 101 -57.47 44.85 47.88
CA VAL C 101 -56.12 44.98 48.42
C VAL C 101 -55.19 45.03 47.26
N ARG C 102 -54.26 45.98 47.28
CA ARG C 102 -53.28 46.19 46.21
C ARG C 102 -51.90 46.27 46.82
N VAL C 103 -50.95 45.52 46.28
CA VAL C 103 -49.57 45.49 46.77
C VAL C 103 -48.56 45.85 45.69
N SER C 104 -47.84 46.96 45.88
CA SER C 104 -46.85 47.40 44.90
C SER C 104 -45.50 47.19 45.54
N GLU C 105 -44.42 47.59 44.88
CA GLU C 105 -43.13 47.38 45.51
C GLU C 105 -42.90 48.22 46.77
N ILE C 106 -43.75 49.21 47.02
CA ILE C 106 -43.61 50.07 48.20
C ILE C 106 -44.49 49.57 49.34
N GLY C 107 -45.30 48.55 49.06
CA GLY C 107 -46.13 47.98 50.10
C GLY C 107 -47.61 47.76 49.83
N VAL C 108 -48.29 47.33 50.90
CA VAL C 108 -49.69 47.01 50.86
C VAL C 108 -50.60 48.18 51.02
N GLU C 109 -51.66 48.18 50.22
CA GLU C 109 -52.67 49.20 50.26
C GLU C 109 -54.02 48.51 50.50
N GLY C 110 -54.71 48.93 51.55
CA GLY C 110 -56.00 48.34 51.89
C GLY C 110 -56.23 48.32 53.40
N VAL C 111 -57.38 47.81 53.82
CA VAL C 111 -57.72 47.74 55.22
C VAL C 111 -58.38 46.41 55.53
N GLY C 112 -58.51 46.11 56.82
CA GLY C 112 -59.12 44.84 57.18
C GLY C 112 -58.11 43.71 57.35
N PRO C 113 -58.61 42.55 57.68
CA PRO C 113 -57.87 41.31 57.93
C PRO C 113 -56.97 40.91 56.75
N VAL C 114 -57.52 41.05 55.55
CA VAL C 114 -56.79 40.69 54.34
C VAL C 114 -55.56 41.54 54.22
N ALA C 115 -55.78 42.85 54.32
CA ALA C 115 -54.68 43.79 54.23
C ALA C 115 -53.66 43.52 55.33
N GLU C 116 -54.12 43.15 56.53
CA GLU C 116 -53.18 42.89 57.61
C GLU C 116 -52.39 41.63 57.30
N ARG C 117 -53.08 40.58 56.85
CA ARG C 117 -52.33 39.36 56.51
C ARG C 117 -51.29 39.64 55.36
N ALA C 118 -51.73 40.38 54.34
CA ALA C 118 -50.86 40.70 53.18
C ALA C 118 -49.63 41.49 53.62
N LYS C 119 -49.87 42.48 54.50
CA LYS C 119 -48.80 43.30 55.06
C LYS C 119 -47.79 42.39 55.79
N ARG C 120 -48.26 41.47 56.63
CA ARG C 120 -47.33 40.56 57.30
C ARG C 120 -46.53 39.80 56.24
N LEU C 121 -47.24 39.28 55.23
CA LEU C 121 -46.58 38.54 54.17
C LEU C 121 -45.61 39.42 53.38
N PHE C 122 -46.03 40.63 53.02
CA PHE C 122 -45.14 41.49 52.24
C PHE C 122 -43.84 41.79 53.00
N GLU C 123 -43.96 42.00 54.31
CA GLU C 123 -42.79 42.28 55.15
C GLU C 123 -41.81 41.12 55.22
N GLU C 124 -42.33 39.91 55.31
CA GLU C 124 -41.45 38.78 55.37
C GLU C 124 -40.88 38.58 53.96
N PHE C 125 -41.64 38.94 52.94
CA PHE C 125 -41.19 38.80 51.56
C PHE C 125 -39.88 39.56 51.35
N LEU C 126 -39.82 40.76 51.91
CA LEU C 126 -38.62 41.58 51.84
C LEU C 126 -37.51 40.93 52.69
N LYS C 127 -37.78 39.74 53.20
CA LYS C 127 -36.83 38.97 54.03
C LYS C 127 -36.24 39.77 55.17
N PHE D 1 -28.40 34.52 21.27
CA PHE D 1 -28.09 35.83 20.65
C PHE D 1 -27.65 35.79 19.17
N VAL D 2 -28.29 34.93 18.38
CA VAL D 2 -28.04 34.88 16.96
C VAL D 2 -28.40 36.27 16.40
N ALA D 3 -29.55 36.79 16.76
CA ALA D 3 -29.94 38.08 16.24
C ALA D 3 -28.89 39.20 16.52
N GLU D 4 -28.47 39.34 17.77
CA GLU D 4 -27.50 40.37 18.11
C GLU D 4 -26.20 40.17 17.36
N LEU D 5 -25.78 38.92 17.20
CA LEU D 5 -24.51 38.75 16.48
C LEU D 5 -24.65 39.10 15.00
N ASN D 6 -25.84 38.88 14.47
CA ASN D 6 -26.11 39.17 13.09
C ASN D 6 -25.91 40.66 12.82
N ASN D 7 -26.16 41.47 13.85
CA ASN D 7 -26.00 42.93 13.79
C ASN D 7 -24.50 43.28 13.75
N LEU D 8 -23.63 42.40 14.25
CA LEU D 8 -22.20 42.66 14.20
C LEU D 8 -21.45 42.06 12.98
N LEU D 9 -22.18 41.52 11.99
CA LEU D 9 -21.49 40.98 10.81
C LEU D 9 -20.68 42.10 10.12
N GLY D 10 -19.42 41.85 9.77
CA GLY D 10 -18.60 42.89 9.16
C GLY D 10 -17.77 43.69 10.16
N ARG D 11 -18.07 43.53 11.46
CA ARG D 11 -17.35 44.24 12.52
C ARG D 11 -16.35 43.30 13.19
N GLU D 12 -15.34 43.89 13.82
CA GLU D 12 -14.34 43.08 14.48
C GLU D 12 -14.85 42.57 15.82
N VAL D 13 -14.56 41.31 16.12
CA VAL D 13 -14.93 40.74 17.41
C VAL D 13 -13.81 39.82 17.85
N GLN D 14 -13.91 39.39 19.09
CA GLN D 14 -12.92 38.48 19.65
C GLN D 14 -13.72 37.21 20.10
N VAL D 15 -13.22 36.03 19.81
CA VAL D 15 -13.94 34.84 20.21
C VAL D 15 -12.99 34.06 21.04
N VAL D 16 -13.41 33.79 22.27
CA VAL D 16 -12.58 33.05 23.18
C VAL D 16 -13.05 31.59 23.14
N LEU D 17 -12.09 30.69 22.98
CA LEU D 17 -12.35 29.27 22.88
C LEU D 17 -11.93 28.51 24.12
N SER D 18 -12.62 27.40 24.37
CA SER D 18 -12.32 26.59 25.53
C SER D 18 -10.92 25.99 25.55
N ASN D 19 -10.20 26.00 24.42
CA ASN D 19 -8.85 25.43 24.43
C ASN D 19 -7.80 26.50 24.82
N GLY D 20 -8.30 27.70 25.15
CA GLY D 20 -7.46 28.81 25.55
C GLY D 20 -7.12 29.82 24.46
N GLU D 21 -7.36 29.45 23.20
CA GLU D 21 -7.05 30.38 22.13
C GLU D 21 -8.08 31.48 22.08
N VAL D 22 -7.69 32.59 21.48
CA VAL D 22 -8.58 33.71 21.34
C VAL D 22 -8.33 34.23 19.95
N TYR D 23 -9.36 34.23 19.12
CA TYR D 23 -9.21 34.74 17.76
C TYR D 23 -9.96 36.07 17.67
N LYS D 24 -9.34 37.01 16.98
CA LYS D 24 -9.93 38.32 16.82
C LYS D 24 -10.05 38.50 15.32
N GLY D 25 -11.16 39.01 14.84
CA GLY D 25 -11.24 39.16 13.40
C GLY D 25 -12.59 39.68 13.02
N VAL D 26 -12.84 39.77 11.72
CA VAL D 26 -14.12 40.26 11.23
C VAL D 26 -15.11 39.12 11.29
N LEU D 27 -16.27 39.41 11.92
CA LEU D 27 -17.37 38.46 12.03
C LEU D 27 -17.94 38.29 10.61
N HIS D 28 -17.69 37.11 10.04
CA HIS D 28 -18.12 36.82 8.67
C HIS D 28 -19.45 36.08 8.55
N ALA D 29 -19.68 35.11 9.40
CA ALA D 29 -20.94 34.38 9.34
C ALA D 29 -21.30 33.84 10.73
N VAL D 30 -22.61 33.80 11.03
CA VAL D 30 -23.14 33.27 12.29
C VAL D 30 -24.30 32.39 11.88
N ASP D 31 -24.50 31.22 12.48
CA ASP D 31 -25.70 30.45 12.08
C ASP D 31 -26.54 30.21 13.32
N ASN D 32 -27.68 29.54 13.19
CA ASN D 32 -28.53 29.35 14.33
C ASN D 32 -27.88 28.57 15.44
N GLN D 33 -26.93 27.69 15.13
CA GLN D 33 -26.31 26.91 16.19
C GLN D 33 -25.13 27.65 16.80
N LEU D 34 -24.95 28.89 16.36
CA LEU D 34 -23.84 29.71 16.82
C LEU D 34 -22.45 29.23 16.41
N ASN D 35 -22.38 28.49 15.30
CA ASN D 35 -21.08 28.22 14.72
C ASN D 35 -20.67 29.63 14.21
N ILE D 36 -19.38 29.90 14.16
CA ILE D 36 -18.95 31.21 13.71
C ILE D 36 -17.82 31.16 12.69
N VAL D 37 -17.93 32.05 11.72
CA VAL D 37 -16.85 32.16 10.76
C VAL D 37 -16.24 33.58 10.92
N LEU D 38 -14.93 33.63 11.10
CA LEU D 38 -14.21 34.89 11.19
C LEU D 38 -13.38 35.03 9.90
N ALA D 39 -13.22 36.27 9.46
CA ALA D 39 -12.42 36.59 8.28
C ALA D 39 -11.19 37.43 8.71
N ASN D 40 -10.04 37.14 8.07
CA ASN D 40 -8.79 37.83 8.34
C ASN D 40 -8.62 37.93 9.85
N ALA D 41 -8.57 36.79 10.49
CA ALA D 41 -8.47 36.74 11.91
C ALA D 41 -7.12 36.37 12.33
N SER D 42 -6.82 36.54 13.62
CA SER D 42 -5.52 36.20 14.15
C SER D 42 -5.68 35.76 15.60
N ASN D 43 -4.70 35.03 16.10
CA ASN D 43 -4.73 34.57 17.49
C ASN D 43 -3.67 35.33 18.29
N LYS D 44 -3.55 35.05 19.58
CA LYS D 44 -2.59 35.80 20.37
C LYS D 44 -1.16 35.57 19.88
N ALA D 45 -0.87 34.36 19.44
CA ALA D 45 0.46 34.01 18.96
C ALA D 45 0.75 34.83 17.73
N GLY D 46 -0.21 35.62 17.30
CA GLY D 46 0.01 36.43 16.12
C GLY D 46 -0.14 35.72 14.80
N GLU D 47 -0.70 34.51 14.79
CA GLU D 47 -0.93 33.79 13.52
C GLU D 47 -2.11 34.46 12.81
N LYS D 48 -2.07 34.49 11.48
CA LYS D 48 -3.11 35.13 10.66
C LYS D 48 -3.73 34.15 9.65
N PHE D 49 -5.05 34.23 9.48
CA PHE D 49 -5.72 33.31 8.56
C PHE D 49 -6.78 34.05 7.76
N ASN D 50 -6.96 33.68 6.49
CA ASN D 50 -8.02 34.31 5.68
C ASN D 50 -9.38 33.97 6.32
N ARG D 51 -9.52 32.73 6.75
CA ARG D 51 -10.76 32.29 7.40
C ARG D 51 -10.49 31.33 8.54
N VAL D 52 -11.29 31.48 9.59
CA VAL D 52 -11.23 30.57 10.71
C VAL D 52 -12.71 30.13 10.92
N PHE D 53 -12.97 28.81 10.83
CA PHE D 53 -14.32 28.22 11.02
C PHE D 53 -14.30 27.66 12.42
N ILE D 54 -15.13 28.22 13.28
CA ILE D 54 -15.10 27.83 14.69
C ILE D 54 -16.31 26.99 15.12
N TYR D 56 -19.16 25.60 17.30
CA TYR D 56 -19.86 26.20 18.44
C TYR D 56 -19.66 25.55 19.82
N ARG D 57 -19.41 24.24 19.85
CA ARG D 57 -19.20 23.52 21.12
C ARG D 57 -17.98 24.03 21.90
N TYR D 58 -17.04 24.68 21.18
CA TYR D 58 -15.82 25.15 21.82
C TYR D 58 -15.75 26.66 22.07
N ILE D 59 -16.86 27.35 21.76
CA ILE D 59 -16.88 28.78 21.96
C ILE D 59 -17.34 29.14 23.37
N VAL D 60 -16.47 29.83 24.13
CA VAL D 60 -16.87 30.26 25.49
C VAL D 60 -17.70 31.55 25.44
N HIS D 61 -17.19 32.54 24.74
CA HIS D 61 -17.92 33.79 24.63
C HIS D 61 -17.35 34.63 23.50
N ILE D 62 -18.13 35.61 23.08
CA ILE D 62 -17.74 36.49 22.00
C ILE D 62 -17.84 37.89 22.54
N ASP D 63 -16.78 38.67 22.32
CA ASP D 63 -16.66 40.06 22.82
C ASP D 63 -16.54 41.08 21.72
N SER D 64 -17.17 42.21 21.96
CA SER D 64 -17.16 43.33 21.08
C SER D 64 -16.81 44.58 21.90
N THR D 65 -15.85 45.38 21.42
CA THR D 65 -15.51 46.64 22.09
C THR D 65 -16.20 47.72 21.26
N GLU D 66 -17.23 47.34 20.54
CA GLU D 66 -17.90 48.30 19.68
C GLU D 66 -19.34 48.53 19.97
N ARG D 67 -19.70 49.77 20.18
CA ARG D 67 -21.10 50.06 20.38
C ARG D 67 -21.56 50.34 18.94
N ARG D 68 -22.50 49.53 18.46
CA ARG D 68 -23.03 49.70 17.11
C ARG D 68 -24.47 50.02 17.40
N ILE D 69 -25.23 50.41 16.38
CA ILE D 69 -26.65 50.72 16.58
C ILE D 69 -27.49 49.66 15.89
N ASP D 70 -28.42 49.03 16.60
CA ASP D 70 -29.29 47.99 16.03
C ASP D 70 -30.71 48.50 16.05
N ARG D 72 -33.43 47.11 15.09
CA ARG D 72 -34.43 46.09 15.47
C ARG D 72 -34.59 46.18 17.00
N GLU D 73 -33.48 46.34 17.73
CA GLU D 73 -33.59 46.48 19.17
C GLU D 73 -34.36 47.74 19.51
N PHE D 74 -34.10 48.82 18.77
CA PHE D 74 -34.82 50.06 19.05
C PHE D 74 -36.31 49.81 18.86
N ALA D 75 -36.64 49.11 17.78
CA ALA D 75 -38.04 48.77 17.50
C ALA D 75 -38.63 47.93 18.64
N LYS D 76 -37.83 47.05 19.25
CA LYS D 76 -38.37 46.25 20.36
C LYS D 76 -38.74 47.20 21.50
N GLN D 77 -37.84 48.11 21.81
CA GLN D 77 -38.03 49.09 22.87
C GLN D 77 -39.21 50.01 22.54
N ALA D 78 -39.33 50.41 21.27
CA ALA D 78 -40.42 51.31 20.88
C ALA D 78 -41.77 50.63 21.05
N GLU D 79 -41.82 49.31 20.88
CA GLU D 79 -43.10 48.57 21.02
C GLU D 79 -43.60 48.62 22.46
N LYS D 80 -42.65 48.70 23.39
CA LYS D 80 -43.06 48.77 24.78
C LYS D 80 -43.70 50.13 25.05
N ILE D 81 -43.31 51.16 24.31
CA ILE D 81 -43.81 52.55 24.52
C ILE D 81 -44.99 52.92 23.67
N PHE D 82 -45.01 52.41 22.43
CA PHE D 82 -46.12 52.64 21.50
C PHE D 82 -46.63 51.28 21.10
N PRO D 83 -47.14 50.48 22.06
CA PRO D 83 -47.63 49.15 21.70
C PRO D 83 -48.56 49.20 20.51
N GLY D 84 -48.42 48.18 19.67
CA GLY D 84 -49.23 48.07 18.47
C GLY D 84 -49.03 49.11 17.39
N VAL D 86 -45.61 49.99 16.26
CA VAL D 86 -44.23 49.90 15.76
C VAL D 86 -43.90 48.82 14.71
N LYS D 87 -43.24 49.24 13.63
CA LYS D 87 -42.84 48.33 12.55
C LYS D 87 -41.38 48.54 12.20
N TYR D 88 -40.60 47.46 12.13
CA TYR D 88 -39.22 47.62 11.68
C TYR D 88 -39.33 47.37 10.16
N ILE D 89 -38.68 48.23 9.37
CA ILE D 89 -38.69 48.13 7.92
C ILE D 89 -37.27 47.76 7.53
N GLU D 90 -37.08 46.47 7.27
CA GLU D 90 -35.78 45.95 6.95
C GLU D 90 -35.31 46.50 5.66
N GLU D 91 -36.25 46.92 4.80
CA GLU D 91 -35.90 47.44 3.49
C GLU D 91 -35.06 48.70 3.52
N THR D 92 -35.36 49.60 4.45
CA THR D 92 -34.63 50.86 4.58
C THR D 92 -33.93 50.99 5.94
N ASN D 93 -34.04 49.94 6.76
CA ASN D 93 -33.48 49.85 8.12
C ASN D 93 -33.98 51.00 8.99
N VAL D 94 -35.29 51.26 8.93
CA VAL D 94 -35.96 52.31 9.69
C VAL D 94 -36.99 51.68 10.61
N VAL D 95 -37.44 52.42 11.61
CA VAL D 95 -38.51 51.99 12.50
C VAL D 95 -39.65 53.05 12.36
N LEU D 96 -40.85 52.61 11.97
CA LEU D 96 -42.00 53.50 11.84
C LEU D 96 -42.81 53.42 13.13
N ILE D 97 -43.27 54.59 13.59
CA ILE D 97 -44.08 54.67 14.82
C ILE D 97 -45.36 55.36 14.38
N GLY D 98 -46.41 54.58 14.15
CA GLY D 98 -47.62 55.15 13.60
C GLY D 98 -47.26 55.43 12.13
N ASP D 99 -47.95 56.30 11.42
CA ASP D 99 -47.51 56.52 10.05
C ASP D 99 -46.93 57.92 9.80
N LYS D 100 -46.64 58.65 10.88
CA LYS D 100 -46.07 59.97 10.72
C LYS D 100 -44.69 60.14 11.34
N VAL D 101 -44.23 59.14 12.11
CA VAL D 101 -42.90 59.24 12.71
C VAL D 101 -41.94 58.16 12.16
N ARG D 102 -40.72 58.59 11.83
CA ARG D 102 -39.73 57.72 11.25
C ARG D 102 -38.40 57.80 12.00
N VAL D 103 -37.89 56.67 12.46
CA VAL D 103 -36.65 56.66 13.18
C VAL D 103 -35.60 55.86 12.43
N SER D 104 -34.47 56.51 12.16
CA SER D 104 -33.36 55.88 11.46
C SER D 104 -32.19 55.85 12.45
N GLU D 105 -31.01 55.38 12.05
CA GLU D 105 -29.91 55.41 13.01
C GLU D 105 -29.37 56.82 13.27
N ILE D 106 -29.86 57.82 12.54
CA ILE D 106 -29.45 59.20 12.74
C ILE D 106 -30.44 59.87 13.71
N GLY D 107 -31.66 59.34 13.78
CA GLY D 107 -32.63 59.89 14.71
C GLY D 107 -34.06 59.89 14.24
N VAL D 108 -34.90 60.59 15.02
CA VAL D 108 -36.34 60.73 14.76
C VAL D 108 -36.74 61.86 13.78
N GLU D 109 -37.64 61.53 12.86
CA GLU D 109 -38.16 62.49 11.90
C GLU D 109 -39.66 62.49 12.14
N GLY D 110 -40.23 63.66 12.40
CA GLY D 110 -41.66 63.79 12.65
C GLY D 110 -41.89 64.89 13.67
N VAL D 111 -43.17 65.23 13.86
CA VAL D 111 -43.58 66.30 14.79
C VAL D 111 -44.68 65.90 15.77
N GLY D 112 -44.83 66.70 16.83
CA GLY D 112 -45.86 66.40 17.81
C GLY D 112 -45.46 65.57 19.00
N PRO D 113 -46.43 65.25 19.88
CA PRO D 113 -46.21 64.45 21.10
C PRO D 113 -45.45 63.12 20.85
N VAL D 114 -45.90 62.37 19.86
CA VAL D 114 -45.28 61.10 19.56
C VAL D 114 -43.80 61.30 19.26
N ALA D 115 -43.54 62.15 18.26
CA ALA D 115 -42.18 62.42 17.87
C ALA D 115 -41.30 62.85 19.06
N GLU D 116 -41.86 63.56 20.02
CA GLU D 116 -41.01 64.00 21.15
C GLU D 116 -40.74 62.85 22.16
N ARG D 117 -41.72 61.96 22.34
CA ARG D 117 -41.52 60.81 23.23
C ARG D 117 -40.45 59.90 22.55
N ALA D 118 -40.57 59.78 21.22
CA ALA D 118 -39.67 58.97 20.43
C ALA D 118 -38.24 59.46 20.51
N LYS D 119 -38.09 60.78 20.38
CA LYS D 119 -36.77 61.41 20.43
C LYS D 119 -36.14 61.04 21.75
N ARG D 120 -36.94 61.14 22.80
CA ARG D 120 -36.49 60.81 24.12
C ARG D 120 -36.04 59.34 24.22
N LEU D 121 -36.81 58.42 23.61
CA LEU D 121 -36.45 56.99 23.65
C LEU D 121 -35.15 56.76 22.90
N PHE D 122 -35.08 57.29 21.69
CA PHE D 122 -33.90 57.15 20.87
C PHE D 122 -32.67 57.59 21.65
N GLU D 123 -32.75 58.75 22.32
CA GLU D 123 -31.61 59.24 23.05
C GLU D 123 -31.23 58.27 24.15
N GLU D 124 -32.22 57.74 24.86
CA GLU D 124 -31.89 56.78 25.91
C GLU D 124 -31.17 55.64 25.18
N PHE D 125 -31.88 55.07 24.21
CA PHE D 125 -31.37 53.99 23.39
C PHE D 125 -29.90 54.19 22.97
N LEU D 126 -29.53 55.38 22.49
CA LEU D 126 -28.14 55.61 22.09
C LEU D 126 -27.13 55.44 23.21
N LYS D 127 -27.58 55.64 24.45
CA LYS D 127 -26.72 55.49 25.63
C LYS D 127 -26.64 54.03 26.07
N PHE E 1 -21.05 25.57 9.02
CA PHE E 1 -20.42 26.05 7.75
C PHE E 1 -20.06 24.92 6.79
N VAL E 2 -20.94 23.92 6.70
CA VAL E 2 -20.78 22.79 5.79
C VAL E 2 -20.57 23.28 4.34
N ALA E 3 -21.35 24.27 3.94
CA ALA E 3 -21.24 24.81 2.59
C ALA E 3 -19.87 25.43 2.32
N GLU E 4 -19.41 26.35 3.19
CA GLU E 4 -18.12 27.04 3.02
C GLU E 4 -17.00 26.04 2.95
N LEU E 5 -17.00 25.06 3.85
CA LEU E 5 -15.98 24.05 3.84
C LEU E 5 -16.00 23.27 2.56
N ASN E 6 -17.20 22.97 2.06
CA ASN E 6 -17.25 22.20 0.85
C ASN E 6 -16.50 22.90 -0.26
N ASN E 7 -16.51 24.22 -0.27
CA ASN E 7 -15.80 24.98 -1.29
C ASN E 7 -14.28 24.77 -1.15
N LEU E 8 -13.85 24.37 0.04
CA LEU E 8 -12.43 24.16 0.28
C LEU E 8 -11.97 22.72 -0.01
N LEU E 9 -12.87 21.84 -0.47
CA LEU E 9 -12.42 20.48 -0.77
C LEU E 9 -11.23 20.56 -1.81
N GLY E 10 -10.17 19.79 -1.55
CA GLY E 10 -9.00 19.78 -2.43
C GLY E 10 -7.96 20.80 -1.97
N ARG E 11 -8.38 21.74 -1.12
CA ARG E 11 -7.45 22.74 -0.63
C ARG E 11 -6.81 22.37 0.71
N GLU E 12 -5.69 23.02 1.00
CA GLU E 12 -4.98 22.75 2.23
C GLU E 12 -5.63 23.49 3.37
N VAL E 13 -5.86 22.78 4.46
CA VAL E 13 -6.44 23.45 5.62
C VAL E 13 -5.74 22.91 6.87
N GLN E 14 -5.95 23.59 7.99
CA GLN E 14 -5.38 23.24 9.30
C GLN E 14 -6.58 22.96 10.22
N VAL E 15 -6.57 21.84 10.94
CA VAL E 15 -7.69 21.55 11.83
C VAL E 15 -7.10 21.46 13.22
N VAL E 16 -7.63 22.25 14.15
CA VAL E 16 -7.11 22.27 15.53
C VAL E 16 -8.05 21.44 16.39
N LEU E 17 -7.46 20.44 17.07
CA LEU E 17 -8.19 19.52 17.90
C LEU E 17 -8.11 19.87 19.38
N SER E 18 -9.10 19.42 20.16
CA SER E 18 -9.13 19.75 21.55
C SER E 18 -8.13 19.00 22.43
N ASN E 19 -7.45 17.99 21.88
CA ASN E 19 -6.42 17.27 22.65
C ASN E 19 -5.06 17.99 22.44
N GLY E 20 -5.09 19.14 21.78
CA GLY E 20 -3.86 19.86 21.53
C GLY E 20 -3.24 19.66 20.15
N GLU E 21 -3.57 18.60 19.42
CA GLU E 21 -2.99 18.38 18.08
C GLU E 21 -3.55 19.33 17.04
N VAL E 22 -2.81 19.49 15.95
CA VAL E 22 -3.17 20.35 14.84
C VAL E 22 -2.75 19.60 13.60
N TYR E 23 -3.69 19.30 12.70
CA TYR E 23 -3.36 18.59 11.48
C TYR E 23 -3.51 19.52 10.32
N LYS E 24 -2.54 19.48 9.39
CA LYS E 24 -2.60 20.29 8.20
C LYS E 24 -2.59 19.27 7.05
N GLY E 25 -3.44 19.49 6.06
CA GLY E 25 -3.52 18.56 4.96
C GLY E 25 -4.61 18.99 4.00
N VAL E 26 -4.85 18.18 2.98
CA VAL E 26 -5.87 18.50 2.02
C VAL E 26 -7.24 18.10 2.58
N LEU E 27 -8.23 18.98 2.49
CA LEU E 27 -9.59 18.68 2.93
C LEU E 27 -10.14 17.68 1.92
N HIS E 28 -10.28 16.44 2.35
CA HIS E 28 -10.73 15.38 1.48
C HIS E 28 -12.21 15.16 1.52
N ALA E 29 -12.84 15.34 2.69
CA ALA E 29 -14.28 15.14 2.88
C ALA E 29 -14.80 15.84 4.12
N VAL E 30 -16.05 16.32 3.99
CA VAL E 30 -16.76 17.00 5.08
C VAL E 30 -18.24 16.54 5.07
N ASP E 31 -18.82 16.15 6.20
CA ASP E 31 -20.23 15.79 6.17
C ASP E 31 -21.08 16.81 6.94
N ASN E 32 -22.40 16.66 6.94
CA ASN E 32 -23.26 17.63 7.63
C ASN E 32 -22.98 17.73 9.09
N GLN E 33 -22.45 16.69 9.71
CA GLN E 33 -22.20 16.79 11.15
C GLN E 33 -20.80 17.40 11.41
N LEU E 34 -20.09 17.75 10.33
CA LEU E 34 -18.75 18.35 10.39
C LEU E 34 -17.64 17.41 10.80
N ASN E 35 -17.82 16.12 10.51
CA ASN E 35 -16.77 15.14 10.66
C ASN E 35 -15.88 15.58 9.49
N ILE E 36 -14.58 15.30 9.55
CA ILE E 36 -13.69 15.75 8.50
C ILE E 36 -12.64 14.71 8.15
N VAL E 37 -12.39 14.52 6.86
CA VAL E 37 -11.30 13.63 6.49
C VAL E 37 -10.19 14.49 5.82
N LEU E 38 -8.95 14.35 6.26
CA LEU E 38 -7.83 15.05 5.60
C LEU E 38 -6.97 14.00 4.91
N ALA E 39 -6.34 14.39 3.81
CA ALA E 39 -5.45 13.55 3.01
C ALA E 39 -3.99 14.08 3.11
N ASN E 40 -3.01 13.17 3.23
CA ASN E 40 -1.60 13.55 3.33
C ASN E 40 -1.46 14.70 4.36
N ALA E 41 -1.89 14.43 5.58
CA ALA E 41 -1.87 15.42 6.63
C ALA E 41 -0.79 15.10 7.64
N SER E 42 -0.30 16.14 8.28
CA SER E 42 0.74 15.95 9.26
C SER E 42 0.37 16.74 10.48
N ASN E 43 0.90 16.34 11.63
CA ASN E 43 0.66 17.07 12.86
C ASN E 43 1.98 17.82 13.15
N LYS E 44 2.03 18.57 14.24
CA LYS E 44 3.23 19.35 14.57
C LYS E 44 4.49 18.51 14.81
N ALA E 45 4.32 17.31 15.32
CA ALA E 45 5.41 16.41 15.62
C ALA E 45 6.00 15.91 14.32
N GLY E 46 5.41 16.27 13.19
CA GLY E 46 5.97 15.82 11.93
C GLY E 46 5.44 14.50 11.35
N GLU E 47 4.53 13.82 12.04
CA GLU E 47 4.00 12.56 11.49
C GLU E 47 2.97 12.89 10.39
N LYS E 48 3.02 12.15 9.29
CA LYS E 48 2.05 12.35 8.22
C LYS E 48 1.32 11.05 7.91
N PHE E 49 0.10 11.21 7.45
CA PHE E 49 -0.76 10.07 7.19
C PHE E 49 -1.52 10.27 5.90
N ASN E 50 -1.74 9.19 5.18
CA ASN E 50 -2.45 9.30 3.92
C ASN E 50 -3.88 9.79 4.23
N ARG E 51 -4.45 9.28 5.33
CA ARG E 51 -5.78 9.72 5.74
C ARG E 51 -5.90 9.89 7.25
N VAL E 52 -6.58 10.96 7.63
CA VAL E 52 -6.86 11.22 9.01
C VAL E 52 -8.35 11.49 9.09
N PHE E 53 -9.08 10.60 9.77
CA PHE E 53 -10.53 10.75 9.94
C PHE E 53 -10.75 11.40 11.33
N ILE E 54 -11.19 12.65 11.35
CA ILE E 54 -11.35 13.41 12.57
C ILE E 54 -12.80 13.49 13.03
N TYR E 56 -16.01 14.92 14.64
CA TYR E 56 -16.43 16.29 14.87
C TYR E 56 -16.46 16.78 16.31
N ARG E 57 -16.63 15.90 17.28
CA ARG E 57 -16.71 16.37 18.68
C ARG E 57 -15.44 16.95 19.21
N TYR E 58 -14.34 16.62 18.54
CA TYR E 58 -13.03 17.08 18.99
C TYR E 58 -12.42 18.23 18.20
N ILE E 59 -13.17 18.72 17.22
CA ILE E 59 -12.73 19.81 16.42
C ILE E 59 -13.08 21.15 17.03
N VAL E 60 -12.05 21.96 17.27
CA VAL E 60 -12.22 23.28 17.86
C VAL E 60 -12.47 24.25 16.74
N HIS E 61 -11.59 24.22 15.73
CA HIS E 61 -11.75 25.09 14.57
C HIS E 61 -10.93 24.62 13.34
N ILE E 62 -11.35 25.10 12.17
CA ILE E 62 -10.68 24.78 10.91
C ILE E 62 -10.15 26.10 10.33
N ASP E 63 -8.91 26.13 9.87
CA ASP E 63 -8.42 27.41 9.37
C ASP E 63 -7.87 27.31 7.95
N SER E 64 -8.00 28.40 7.23
CA SER E 64 -7.57 28.46 5.85
C SER E 64 -6.80 29.75 5.62
N THR E 65 -5.66 29.65 4.98
CA THR E 65 -4.87 30.83 4.68
C THR E 65 -5.04 31.27 3.22
N GLU E 66 -5.78 30.48 2.46
CA GLU E 66 -6.02 30.80 1.06
C GLU E 66 -7.24 31.68 0.86
N ARG E 67 -7.25 32.36 -0.26
CA ARG E 67 -8.38 33.18 -0.62
C ARG E 67 -9.03 32.46 -1.82
N ARG E 68 -9.91 31.52 -1.54
CA ARG E 68 -10.61 30.78 -2.59
C ARG E 68 -11.96 31.46 -2.94
N ILE E 69 -12.24 31.66 -4.22
CA ILE E 69 -13.50 32.30 -4.63
C ILE E 69 -14.64 31.29 -4.61
N ASP E 70 -15.81 31.69 -4.10
CA ASP E 70 -17.00 30.81 -4.01
C ASP E 70 -18.14 31.50 -4.76
N ARG E 72 -21.04 30.62 -5.15
CA ARG E 72 -22.28 30.42 -4.38
C ARG E 72 -22.47 31.63 -3.50
N GLU E 73 -21.39 32.01 -2.83
CA GLU E 73 -21.42 33.19 -1.95
C GLU E 73 -21.73 34.46 -2.80
N PHE E 74 -21.12 34.54 -4.00
CA PHE E 74 -21.36 35.68 -4.90
C PHE E 74 -22.87 35.68 -5.23
N ALA E 75 -23.42 34.54 -5.60
CA ALA E 75 -24.84 34.48 -5.88
C ALA E 75 -25.72 34.91 -4.68
N LYS E 76 -25.33 34.56 -3.44
CA LYS E 76 -26.16 34.98 -2.32
C LYS E 76 -26.15 36.48 -2.26
N GLN E 77 -24.97 37.09 -2.31
CA GLN E 77 -24.99 38.55 -2.24
C GLN E 77 -25.49 39.25 -3.49
N ALA E 78 -25.49 38.54 -4.63
CA ALA E 78 -26.02 39.12 -5.86
C ALA E 78 -27.54 39.19 -5.70
N GLU E 79 -28.13 38.23 -4.98
CA GLU E 79 -29.57 38.18 -4.73
C GLU E 79 -30.05 39.35 -3.85
N LYS E 80 -29.15 39.90 -3.06
CA LYS E 80 -29.51 41.02 -2.20
C LYS E 80 -29.53 42.29 -3.07
N ILE E 81 -28.77 42.27 -4.15
CA ILE E 81 -28.70 43.43 -5.02
C ILE E 81 -29.64 43.38 -6.22
N PHE E 82 -29.95 42.15 -6.68
CA PHE E 82 -30.85 41.93 -7.83
C PHE E 82 -31.88 40.91 -7.42
N PRO E 83 -32.60 41.18 -6.31
CA PRO E 83 -33.62 40.23 -5.82
C PRO E 83 -34.45 39.64 -6.95
N GLY E 84 -34.66 38.32 -6.88
CA GLY E 84 -35.46 37.60 -7.85
C GLY E 84 -34.91 37.40 -9.24
N VAL E 86 -31.47 36.32 -9.66
CA VAL E 86 -30.18 35.67 -9.55
C VAL E 86 -30.29 34.16 -9.53
N LYS E 87 -29.50 33.50 -10.35
CA LYS E 87 -29.55 32.06 -10.36
C LYS E 87 -28.12 31.53 -10.34
N TYR E 88 -27.81 30.55 -9.46
CA TYR E 88 -26.45 30.01 -9.44
C TYR E 88 -26.57 28.77 -10.32
N ILE E 89 -25.57 28.49 -11.16
CA ILE E 89 -25.64 27.38 -12.07
C ILE E 89 -24.51 26.41 -11.76
N GLU E 90 -24.82 25.39 -10.97
CA GLU E 90 -23.80 24.40 -10.61
C GLU E 90 -23.14 23.77 -11.82
N GLU E 91 -23.90 23.53 -12.88
CA GLU E 91 -23.38 22.87 -14.06
C GLU E 91 -22.13 23.48 -14.67
N THR E 92 -22.05 24.79 -14.66
CA THR E 92 -20.93 25.52 -15.22
C THR E 92 -20.25 26.47 -14.19
N ASN E 93 -20.72 26.47 -12.94
CA ASN E 93 -20.21 27.32 -11.83
C ASN E 93 -20.26 28.77 -12.19
N VAL E 94 -21.45 29.22 -12.61
CA VAL E 94 -21.65 30.60 -12.98
C VAL E 94 -22.92 31.12 -12.33
N VAL E 95 -22.96 32.43 -12.16
CA VAL E 95 -24.14 33.07 -11.60
C VAL E 95 -24.82 33.87 -12.72
N LEU E 96 -26.09 33.61 -12.96
CA LEU E 96 -26.82 34.37 -13.96
C LEU E 96 -27.56 35.50 -13.23
N ILE E 97 -27.53 36.70 -13.82
CA ILE E 97 -28.24 37.86 -13.27
C ILE E 97 -29.12 38.33 -14.42
N GLY E 98 -30.43 38.06 -14.35
CA GLY E 98 -31.31 38.42 -15.45
C GLY E 98 -31.04 37.42 -16.59
N ASP E 99 -31.36 37.78 -17.82
CA ASP E 99 -31.10 36.87 -18.94
C ASP E 99 -29.91 37.21 -19.79
N LYS E 100 -29.21 38.29 -19.47
CA LYS E 100 -28.05 38.71 -20.27
C LYS E 100 -26.73 39.03 -19.57
N VAL E 101 -26.66 38.85 -18.25
CA VAL E 101 -25.41 39.11 -17.55
C VAL E 101 -24.97 37.78 -16.90
N ARG E 102 -23.71 37.42 -17.03
CA ARG E 102 -23.24 36.16 -16.50
C ARG E 102 -21.88 36.38 -15.87
N VAL E 103 -21.78 35.97 -14.62
CA VAL E 103 -20.59 36.14 -13.82
C VAL E 103 -19.87 34.79 -13.54
N SER E 104 -18.60 34.68 -13.92
CA SER E 104 -17.82 33.47 -13.64
C SER E 104 -16.76 33.85 -12.64
N GLU E 105 -15.88 32.93 -12.28
CA GLU E 105 -14.83 33.26 -11.33
C GLU E 105 -13.90 34.31 -11.96
N ILE E 106 -13.97 34.44 -13.29
CA ILE E 106 -13.15 35.40 -14.05
C ILE E 106 -13.70 36.81 -13.95
N GLY E 107 -15.02 36.94 -14.05
CA GLY E 107 -15.59 38.27 -13.96
C GLY E 107 -16.93 38.34 -14.62
N VAL E 108 -17.40 39.57 -14.77
CA VAL E 108 -18.69 39.87 -15.37
C VAL E 108 -18.66 39.98 -16.88
N GLU E 109 -19.63 39.35 -17.52
CA GLU E 109 -19.78 39.39 -18.97
C GLU E 109 -21.21 39.91 -19.18
N GLY E 110 -21.30 40.92 -20.05
CA GLY E 110 -22.55 41.58 -20.37
C GLY E 110 -22.33 43.11 -20.43
N VAL E 111 -23.38 43.86 -20.73
CA VAL E 111 -23.20 45.31 -20.82
C VAL E 111 -24.40 46.09 -20.29
N GLY E 112 -24.21 47.41 -20.13
CA GLY E 112 -25.30 48.25 -19.67
C GLY E 112 -25.21 48.49 -18.19
N PRO E 113 -26.30 48.93 -17.54
CA PRO E 113 -26.31 49.21 -16.09
C PRO E 113 -26.20 47.92 -15.23
N VAL E 114 -26.91 46.86 -15.64
CA VAL E 114 -26.86 45.60 -14.89
C VAL E 114 -25.43 45.13 -14.82
N ALA E 115 -24.79 45.04 -15.98
CA ALA E 115 -23.38 44.64 -16.03
C ALA E 115 -22.51 45.55 -15.16
N GLU E 116 -22.76 46.84 -15.26
CA GLU E 116 -21.96 47.79 -14.52
C GLU E 116 -22.16 47.59 -13.05
N ARG E 117 -23.42 47.48 -12.63
CA ARG E 117 -23.67 47.24 -11.20
C ARG E 117 -22.96 45.95 -10.75
N ALA E 118 -23.14 44.87 -11.51
CA ALA E 118 -22.53 43.59 -11.18
C ALA E 118 -21.00 43.70 -11.08
N LYS E 119 -20.40 44.42 -12.03
CA LYS E 119 -18.95 44.60 -12.01
C LYS E 119 -18.52 45.21 -10.68
N ARG E 120 -19.28 46.19 -10.21
CA ARG E 120 -18.96 46.84 -8.94
C ARG E 120 -19.07 45.81 -7.79
N LEU E 121 -20.12 44.98 -7.84
CA LEU E 121 -20.32 43.97 -6.81
C LEU E 121 -19.24 42.88 -6.85
N PHE E 122 -18.92 42.40 -8.05
CA PHE E 122 -17.93 41.34 -8.18
C PHE E 122 -16.61 41.81 -7.65
N GLU E 123 -16.25 43.04 -8.00
CA GLU E 123 -15.00 43.62 -7.56
C GLU E 123 -14.97 43.72 -6.05
N GLU E 124 -16.08 44.16 -5.46
CA GLU E 124 -16.13 44.24 -4.01
C GLU E 124 -16.04 42.82 -3.49
N PHE E 125 -16.79 41.93 -4.12
CA PHE E 125 -16.82 40.52 -3.76
C PHE E 125 -15.36 40.05 -3.62
N LEU E 126 -14.49 40.56 -4.48
CA LEU E 126 -13.08 40.20 -4.40
C LEU E 126 -12.32 40.94 -3.26
N LYS E 127 -12.87 40.83 -2.05
CA LYS E 127 -12.32 41.38 -0.79
C LYS E 127 -13.17 40.79 0.36
N PHE F 1 -17.79 9.34 8.45
CA PHE F 1 -16.97 8.56 7.46
C PHE F 1 -17.10 7.06 7.74
N VAL F 2 -18.30 6.65 8.14
CA VAL F 2 -18.54 5.23 8.36
C VAL F 2 -18.17 4.44 7.09
N ALA F 3 -18.55 4.96 5.93
CA ALA F 3 -18.27 4.27 4.66
C ALA F 3 -16.79 4.09 4.42
N GLU F 4 -16.02 5.16 4.62
CA GLU F 4 -14.60 5.05 4.41
C GLU F 4 -13.91 4.08 5.35
N LEU F 5 -14.31 4.06 6.63
CA LEU F 5 -13.66 3.15 7.56
C LEU F 5 -13.98 1.70 7.21
N ASN F 6 -15.20 1.44 6.70
CA ASN F 6 -15.55 0.06 6.32
C ASN F 6 -14.61 -0.45 5.23
N ASN F 7 -14.16 0.43 4.36
CA ASN F 7 -13.23 0.04 3.31
C ASN F 7 -11.86 -0.35 3.94
N LEU F 8 -11.60 0.12 5.17
CA LEU F 8 -10.36 -0.23 5.84
C LEU F 8 -10.44 -1.44 6.77
N LEU F 9 -11.59 -2.12 6.83
CA LEU F 9 -11.70 -3.29 7.68
C LEU F 9 -10.66 -4.33 7.30
N GLY F 10 -9.97 -4.87 8.30
CA GLY F 10 -8.93 -5.83 7.98
C GLY F 10 -7.57 -5.19 7.74
N ARG F 11 -7.51 -3.86 7.72
CA ARG F 11 -6.25 -3.12 7.53
C ARG F 11 -5.86 -2.45 8.85
N GLU F 12 -4.57 -2.13 8.98
CA GLU F 12 -4.06 -1.48 10.16
C GLU F 12 -4.42 0.00 10.23
N VAL F 13 -4.81 0.46 11.42
CA VAL F 13 -5.12 1.86 11.60
C VAL F 13 -4.63 2.28 13.00
N GLN F 14 -4.58 3.56 13.26
CA GLN F 14 -4.28 3.93 14.63
C GLN F 14 -5.45 4.81 15.10
N VAL F 15 -5.82 4.66 16.35
CA VAL F 15 -6.92 5.44 16.90
C VAL F 15 -6.36 6.22 18.07
N VAL F 16 -6.52 7.51 18.02
CA VAL F 16 -6.04 8.38 19.09
C VAL F 16 -7.20 8.75 20.06
N LEU F 17 -7.05 8.50 21.35
CA LEU F 17 -8.09 8.75 22.35
C LEU F 17 -7.87 10.03 23.10
N SER F 18 -8.94 10.59 23.61
CA SER F 18 -8.81 11.84 24.32
C SER F 18 -8.18 11.71 25.69
N ASN F 19 -7.89 10.50 26.19
CA ASN F 19 -7.25 10.34 27.48
C ASN F 19 -5.72 10.26 27.16
N GLY F 20 -5.36 10.55 25.92
CA GLY F 20 -3.95 10.51 25.54
C GLY F 20 -3.36 9.20 25.03
N GLU F 21 -4.11 8.10 25.09
CA GLU F 21 -3.60 6.83 24.59
C GLU F 21 -3.75 6.74 23.07
N VAL F 22 -2.89 5.93 22.47
CA VAL F 22 -2.89 5.70 21.03
C VAL F 22 -2.84 4.21 20.79
N TYR F 23 -3.84 3.67 20.11
CA TYR F 23 -3.84 2.23 19.86
C TYR F 23 -3.66 1.97 18.38
N LYS F 24 -2.79 1.02 18.03
CA LYS F 24 -2.59 0.68 16.63
C LYS F 24 -3.09 -0.77 16.50
N GLY F 25 -3.77 -1.08 15.41
CA GLY F 25 -4.29 -2.44 15.26
C GLY F 25 -5.08 -2.63 13.98
N VAL F 26 -5.50 -3.86 13.77
CA VAL F 26 -6.30 -4.21 12.63
C VAL F 26 -7.75 -3.75 12.88
N LEU F 27 -8.29 -2.91 11.99
CA LEU F 27 -9.68 -2.44 12.14
C LEU F 27 -10.55 -3.69 11.99
N HIS F 28 -11.19 -4.08 13.09
CA HIS F 28 -12.00 -5.30 13.13
C HIS F 28 -13.47 -5.05 12.89
N ALA F 29 -13.99 -3.91 13.38
CA ALA F 29 -15.41 -3.53 13.22
C ALA F 29 -15.60 -2.00 13.43
N VAL F 30 -16.60 -1.45 12.74
CA VAL F 30 -16.98 -0.04 12.86
C VAL F 30 -18.50 -0.02 12.79
N ASP F 31 -19.19 0.69 13.67
CA ASP F 31 -20.65 0.75 13.52
C ASP F 31 -21.07 2.17 13.08
N ASN F 32 -22.36 2.43 12.91
CA ASN F 32 -22.81 3.76 12.47
C ASN F 32 -22.50 4.87 13.47
N GLN F 33 -22.36 4.52 14.76
CA GLN F 33 -22.03 5.55 15.75
C GLN F 33 -20.54 5.77 15.81
N LEU F 34 -19.82 4.95 15.03
CA LEU F 34 -18.39 5.05 14.98
C LEU F 34 -17.64 4.52 16.20
N ASN F 35 -18.26 3.57 16.91
CA ASN F 35 -17.59 2.84 17.96
C ASN F 35 -16.60 1.99 17.14
N ILE F 36 -15.50 1.59 17.73
CA ILE F 36 -14.54 0.86 16.94
C ILE F 36 -13.95 -0.31 17.70
N VAL F 37 -13.76 -1.44 17.04
CA VAL F 37 -13.09 -2.58 17.66
C VAL F 37 -11.77 -2.80 16.89
N LEU F 38 -10.70 -3.03 17.64
CA LEU F 38 -9.40 -3.32 17.05
C LEU F 38 -9.00 -4.73 17.44
N ALA F 39 -8.39 -5.44 16.49
CA ALA F 39 -7.85 -6.79 16.70
C ALA F 39 -6.33 -6.70 16.80
N ASN F 40 -5.77 -7.48 17.74
CA ASN F 40 -4.35 -7.54 17.95
C ASN F 40 -3.80 -6.16 18.02
N ALA F 41 -4.27 -5.43 19.00
CA ALA F 41 -3.87 -4.05 19.16
C ALA F 41 -2.76 -3.88 20.19
N SER F 42 -2.15 -2.70 20.16
CA SER F 42 -1.08 -2.33 21.07
C SER F 42 -1.14 -0.82 21.24
N ASN F 43 -0.66 -0.35 22.40
CA ASN F 43 -0.64 1.08 22.67
C ASN F 43 0.85 1.50 22.76
N LYS F 44 1.12 2.79 22.96
CA LYS F 44 2.49 3.27 23.03
C LYS F 44 3.33 2.56 24.08
N ALA F 45 2.74 2.25 25.23
CA ALA F 45 3.49 1.54 26.25
C ALA F 45 3.85 0.13 25.82
N GLY F 46 3.41 -0.32 24.63
CA GLY F 46 3.76 -1.66 24.22
C GLY F 46 2.88 -2.81 24.74
N GLU F 47 1.79 -2.51 25.43
CA GLU F 47 0.93 -3.61 25.83
C GLU F 47 0.15 -4.08 24.59
N LYS F 48 -0.14 -5.38 24.53
CA LYS F 48 -0.89 -5.95 23.41
C LYS F 48 -2.21 -6.57 23.86
N PHE F 49 -3.22 -6.48 23.01
CA PHE F 49 -4.53 -7.04 23.34
C PHE F 49 -5.16 -7.72 22.14
N ASN F 50 -5.81 -8.87 22.38
CA ASN F 50 -6.50 -9.60 21.28
C ASN F 50 -7.58 -8.68 20.70
N ARG F 51 -8.31 -7.98 21.58
CA ARG F 51 -9.37 -7.04 21.19
C ARG F 51 -9.36 -5.78 22.05
N VAL F 52 -9.59 -4.63 21.40
CA VAL F 52 -9.73 -3.39 22.13
C VAL F 52 -11.02 -2.80 21.58
N PHE F 53 -12.03 -2.64 22.45
CA PHE F 53 -13.33 -2.08 22.06
C PHE F 53 -13.28 -0.60 22.46
N ILE F 54 -13.38 0.28 21.49
CA ILE F 54 -13.25 1.70 21.74
C ILE F 54 -14.54 2.48 21.60
N TYR F 56 -16.90 5.39 21.08
CA TYR F 56 -16.78 6.49 20.15
C TYR F 56 -16.61 7.88 20.76
N ARG F 57 -17.17 8.10 21.94
CA ARG F 57 -17.10 9.41 22.62
C ARG F 57 -15.65 9.83 22.95
N TYR F 58 -14.76 8.86 22.95
CA TYR F 58 -13.39 9.16 23.34
C TYR F 58 -12.40 9.14 22.19
N ILE F 59 -12.92 8.95 20.98
CA ILE F 59 -12.05 8.94 19.82
C ILE F 59 -11.90 10.35 19.22
N VAL F 60 -10.66 10.81 19.12
CA VAL F 60 -10.38 12.14 18.54
C VAL F 60 -10.27 12.02 17.01
N HIS F 61 -9.46 11.09 16.54
CA HIS F 61 -9.28 10.83 15.11
C HIS F 61 -8.67 9.44 14.86
N ILE F 62 -8.88 8.91 13.66
CA ILE F 62 -8.40 7.58 13.28
C ILE F 62 -7.52 7.82 12.07
N ASP F 63 -6.34 7.22 12.05
CA ASP F 63 -5.46 7.46 10.90
C ASP F 63 -4.96 6.17 10.24
N SER F 64 -4.64 6.32 8.96
CA SER F 64 -4.17 5.20 8.18
C SER F 64 -3.02 5.66 7.26
N THR F 65 -1.97 4.84 7.20
CA THR F 65 -0.86 5.22 6.34
C THR F 65 -0.95 4.47 5.00
N GLU F 66 -1.95 3.62 4.85
CA GLU F 66 -2.12 2.86 3.60
C GLU F 66 -3.03 3.52 2.57
N ARG F 67 -2.70 3.36 1.30
CA ARG F 67 -3.55 3.86 0.22
C ARG F 67 -4.37 2.65 -0.19
N ARG F 68 -5.66 2.68 0.12
CA ARG F 68 -6.57 1.58 -0.21
C ARG F 68 -7.58 1.91 -1.32
N ILE F 69 -7.63 1.10 -2.36
CA ILE F 69 -8.56 1.36 -3.45
C ILE F 69 -10.01 1.04 -3.07
N ASP F 70 -10.87 2.04 -3.21
CA ASP F 70 -12.28 1.93 -2.90
C ASP F 70 -13.07 2.18 -4.22
N ARG F 72 -16.11 2.02 -4.60
CA ARG F 72 -17.34 2.79 -4.39
C ARG F 72 -17.02 4.28 -4.60
N GLU F 73 -15.87 4.74 -4.13
CA GLU F 73 -15.52 6.12 -4.36
C GLU F 73 -15.23 6.32 -5.82
N PHE F 74 -14.69 5.32 -6.50
CA PHE F 74 -14.48 5.49 -7.93
C PHE F 74 -15.86 5.67 -8.58
N ALA F 75 -16.82 4.84 -8.16
CA ALA F 75 -18.19 4.93 -8.67
C ALA F 75 -18.78 6.34 -8.42
N LYS F 76 -18.47 6.93 -7.25
CA LYS F 76 -18.93 8.32 -6.97
C LYS F 76 -18.35 9.32 -7.97
N GLN F 77 -17.04 9.22 -8.19
CA GLN F 77 -16.40 10.14 -9.12
C GLN F 77 -16.88 9.93 -10.53
N ALA F 78 -16.92 8.67 -10.97
CA ALA F 78 -17.38 8.36 -12.31
C ALA F 78 -18.80 8.89 -12.57
N GLU F 79 -19.66 8.88 -11.56
CA GLU F 79 -21.03 9.34 -11.73
C GLU F 79 -21.10 10.83 -12.13
N LYS F 80 -20.07 11.58 -11.74
CA LYS F 80 -19.97 13.01 -12.04
C LYS F 80 -19.52 13.20 -13.50
N ILE F 81 -18.87 12.19 -14.07
CA ILE F 81 -18.37 12.23 -15.45
C ILE F 81 -19.35 11.55 -16.40
N PHE F 82 -20.05 10.51 -15.93
CA PHE F 82 -20.98 9.79 -16.79
C PHE F 82 -22.30 9.71 -16.04
N PRO F 83 -22.89 10.88 -15.78
CA PRO F 83 -24.16 10.97 -15.06
C PRO F 83 -25.20 10.03 -15.61
N GLY F 84 -25.86 9.29 -14.71
CA GLY F 84 -26.92 8.35 -15.07
C GLY F 84 -26.48 7.03 -15.69
N VAL F 86 -23.69 5.16 -14.35
CA VAL F 86 -22.77 4.44 -13.48
C VAL F 86 -23.40 3.52 -12.46
N LYS F 87 -22.78 2.36 -12.29
CA LYS F 87 -23.28 1.39 -11.34
C LYS F 87 -22.17 0.67 -10.61
N TYR F 88 -22.20 0.68 -9.28
CA TYR F 88 -21.20 -0.08 -8.51
C TYR F 88 -21.81 -1.47 -8.32
N ILE F 89 -21.03 -2.53 -8.53
CA ILE F 89 -21.56 -3.88 -8.39
C ILE F 89 -20.82 -4.56 -7.26
N GLU F 90 -21.43 -4.58 -6.08
CA GLU F 90 -20.82 -5.16 -4.91
C GLU F 90 -20.50 -6.64 -5.11
N GLU F 91 -21.32 -7.34 -5.90
CA GLU F 91 -21.11 -8.77 -6.10
C GLU F 91 -19.76 -9.03 -6.71
N THR F 92 -19.29 -8.14 -7.55
CA THR F 92 -17.99 -8.34 -8.18
C THR F 92 -16.94 -7.26 -7.87
N ASN F 93 -17.35 -6.22 -7.15
CA ASN F 93 -16.50 -5.08 -6.80
C ASN F 93 -16.05 -4.38 -8.08
N VAL F 94 -17.00 -4.05 -8.93
CA VAL F 94 -16.72 -3.46 -10.20
C VAL F 94 -17.65 -2.28 -10.43
N VAL F 95 -17.27 -1.36 -11.33
CA VAL F 95 -18.09 -0.21 -11.68
C VAL F 95 -18.43 -0.29 -13.19
N LEU F 96 -19.71 -0.40 -13.50
CA LEU F 96 -20.13 -0.47 -14.89
C LEU F 96 -20.40 0.94 -15.34
N ILE F 97 -19.86 1.29 -16.49
CA ILE F 97 -20.11 2.62 -17.02
C ILE F 97 -20.77 2.33 -18.36
N GLY F 98 -22.05 2.64 -18.45
CA GLY F 98 -22.75 2.36 -19.67
C GLY F 98 -22.94 0.85 -19.73
N ASP F 99 -23.07 0.32 -20.93
CA ASP F 99 -23.30 -1.12 -21.13
C ASP F 99 -22.09 -1.89 -21.61
N LYS F 100 -21.08 -1.18 -22.08
CA LYS F 100 -19.90 -1.83 -22.62
C LYS F 100 -18.60 -1.56 -21.88
N VAL F 101 -18.62 -0.78 -20.81
CA VAL F 101 -17.39 -0.49 -20.13
C VAL F 101 -17.44 -0.94 -18.65
N ARG F 102 -16.40 -1.64 -18.23
CA ARG F 102 -16.28 -2.23 -16.90
C ARG F 102 -14.95 -1.81 -16.24
N VAL F 103 -14.99 -1.34 -15.01
CA VAL F 103 -13.78 -0.92 -14.30
C VAL F 103 -13.61 -1.70 -12.99
N SER F 104 -12.46 -2.34 -12.81
CA SER F 104 -12.16 -3.09 -11.59
C SER F 104 -10.95 -2.41 -10.96
N GLU F 105 -10.50 -2.84 -9.80
CA GLU F 105 -9.33 -2.19 -9.27
C GLU F 105 -8.10 -2.52 -10.16
N ILE F 106 -8.28 -3.44 -11.12
CA ILE F 106 -7.21 -3.83 -12.06
C ILE F 106 -7.14 -2.82 -13.22
N GLY F 107 -8.29 -2.27 -13.59
CA GLY F 107 -8.31 -1.31 -14.67
C GLY F 107 -9.58 -1.26 -15.49
N VAL F 108 -9.57 -0.41 -16.51
CA VAL F 108 -10.71 -0.25 -17.36
C VAL F 108 -10.75 -1.27 -18.49
N GLU F 109 -11.89 -1.91 -18.70
CA GLU F 109 -12.07 -2.88 -19.77
C GLU F 109 -13.11 -2.29 -20.73
N GLY F 110 -12.78 -2.30 -22.02
CA GLY F 110 -13.69 -1.78 -23.03
C GLY F 110 -12.95 -0.98 -24.10
N VAL F 111 -13.71 -0.57 -25.11
CA VAL F 111 -13.14 0.20 -26.20
C VAL F 111 -14.00 1.43 -26.50
N GLY F 112 -13.44 2.34 -27.28
CA GLY F 112 -14.14 3.54 -27.67
C GLY F 112 -13.84 4.72 -26.78
N PRO F 113 -14.50 5.85 -27.06
CA PRO F 113 -14.40 7.13 -26.36
C PRO F 113 -14.70 7.01 -24.84
N VAL F 114 -15.75 6.25 -24.51
CA VAL F 114 -16.13 6.07 -23.12
C VAL F 114 -15.00 5.40 -22.34
N ALA F 115 -14.46 4.33 -22.88
CA ALA F 115 -13.36 3.63 -22.25
C ALA F 115 -12.12 4.52 -22.04
N GLU F 116 -11.87 5.40 -23.00
CA GLU F 116 -10.72 6.29 -22.89
C GLU F 116 -10.98 7.33 -21.81
N ARG F 117 -12.16 7.95 -21.81
CA ARG F 117 -12.43 8.91 -20.73
C ARG F 117 -12.34 8.17 -19.39
N ALA F 118 -12.93 6.98 -19.34
CA ALA F 118 -12.88 6.22 -18.09
C ALA F 118 -11.45 5.90 -17.66
N LYS F 119 -10.57 5.61 -18.62
CA LYS F 119 -9.18 5.34 -18.24
C LYS F 119 -8.48 6.59 -17.64
N ARG F 120 -8.75 7.79 -18.15
CA ARG F 120 -8.10 8.97 -17.56
C ARG F 120 -8.61 9.19 -16.14
N LEU F 121 -9.91 8.96 -15.94
CA LEU F 121 -10.56 9.09 -14.64
C LEU F 121 -9.91 8.10 -13.69
N PHE F 122 -9.80 6.85 -14.13
CA PHE F 122 -9.19 5.84 -13.27
C PHE F 122 -7.73 6.11 -12.90
N GLU F 123 -6.89 6.45 -13.88
CA GLU F 123 -5.47 6.75 -13.62
C GLU F 123 -5.41 7.94 -12.63
N GLU F 124 -6.32 8.90 -12.82
CA GLU F 124 -6.41 10.05 -11.95
C GLU F 124 -6.88 9.58 -10.55
N PHE F 125 -7.92 8.74 -10.52
CA PHE F 125 -8.46 8.26 -9.26
C PHE F 125 -7.34 7.60 -8.47
N LEU F 126 -6.50 6.86 -9.16
CA LEU F 126 -5.37 6.20 -8.51
C LEU F 126 -4.26 7.20 -8.16
N LYS F 127 -4.51 8.49 -8.36
CA LYS F 127 -3.55 9.55 -8.06
C LYS F 127 -2.91 9.32 -6.70
N PHE G 1 -20.78 -2.28 20.19
CA PHE G 1 -20.27 -3.64 20.26
C PHE G 1 -20.92 -4.41 21.46
N VAL G 2 -22.20 -4.11 21.70
CA VAL G 2 -22.96 -4.79 22.73
C VAL G 2 -22.90 -6.30 22.45
N ALA G 3 -23.10 -6.69 21.20
CA ALA G 3 -23.05 -8.13 20.84
C ALA G 3 -21.69 -8.78 21.17
N GLU G 4 -20.59 -8.16 20.76
CA GLU G 4 -19.28 -8.71 21.00
C GLU G 4 -18.95 -8.81 22.48
N LEU G 5 -19.41 -7.85 23.28
CA LEU G 5 -19.10 -7.87 24.72
C LEU G 5 -19.95 -8.92 25.40
N ASN G 6 -21.15 -9.16 24.87
CA ASN G 6 -21.96 -10.21 25.47
C ASN G 6 -21.28 -11.56 25.40
N ASN G 7 -20.53 -11.81 24.34
CA ASN G 7 -19.80 -13.07 24.12
C ASN G 7 -18.71 -13.24 25.16
N LEU G 8 -18.35 -12.13 25.81
CA LEU G 8 -17.32 -12.10 26.84
C LEU G 8 -17.88 -12.15 28.26
N LEU G 9 -19.20 -12.30 28.41
CA LEU G 9 -19.75 -12.38 29.74
C LEU G 9 -19.08 -13.56 30.49
N GLY G 10 -18.61 -13.35 31.71
CA GLY G 10 -17.98 -14.46 32.42
C GLY G 10 -16.47 -14.52 32.20
N ARG G 11 -15.95 -13.72 31.28
CA ARG G 11 -14.50 -13.70 31.03
C ARG G 11 -13.91 -12.44 31.64
N GLU G 12 -12.60 -12.47 31.90
CA GLU G 12 -11.94 -11.32 32.48
C GLU G 12 -11.71 -10.30 31.41
N VAL G 13 -11.87 -9.02 31.75
CA VAL G 13 -11.59 -7.94 30.79
C VAL G 13 -11.03 -6.75 31.61
N GLN G 14 -10.46 -5.79 30.92
CA GLN G 14 -9.96 -4.61 31.58
C GLN G 14 -10.81 -3.44 31.05
N VAL G 15 -11.17 -2.51 31.93
CA VAL G 15 -11.94 -1.31 31.52
C VAL G 15 -11.16 -0.06 31.96
N VAL G 16 -10.82 0.77 30.99
CA VAL G 16 -10.06 1.97 31.21
C VAL G 16 -11.01 3.16 31.24
N LEU G 17 -10.96 3.93 32.33
CA LEU G 17 -11.85 5.06 32.57
C LEU G 17 -11.21 6.38 32.31
N SER G 18 -12.01 7.38 31.98
CA SER G 18 -11.43 8.66 31.72
C SER G 18 -10.84 9.35 32.94
N ASN G 19 -11.07 8.84 34.16
CA ASN G 19 -10.44 9.50 35.33
C ASN G 19 -9.05 8.90 35.52
N GLY G 20 -8.69 8.00 34.62
CA GLY G 20 -7.40 7.34 34.69
C GLY G 20 -7.39 6.03 35.44
N GLU G 21 -8.53 5.61 36.00
CA GLU G 21 -8.50 4.33 36.70
C GLU G 21 -8.62 3.23 35.69
N VAL G 22 -8.12 2.04 36.04
CA VAL G 22 -8.22 0.89 35.19
C VAL G 22 -8.72 -0.26 36.06
N TYR G 23 -9.85 -0.87 35.68
CA TYR G 23 -10.39 -2.00 36.45
C TYR G 23 -10.33 -3.30 35.72
N LYS G 24 -9.91 -4.35 36.43
CA LYS G 24 -9.79 -5.68 35.83
C LYS G 24 -10.69 -6.59 36.60
N GLY G 25 -11.52 -7.37 35.91
CA GLY G 25 -12.40 -8.27 36.61
C GLY G 25 -13.25 -9.06 35.64
N VAL G 26 -14.16 -9.85 36.16
CA VAL G 26 -15.03 -10.64 35.31
C VAL G 26 -16.14 -9.76 34.72
N LEU G 27 -16.36 -9.86 33.41
CA LEU G 27 -17.47 -9.11 32.78
C LEU G 27 -18.75 -9.80 33.26
N HIS G 28 -19.46 -9.13 34.14
CA HIS G 28 -20.69 -9.60 34.78
C HIS G 28 -21.99 -9.20 34.05
N ALA G 29 -22.02 -8.00 33.47
CA ALA G 29 -23.20 -7.56 32.70
C ALA G 29 -22.88 -6.39 31.79
N VAL G 30 -23.62 -6.29 30.67
CA VAL G 30 -23.43 -5.18 29.77
C VAL G 30 -24.80 -4.85 29.20
N ASP G 31 -25.17 -3.57 29.19
CA ASP G 31 -26.48 -3.23 28.62
C ASP G 31 -26.31 -2.52 27.29
N ASN G 32 -27.43 -2.13 26.66
CA ASN G 32 -27.39 -1.53 25.33
C ASN G 32 -26.66 -0.19 25.29
N GLN G 33 -26.68 0.53 26.41
CA GLN G 33 -25.99 1.81 26.47
C GLN G 33 -24.50 1.65 26.86
N LEU G 34 -24.09 0.40 27.01
CA LEU G 34 -22.72 0.05 27.37
C LEU G 34 -22.25 0.42 28.80
N ASN G 35 -23.19 0.46 29.72
CA ASN G 35 -22.86 0.55 31.13
C ASN G 35 -22.27 -0.87 31.38
N ILE G 36 -21.35 -0.98 32.32
CA ILE G 36 -20.74 -2.28 32.56
C ILE G 36 -20.65 -2.61 34.03
N VAL G 37 -20.97 -3.87 34.34
CA VAL G 37 -20.82 -4.33 35.70
C VAL G 37 -19.68 -5.33 35.70
N LEU G 38 -18.69 -5.12 36.60
CA LEU G 38 -17.57 -6.06 36.69
C LEU G 38 -17.70 -6.80 38.02
N ALA G 39 -17.39 -8.08 38.02
CA ALA G 39 -17.46 -8.84 39.25
C ALA G 39 -16.01 -9.12 39.70
N ASN G 40 -15.81 -9.07 41.02
CA ASN G 40 -14.50 -9.33 41.59
C ASN G 40 -13.39 -8.61 40.86
N ALA G 41 -13.55 -7.31 40.74
CA ALA G 41 -12.61 -6.46 40.05
C ALA G 41 -11.58 -5.81 41.00
N SER G 42 -10.50 -5.32 40.41
CA SER G 42 -9.48 -4.65 41.18
C SER G 42 -8.93 -3.51 40.32
N ASN G 43 -8.41 -2.47 40.95
CA ASN G 43 -7.83 -1.38 40.16
C ASN G 43 -6.32 -1.42 40.24
N LYS G 44 -5.66 -0.41 39.69
CA LYS G 44 -4.20 -0.42 39.73
C LYS G 44 -3.65 -0.34 41.17
N ALA G 45 -4.34 0.31 42.09
CA ALA G 45 -3.80 0.38 43.44
C ALA G 45 -3.97 -0.94 44.17
N GLY G 46 -4.63 -1.92 43.54
CA GLY G 46 -4.82 -3.18 44.22
C GLY G 46 -6.03 -3.31 45.13
N GLU G 47 -6.97 -2.36 45.05
CA GLU G 47 -8.18 -2.47 45.87
C GLU G 47 -9.07 -3.41 45.08
N LYS G 48 -9.83 -4.26 45.78
CA LYS G 48 -10.71 -5.25 45.18
C LYS G 48 -12.15 -4.98 45.59
N PHE G 49 -13.08 -5.29 44.70
CA PHE G 49 -14.49 -5.06 44.99
C PHE G 49 -15.34 -6.20 44.47
N ASN G 50 -16.36 -6.59 45.23
CA ASN G 50 -17.26 -7.67 44.77
C ASN G 50 -17.91 -7.24 43.44
N ARG G 51 -18.39 -5.99 43.40
CA ARG G 51 -19.02 -5.45 42.21
C ARG G 51 -18.57 -4.02 41.91
N VAL G 52 -18.34 -3.75 40.64
CA VAL G 52 -18.03 -2.38 40.24
C VAL G 52 -19.00 -2.06 39.12
N PHE G 53 -19.86 -1.05 39.33
CA PHE G 53 -20.85 -0.59 38.36
C PHE G 53 -20.26 0.63 37.66
N ILE G 54 -19.96 0.48 36.37
CA ILE G 54 -19.30 1.53 35.59
C ILE G 54 -20.20 2.30 34.62
N TYR G 56 -21.42 4.32 31.59
CA TYR G 56 -20.86 4.33 30.24
C TYR G 56 -20.18 5.62 29.79
N ARG G 57 -20.59 6.78 30.29
CA ARG G 57 -19.99 8.06 29.89
C ARG G 57 -18.50 8.16 30.20
N TYR G 58 -18.03 7.36 31.15
CA TYR G 58 -16.63 7.42 31.58
C TYR G 58 -15.74 6.29 31.05
N ILE G 59 -16.31 5.42 30.22
CA ILE G 59 -15.56 4.32 29.66
C ILE G 59 -14.90 4.76 28.35
N VAL G 60 -13.58 4.64 28.32
CA VAL G 60 -12.76 5.02 27.18
C VAL G 60 -12.69 3.79 26.27
N HIS G 61 -12.35 2.64 26.85
CA HIS G 61 -12.28 1.42 26.11
C HIS G 61 -12.20 0.21 27.03
N ILE G 62 -12.58 -0.93 26.46
CA ILE G 62 -12.56 -2.23 27.13
C ILE G 62 -11.60 -3.18 26.41
N ASP G 63 -10.73 -3.86 27.16
CA ASP G 63 -9.74 -4.74 26.54
C ASP G 63 -9.77 -6.20 26.95
N SER G 64 -9.46 -7.09 25.99
CA SER G 64 -9.45 -8.53 26.26
C SER G 64 -8.18 -9.15 25.68
N THR G 65 -7.60 -10.04 26.46
CA THR G 65 -6.37 -10.73 26.09
C THR G 65 -6.72 -12.15 25.71
N GLU G 66 -7.99 -12.51 25.77
CA GLU G 66 -8.33 -13.86 25.36
C GLU G 66 -8.80 -13.89 23.92
N ARG G 67 -8.64 -15.03 23.29
CA ARG G 67 -9.12 -15.22 21.95
C ARG G 67 -10.34 -16.11 22.25
N ARG G 68 -11.55 -15.57 22.11
CA ARG G 68 -12.76 -16.36 22.42
C ARG G 68 -13.64 -16.60 21.19
N ILE G 69 -14.05 -17.85 21.02
CA ILE G 69 -14.84 -18.22 19.85
C ILE G 69 -16.31 -17.78 19.86
N ASP G 70 -16.68 -16.93 18.90
CA ASP G 70 -18.08 -16.47 18.82
C ASP G 70 -18.81 -17.10 17.61
N ARG G 72 -21.71 -16.76 16.68
CA ARG G 72 -22.61 -15.83 15.95
C ARG G 72 -21.78 -15.09 14.90
N GLU G 73 -20.57 -14.71 15.26
CA GLU G 73 -19.70 -14.07 14.31
C GLU G 73 -19.40 -15.05 13.14
N PHE G 74 -19.15 -16.32 13.45
CA PHE G 74 -18.93 -17.31 12.40
C PHE G 74 -20.19 -17.38 11.49
N ALA G 75 -21.38 -17.27 12.08
CA ALA G 75 -22.61 -17.32 11.27
C ALA G 75 -22.60 -16.12 10.34
N LYS G 76 -22.19 -14.94 10.84
CA LYS G 76 -22.18 -13.75 9.99
C LYS G 76 -21.21 -13.93 8.82
N GLN G 77 -20.10 -14.59 9.08
CA GLN G 77 -19.15 -14.83 8.01
C GLN G 77 -19.65 -15.90 7.01
N ALA G 78 -20.25 -16.97 7.55
CA ALA G 78 -20.75 -18.02 6.67
C ALA G 78 -21.86 -17.47 5.75
N GLU G 79 -22.64 -16.49 6.21
CA GLU G 79 -23.75 -15.98 5.38
C GLU G 79 -23.23 -15.30 4.12
N LYS G 80 -21.99 -14.82 4.14
CA LYS G 80 -21.38 -14.18 2.97
C LYS G 80 -20.91 -15.24 1.99
N ILE G 81 -20.56 -16.41 2.51
CA ILE G 81 -20.05 -17.52 1.71
C ILE G 81 -21.23 -18.43 1.23
N PHE G 82 -22.23 -18.63 2.09
CA PHE G 82 -23.38 -19.49 1.80
C PHE G 82 -24.68 -18.67 1.91
N PRO G 83 -24.79 -17.63 1.07
CA PRO G 83 -25.98 -16.80 1.15
C PRO G 83 -27.29 -17.57 1.19
N GLY G 84 -28.16 -17.14 2.10
CA GLY G 84 -29.48 -17.76 2.29
C GLY G 84 -29.50 -19.17 2.90
N VAL G 86 -27.58 -20.16 5.83
CA VAL G 86 -26.96 -20.16 7.14
C VAL G 86 -27.90 -19.80 8.29
N LYS G 87 -27.86 -20.60 9.36
CA LYS G 87 -28.70 -20.29 10.51
C LYS G 87 -27.93 -20.52 11.86
N TYR G 88 -27.89 -19.50 12.70
CA TYR G 88 -27.27 -19.67 14.01
C TYR G 88 -28.34 -20.26 14.93
N ILE G 89 -27.99 -21.31 15.68
CA ILE G 89 -28.93 -21.97 16.59
C ILE G 89 -28.45 -21.69 18.02
N GLU G 90 -29.10 -20.74 18.68
CA GLU G 90 -28.73 -20.34 20.06
C GLU G 90 -28.97 -21.48 21.01
N GLU G 91 -29.96 -22.30 20.73
CA GLU G 91 -30.24 -23.39 21.61
C GLU G 91 -29.09 -24.35 21.88
N THR G 92 -28.30 -24.64 20.86
CA THR G 92 -27.19 -25.57 20.97
C THR G 92 -25.85 -24.91 20.58
N ASN G 93 -25.87 -23.61 20.30
CA ASN G 93 -24.66 -22.82 19.94
C ASN G 93 -23.93 -23.39 18.71
N VAL G 94 -24.70 -23.65 17.68
CA VAL G 94 -24.12 -24.22 16.53
C VAL G 94 -24.56 -23.44 15.28
N VAL G 95 -23.86 -23.61 14.17
CA VAL G 95 -24.23 -22.92 12.95
C VAL G 95 -24.55 -23.97 11.88
N LEU G 96 -25.75 -23.89 11.34
CA LEU G 96 -26.19 -24.84 10.31
C LEU G 96 -26.02 -24.23 8.96
N ILE G 97 -25.40 -24.97 8.04
CA ILE G 97 -25.15 -24.46 6.72
C ILE G 97 -25.88 -25.45 5.84
N GLY G 98 -26.99 -25.02 5.28
CA GLY G 98 -27.73 -25.97 4.50
C GLY G 98 -28.37 -26.93 5.48
N ASP G 99 -28.71 -28.12 4.99
CA ASP G 99 -29.40 -29.16 5.79
C ASP G 99 -28.51 -30.28 6.34
N LYS G 100 -27.30 -30.36 5.80
CA LYS G 100 -26.32 -31.41 6.10
C LYS G 100 -24.98 -30.94 6.65
N VAL G 101 -24.81 -29.65 6.88
CA VAL G 101 -23.55 -29.27 7.48
C VAL G 101 -23.85 -28.54 8.80
N ARG G 102 -23.11 -28.91 9.85
CA ARG G 102 -23.26 -28.38 11.22
C ARG G 102 -21.92 -27.93 11.74
N VAL G 103 -21.81 -26.71 12.19
CA VAL G 103 -20.55 -26.26 12.70
C VAL G 103 -20.67 -25.80 14.13
N SER G 104 -19.91 -26.40 15.03
CA SER G 104 -19.89 -26.02 16.45
C SER G 104 -18.51 -25.41 16.73
N GLU G 105 -18.28 -25.00 17.97
CA GLU G 105 -16.98 -24.42 18.20
C GLU G 105 -15.80 -25.39 18.11
N ILE G 106 -16.05 -26.70 18.00
CA ILE G 106 -14.94 -27.64 17.81
C ILE G 106 -14.85 -27.99 16.30
N GLY G 107 -15.64 -27.31 15.46
CA GLY G 107 -15.54 -27.57 14.05
C GLY G 107 -16.73 -28.08 13.25
N VAL G 108 -16.41 -28.41 12.00
CA VAL G 108 -17.35 -28.85 11.00
C VAL G 108 -17.69 -30.33 10.97
N GLU G 109 -18.99 -30.60 10.92
CA GLU G 109 -19.54 -31.93 10.81
C GLU G 109 -20.22 -31.97 9.44
N GLY G 110 -19.84 -32.94 8.60
CA GLY G 110 -20.42 -33.03 7.26
C GLY G 110 -19.40 -33.52 6.22
N VAL G 111 -19.90 -33.86 5.03
CA VAL G 111 -19.03 -34.33 3.96
C VAL G 111 -19.48 -33.62 2.69
N GLY G 112 -18.63 -33.64 1.65
CA GLY G 112 -19.01 -33.01 0.40
C GLY G 112 -18.36 -31.65 0.22
N PRO G 113 -18.59 -30.97 -0.92
CA PRO G 113 -17.97 -29.66 -1.15
C PRO G 113 -18.44 -28.60 -0.14
N VAL G 114 -19.67 -28.69 0.34
CA VAL G 114 -20.16 -27.70 1.34
C VAL G 114 -19.31 -27.85 2.63
N ALA G 115 -19.14 -29.07 3.10
CA ALA G 115 -18.33 -29.30 4.29
C ALA G 115 -16.87 -28.81 4.09
N GLU G 116 -16.29 -29.06 2.93
CA GLU G 116 -14.93 -28.61 2.65
C GLU G 116 -14.77 -27.10 2.65
N ARG G 117 -15.70 -26.41 2.03
CA ARG G 117 -15.66 -24.97 2.00
C ARG G 117 -15.84 -24.44 3.43
N ALA G 118 -16.77 -25.03 4.17
CA ALA G 118 -17.02 -24.58 5.53
C ALA G 118 -15.78 -24.81 6.41
N LYS G 119 -15.02 -25.89 6.12
CA LYS G 119 -13.84 -26.15 6.93
C LYS G 119 -12.78 -25.07 6.69
N ARG G 120 -12.60 -24.65 5.44
CA ARG G 120 -11.60 -23.58 5.17
C ARG G 120 -12.07 -22.32 5.92
N LEU G 121 -13.38 -22.03 5.81
CA LEU G 121 -13.95 -20.87 6.45
C LEU G 121 -13.70 -20.91 7.93
N PHE G 122 -13.96 -22.07 8.55
CA PHE G 122 -13.77 -22.20 9.98
C PHE G 122 -12.30 -22.07 10.41
N GLU G 123 -11.38 -22.66 9.65
CA GLU G 123 -9.94 -22.56 9.97
C GLU G 123 -9.49 -21.10 10.00
N GLU G 124 -9.95 -20.30 9.04
CA GLU G 124 -9.61 -18.88 9.01
C GLU G 124 -10.20 -18.15 10.18
N PHE G 125 -11.47 -18.44 10.43
CA PHE G 125 -12.21 -17.82 11.51
C PHE G 125 -11.43 -18.00 12.80
N LEU G 126 -10.84 -19.18 12.99
CA LEU G 126 -10.06 -19.42 14.18
C LEU G 126 -8.82 -18.52 14.30
N LYS G 127 -8.33 -18.00 13.16
CA LYS G 127 -7.15 -17.09 13.12
C LYS G 127 -7.49 -15.58 13.28
N PHE H 1 -32.48 -4.81 23.81
CA PHE H 1 -32.34 -6.28 23.61
C PHE H 1 -31.47 -6.64 22.41
N VAL H 2 -30.43 -5.83 22.18
CA VAL H 2 -29.49 -6.08 21.10
C VAL H 2 -28.89 -7.48 21.26
N ALA H 3 -28.52 -7.87 22.47
CA ALA H 3 -27.94 -9.20 22.68
C ALA H 3 -28.93 -10.35 22.39
N GLU H 4 -30.17 -10.28 22.90
CA GLU H 4 -31.13 -11.35 22.64
C GLU H 4 -31.34 -11.51 21.11
N LEU H 5 -31.43 -10.39 20.39
CA LEU H 5 -31.65 -10.40 18.94
C LEU H 5 -30.45 -10.92 18.17
N ASN H 6 -29.27 -10.51 18.59
CA ASN H 6 -28.10 -11.02 17.92
C ASN H 6 -28.10 -12.55 18.06
N ASN H 7 -28.76 -13.12 19.08
CA ASN H 7 -28.79 -14.60 19.22
C ASN H 7 -29.80 -15.27 18.28
N LEU H 8 -30.55 -14.44 17.54
CA LEU H 8 -31.53 -14.95 16.58
C LEU H 8 -31.12 -14.78 15.14
N LEU H 9 -29.86 -14.42 14.87
CA LEU H 9 -29.39 -14.30 13.51
C LEU H 9 -29.67 -15.60 12.73
N GLY H 10 -30.23 -15.44 11.53
CA GLY H 10 -30.58 -16.57 10.68
C GLY H 10 -31.99 -17.10 11.02
N ARG H 11 -32.60 -16.63 12.11
CA ARG H 11 -33.90 -17.14 12.46
C ARG H 11 -34.94 -16.14 11.98
N GLU H 12 -36.14 -16.65 11.78
CA GLU H 12 -37.27 -15.90 11.29
C GLU H 12 -37.92 -15.09 12.39
N VAL H 13 -38.13 -13.81 12.12
CA VAL H 13 -38.76 -12.94 13.09
C VAL H 13 -39.77 -12.14 12.28
N GLN H 14 -40.56 -11.39 12.99
CA GLN H 14 -41.56 -10.50 12.41
C GLN H 14 -41.28 -9.10 13.02
N VAL H 15 -41.29 -8.06 12.19
CA VAL H 15 -41.07 -6.72 12.69
C VAL H 15 -42.30 -5.86 12.39
N VAL H 16 -42.88 -5.27 13.44
CA VAL H 16 -44.07 -4.45 13.32
C VAL H 16 -43.71 -2.98 13.32
N LEU H 17 -44.09 -2.27 12.26
CA LEU H 17 -43.75 -0.89 12.11
C LEU H 17 -44.87 0.07 12.43
N SER H 18 -44.52 1.29 12.85
CA SER H 18 -45.53 2.28 13.21
C SER H 18 -46.36 2.76 12.02
N ASN H 19 -45.93 2.52 10.78
CA ASN H 19 -46.80 2.93 9.67
C ASN H 19 -47.85 1.83 9.37
N GLY H 20 -47.94 0.83 10.26
CA GLY H 20 -48.89 -0.22 10.03
C GLY H 20 -48.35 -1.42 9.26
N GLU H 21 -47.13 -1.35 8.69
CA GLU H 21 -46.69 -2.56 7.99
C GLU H 21 -46.08 -3.57 8.94
N VAL H 22 -46.08 -4.82 8.50
CA VAL H 22 -45.51 -5.92 9.27
C VAL H 22 -44.60 -6.72 8.34
N TYR H 23 -43.30 -6.81 8.60
CA TYR H 23 -42.42 -7.60 7.73
C TYR H 23 -41.94 -8.87 8.43
N LYS H 24 -41.96 -9.97 7.74
CA LYS H 24 -41.54 -11.21 8.35
C LYS H 24 -40.36 -11.72 7.51
N GLY H 25 -39.27 -12.12 8.14
CA GLY H 25 -38.17 -12.63 7.34
C GLY H 25 -37.05 -13.11 8.23
N VAL H 26 -35.93 -13.46 7.65
CA VAL H 26 -34.80 -13.94 8.39
C VAL H 26 -34.03 -12.74 8.97
N LEU H 27 -33.76 -12.79 10.27
CA LEU H 27 -33.01 -11.72 10.91
C LEU H 27 -31.58 -11.82 10.38
N HIS H 28 -31.21 -10.82 9.61
CA HIS H 28 -29.92 -10.71 8.96
C HIS H 28 -28.85 -9.85 9.72
N ALA H 29 -29.25 -8.75 10.31
CA ALA H 29 -28.30 -7.90 11.04
C ALA H 29 -29.01 -7.06 12.06
N VAL H 30 -28.35 -6.77 13.18
CA VAL H 30 -28.99 -5.92 14.18
C VAL H 30 -27.86 -5.06 14.69
N ASP H 31 -28.05 -3.76 14.88
CA ASP H 31 -26.97 -2.97 15.47
C ASP H 31 -27.33 -2.45 16.87
N ASN H 32 -26.43 -1.70 17.49
CA ASN H 32 -26.70 -1.19 18.82
C ASN H 32 -27.92 -0.30 18.94
N GLN H 33 -28.25 0.37 17.85
CA GLN H 33 -29.40 1.27 17.85
C GLN H 33 -30.68 0.52 17.50
N LEU H 34 -30.55 -0.79 17.35
CA LEU H 34 -31.68 -1.64 16.99
C LEU H 34 -32.27 -1.35 15.59
N ASN H 35 -31.43 -0.88 14.65
CA ASN H 35 -31.84 -0.84 13.25
C ASN H 35 -31.80 -2.34 12.96
N ILE H 36 -32.59 -2.76 12.01
CA ILE H 36 -32.67 -4.20 11.72
C ILE H 36 -32.60 -4.41 10.22
N VAL H 37 -31.84 -5.43 9.77
CA VAL H 37 -31.88 -5.80 8.36
C VAL H 37 -32.53 -7.21 8.32
N LEU H 38 -33.56 -7.41 7.48
CA LEU H 38 -34.19 -8.71 7.29
C LEU H 38 -33.87 -9.23 5.88
N ALA H 39 -33.70 -10.55 5.77
CA ALA H 39 -33.40 -11.23 4.50
C ALA H 39 -34.64 -11.94 4.02
N ASN H 40 -34.88 -11.87 2.72
CA ASN H 40 -36.03 -12.53 2.08
C ASN H 40 -37.28 -12.35 2.94
N ALA H 41 -37.66 -11.10 3.06
CA ALA H 41 -38.76 -10.70 3.89
C ALA H 41 -39.98 -10.36 3.05
N SER H 42 -41.16 -10.50 3.64
CA SER H 42 -42.34 -10.13 2.91
C SER H 42 -43.28 -9.40 3.88
N ASN H 43 -44.10 -8.49 3.35
CA ASN H 43 -45.07 -7.71 4.15
C ASN H 43 -46.42 -8.40 4.05
N LYS H 44 -47.48 -7.81 4.57
CA LYS H 44 -48.77 -8.52 4.53
C LYS H 44 -49.39 -8.50 3.15
N ALA H 45 -49.01 -7.53 2.33
CA ALA H 45 -49.53 -7.50 0.99
C ALA H 45 -48.86 -8.60 0.12
N GLY H 46 -48.01 -9.44 0.69
CA GLY H 46 -47.37 -10.46 -0.13
C GLY H 46 -46.11 -10.08 -0.92
N GLU H 47 -45.67 -8.81 -0.85
CA GLU H 47 -44.45 -8.44 -1.58
C GLU H 47 -43.25 -9.05 -0.89
N LYS H 48 -42.22 -9.38 -1.66
CA LYS H 48 -41.03 -9.99 -1.13
C LYS H 48 -39.84 -9.17 -1.57
N PHE H 49 -38.81 -9.09 -0.70
CA PHE H 49 -37.62 -8.31 -1.01
C PHE H 49 -36.45 -9.08 -0.49
N ASN H 50 -35.34 -9.08 -1.22
CA ASN H 50 -34.21 -9.86 -0.80
C ASN H 50 -33.65 -9.31 0.51
N ARG H 51 -33.70 -8.00 0.68
CA ARG H 51 -33.27 -7.35 1.94
C ARG H 51 -34.14 -6.16 2.21
N VAL H 52 -34.38 -5.91 3.49
CA VAL H 52 -35.21 -4.80 3.93
C VAL H 52 -34.41 -4.20 5.08
N PHE H 53 -34.06 -2.93 4.96
CA PHE H 53 -33.29 -2.23 5.98
C PHE H 53 -34.28 -1.36 6.75
N ILE H 54 -34.55 -1.75 7.99
CA ILE H 54 -35.54 -1.07 8.81
C ILE H 54 -34.96 -0.07 9.84
N TYR H 56 -34.67 2.07 13.05
CA TYR H 56 -35.12 1.79 14.43
C TYR H 56 -36.27 2.66 14.91
N ARG H 57 -36.24 3.93 14.52
CA ARG H 57 -37.29 4.85 14.97
C ARG H 57 -38.73 4.41 14.68
N TYR H 58 -38.91 3.58 13.66
CA TYR H 58 -40.26 3.14 13.25
C TYR H 58 -40.66 1.73 13.69
N ILE H 59 -39.78 1.07 14.46
CA ILE H 59 -40.04 -0.29 14.92
C ILE H 59 -40.80 -0.28 16.23
N VAL H 60 -41.98 -0.91 16.23
CA VAL H 60 -42.79 -0.93 17.42
C VAL H 60 -42.36 -2.10 18.25
N HIS H 61 -42.18 -3.25 17.61
CA HIS H 61 -41.72 -4.40 18.28
C HIS H 61 -41.27 -5.45 17.28
N ILE H 62 -40.58 -6.44 17.80
CA ILE H 62 -40.02 -7.56 17.06
C ILE H 62 -40.51 -8.82 17.80
N ASP H 63 -41.05 -9.78 17.04
CA ASP H 63 -41.61 -11.02 17.62
C ASP H 63 -40.98 -12.24 16.94
N SER H 64 -40.64 -13.23 17.75
CA SER H 64 -40.09 -14.48 17.24
C SER H 64 -41.32 -15.15 16.61
N THR H 65 -41.13 -15.88 15.55
CA THR H 65 -42.29 -16.46 14.92
C THR H 65 -42.28 -17.97 14.97
N GLU H 66 -41.19 -18.55 15.49
CA GLU H 66 -41.04 -20.00 15.63
C GLU H 66 -41.65 -20.46 16.96
N ARG H 67 -42.52 -21.43 16.89
CA ARG H 67 -43.11 -21.96 18.11
C ARG H 67 -42.01 -22.78 18.77
N ARG H 68 -42.08 -22.97 20.08
CA ARG H 68 -41.10 -23.79 20.79
C ARG H 68 -41.40 -25.30 20.53
N ILE H 69 -40.38 -26.14 20.63
CA ILE H 69 -40.52 -27.58 20.45
C ILE H 69 -41.51 -28.25 21.41
N ASP H 70 -42.39 -29.09 20.87
CA ASP H 70 -43.34 -29.88 21.66
C ASP H 70 -42.43 -30.93 22.39
N ARG H 72 -43.17 -33.31 24.54
CA ARG H 72 -43.73 -34.67 24.60
C ARG H 72 -43.40 -35.35 23.29
N GLU H 73 -43.51 -34.63 22.18
CA GLU H 73 -43.15 -35.23 20.90
C GLU H 73 -41.63 -35.49 20.89
N PHE H 74 -40.84 -34.54 21.42
CA PHE H 74 -39.41 -34.75 21.49
C PHE H 74 -39.09 -36.04 22.27
N ALA H 75 -39.77 -36.24 23.38
CA ALA H 75 -39.54 -37.41 24.21
C ALA H 75 -39.90 -38.68 23.40
N LYS H 76 -41.03 -38.62 22.70
CA LYS H 76 -41.45 -39.73 21.86
C LYS H 76 -40.34 -40.10 20.88
N GLN H 77 -39.83 -39.11 20.17
CA GLN H 77 -38.81 -39.41 19.19
C GLN H 77 -37.48 -39.79 19.86
N ALA H 78 -37.19 -39.22 21.00
CA ALA H 78 -35.95 -39.60 21.65
C ALA H 78 -36.00 -41.07 22.13
N GLU H 79 -37.21 -41.60 22.36
CA GLU H 79 -37.38 -42.98 22.82
C GLU H 79 -36.99 -44.00 21.75
N LYS H 80 -37.00 -43.60 20.48
CA LYS H 80 -36.62 -44.51 19.38
C LYS H 80 -35.10 -44.56 19.22
N ILE H 81 -34.44 -43.60 19.81
CA ILE H 81 -33.01 -43.50 19.68
C ILE H 81 -32.34 -43.97 20.95
N PHE H 82 -32.97 -43.72 22.10
CA PHE H 82 -32.40 -44.09 23.42
C PHE H 82 -33.47 -44.93 24.14
N PRO H 83 -33.79 -46.10 23.58
CA PRO H 83 -34.79 -47.01 24.16
C PRO H 83 -34.67 -47.15 25.68
N GLY H 84 -35.79 -46.97 26.36
CA GLY H 84 -35.86 -47.07 27.80
C GLY H 84 -35.08 -46.06 28.63
N VAL H 86 -35.51 -42.58 28.31
CA VAL H 86 -36.21 -41.30 28.27
C VAL H 86 -37.38 -41.12 29.24
N LYS H 87 -37.42 -39.98 29.94
CA LYS H 87 -38.53 -39.70 30.84
C LYS H 87 -39.05 -38.27 30.57
N TYR H 88 -40.33 -38.12 30.30
CA TYR H 88 -40.85 -36.80 30.07
C TYR H 88 -41.28 -36.38 31.48
N ILE H 89 -40.95 -35.16 31.88
CA ILE H 89 -41.30 -34.69 33.20
C ILE H 89 -42.22 -33.48 33.09
N GLU H 90 -43.51 -33.78 33.22
CA GLU H 90 -44.59 -32.81 33.13
C GLU H 90 -44.42 -31.60 34.11
N GLU H 91 -43.84 -31.87 35.27
CA GLU H 91 -43.62 -30.85 36.28
C GLU H 91 -43.00 -29.56 35.68
N THR H 92 -41.96 -29.69 34.84
CA THR H 92 -41.28 -28.52 34.23
C THR H 92 -41.23 -28.57 32.70
N ASN H 93 -41.88 -29.59 32.13
CA ASN H 93 -41.95 -29.77 30.68
C ASN H 93 -40.55 -30.02 30.14
N VAL H 94 -39.78 -30.85 30.85
CA VAL H 94 -38.42 -31.18 30.51
C VAL H 94 -38.31 -32.70 30.23
N VAL H 95 -37.33 -33.07 29.43
CA VAL H 95 -37.14 -34.47 29.07
C VAL H 95 -35.78 -34.91 29.59
N LEU H 96 -35.75 -35.99 30.38
CA LEU H 96 -34.47 -36.53 30.87
C LEU H 96 -34.08 -37.75 30.02
N ILE H 97 -32.79 -37.89 29.69
CA ILE H 97 -32.31 -39.02 28.87
C ILE H 97 -31.18 -39.62 29.69
N GLY H 98 -31.40 -40.81 30.22
CA GLY H 98 -30.35 -41.39 31.07
C GLY H 98 -30.24 -40.51 32.31
N ASP H 99 -29.11 -40.52 32.99
CA ASP H 99 -29.05 -39.71 34.19
C ASP H 99 -28.10 -38.53 34.14
N LYS H 100 -27.60 -38.20 32.96
CA LYS H 100 -26.72 -37.05 32.82
C LYS H 100 -27.10 -36.12 31.65
N VAL H 101 -28.24 -36.33 31.00
CA VAL H 101 -28.63 -35.46 29.90
C VAL H 101 -30.04 -34.95 30.19
N ARG H 102 -30.25 -33.65 30.00
CA ARG H 102 -31.52 -33.01 30.31
C ARG H 102 -31.81 -32.06 29.18
N VAL H 103 -33.04 -32.04 28.70
CA VAL H 103 -33.43 -31.20 27.58
C VAL H 103 -34.71 -30.38 27.95
N SER H 104 -34.63 -29.06 27.80
CA SER H 104 -35.72 -28.14 28.07
C SER H 104 -36.10 -27.59 26.70
N GLU H 105 -37.13 -26.75 26.63
CA GLU H 105 -37.53 -26.21 25.33
C GLU H 105 -36.49 -25.26 24.77
N ILE H 106 -35.45 -24.92 25.52
CA ILE H 106 -34.43 -24.03 24.95
C ILE H 106 -33.01 -24.62 24.89
N GLY H 107 -32.88 -25.90 25.17
CA GLY H 107 -31.54 -26.46 25.06
C GLY H 107 -31.28 -27.78 25.72
N VAL H 108 -30.08 -28.30 25.50
CA VAL H 108 -29.69 -29.59 26.02
C VAL H 108 -28.55 -29.36 27.00
N GLU H 109 -28.65 -29.94 28.20
CA GLU H 109 -27.57 -29.87 29.15
C GLU H 109 -26.98 -31.28 29.18
N GLY H 110 -25.65 -31.37 29.29
CA GLY H 110 -24.98 -32.65 29.38
C GLY H 110 -23.83 -32.64 28.40
N VAL H 111 -22.90 -33.59 28.57
CA VAL H 111 -21.73 -33.74 27.72
C VAL H 111 -21.65 -35.21 27.26
N GLY H 112 -21.07 -35.46 26.11
CA GLY H 112 -20.98 -36.86 25.70
C GLY H 112 -21.84 -37.26 24.53
N PRO H 113 -21.73 -38.52 24.11
CA PRO H 113 -22.48 -39.04 22.96
C PRO H 113 -24.01 -38.92 23.02
N VAL H 114 -24.56 -39.14 24.22
CA VAL H 114 -25.99 -39.04 24.37
C VAL H 114 -26.41 -37.57 24.18
N ALA H 115 -25.70 -36.68 24.85
CA ALA H 115 -25.94 -35.25 24.80
C ALA H 115 -25.79 -34.73 23.36
N GLU H 116 -24.70 -35.12 22.69
CA GLU H 116 -24.46 -34.71 21.30
C GLU H 116 -25.60 -35.21 20.41
N ARG H 117 -26.03 -36.45 20.61
CA ARG H 117 -27.14 -36.97 19.79
C ARG H 117 -28.48 -36.22 20.05
N ALA H 118 -28.75 -35.91 21.32
CA ALA H 118 -29.99 -35.22 21.65
C ALA H 118 -29.96 -33.82 20.99
N LYS H 119 -28.78 -33.21 20.93
CA LYS H 119 -28.66 -31.89 20.30
C LYS H 119 -29.02 -32.00 18.82
N ARG H 120 -28.60 -33.08 18.16
CA ARG H 120 -28.98 -33.25 16.76
C ARG H 120 -30.47 -33.51 16.62
N LEU H 121 -31.10 -34.22 17.55
CA LEU H 121 -32.57 -34.45 17.40
C LEU H 121 -33.30 -33.09 17.57
N PHE H 122 -32.83 -32.33 18.55
CA PHE H 122 -33.38 -31.00 18.86
C PHE H 122 -33.34 -30.12 17.62
N GLU H 123 -32.17 -30.10 16.97
CA GLU H 123 -31.99 -29.32 15.75
C GLU H 123 -32.84 -29.85 14.62
N GLU H 124 -33.13 -31.13 14.61
CA GLU H 124 -33.97 -31.65 13.55
C GLU H 124 -35.38 -31.06 13.70
N PHE H 125 -35.85 -30.92 14.94
CA PHE H 125 -37.15 -30.28 15.17
C PHE H 125 -37.09 -28.81 14.73
N LEU H 126 -36.02 -28.09 15.09
CA LEU H 126 -35.89 -26.68 14.70
C LEU H 126 -35.85 -26.49 13.20
N LYS H 127 -35.33 -27.48 12.46
CA LYS H 127 -35.27 -27.34 11.02
C LYS H 127 -36.64 -27.60 10.34
N ARG H 128 -37.58 -28.26 11.04
CA ARG H 128 -38.89 -28.56 10.47
C ARG H 128 -39.73 -27.31 10.29
N PHE I 1 -26.97 0.74 9.13
CA PHE I 1 -26.60 0.00 7.90
C PHE I 1 -26.06 0.93 6.80
N VAL I 2 -25.32 1.94 7.26
CA VAL I 2 -24.68 2.88 6.41
C VAL I 2 -23.75 2.18 5.44
N ALA I 3 -22.93 1.27 5.93
CA ALA I 3 -21.99 0.61 5.06
C ALA I 3 -22.70 -0.26 4.04
N GLU I 4 -23.72 -1.01 4.46
CA GLU I 4 -24.47 -1.90 3.54
C GLU I 4 -25.13 -1.10 2.41
N LEU I 5 -25.64 0.10 2.70
CA LEU I 5 -26.27 0.90 1.65
C LEU I 5 -25.25 1.52 0.75
N ASN I 6 -24.11 1.95 1.32
CA ASN I 6 -23.08 2.54 0.48
C ASN I 6 -22.69 1.47 -0.59
N ASN I 7 -22.79 0.19 -0.26
CA ASN I 7 -22.45 -0.85 -1.25
C ASN I 7 -23.50 -1.05 -2.35
N LEU I 8 -24.57 -0.26 -2.31
CA LEU I 8 -25.65 -0.35 -3.29
C LEU I 8 -25.72 0.91 -4.13
N LEU I 9 -24.65 1.71 -4.12
CA LEU I 9 -24.62 2.93 -4.93
C LEU I 9 -24.83 2.54 -6.41
N GLY I 10 -25.69 3.27 -7.09
CA GLY I 10 -25.98 2.96 -8.49
C GLY I 10 -27.03 1.87 -8.68
N ARG I 11 -27.42 1.22 -7.59
CA ARG I 11 -28.42 0.17 -7.69
C ARG I 11 -29.79 0.77 -7.39
N GLU I 12 -30.83 0.07 -7.84
CA GLU I 12 -32.18 0.53 -7.59
C GLU I 12 -32.67 0.10 -6.22
N VAL I 13 -33.22 1.04 -5.50
CA VAL I 13 -33.79 0.71 -4.20
C VAL I 13 -35.17 1.36 -4.07
N GLN I 14 -35.92 0.93 -3.06
CA GLN I 14 -37.24 1.47 -2.77
C GLN I 14 -37.15 2.04 -1.35
N VAL I 15 -37.57 3.30 -1.17
CA VAL I 15 -37.54 3.93 0.13
C VAL I 15 -38.99 4.28 0.50
N VAL I 16 -39.45 3.66 1.60
CA VAL I 16 -40.77 3.89 2.11
C VAL I 16 -40.71 5.00 3.20
N LEU I 17 -41.54 6.03 3.05
CA LEU I 17 -41.55 7.16 3.97
C LEU I 17 -42.78 7.12 4.86
N SER I 18 -42.71 7.78 6.01
CA SER I 18 -43.84 7.74 6.93
C SER I 18 -45.04 8.59 6.51
N ASN I 19 -44.93 9.40 5.46
CA ASN I 19 -46.10 10.15 5.01
C ASN I 19 -46.85 9.25 4.03
N GLY I 20 -46.43 7.98 3.91
CA GLY I 20 -47.09 7.04 3.01
C GLY I 20 -46.55 6.97 1.58
N GLU I 21 -45.66 7.89 1.20
CA GLU I 21 -45.11 7.84 -0.16
C GLU I 21 -44.05 6.78 -0.22
N VAL I 22 -43.83 6.27 -1.42
CA VAL I 22 -42.84 5.24 -1.65
C VAL I 22 -42.07 5.64 -2.90
N TYR I 23 -40.77 5.96 -2.74
CA TYR I 23 -39.94 6.36 -3.88
C TYR I 23 -39.01 5.22 -4.37
N LYS I 24 -38.94 5.05 -5.68
CA LYS I 24 -38.07 4.02 -6.25
C LYS I 24 -37.08 4.71 -7.18
N GLY I 25 -35.79 4.42 -7.02
CA GLY I 25 -34.82 5.05 -7.89
C GLY I 25 -33.45 4.49 -7.62
N VAL I 26 -32.46 5.11 -8.25
CA VAL I 26 -31.08 4.74 -8.12
C VAL I 26 -30.50 5.41 -6.83
N LEU I 27 -29.87 4.58 -5.98
CA LEU I 27 -29.25 5.07 -4.75
C LEU I 27 -28.09 5.96 -5.15
N HIS I 28 -28.26 7.26 -4.93
CA HIS I 28 -27.23 8.19 -5.35
C HIS I 28 -26.24 8.55 -4.23
N ALA I 29 -26.74 8.59 -2.99
CA ALA I 29 -25.89 8.90 -1.81
C ALA I 29 -26.56 8.53 -0.47
N VAL I 30 -25.74 8.22 0.53
CA VAL I 30 -26.25 7.90 1.87
C VAL I 30 -25.24 8.55 2.80
N ASP I 31 -25.65 9.16 3.89
CA ASP I 31 -24.64 9.73 4.78
C ASP I 31 -24.73 8.98 6.13
N ASN I 32 -23.90 9.31 7.11
CA ASN I 32 -23.92 8.59 8.40
C ASN I 32 -25.22 8.66 9.12
N GLN I 33 -26.00 9.72 8.89
CA GLN I 33 -27.29 9.83 9.58
C GLN I 33 -28.38 9.15 8.82
N LEU I 34 -28.03 8.50 7.72
CA LEU I 34 -28.97 7.78 6.83
C LEU I 34 -29.92 8.70 6.04
N ASN I 35 -29.45 9.92 5.72
CA ASN I 35 -30.17 10.81 4.81
C ASN I 35 -29.86 10.08 3.49
N ILE I 36 -30.76 10.19 2.52
CA ILE I 36 -30.66 9.42 1.28
C ILE I 36 -30.97 10.30 0.09
N VAL I 37 -30.15 10.21 -0.95
CA VAL I 37 -30.41 10.92 -2.17
C VAL I 37 -30.66 9.82 -3.22
N LEU I 38 -31.81 9.88 -3.89
CA LEU I 38 -32.13 8.98 -4.98
C LEU I 38 -32.00 9.78 -6.29
N ALA I 39 -31.59 9.11 -7.36
CA ALA I 39 -31.48 9.72 -8.69
C ALA I 39 -32.58 9.15 -9.60
N ASN I 40 -33.24 9.99 -10.40
CA ASN I 40 -34.28 9.54 -11.31
C ASN I 40 -35.27 8.60 -10.60
N ALA I 41 -35.82 9.11 -9.51
CA ALA I 41 -36.75 8.35 -8.69
C ALA I 41 -38.18 8.71 -9.08
N SER I 42 -39.07 7.83 -8.69
CA SER I 42 -40.46 8.01 -8.98
C SER I 42 -41.27 7.57 -7.75
N ASN I 43 -42.46 8.13 -7.58
CA ASN I 43 -43.31 7.66 -6.50
C ASN I 43 -44.47 6.86 -7.10
N LYS I 44 -45.31 6.31 -6.25
CA LYS I 44 -46.44 5.52 -6.72
C LYS I 44 -47.36 6.25 -7.69
N ALA I 45 -47.47 7.55 -7.52
CA ALA I 45 -48.31 8.38 -8.41
C ALA I 45 -47.71 8.57 -9.81
N GLY I 46 -46.52 8.06 -10.04
CA GLY I 46 -45.91 8.22 -11.36
C GLY I 46 -45.11 9.49 -11.58
N GLU I 47 -44.94 10.30 -10.54
CA GLU I 47 -44.16 11.52 -10.63
C GLU I 47 -42.68 11.15 -10.57
N LYS I 48 -41.84 11.74 -11.41
CA LYS I 48 -40.42 11.39 -11.31
C LYS I 48 -39.58 12.68 -11.26
N PHE I 49 -38.41 12.57 -10.64
CA PHE I 49 -37.53 13.70 -10.43
C PHE I 49 -36.15 13.22 -10.62
N ASN I 50 -35.31 14.06 -11.19
CA ASN I 50 -33.94 13.67 -11.42
C ASN I 50 -33.26 13.48 -10.05
N ARG I 51 -33.67 14.24 -9.04
CA ARG I 51 -33.12 14.00 -7.69
C ARG I 51 -34.10 14.16 -6.55
N VAL I 52 -34.06 13.23 -5.62
CA VAL I 52 -34.90 13.35 -4.46
C VAL I 52 -34.00 13.28 -3.18
N PHE I 53 -34.09 14.30 -2.33
CA PHE I 53 -33.28 14.35 -1.10
C PHE I 53 -34.23 13.97 0.03
N ILE I 54 -34.06 12.76 0.55
CA ILE I 54 -34.98 12.28 1.59
C ILE I 54 -34.41 12.46 3.01
N TYR I 56 -33.76 11.79 6.71
CA TYR I 56 -33.70 10.52 7.45
C TYR I 56 -34.82 10.25 8.47
N ARG I 57 -35.35 11.29 9.08
CA ARG I 57 -36.38 11.15 10.12
C ARG I 57 -37.70 10.55 9.63
N TYR I 58 -37.94 10.65 8.32
CA TYR I 58 -39.19 10.17 7.70
C TYR I 58 -39.05 8.83 6.93
N ILE I 59 -37.87 8.23 7.01
CA ILE I 59 -37.62 6.98 6.33
C ILE I 59 -38.00 5.83 7.25
N VAL I 60 -38.99 5.05 6.81
CA VAL I 60 -39.39 3.91 7.59
C VAL I 60 -38.45 2.72 7.34
N HIS I 61 -38.21 2.45 6.06
CA HIS I 61 -37.31 1.34 5.63
C HIS I 61 -36.86 1.50 4.17
N ILE I 62 -35.79 0.83 3.81
CA ILE I 62 -35.28 0.86 2.46
C ILE I 62 -35.21 -0.60 2.09
N ASP I 63 -35.67 -0.90 0.87
CA ASP I 63 -35.72 -2.27 0.37
C ASP I 63 -35.01 -2.45 -0.96
N SER I 64 -34.38 -3.62 -1.11
CA SER I 64 -33.70 -3.99 -2.35
C SER I 64 -34.84 -4.20 -3.31
N THR I 65 -34.63 -3.95 -4.58
CA THR I 65 -35.72 -4.15 -5.57
C THR I 65 -35.35 -5.29 -6.58
N GLU I 66 -34.08 -5.69 -6.64
CA GLU I 66 -33.71 -6.75 -7.59
C GLU I 66 -33.76 -8.15 -7.01
N ARG I 67 -34.16 -9.12 -7.84
CA ARG I 67 -34.20 -10.47 -7.35
C ARG I 67 -32.78 -10.99 -7.43
N ARG I 68 -32.45 -11.95 -6.59
CA ARG I 68 -31.14 -12.55 -6.72
C ARG I 68 -31.20 -13.38 -8.02
N ILE I 69 -30.03 -13.57 -8.60
CA ILE I 69 -29.80 -14.34 -9.81
C ILE I 69 -30.14 -15.83 -9.64
N ASP I 70 -30.76 -16.39 -10.68
CA ASP I 70 -31.14 -17.81 -10.69
C ASP I 70 -29.85 -18.62 -10.90
N ARG I 72 -29.49 -21.87 -10.95
CA ARG I 72 -29.61 -23.01 -11.91
C ARG I 72 -29.43 -22.51 -13.33
N GLU I 73 -30.04 -21.36 -13.63
CA GLU I 73 -29.91 -20.79 -14.95
C GLU I 73 -28.47 -20.36 -15.12
N PHE I 74 -27.87 -19.78 -14.08
CA PHE I 74 -26.46 -19.37 -14.17
C PHE I 74 -25.57 -20.56 -14.59
N ALA I 75 -25.84 -21.72 -14.01
CA ALA I 75 -25.09 -22.93 -14.30
C ALA I 75 -25.32 -23.34 -15.76
N LYS I 76 -26.58 -23.43 -16.18
CA LYS I 76 -26.93 -23.77 -17.56
C LYS I 76 -26.25 -22.81 -18.60
N GLN I 77 -25.77 -21.65 -18.15
CA GLN I 77 -25.10 -20.79 -19.10
C GLN I 77 -23.61 -20.85 -18.95
N ALA I 78 -23.16 -21.20 -17.75
CA ALA I 78 -21.73 -21.31 -17.51
C ALA I 78 -21.21 -22.56 -18.22
N GLU I 79 -22.15 -23.35 -18.74
CA GLU I 79 -21.84 -24.58 -19.45
C GLU I 79 -21.38 -24.28 -20.88
N LYS I 80 -22.17 -23.54 -21.66
CA LYS I 80 -21.74 -23.26 -23.02
C LYS I 80 -20.49 -22.43 -23.00
N ILE I 81 -20.21 -21.81 -21.86
CA ILE I 81 -19.02 -20.99 -21.73
C ILE I 81 -17.87 -21.80 -21.17
N PHE I 82 -18.12 -22.80 -20.32
CA PHE I 82 -17.01 -23.64 -19.80
C PHE I 82 -17.42 -25.12 -19.90
N PRO I 83 -17.51 -25.70 -21.12
CA PRO I 83 -17.91 -27.11 -21.28
C PRO I 83 -17.31 -28.09 -20.26
N GLY I 84 -18.19 -28.87 -19.65
CA GLY I 84 -17.78 -29.84 -18.66
C GLY I 84 -17.00 -29.39 -17.45
N VAL I 86 -18.58 -27.14 -15.21
CA VAL I 86 -19.60 -26.65 -14.30
C VAL I 86 -20.51 -27.65 -13.57
N LYS I 87 -20.58 -27.47 -12.25
CA LYS I 87 -21.42 -28.28 -11.36
C LYS I 87 -22.35 -27.38 -10.50
N TYR I 88 -23.66 -27.60 -10.57
CA TYR I 88 -24.62 -26.85 -9.75
C TYR I 88 -24.82 -27.72 -8.52
N ILE I 89 -24.57 -27.14 -7.34
CA ILE I 89 -24.66 -27.86 -6.07
C ILE I 89 -25.91 -27.39 -5.38
N GLU I 90 -26.95 -28.21 -5.48
CA GLU I 90 -28.24 -27.89 -4.90
C GLU I 90 -28.23 -27.56 -3.38
N GLU I 91 -27.50 -28.37 -2.61
CA GLU I 91 -27.39 -28.23 -1.15
C GLU I 91 -27.19 -26.77 -0.67
N THR I 92 -26.41 -25.96 -1.39
CA THR I 92 -26.23 -24.54 -1.02
C THR I 92 -26.59 -23.59 -2.16
N ASN I 93 -27.10 -24.12 -3.28
CA ASN I 93 -27.51 -23.29 -4.40
C ASN I 93 -26.27 -22.54 -4.91
N VAL I 94 -25.16 -23.25 -4.98
CA VAL I 94 -23.89 -22.71 -5.39
C VAL I 94 -23.43 -23.38 -6.71
N VAL I 95 -22.66 -22.66 -7.51
CA VAL I 95 -22.15 -23.22 -8.77
C VAL I 95 -20.63 -23.26 -8.73
N LEU I 96 -20.08 -24.44 -9.02
CA LEU I 96 -18.64 -24.60 -9.04
C LEU I 96 -18.17 -24.67 -10.49
N ILE I 97 -17.06 -24.00 -10.78
CA ILE I 97 -16.47 -23.98 -12.13
C ILE I 97 -15.02 -24.41 -11.97
N GLY I 98 -14.66 -25.50 -12.65
CA GLY I 98 -13.33 -26.02 -12.49
C GLY I 98 -13.28 -26.37 -11.02
N ASP I 99 -12.11 -26.25 -10.40
CA ASP I 99 -12.01 -26.57 -9.00
C ASP I 99 -11.42 -25.45 -8.19
N LYS I 100 -11.38 -24.24 -8.74
CA LYS I 100 -10.80 -23.13 -7.95
C LYS I 100 -11.68 -21.87 -7.97
N VAL I 101 -12.81 -21.97 -8.66
CA VAL I 101 -13.75 -20.87 -8.81
C VAL I 101 -15.15 -21.30 -8.33
N ARG I 102 -15.72 -20.49 -7.44
CA ARG I 102 -17.02 -20.76 -6.82
C ARG I 102 -17.97 -19.58 -6.87
N VAL I 103 -19.19 -19.81 -7.34
CA VAL I 103 -20.18 -18.73 -7.44
C VAL I 103 -21.42 -18.95 -6.53
N SER I 104 -21.82 -17.93 -5.75
CA SER I 104 -23.03 -17.99 -4.90
C SER I 104 -23.89 -16.88 -5.44
N GLU I 105 -25.11 -16.74 -4.95
CA GLU I 105 -25.96 -15.67 -5.45
C GLU I 105 -25.41 -14.29 -5.01
N ILE I 106 -24.35 -14.26 -4.22
CA ILE I 106 -23.77 -13.02 -3.78
C ILE I 106 -22.47 -12.67 -4.49
N GLY I 107 -21.95 -13.58 -5.30
CA GLY I 107 -20.72 -13.25 -6.00
C GLY I 107 -19.83 -14.41 -6.34
N VAL I 108 -18.68 -14.08 -6.93
CA VAL I 108 -17.68 -15.03 -7.37
C VAL I 108 -16.47 -15.10 -6.43
N GLU I 109 -16.03 -16.31 -6.12
CA GLU I 109 -14.84 -16.57 -5.30
C GLU I 109 -13.83 -17.20 -6.27
N GLY I 110 -12.58 -16.75 -6.21
CA GLY I 110 -11.54 -17.29 -7.07
C GLY I 110 -10.79 -16.15 -7.72
N VAL I 111 -9.65 -16.48 -8.30
CA VAL I 111 -8.83 -15.47 -8.95
C VAL I 111 -8.33 -16.02 -10.25
N GLY I 112 -7.85 -15.15 -11.13
CA GLY I 112 -7.37 -15.65 -12.40
C GLY I 112 -8.43 -15.44 -13.45
N PRO I 113 -8.19 -15.88 -14.69
CA PRO I 113 -9.10 -15.75 -15.82
C PRO I 113 -10.41 -16.51 -15.79
N VAL I 114 -10.46 -17.69 -15.20
CA VAL I 114 -11.75 -18.39 -15.18
C VAL I 114 -12.65 -17.60 -14.22
N ALA I 115 -12.08 -17.08 -13.13
CA ALA I 115 -12.84 -16.27 -12.19
C ALA I 115 -13.38 -14.98 -12.89
N GLU I 116 -12.48 -14.27 -13.58
CA GLU I 116 -12.85 -13.05 -14.31
C GLU I 116 -13.96 -13.34 -15.29
N ARG I 117 -13.86 -14.46 -15.99
CA ARG I 117 -14.91 -14.75 -16.96
C ARG I 117 -16.23 -15.00 -16.22
N ALA I 118 -16.12 -15.61 -15.05
CA ALA I 118 -17.30 -15.93 -14.24
C ALA I 118 -17.97 -14.60 -13.81
N LYS I 119 -17.15 -13.69 -13.27
CA LYS I 119 -17.66 -12.38 -12.85
C LYS I 119 -18.41 -11.65 -13.96
N ARG I 120 -17.93 -11.77 -15.19
CA ARG I 120 -18.62 -11.11 -16.29
C ARG I 120 -19.95 -11.80 -16.67
N LEU I 121 -20.02 -13.13 -16.49
CA LEU I 121 -21.28 -13.83 -16.79
C LEU I 121 -22.24 -13.35 -15.69
N PHE I 122 -21.75 -13.34 -14.45
CA PHE I 122 -22.58 -12.90 -13.31
C PHE I 122 -23.16 -11.50 -13.61
N GLU I 123 -22.31 -10.56 -14.05
CA GLU I 123 -22.80 -9.21 -14.38
C GLU I 123 -23.82 -9.19 -15.52
N GLU I 124 -23.70 -10.11 -16.47
CA GLU I 124 -24.66 -10.14 -17.56
C GLU I 124 -26.01 -10.49 -16.97
N PHE I 125 -26.02 -11.43 -16.02
CA PHE I 125 -27.30 -11.78 -15.37
C PHE I 125 -27.90 -10.57 -14.62
N LEU I 126 -27.07 -9.82 -13.90
CA LEU I 126 -27.55 -8.66 -13.14
C LEU I 126 -28.12 -7.60 -14.06
N LYS I 127 -27.36 -7.20 -15.08
CA LYS I 127 -27.83 -6.17 -16.03
C LYS I 127 -29.18 -6.59 -16.54
N ARG I 128 -30.20 -5.78 -16.27
CA ARG I 128 -31.56 -6.11 -16.71
C ARG I 128 -31.87 -7.62 -16.57
N PHE J 1 -27.40 16.39 3.15
CA PHE J 1 -27.09 16.88 1.78
C PHE J 1 -27.13 18.39 1.71
N VAL J 2 -26.63 19.01 2.76
CA VAL J 2 -26.53 20.45 2.82
C VAL J 2 -25.70 20.96 1.62
N ALA J 3 -24.58 20.30 1.35
CA ALA J 3 -23.73 20.77 0.24
C ALA J 3 -24.45 20.63 -1.12
N GLU J 4 -25.08 19.49 -1.37
CA GLU J 4 -25.79 19.31 -2.63
C GLU J 4 -26.87 20.39 -2.81
N LEU J 5 -27.62 20.71 -1.76
CA LEU J 5 -28.68 21.74 -1.87
C LEU J 5 -28.13 23.16 -1.98
N ASN J 6 -27.02 23.43 -1.34
CA ASN J 6 -26.43 24.76 -1.43
C ASN J 6 -26.02 25.06 -2.90
N ASN J 7 -25.71 24.00 -3.65
CA ASN J 7 -25.34 24.11 -5.06
C ASN J 7 -26.56 24.39 -5.95
N LEU J 8 -27.74 24.34 -5.33
CA LEU J 8 -29.00 24.57 -6.03
C LEU J 8 -29.64 25.92 -5.71
N LEU J 9 -28.91 26.83 -5.05
CA LEU J 9 -29.46 28.15 -4.76
C LEU J 9 -29.87 28.85 -6.07
N GLY J 10 -31.06 29.47 -6.08
CA GLY J 10 -31.51 30.14 -7.27
C GLY J 10 -32.26 29.19 -8.22
N ARG J 11 -32.21 27.89 -7.97
CA ARG J 11 -32.89 26.93 -8.84
C ARG J 11 -34.22 26.55 -8.21
N GLU J 12 -35.16 26.09 -9.04
CA GLU J 12 -36.45 25.70 -8.52
C GLU J 12 -36.46 24.32 -7.87
N VAL J 13 -37.17 24.21 -6.76
CA VAL J 13 -37.23 22.92 -6.06
C VAL J 13 -38.61 22.74 -5.42
N GLN J 14 -38.92 21.54 -4.97
CA GLN J 14 -40.19 21.35 -4.31
C GLN J 14 -39.85 20.66 -2.99
N VAL J 15 -40.54 21.10 -1.96
CA VAL J 15 -40.36 20.61 -0.59
C VAL J 15 -41.70 20.03 -0.10
N VAL J 16 -41.72 18.75 0.23
CA VAL J 16 -42.92 18.05 0.70
C VAL J 16 -42.88 18.02 2.24
N LEU J 17 -43.96 18.45 2.89
CA LEU J 17 -44.04 18.58 4.35
C LEU J 17 -44.90 17.49 4.97
N SER J 18 -44.62 17.08 6.22
CA SER J 18 -45.40 15.96 6.75
C SER J 18 -46.86 16.30 7.04
N ASN J 19 -47.21 17.58 6.96
CA ASN J 19 -48.61 17.95 7.19
C ASN J 19 -49.36 17.81 5.85
N GLY J 20 -48.68 17.28 4.83
CA GLY J 20 -49.31 17.07 3.53
C GLY J 20 -49.19 18.19 2.51
N GLU J 21 -48.68 19.36 2.92
CA GLU J 21 -48.49 20.45 1.98
C GLU J 21 -47.25 20.23 1.15
N VAL J 22 -47.21 20.89 -0.02
CA VAL J 22 -46.08 20.80 -0.92
C VAL J 22 -45.83 22.19 -1.49
N TYR J 23 -44.62 22.72 -1.29
CA TYR J 23 -44.28 24.06 -1.78
C TYR J 23 -43.24 23.97 -2.85
N LYS J 24 -43.40 24.78 -3.88
CA LYS J 24 -42.47 24.77 -4.97
C LYS J 24 -42.03 26.19 -5.12
N GLY J 25 -40.73 26.42 -5.17
CA GLY J 25 -40.25 27.77 -5.37
C GLY J 25 -38.76 27.75 -5.61
N VAL J 26 -38.14 28.91 -5.62
CA VAL J 26 -36.72 28.98 -5.79
C VAL J 26 -36.01 28.80 -4.45
N LEU J 27 -35.02 27.90 -4.45
CA LEU J 27 -34.26 27.67 -3.25
C LEU J 27 -33.53 28.96 -2.92
N HIS J 28 -33.90 29.55 -1.78
CA HIS J 28 -33.33 30.80 -1.37
C HIS J 28 -32.21 30.62 -0.34
N ALA J 29 -32.35 29.65 0.58
CA ALA J 29 -31.30 29.40 1.57
C ALA J 29 -31.51 28.03 2.22
N VAL J 30 -30.39 27.43 2.63
CA VAL J 30 -30.36 26.12 3.31
C VAL J 30 -29.32 26.21 4.42
N ASP J 31 -29.66 25.80 5.64
CA ASP J 31 -28.64 25.87 6.70
C ASP J 31 -28.17 24.47 7.02
N ASN J 32 -27.28 24.33 8.02
CA ASN J 32 -26.73 23.01 8.36
C ASN J 32 -27.81 22.10 8.91
N GLN J 33 -28.83 22.68 9.50
CA GLN J 33 -29.88 21.84 10.03
C GLN J 33 -30.88 21.43 8.97
N LEU J 34 -30.68 21.91 7.76
CA LEU J 34 -31.59 21.59 6.68
C LEU J 34 -32.95 22.37 6.79
N ASN J 35 -32.92 23.51 7.49
CA ASN J 35 -34.04 24.44 7.51
C ASN J 35 -33.90 24.99 6.08
N ILE J 36 -35.04 25.32 5.47
CA ILE J 36 -35.02 25.80 4.10
C ILE J 36 -35.83 27.08 3.88
N VAL J 37 -35.29 28.00 3.10
CA VAL J 37 -36.07 29.21 2.78
C VAL J 37 -36.38 29.13 1.28
N LEU J 38 -37.65 29.19 0.90
CA LEU J 38 -37.97 29.18 -0.54
C LEU J 38 -38.41 30.61 -0.90
N ALA J 39 -38.00 31.13 -2.07
CA ALA J 39 -38.47 32.47 -2.51
C ALA J 39 -39.56 32.29 -3.59
N ASN J 40 -40.53 33.20 -3.61
CA ASN J 40 -41.63 33.11 -4.59
C ASN J 40 -42.12 31.69 -4.75
N ALA J 41 -42.64 31.13 -3.66
CA ALA J 41 -43.12 29.74 -3.67
C ALA J 41 -44.64 29.69 -3.64
N SER J 42 -45.18 28.53 -4.02
CA SER J 42 -46.61 28.38 -4.01
C SER J 42 -46.93 26.97 -3.57
N ASN J 43 -48.07 26.75 -2.92
CA ASN J 43 -48.46 25.40 -2.50
C ASN J 43 -49.46 24.83 -3.52
N LYS J 44 -50.03 23.67 -3.25
CA LYS J 44 -50.95 23.05 -4.20
C LYS J 44 -52.33 23.70 -4.36
N ALA J 45 -52.65 24.64 -3.49
CA ALA J 45 -53.92 25.35 -3.59
C ALA J 45 -53.66 26.64 -4.41
N GLY J 46 -52.46 26.83 -4.92
CA GLY J 46 -52.20 28.04 -5.69
C GLY J 46 -51.82 29.30 -4.91
N GLU J 47 -51.76 29.23 -3.58
CA GLU J 47 -51.36 30.39 -2.83
C GLU J 47 -49.89 30.63 -3.09
N LYS J 48 -49.50 31.90 -3.14
CA LYS J 48 -48.09 32.25 -3.40
C LYS J 48 -47.52 33.10 -2.26
N PHE J 49 -46.21 33.01 -2.01
CA PHE J 49 -45.57 33.79 -0.95
C PHE J 49 -44.17 34.26 -1.38
N ASN J 50 -43.81 35.51 -1.09
CA ASN J 50 -42.50 35.98 -1.50
C ASN J 50 -41.45 35.10 -0.82
N ARG J 51 -41.69 34.73 0.44
CA ARG J 51 -40.78 33.86 1.18
C ARG J 51 -41.52 32.84 2.07
N VAL J 52 -41.05 31.59 2.06
CA VAL J 52 -41.61 30.55 2.94
C VAL J 52 -40.39 30.00 3.71
N PHE J 53 -40.45 30.09 5.04
CA PHE J 53 -39.40 29.62 5.93
C PHE J 53 -39.92 28.29 6.46
N ILE J 54 -39.26 27.21 6.04
CA ILE J 54 -39.68 25.87 6.36
C ILE J 54 -38.77 25.24 7.44
N TYR J 56 -37.05 22.44 9.45
CA TYR J 56 -36.50 21.13 9.06
C TYR J 56 -37.23 19.93 9.59
N ARG J 57 -37.74 20.03 10.81
CA ARG J 57 -38.46 18.92 11.48
C ARG J 57 -39.66 18.41 10.71
N TYR J 58 -40.20 19.26 9.84
CA TYR J 58 -41.39 18.90 9.11
C TYR J 58 -41.16 18.59 7.63
N ILE J 59 -39.89 18.57 7.21
CA ILE J 59 -39.58 18.27 5.82
C ILE J 59 -39.38 16.77 5.56
N VAL J 60 -40.22 16.19 4.69
CA VAL J 60 -40.08 14.77 4.38
C VAL J 60 -38.96 14.60 3.31
N HIS J 61 -39.06 15.36 2.23
CA HIS J 61 -38.04 15.31 1.20
C HIS J 61 -38.06 16.58 0.33
N ILE J 62 -36.95 16.79 -0.38
CA ILE J 62 -36.84 17.95 -1.30
C ILE J 62 -36.58 17.35 -2.68
N ASP J 63 -37.27 17.82 -3.71
CA ASP J 63 -37.06 17.26 -5.05
C ASP J 63 -36.67 18.31 -6.05
N SER J 64 -35.74 17.95 -6.93
CA SER J 64 -35.33 18.85 -8.01
C SER J 64 -36.54 18.85 -8.94
N THR J 65 -36.89 19.97 -9.53
CA THR J 65 -38.08 19.97 -10.39
C THR J 65 -37.74 20.15 -11.89
N GLU J 66 -36.49 20.47 -12.22
CA GLU J 66 -36.14 20.65 -13.65
C GLU J 66 -35.67 19.35 -14.29
N ARG J 67 -36.02 19.16 -15.54
CA ARG J 67 -35.60 17.99 -16.26
C ARG J 67 -34.19 18.29 -16.74
N ARG J 68 -33.33 17.28 -16.81
CA ARG J 68 -31.97 17.46 -17.34
C ARG J 68 -32.11 17.84 -18.84
N ILE J 69 -31.08 18.44 -19.39
CA ILE J 69 -31.08 18.83 -20.81
C ILE J 69 -31.14 17.60 -21.72
N ASP J 70 -31.89 17.70 -22.81
CA ASP J 70 -31.99 16.63 -23.81
C ASP J 70 -30.69 16.70 -24.63
N ARG J 72 -29.69 14.99 -27.22
CA ARG J 72 -29.79 14.83 -28.68
C ARG J 72 -30.03 16.22 -29.25
N GLU J 73 -30.97 16.91 -28.64
CA GLU J 73 -31.30 18.27 -29.06
C GLU J 73 -30.10 19.20 -28.85
N PHE J 74 -29.29 18.96 -27.82
CA PHE J 74 -28.12 19.81 -27.57
C PHE J 74 -27.07 19.69 -28.70
N ALA J 75 -26.80 18.45 -29.11
CA ALA J 75 -25.86 18.17 -30.18
C ALA J 75 -26.40 18.83 -31.47
N LYS J 76 -27.70 18.71 -31.70
CA LYS J 76 -28.35 19.31 -32.85
C LYS J 76 -27.99 20.81 -32.91
N GLN J 77 -28.51 21.57 -31.95
CA GLN J 77 -28.24 23.00 -31.89
C GLN J 77 -26.74 23.34 -31.87
N ALA J 78 -25.93 22.42 -31.35
CA ALA J 78 -24.48 22.65 -31.28
C ALA J 78 -23.74 22.52 -32.62
N GLU J 79 -24.19 21.62 -33.48
CA GLU J 79 -23.58 21.42 -34.80
C GLU J 79 -23.67 22.75 -35.55
N LYS J 80 -24.77 23.46 -35.33
CA LYS J 80 -25.01 24.75 -35.95
C LYS J 80 -23.98 25.81 -35.56
N ILE J 81 -23.44 25.68 -34.35
CA ILE J 81 -22.44 26.62 -33.84
C ILE J 81 -21.04 26.10 -34.11
N PHE J 82 -20.92 24.79 -34.13
CA PHE J 82 -19.64 24.14 -34.34
C PHE J 82 -19.70 23.17 -35.51
N PRO J 83 -19.85 23.69 -36.73
CA PRO J 83 -19.92 22.84 -37.92
C PRO J 83 -18.88 21.69 -38.01
N GLY J 84 -19.39 20.48 -38.20
CA GLY J 84 -18.55 19.30 -38.36
C GLY J 84 -17.67 18.90 -37.19
N VAL J 86 -19.15 18.18 -34.03
CA VAL J 86 -20.03 17.60 -33.03
C VAL J 86 -20.43 16.13 -33.16
N LYS J 87 -20.21 15.38 -32.08
CA LYS J 87 -20.56 13.96 -32.05
C LYS J 87 -21.42 13.61 -30.83
N TYR J 88 -22.56 12.98 -31.08
CA TYR J 88 -23.44 12.54 -30.02
C TYR J 88 -23.12 11.07 -29.78
N ILE J 89 -22.82 10.75 -28.54
CA ILE J 89 -22.47 9.40 -28.17
C ILE J 89 -23.62 8.77 -27.44
N GLU J 90 -24.27 7.84 -28.11
CA GLU J 90 -25.39 7.11 -27.55
C GLU J 90 -25.00 6.36 -26.25
N GLU J 91 -23.85 5.69 -26.28
CA GLU J 91 -23.34 4.89 -25.18
C GLU J 91 -23.47 5.53 -23.79
N THR J 92 -23.09 6.81 -23.66
CA THR J 92 -23.18 7.47 -22.38
C THR J 92 -24.06 8.72 -22.38
N ASN J 93 -24.69 9.01 -23.52
CA ASN J 93 -25.55 10.18 -23.65
C ASN J 93 -24.72 11.45 -23.45
N VAL J 94 -23.61 11.48 -24.15
CA VAL J 94 -22.65 12.55 -24.08
C VAL J 94 -22.36 13.15 -25.47
N VAL J 95 -21.93 14.40 -25.48
CA VAL J 95 -21.67 15.08 -26.72
C VAL J 95 -20.25 15.58 -26.76
N LEU J 96 -19.52 15.11 -27.78
CA LEU J 96 -18.13 15.51 -28.00
C LEU J 96 -18.15 16.63 -29.01
N ILE J 97 -17.34 17.65 -28.74
CA ILE J 97 -17.24 18.81 -29.62
C ILE J 97 -15.79 19.06 -29.93
N GLY J 98 -15.38 18.59 -31.10
CA GLY J 98 -14.00 18.74 -31.46
C GLY J 98 -13.28 17.62 -30.78
N ASP J 99 -12.06 17.90 -30.31
CA ASP J 99 -11.24 16.88 -29.69
C ASP J 99 -11.01 17.04 -28.20
N LYS J 100 -11.31 18.24 -27.69
CA LYS J 100 -11.08 18.54 -26.28
C LYS J 100 -12.26 19.12 -25.49
N VAL J 101 -13.48 19.02 -26.02
CA VAL J 101 -14.64 19.54 -25.31
C VAL J 101 -15.66 18.42 -25.16
N ARG J 102 -16.11 18.18 -23.92
CA ARG J 102 -17.04 17.09 -23.64
C ARG J 102 -18.23 17.60 -22.81
N VAL J 103 -19.43 17.20 -23.19
CA VAL J 103 -20.61 17.67 -22.52
C VAL J 103 -21.52 16.52 -22.13
N SER J 104 -21.88 16.47 -20.85
CA SER J 104 -22.78 15.46 -20.28
C SER J 104 -24.00 16.24 -19.77
N GLU J 105 -25.00 15.56 -19.23
CA GLU J 105 -26.16 16.30 -18.75
C GLU J 105 -25.85 17.13 -17.51
N ILE J 106 -24.64 17.05 -16.95
CA ILE J 106 -24.38 17.90 -15.79
C ILE J 106 -23.31 18.97 -16.00
N GLY J 107 -22.77 19.09 -17.22
CA GLY J 107 -21.76 20.12 -17.42
C GLY J 107 -20.86 19.93 -18.61
N VAL J 108 -20.00 20.92 -18.85
CA VAL J 108 -19.06 20.94 -19.96
C VAL J 108 -17.65 20.68 -19.47
N GLU J 109 -16.96 19.73 -20.07
CA GLU J 109 -15.57 19.52 -19.68
C GLU J 109 -14.72 20.16 -20.79
N GLY J 110 -13.63 20.83 -20.42
CA GLY J 110 -12.78 21.43 -21.41
C GLY J 110 -12.46 22.86 -21.09
N VAL J 111 -11.58 23.44 -21.91
CA VAL J 111 -11.17 24.82 -21.69
C VAL J 111 -10.94 25.49 -23.04
N GLY J 112 -10.98 26.81 -23.03
CA GLY J 112 -10.77 27.54 -24.28
C GLY J 112 -12.07 28.02 -24.90
N PRO J 113 -11.99 28.78 -25.99
CA PRO J 113 -13.13 29.33 -26.73
C PRO J 113 -14.31 28.43 -27.02
N VAL J 114 -14.08 27.20 -27.50
CA VAL J 114 -15.18 26.25 -27.79
C VAL J 114 -15.90 25.81 -26.50
N ALA J 115 -15.13 25.49 -25.47
CA ALA J 115 -15.65 25.07 -24.16
C ALA J 115 -16.50 26.22 -23.60
N GLU J 116 -15.97 27.45 -23.66
CA GLU J 116 -16.69 28.64 -23.17
C GLU J 116 -18.02 28.79 -23.93
N ARG J 117 -17.93 28.69 -25.25
CA ARG J 117 -19.12 28.82 -26.09
C ARG J 117 -20.13 27.70 -25.82
N ALA J 118 -19.66 26.52 -25.48
CA ALA J 118 -20.61 25.43 -25.24
C ALA J 118 -21.23 25.52 -23.82
N LYS J 119 -20.57 26.23 -22.90
CA LYS J 119 -21.14 26.41 -21.57
C LYS J 119 -22.29 27.38 -21.73
N ARG J 120 -22.12 28.35 -22.62
CA ARG J 120 -23.17 29.34 -22.86
C ARG J 120 -24.36 28.71 -23.58
N LEU J 121 -24.12 27.68 -24.38
CA LEU J 121 -25.21 27.02 -25.04
C LEU J 121 -25.92 26.14 -24.00
N PHE J 122 -25.13 25.45 -23.17
CA PHE J 122 -25.67 24.59 -22.10
C PHE J 122 -26.57 25.49 -21.24
N GLU J 123 -26.03 26.64 -20.85
CA GLU J 123 -26.82 27.58 -20.05
C GLU J 123 -28.13 28.02 -20.69
N GLU J 124 -28.16 28.25 -22.01
CA GLU J 124 -29.41 28.68 -22.66
C GLU J 124 -30.45 27.58 -22.61
N PHE J 125 -30.02 26.32 -22.64
CA PHE J 125 -30.99 25.22 -22.54
C PHE J 125 -31.62 25.29 -21.15
N LEU J 126 -30.77 25.55 -20.16
CA LEU J 126 -31.23 25.64 -18.78
C LEU J 126 -32.08 26.87 -18.54
N LYS J 127 -31.85 27.97 -19.29
CA LYS J 127 -32.66 29.18 -19.08
C LYS J 127 -34.10 28.94 -19.47
N ARG J 128 -34.32 28.38 -20.65
CA ARG J 128 -35.69 28.09 -21.06
C ARG J 128 -36.16 26.94 -20.18
N PHE K 1 -33.22 30.37 10.29
CA PHE K 1 -33.61 31.71 9.83
C PHE K 1 -34.02 32.66 10.93
N VAL K 2 -33.39 32.48 12.10
CA VAL K 2 -33.59 33.34 13.25
C VAL K 2 -33.24 34.77 12.82
N ALA K 3 -32.09 34.94 12.19
CA ALA K 3 -31.74 36.30 11.79
C ALA K 3 -32.73 36.87 10.78
N GLU K 4 -33.12 36.09 9.79
CA GLU K 4 -34.07 36.63 8.78
C GLU K 4 -35.39 37.02 9.37
N LEU K 5 -35.89 36.19 10.29
CA LEU K 5 -37.16 36.45 10.96
C LEU K 5 -37.03 37.68 11.88
N ASN K 6 -35.92 37.79 12.58
CA ASN K 6 -35.76 38.95 13.41
C ASN K 6 -35.94 40.23 12.57
N ASN K 7 -35.60 40.15 11.29
CA ASN K 7 -35.73 41.30 10.41
C ASN K 7 -37.16 41.56 10.01
N LEU K 8 -38.12 40.73 10.45
CA LEU K 8 -39.51 41.00 10.11
C LEU K 8 -40.28 41.48 11.31
N LEU K 9 -39.57 41.86 12.37
CA LEU K 9 -40.24 42.35 13.59
C LEU K 9 -41.25 43.48 13.25
N GLY K 10 -42.50 43.33 13.68
CA GLY K 10 -43.49 44.36 13.37
C GLY K 10 -44.18 44.17 12.01
N ARG K 11 -43.73 43.20 11.20
CA ARG K 11 -44.40 42.94 9.93
C ARG K 11 -45.36 41.78 10.14
N GLU K 12 -46.33 41.65 9.26
CA GLU K 12 -47.29 40.57 9.37
C GLU K 12 -46.79 39.25 8.76
N VAL K 13 -46.89 38.15 9.51
CA VAL K 13 -46.46 36.87 8.96
C VAL K 13 -47.56 35.86 9.18
N GLN K 14 -47.42 34.72 8.53
CA GLN K 14 -48.39 33.65 8.71
C GLN K 14 -47.59 32.46 9.30
N VAL K 15 -48.14 31.77 10.31
CA VAL K 15 -47.42 30.63 10.90
C VAL K 15 -48.29 29.41 10.80
N VAL K 16 -47.87 28.41 10.03
CA VAL K 16 -48.70 27.20 9.85
C VAL K 16 -48.22 26.17 10.88
N LEU K 17 -49.17 25.64 11.67
CA LEU K 17 -48.92 24.69 12.74
C LEU K 17 -49.29 23.26 12.40
N SER K 18 -48.62 22.29 13.02
CA SER K 18 -48.90 20.93 12.64
C SER K 18 -50.27 20.38 13.07
N ASN K 19 -51.03 21.14 13.85
CA ASN K 19 -52.36 20.67 14.21
C ASN K 19 -53.41 21.20 13.23
N GLY K 20 -52.96 21.80 12.11
CA GLY K 20 -53.90 22.29 11.10
C GLY K 20 -54.23 23.79 11.21
N GLU K 21 -53.97 24.40 12.36
CA GLU K 21 -54.26 25.83 12.48
C GLU K 21 -53.25 26.70 11.76
N VAL K 22 -53.66 27.92 11.45
CA VAL K 22 -52.83 28.88 10.78
C VAL K 22 -53.11 30.19 11.46
N TYR K 23 -52.06 30.80 11.99
CA TYR K 23 -52.17 32.09 12.67
C TYR K 23 -51.49 33.16 11.84
N LYS K 24 -52.20 34.27 11.61
CA LYS K 24 -51.66 35.37 10.88
C LYS K 24 -51.56 36.53 11.87
N GLY K 25 -50.44 37.25 11.89
CA GLY K 25 -50.31 38.35 12.83
C GLY K 25 -48.97 39.05 12.72
N VAL K 26 -48.71 40.05 13.56
CA VAL K 26 -47.43 40.70 13.45
C VAL K 26 -46.40 40.00 14.29
N LEU K 27 -45.24 39.77 13.68
CA LEU K 27 -44.17 39.12 14.40
C LEU K 27 -43.74 40.03 15.56
N HIS K 28 -43.97 39.57 16.77
CA HIS K 28 -43.64 40.31 17.98
C HIS K 28 -42.28 39.91 18.58
N ALA K 29 -41.99 38.61 18.53
CA ALA K 29 -40.70 38.07 19.00
C ALA K 29 -40.33 36.68 18.39
N VAL K 30 -39.03 36.47 18.23
CA VAL K 30 -38.46 35.23 17.70
C VAL K 30 -37.22 34.95 18.56
N ASP K 31 -37.03 33.70 18.99
CA ASP K 31 -35.83 33.39 19.75
C ASP K 31 -35.00 32.34 18.97
N ASN K 32 -33.82 31.99 19.47
CA ASN K 32 -32.92 31.03 18.79
C ASN K 32 -33.53 29.65 18.47
N GLN K 33 -34.44 29.22 19.31
CA GLN K 33 -35.05 27.95 19.08
C GLN K 33 -36.26 28.08 18.15
N LEU K 34 -36.57 29.31 17.69
CA LEU K 34 -37.71 29.59 16.79
C LEU K 34 -39.09 29.48 17.42
N ASN K 35 -39.18 29.75 18.72
CA ASN K 35 -40.47 29.83 19.34
C ASN K 35 -40.89 31.20 18.78
N ILE K 36 -42.18 31.43 18.61
CA ILE K 36 -42.56 32.68 18.02
C ILE K 36 -43.67 33.29 18.81
N VAL K 37 -43.65 34.61 18.95
CA VAL K 37 -44.81 35.29 19.56
C VAL K 37 -45.48 36.20 18.50
N LEU K 38 -46.78 36.05 18.31
CA LEU K 38 -47.46 36.94 17.37
C LEU K 38 -48.34 37.87 18.20
N ALA K 39 -48.55 39.09 17.70
CA ALA K 39 -49.40 40.08 18.37
C ALA K 39 -50.60 40.32 17.44
N ASN K 40 -51.77 40.51 18.06
CA ASN K 40 -53.02 40.70 17.34
C ASN K 40 -53.08 39.72 16.19
N ALA K 41 -53.04 38.46 16.58
CA ALA K 41 -53.04 37.38 15.60
C ALA K 41 -54.42 36.78 15.52
N SER K 42 -54.74 36.19 14.38
CA SER K 42 -56.03 35.54 14.29
C SER K 42 -55.87 34.22 13.52
N ASN K 43 -56.81 33.31 13.69
CA ASN K 43 -56.74 32.06 12.99
C ASN K 43 -57.79 32.02 11.90
N LYS K 44 -57.89 30.88 11.23
CA LYS K 44 -58.85 30.77 10.14
C LYS K 44 -60.31 30.79 10.60
N ALA K 45 -60.60 30.26 11.79
CA ALA K 45 -61.96 30.28 12.31
C ALA K 45 -62.33 31.76 12.63
N GLY K 46 -61.36 32.66 12.53
CA GLY K 46 -61.60 34.08 12.76
C GLY K 46 -61.38 34.64 14.16
N GLU K 47 -61.02 33.77 15.11
CA GLU K 47 -60.77 34.22 16.47
C GLU K 47 -59.53 35.09 16.48
N LYS K 48 -59.51 36.15 17.27
CA LYS K 48 -58.33 37.02 17.35
C LYS K 48 -57.82 37.02 18.80
N PHE K 49 -56.51 37.12 18.97
CA PHE K 49 -55.87 37.15 20.31
C PHE K 49 -54.78 38.22 20.31
N ASN K 50 -54.71 39.01 21.40
CA ASN K 50 -53.70 40.06 21.48
C ASN K 50 -52.31 39.45 21.39
N ARG K 51 -52.10 38.27 22.00
CA ARG K 51 -50.80 37.61 21.91
C ARG K 51 -51.00 36.09 21.79
N VAL K 52 -50.22 35.46 20.91
CA VAL K 52 -50.27 34.02 20.70
C VAL K 52 -48.80 33.57 20.82
N PHE K 53 -48.50 32.74 21.82
CA PHE K 53 -47.12 32.25 22.00
C PHE K 53 -47.10 30.85 21.39
N ILE K 54 -46.34 30.70 20.31
CA ILE K 54 -46.28 29.43 19.57
C ILE K 54 -45.02 28.62 19.87
N TYR K 56 -42.13 26.07 19.34
CA TYR K 56 -41.42 25.74 18.13
C TYR K 56 -41.60 24.34 17.57
N ARG K 57 -41.87 23.34 18.41
CA ARG K 57 -42.03 21.98 17.91
C ARG K 57 -43.17 21.79 16.95
N TYR K 58 -44.17 22.68 17.04
CA TYR K 58 -45.37 22.57 16.24
C TYR K 58 -45.45 23.48 15.04
N ILE K 59 -44.41 24.24 14.79
CA ILE K 59 -44.41 25.14 13.63
C ILE K 59 -43.91 24.39 12.40
N VAL K 60 -44.73 24.30 11.35
CA VAL K 60 -44.32 23.66 10.10
C VAL K 60 -43.58 24.68 9.26
N HIS K 61 -44.17 25.86 9.05
CA HIS K 61 -43.48 26.86 8.27
C HIS K 61 -44.03 28.25 8.59
N ILE K 62 -43.28 29.27 8.22
CA ILE K 62 -43.66 30.66 8.49
C ILE K 62 -43.60 31.37 7.15
N ASP K 63 -44.70 32.03 6.77
CA ASP K 63 -44.74 32.70 5.47
C ASP K 63 -44.90 34.22 5.50
N SER K 64 -44.16 34.92 4.61
CA SER K 64 -44.28 36.38 4.45
C SER K 64 -45.70 36.62 3.89
N THR K 65 -46.36 37.69 4.27
CA THR K 65 -47.74 37.95 3.84
C THR K 65 -47.87 39.13 2.89
N GLU K 66 -46.81 39.88 2.82
CA GLU K 66 -46.77 41.08 2.02
C GLU K 66 -46.34 40.78 0.59
N ARG K 67 -46.90 41.48 -0.38
CA ARG K 67 -46.45 41.26 -1.75
C ARG K 67 -45.31 42.27 -1.90
N ARG K 68 -44.37 42.01 -2.80
CA ARG K 68 -43.30 42.97 -3.04
C ARG K 68 -43.92 44.19 -3.81
N ILE K 69 -43.28 45.34 -3.74
CA ILE K 69 -43.77 46.54 -4.41
C ILE K 69 -43.70 46.41 -5.94
N ASP K 70 -44.71 46.94 -6.64
CA ASP K 70 -44.73 46.93 -8.11
C ASP K 70 -43.73 48.01 -8.53
N ARG K 72 -42.76 48.96 -11.42
CA ARG K 72 -43.23 49.78 -12.53
C ARG K 72 -44.03 50.94 -11.93
N GLU K 73 -44.91 50.64 -10.98
CA GLU K 73 -45.68 51.71 -10.36
C GLU K 73 -44.75 52.62 -9.53
N PHE K 74 -43.79 52.03 -8.81
CA PHE K 74 -42.86 52.84 -8.04
C PHE K 74 -42.22 53.85 -8.99
N ALA K 75 -41.74 53.35 -10.13
CA ALA K 75 -41.11 54.19 -11.14
C ALA K 75 -42.04 55.35 -11.54
N LYS K 76 -43.28 55.03 -11.89
CA LYS K 76 -44.27 56.03 -12.30
C LYS K 76 -44.35 57.18 -11.31
N GLN K 77 -44.46 56.84 -10.03
CA GLN K 77 -44.56 57.83 -8.97
C GLN K 77 -43.27 58.57 -8.63
N ALA K 78 -42.13 57.89 -8.73
CA ALA K 78 -40.84 58.52 -8.46
C ALA K 78 -40.59 59.64 -9.49
N GLU K 79 -41.18 59.47 -10.68
CA GLU K 79 -41.04 60.45 -11.76
C GLU K 79 -41.79 61.75 -11.43
N LYS K 80 -42.96 61.61 -10.80
CA LYS K 80 -43.77 62.78 -10.41
C LYS K 80 -43.29 63.29 -9.06
N ILE K 81 -42.00 63.13 -8.82
CA ILE K 81 -41.32 63.56 -7.62
C ILE K 81 -39.88 63.85 -8.08
N PHE K 82 -39.48 63.19 -9.16
CA PHE K 82 -38.14 63.35 -9.74
C PHE K 82 -38.18 63.39 -11.29
N PRO K 83 -38.96 64.32 -11.88
CA PRO K 83 -39.07 64.43 -13.34
C PRO K 83 -37.75 64.34 -14.10
N GLY K 84 -37.83 63.65 -15.23
CA GLY K 84 -36.66 63.48 -16.09
C GLY K 84 -35.48 62.81 -15.43
N VAL K 86 -36.17 59.58 -13.52
CA VAL K 86 -36.57 58.19 -13.32
C VAL K 86 -36.45 57.33 -14.58
N LYS K 87 -35.90 56.12 -14.40
CA LYS K 87 -35.74 55.14 -15.49
C LYS K 87 -36.00 53.75 -14.91
N TYR K 88 -37.00 53.08 -15.46
CA TYR K 88 -37.32 51.73 -15.04
C TYR K 88 -36.60 50.75 -15.94
N ILE K 89 -35.74 49.92 -15.36
CA ILE K 89 -34.99 48.92 -16.11
C ILE K 89 -35.67 47.56 -16.01
N GLU K 90 -36.24 47.10 -17.13
CA GLU K 90 -36.92 45.83 -17.16
C GLU K 90 -35.94 44.68 -16.91
N GLU K 91 -34.75 44.79 -17.45
CA GLU K 91 -33.77 43.75 -17.30
C GLU K 91 -33.61 43.19 -15.88
N THR K 92 -33.81 44.00 -14.84
CA THR K 92 -33.68 43.50 -13.48
C THR K 92 -34.83 43.93 -12.59
N ASN K 93 -35.83 44.57 -13.19
CA ASN K 93 -37.00 45.06 -12.46
C ASN K 93 -36.51 46.05 -11.39
N VAL K 94 -35.52 46.84 -11.78
CA VAL K 94 -34.88 47.84 -10.93
C VAL K 94 -35.23 49.23 -11.43
N VAL K 95 -35.33 50.20 -10.55
CA VAL K 95 -35.63 51.56 -10.99
C VAL K 95 -34.43 52.43 -10.60
N LEU K 96 -33.88 53.15 -11.58
CA LEU K 96 -32.74 54.05 -11.30
C LEU K 96 -33.26 55.48 -11.21
N ILE K 97 -32.66 56.30 -10.36
CA ILE K 97 -33.11 57.69 -10.23
C ILE K 97 -31.89 58.61 -10.21
N GLY K 98 -31.65 59.28 -11.33
CA GLY K 98 -30.50 60.15 -11.44
C GLY K 98 -29.36 59.19 -11.73
N ASP K 99 -28.16 59.50 -11.24
CA ASP K 99 -26.98 58.64 -11.46
C ASP K 99 -26.36 58.02 -10.20
N LYS K 100 -26.99 58.21 -9.04
CA LYS K 100 -26.42 57.66 -7.83
C LYS K 100 -27.39 57.04 -6.83
N VAL K 101 -28.62 56.78 -7.28
CA VAL K 101 -29.61 56.15 -6.43
C VAL K 101 -30.29 55.06 -7.24
N ARG K 102 -30.19 53.84 -6.73
CA ARG K 102 -30.75 52.65 -7.37
C ARG K 102 -31.80 52.01 -6.46
N VAL K 103 -32.92 51.58 -7.03
CA VAL K 103 -33.99 50.97 -6.23
C VAL K 103 -34.49 49.58 -6.75
N SER K 104 -34.47 48.57 -5.88
CA SER K 104 -34.95 47.21 -6.20
C SER K 104 -36.15 46.94 -5.29
N GLU K 105 -36.77 45.78 -5.46
CA GLU K 105 -37.94 45.44 -4.65
C GLU K 105 -37.64 45.24 -3.16
N ILE K 106 -36.35 45.25 -2.80
CA ILE K 106 -35.96 45.10 -1.39
C ILE K 106 -35.13 46.28 -0.82
N GLY K 107 -35.02 47.37 -1.57
CA GLY K 107 -34.29 48.49 -1.02
C GLY K 107 -33.84 49.56 -2.00
N VAL K 108 -33.29 50.62 -1.44
CA VAL K 108 -32.77 51.75 -2.20
C VAL K 108 -31.28 51.82 -1.90
N GLU K 109 -30.43 52.00 -2.90
CA GLU K 109 -28.99 52.12 -2.64
C GLU K 109 -28.66 53.59 -2.90
N GLY K 110 -27.71 54.13 -2.15
CA GLY K 110 -27.33 55.52 -2.33
C GLY K 110 -27.41 56.35 -1.08
N VAL K 111 -26.80 57.52 -1.12
CA VAL K 111 -26.79 58.42 0.02
C VAL K 111 -27.14 59.80 -0.50
N GLY K 112 -27.51 60.69 0.41
CA GLY K 112 -27.89 62.02 -0.01
C GLY K 112 -29.40 62.16 -0.13
N PRO K 113 -29.90 63.39 -0.30
CA PRO K 113 -31.31 63.74 -0.41
C PRO K 113 -32.18 62.95 -1.37
N VAL K 114 -31.64 62.59 -2.53
CA VAL K 114 -32.45 61.85 -3.49
C VAL K 114 -32.65 60.43 -2.99
N ALA K 115 -31.62 59.85 -2.38
CA ALA K 115 -31.70 58.50 -1.83
C ALA K 115 -32.71 58.53 -0.69
N GLU K 116 -32.60 59.53 0.18
CA GLU K 116 -33.51 59.65 1.31
C GLU K 116 -35.00 59.80 0.90
N ARG K 117 -35.28 60.65 -0.09
CA ARG K 117 -36.65 60.85 -0.55
C ARG K 117 -37.22 59.57 -1.16
N ALA K 118 -36.34 58.78 -1.81
CA ALA K 118 -36.73 57.52 -2.43
C ALA K 118 -37.13 56.50 -1.33
N LYS K 119 -36.35 56.39 -0.26
CA LYS K 119 -36.68 55.48 0.85
C LYS K 119 -38.07 55.84 1.36
N ARG K 120 -38.40 57.14 1.38
CA ARG K 120 -39.71 57.56 1.86
C ARG K 120 -40.87 57.11 0.94
N LEU K 121 -40.62 57.11 -0.36
CA LEU K 121 -41.66 56.67 -1.31
C LEU K 121 -41.83 55.16 -1.15
N PHE K 122 -40.70 54.49 -1.03
CA PHE K 122 -40.67 53.03 -0.82
C PHE K 122 -41.52 52.75 0.41
N GLU K 123 -41.22 53.45 1.49
CA GLU K 123 -41.95 53.27 2.75
C GLU K 123 -43.42 53.53 2.56
N GLU K 124 -43.76 54.50 1.72
CA GLU K 124 -45.17 54.78 1.52
C GLU K 124 -45.86 53.60 0.87
N PHE K 125 -45.18 52.93 -0.04
CA PHE K 125 -45.83 51.79 -0.67
C PHE K 125 -46.00 50.68 0.37
N LEU K 126 -45.00 50.55 1.23
CA LEU K 126 -45.05 49.52 2.25
C LEU K 126 -46.20 49.72 3.24
N LYS K 127 -46.49 50.97 3.57
CA LYS K 127 -47.56 51.26 4.51
C LYS K 127 -48.94 50.81 4.05
N ARG K 128 -49.13 50.59 2.75
CA ARG K 128 -50.45 50.18 2.27
C ARG K 128 -50.56 48.75 1.70
N PHE L 1 -40.18 31.97 25.48
CA PHE L 1 -41.05 32.99 26.11
C PHE L 1 -41.44 32.70 27.58
N VAL L 2 -40.55 32.03 28.29
CA VAL L 2 -40.72 31.74 29.71
C VAL L 2 -40.91 33.07 30.49
N ALA L 3 -40.14 34.09 30.16
CA ALA L 3 -40.25 35.36 30.88
C ALA L 3 -41.57 36.09 30.57
N GLU L 4 -41.94 36.14 29.29
CA GLU L 4 -43.21 36.82 28.94
C GLU L 4 -44.37 36.13 29.63
N LEU L 5 -44.34 34.80 29.70
CA LEU L 5 -45.43 34.06 30.33
C LEU L 5 -45.43 34.26 31.81
N ASN L 6 -44.25 34.26 32.40
CA ASN L 6 -44.17 34.44 33.83
C ASN L 6 -44.78 35.80 34.23
N ASN L 7 -44.84 36.75 33.30
CA ASN L 7 -45.45 38.05 33.57
C ASN L 7 -46.98 38.01 33.55
N LEU L 8 -47.54 36.84 33.22
CA LEU L 8 -49.00 36.68 33.23
C LEU L 8 -49.54 35.86 34.41
N LEU L 9 -48.75 35.64 35.46
CA LEU L 9 -49.24 34.87 36.61
C LEU L 9 -50.50 35.51 37.15
N GLY L 10 -51.51 34.66 37.33
CA GLY L 10 -52.79 35.10 37.82
C GLY L 10 -53.75 35.53 36.74
N ARG L 11 -53.30 35.66 35.50
CA ARG L 11 -54.19 36.09 34.43
C ARG L 11 -54.68 34.85 33.71
N GLU L 12 -55.83 34.97 33.05
CA GLU L 12 -56.41 33.88 32.31
C GLU L 12 -55.75 33.69 30.95
N VAL L 13 -55.35 32.46 30.65
CA VAL L 13 -54.76 32.15 29.37
C VAL L 13 -55.48 30.93 28.84
N GLN L 14 -55.28 30.68 27.56
CA GLN L 14 -55.83 29.51 26.92
C GLN L 14 -54.61 28.70 26.45
N VAL L 15 -54.64 27.37 26.63
CA VAL L 15 -53.52 26.54 26.18
C VAL L 15 -54.12 25.50 25.20
N VAL L 16 -53.65 25.46 23.96
CA VAL L 16 -54.14 24.51 22.95
C VAL L 16 -53.13 23.34 22.91
N LEU L 17 -53.66 22.13 23.11
CA LEU L 17 -52.86 20.90 23.13
C LEU L 17 -52.95 20.16 21.81
N SER L 18 -51.89 19.41 21.50
CA SER L 18 -51.83 18.68 20.25
C SER L 18 -52.81 17.53 20.18
N ASN L 19 -53.47 17.17 21.29
CA ASN L 19 -54.49 16.10 21.21
C ASN L 19 -55.85 16.76 20.86
N GLY L 20 -55.84 18.07 20.56
CA GLY L 20 -57.09 18.76 20.24
C GLY L 20 -57.83 19.39 21.44
N GLU L 21 -57.37 19.15 22.67
CA GLU L 21 -58.03 19.78 23.80
C GLU L 21 -57.58 21.21 23.95
N VAL L 22 -58.47 22.02 24.51
CA VAL L 22 -58.16 23.42 24.73
C VAL L 22 -58.55 23.71 26.16
N TYR L 23 -57.55 24.11 26.96
CA TYR L 23 -57.81 24.43 28.36
C TYR L 23 -57.64 25.93 28.64
N LYS L 24 -58.61 26.51 29.33
CA LYS L 24 -58.56 27.92 29.69
C LYS L 24 -58.64 28.00 31.20
N GLY L 25 -57.78 28.84 31.76
CA GLY L 25 -57.75 29.03 33.20
C GLY L 25 -56.64 30.00 33.60
N VAL L 26 -56.49 30.16 34.90
CA VAL L 26 -55.52 31.09 35.41
C VAL L 26 -54.16 30.44 35.31
N LEU L 27 -53.20 31.22 34.80
CA LEU L 27 -51.81 30.82 34.70
C LEU L 27 -51.26 30.76 36.12
N HIS L 28 -50.96 29.54 36.56
CA HIS L 28 -50.47 29.30 37.89
C HIS L 28 -48.95 29.14 38.01
N ALA L 29 -48.30 28.54 37.02
CA ALA L 29 -46.82 28.34 37.02
C ALA L 29 -46.33 28.01 35.61
N VAL L 30 -45.09 28.39 35.32
CA VAL L 30 -44.47 28.12 34.03
C VAL L 30 -43.04 27.79 34.43
N ASP L 31 -42.41 26.83 33.78
CA ASP L 31 -41.01 26.57 34.12
C ASP L 31 -40.16 26.80 32.89
N ASN L 32 -38.84 26.62 33.00
CA ASN L 32 -37.97 26.87 31.87
C ASN L 32 -38.27 26.00 30.66
N GLN L 33 -38.87 24.84 30.90
CA GLN L 33 -39.17 23.88 29.81
C GLN L 33 -40.51 24.16 29.24
N LEU L 34 -41.17 25.15 29.83
CA LEU L 34 -42.50 25.53 29.41
C LEU L 34 -43.61 24.50 29.75
N ASN L 35 -43.41 23.74 30.83
CA ASN L 35 -44.45 22.91 31.39
C ASN L 35 -45.38 24.01 31.98
N ILE L 36 -46.69 23.80 31.98
CA ILE L 36 -47.58 24.84 32.47
C ILE L 36 -48.58 24.26 33.49
N VAL L 37 -48.85 25.00 34.57
CA VAL L 37 -49.83 24.58 35.52
C VAL L 37 -50.98 25.63 35.37
N LEU L 38 -52.22 25.18 35.21
CA LEU L 38 -53.34 26.13 35.14
C LEU L 38 -54.18 25.93 36.39
N ALA L 39 -54.70 27.02 36.93
CA ALA L 39 -55.53 26.91 38.12
C ALA L 39 -56.97 27.11 37.71
N ASN L 40 -57.88 26.34 38.30
CA ASN L 40 -59.30 26.47 38.00
C ASN L 40 -59.57 26.57 36.50
N ALA L 41 -59.12 25.57 35.78
CA ALA L 41 -59.27 25.53 34.35
C ALA L 41 -60.46 24.69 33.88
N SER L 42 -60.79 24.85 32.61
CA SER L 42 -61.90 24.10 32.05
C SER L 42 -61.52 23.83 30.60
N ASN L 43 -62.09 22.78 30.04
CA ASN L 43 -61.84 22.41 28.63
C ASN L 43 -63.12 22.66 27.84
N LYS L 44 -63.10 22.37 26.53
CA LYS L 44 -64.29 22.62 25.72
C LYS L 44 -65.49 21.79 26.16
N ALA L 45 -65.28 20.61 26.75
CA ALA L 45 -66.43 19.85 27.23
C ALA L 45 -67.04 20.46 28.52
N GLY L 46 -66.47 21.56 29.02
CA GLY L 46 -67.00 22.17 30.21
C GLY L 46 -66.63 21.49 31.53
N GLU L 47 -65.69 20.54 31.51
CA GLU L 47 -65.27 19.91 32.76
C GLU L 47 -64.33 20.93 33.37
N LYS L 48 -64.35 21.03 34.69
CA LYS L 48 -63.52 21.97 35.48
C LYS L 48 -62.55 21.23 36.43
N PHE L 49 -61.35 21.77 36.57
CA PHE L 49 -60.36 21.14 37.43
C PHE L 49 -59.69 22.26 38.18
N ASN L 50 -59.48 22.02 39.48
CA ASN L 50 -58.80 23.00 40.35
C ASN L 50 -57.39 23.27 39.86
N ARG L 51 -56.70 22.21 39.42
CA ARG L 51 -55.35 22.29 38.85
C ARG L 51 -55.13 21.34 37.67
N VAL L 52 -54.48 21.88 36.64
CA VAL L 52 -54.11 21.13 35.47
C VAL L 52 -52.62 21.31 35.22
N PHE L 53 -51.94 20.18 35.15
CA PHE L 53 -50.51 20.18 34.92
C PHE L 53 -50.30 19.75 33.46
N ILE L 54 -49.81 20.67 32.63
CA ILE L 54 -49.62 20.41 31.20
C ILE L 54 -48.19 20.14 30.78
N TYR L 56 -45.07 20.06 28.50
CA TYR L 56 -44.70 20.93 27.41
C TYR L 56 -44.69 20.30 26.02
N ARG L 57 -44.42 19.00 25.93
CA ARG L 57 -44.38 18.32 24.64
C ARG L 57 -45.68 18.37 23.86
N TYR L 58 -46.79 18.55 24.55
CA TYR L 58 -48.10 18.57 23.92
C TYR L 58 -48.72 19.95 23.73
N ILE L 59 -48.00 20.98 24.17
CA ILE L 59 -48.52 22.35 24.02
C ILE L 59 -48.18 22.91 22.66
N VAL L 60 -49.22 23.27 21.91
CA VAL L 60 -49.05 23.83 20.54
C VAL L 60 -48.80 25.32 20.67
N HIS L 61 -49.62 26.00 21.45
CA HIS L 61 -49.43 27.45 21.68
C HIS L 61 -50.26 27.93 22.90
N ILE L 62 -49.87 29.05 23.50
CA ILE L 62 -50.62 29.59 24.60
C ILE L 62 -51.17 30.95 24.11
N ASP L 63 -52.45 31.23 24.32
CA ASP L 63 -53.03 32.52 23.86
C ASP L 63 -53.53 33.43 24.99
N SER L 64 -53.42 34.75 24.81
CA SER L 64 -53.95 35.73 25.81
C SER L 64 -55.43 35.68 25.61
N THR L 65 -56.21 35.84 26.67
CA THR L 65 -57.68 35.77 26.54
C THR L 65 -58.37 37.12 26.80
N GLU L 66 -57.61 38.13 27.20
CA GLU L 66 -58.22 39.44 27.46
C GLU L 66 -57.96 40.49 26.40
N ARG L 67 -58.99 41.27 26.08
CA ARG L 67 -58.85 42.34 25.13
C ARG L 67 -58.03 43.45 25.79
N ARG L 68 -57.30 44.22 25.00
CA ARG L 68 -56.53 45.32 25.59
C ARG L 68 -57.59 46.36 25.97
N ILE L 69 -57.26 47.24 26.93
CA ILE L 69 -58.22 48.29 27.33
C ILE L 69 -58.57 49.27 26.19
N ASP L 70 -59.82 49.74 26.18
CA ASP L 70 -60.30 50.74 25.21
C ASP L 70 -59.76 52.12 25.65
N ARG L 72 -60.02 55.07 24.31
CA ARG L 72 -60.92 56.22 24.14
C ARG L 72 -61.79 56.30 25.38
N GLU L 73 -62.23 55.13 25.88
CA GLU L 73 -63.05 55.06 27.09
C GLU L 73 -62.18 55.51 28.29
N PHE L 74 -60.94 55.00 28.36
CA PHE L 74 -60.04 55.36 29.42
C PHE L 74 -59.93 56.90 29.48
N ALA L 75 -59.87 57.54 28.31
CA ALA L 75 -59.77 58.99 28.27
C ALA L 75 -61.05 59.61 28.82
N LYS L 76 -62.19 59.07 28.39
CA LYS L 76 -63.50 59.52 28.84
C LYS L 76 -63.58 59.54 30.36
N GLN L 77 -63.25 58.41 30.99
CA GLN L 77 -63.33 58.33 32.43
C GLN L 77 -62.26 59.13 33.15
N ALA L 78 -61.11 59.28 32.51
CA ALA L 78 -60.00 60.04 33.06
C ALA L 78 -60.25 61.57 33.04
N GLU L 79 -60.92 62.08 32.01
CA GLU L 79 -61.21 63.52 31.90
C GLU L 79 -61.96 63.98 33.16
N LYS L 80 -62.88 63.14 33.60
CA LYS L 80 -63.69 63.39 34.77
C LYS L 80 -62.83 63.39 36.03
N ILE L 81 -61.75 62.61 36.02
CA ILE L 81 -60.88 62.54 37.18
C ILE L 81 -59.85 63.67 37.19
N PHE L 82 -59.40 64.07 35.99
CA PHE L 82 -58.42 65.16 35.86
C PHE L 82 -58.96 66.17 34.82
N PRO L 83 -60.00 66.93 35.19
CA PRO L 83 -60.62 67.92 34.31
C PRO L 83 -59.62 68.88 33.65
N GLY L 84 -59.80 69.07 32.35
CA GLY L 84 -58.92 69.95 31.62
C GLY L 84 -57.52 69.45 31.37
N VAL L 86 -56.77 65.97 30.31
CA VAL L 86 -56.73 64.72 29.57
C VAL L 86 -56.77 64.93 28.08
N LYS L 87 -55.95 64.15 27.36
CA LYS L 87 -55.90 64.24 25.92
C LYS L 87 -55.64 62.87 25.30
N TYR L 88 -56.44 62.55 24.30
CA TYR L 88 -56.33 61.31 23.61
C TYR L 88 -55.64 61.54 22.26
N ILE L 89 -54.47 60.94 22.07
CA ILE L 89 -53.72 61.07 20.82
C ILE L 89 -53.99 59.90 19.90
N GLU L 90 -54.96 60.07 18.98
CA GLU L 90 -55.32 59.01 18.06
C GLU L 90 -54.14 58.49 17.26
N GLU L 91 -53.15 59.35 17.03
CA GLU L 91 -51.96 58.99 16.25
C GLU L 91 -51.25 57.71 16.73
N THR L 92 -51.25 57.46 18.05
CA THR L 92 -50.60 56.27 18.63
C THR L 92 -51.51 55.56 19.62
N ASN L 93 -52.78 55.94 19.65
CA ASN L 93 -53.75 55.40 20.58
C ASN L 93 -53.27 55.50 22.06
N VAL L 94 -52.75 56.67 22.42
CA VAL L 94 -52.23 56.96 23.73
C VAL L 94 -52.99 58.10 24.46
N VAL L 95 -53.10 58.02 25.78
CA VAL L 95 -53.76 59.10 26.52
C VAL L 95 -52.73 59.86 27.38
N LEU L 96 -52.73 61.19 27.24
CA LEU L 96 -51.84 62.06 28.03
C LEU L 96 -52.68 62.79 29.07
N ILE L 97 -52.14 62.86 30.28
CA ILE L 97 -52.82 63.50 31.40
C ILE L 97 -51.78 64.48 31.91
N GLY L 98 -52.03 65.77 31.69
CA GLY L 98 -51.07 66.77 32.14
C GLY L 98 -49.89 66.65 31.22
N ASP L 99 -48.72 67.07 31.65
CA ASP L 99 -47.56 66.98 30.78
C ASP L 99 -46.51 65.99 31.28
N LYS L 100 -46.78 65.31 32.37
CA LYS L 100 -45.82 64.35 32.91
C LYS L 100 -46.31 62.90 33.01
N VAL L 101 -47.55 62.65 32.59
CA VAL L 101 -48.14 61.31 32.65
C VAL L 101 -48.67 60.86 31.28
N ARG L 102 -48.25 59.64 30.90
CA ARG L 102 -48.57 59.04 29.61
C ARG L 102 -49.10 57.59 29.78
N VAL L 103 -50.24 57.32 29.15
CA VAL L 103 -50.84 56.00 29.22
C VAL L 103 -51.00 55.33 27.85
N SER L 104 -50.49 54.10 27.71
CA SER L 104 -50.62 53.32 26.45
C SER L 104 -51.46 52.10 26.85
N GLU L 105 -51.90 51.28 25.88
CA GLU L 105 -52.70 50.13 26.22
C GLU L 105 -51.96 49.06 27.06
N ILE L 106 -50.65 49.25 27.27
CA ILE L 106 -49.93 48.32 28.11
C ILE L 106 -49.43 48.92 29.42
N GLY L 107 -49.85 50.14 29.74
CA GLY L 107 -49.40 50.67 31.02
C GLY L 107 -49.41 52.16 31.18
N VAL L 108 -48.96 52.61 32.35
CA VAL L 108 -48.90 54.02 32.72
C VAL L 108 -47.47 54.50 32.86
N GLU L 109 -47.10 55.56 32.15
CA GLU L 109 -45.76 56.13 32.26
C GLU L 109 -45.77 57.33 33.22
N GLY L 110 -44.75 57.45 34.05
CA GLY L 110 -44.68 58.59 34.96
C GLY L 110 -44.74 58.26 36.44
N VAL L 111 -44.56 59.29 37.28
CA VAL L 111 -44.58 59.12 38.72
C VAL L 111 -45.29 60.30 39.37
N GLY L 112 -45.95 60.04 40.49
CA GLY L 112 -46.65 61.09 41.18
C GLY L 112 -48.06 60.69 41.50
N PRO L 113 -48.83 61.58 42.17
CA PRO L 113 -50.21 61.27 42.52
C PRO L 113 -51.08 61.11 41.28
N VAL L 114 -50.78 61.85 40.22
CA VAL L 114 -51.59 61.69 39.00
C VAL L 114 -51.22 60.35 38.35
N ALA L 115 -49.93 60.03 38.31
CA ALA L 115 -49.48 58.76 37.74
C ALA L 115 -50.19 57.65 38.49
N GLU L 116 -50.10 57.72 39.82
CA GLU L 116 -50.69 56.74 40.72
C GLU L 116 -52.19 56.60 40.53
N ARG L 117 -52.90 57.71 40.52
CA ARG L 117 -54.35 57.67 40.31
C ARG L 117 -54.66 57.00 38.96
N ALA L 118 -53.86 57.30 37.95
CA ALA L 118 -54.09 56.73 36.62
C ALA L 118 -53.83 55.20 36.61
N LYS L 119 -52.89 54.72 37.42
CA LYS L 119 -52.67 53.27 37.48
C LYS L 119 -53.96 52.60 38.08
N ARG L 120 -54.51 53.16 39.15
CA ARG L 120 -55.75 52.63 39.75
C ARG L 120 -56.92 52.62 38.75
N LEU L 121 -56.97 53.63 37.89
CA LEU L 121 -58.02 53.71 36.88
C LEU L 121 -57.80 52.59 35.89
N PHE L 122 -56.56 52.50 35.42
CA PHE L 122 -56.17 51.48 34.47
C PHE L 122 -56.51 50.09 35.01
N GLU L 123 -56.12 49.81 36.25
CA GLU L 123 -56.38 48.52 36.89
C GLU L 123 -57.86 48.23 37.01
N GLU L 124 -58.64 49.28 37.21
CA GLU L 124 -60.08 49.13 37.33
C GLU L 124 -60.62 48.63 36.00
N PHE L 125 -60.07 49.14 34.90
CA PHE L 125 -60.55 48.67 33.61
C PHE L 125 -60.27 47.18 33.50
N LEU L 126 -59.05 46.81 33.85
CA LEU L 126 -58.61 45.42 33.80
C LEU L 126 -59.49 44.43 34.56
N LYS L 127 -60.17 44.88 35.61
CA LYS L 127 -61.03 43.98 36.37
C LYS L 127 -62.37 43.79 35.66
N PHE M 1 -43.17 20.01 36.98
CA PHE M 1 -43.95 19.97 38.24
C PHE M 1 -43.77 18.72 39.09
N VAL M 2 -42.55 18.18 39.10
CA VAL M 2 -42.26 17.03 39.91
C VAL M 2 -42.57 17.29 41.40
N ALA M 3 -42.18 18.46 41.90
CA ALA M 3 -42.42 18.76 43.30
C ALA M 3 -43.91 18.82 43.61
N GLU M 4 -44.68 19.52 42.77
CA GLU M 4 -46.09 19.65 43.03
C GLU M 4 -46.76 18.29 42.99
N LEU M 5 -46.42 17.43 42.04
CA LEU M 5 -47.03 16.08 42.01
C LEU M 5 -46.59 15.21 43.18
N ASN M 6 -45.34 15.31 43.58
CA ASN M 6 -44.90 14.55 44.75
C ASN M 6 -45.81 14.93 45.96
N ASN M 7 -46.25 16.18 46.02
CA ASN M 7 -47.12 16.62 47.15
C ASN M 7 -48.53 16.05 47.13
N LEU M 8 -48.85 15.31 46.07
CA LEU M 8 -50.16 14.68 45.92
C LEU M 8 -50.09 13.14 46.05
N LEU M 9 -48.98 12.60 46.57
CA LEU M 9 -48.88 11.15 46.74
C LEU M 9 -50.03 10.66 47.60
N GLY M 10 -50.68 9.62 47.07
CA GLY M 10 -51.83 9.05 47.75
C GLY M 10 -53.15 9.75 47.42
N ARG M 11 -53.12 10.85 46.65
CA ARG M 11 -54.35 11.55 46.29
C ARG M 11 -54.75 11.06 44.88
N GLU M 12 -56.03 11.18 44.56
CA GLU M 12 -56.57 10.75 43.30
C GLU M 12 -56.29 11.77 42.25
N VAL M 13 -55.79 11.33 41.08
CA VAL M 13 -55.54 12.24 39.97
C VAL M 13 -56.03 11.64 38.68
N GLN M 14 -56.05 12.43 37.63
CA GLN M 14 -56.52 11.95 36.33
C GLN M 14 -55.34 12.17 35.38
N VAL M 15 -55.04 11.21 34.52
CA VAL M 15 -53.91 11.36 33.61
C VAL M 15 -54.42 11.11 32.19
N VAL M 16 -54.31 12.12 31.34
CA VAL M 16 -54.75 12.03 29.98
C VAL M 16 -53.56 11.65 29.10
N LEU M 17 -53.77 10.58 28.35
CA LEU M 17 -52.73 10.04 27.48
C LEU M 17 -52.94 10.44 26.01
N SER M 18 -51.88 10.50 25.21
CA SER M 18 -52.07 10.93 23.86
C SER M 18 -52.70 9.87 22.94
N ASN M 19 -52.96 8.66 23.43
CA ASN M 19 -53.60 7.64 22.57
C ASN M 19 -55.11 7.72 22.84
N GLY M 20 -55.52 8.73 23.59
CA GLY M 20 -56.94 8.92 23.90
C GLY M 20 -57.42 8.30 25.21
N GLU M 21 -56.59 7.47 25.85
CA GLU M 21 -57.05 6.91 27.12
C GLU M 21 -56.92 7.91 28.25
N VAL M 22 -57.72 7.67 29.28
CA VAL M 22 -57.74 8.52 30.46
C VAL M 22 -57.80 7.64 31.70
N TYR M 23 -56.79 7.71 32.55
CA TYR M 23 -56.75 6.91 33.74
C TYR M 23 -56.93 7.75 34.95
N LYS M 24 -57.75 7.26 35.89
CA LYS M 24 -58.00 7.95 37.14
C LYS M 24 -57.59 7.00 38.24
N GLY M 25 -56.73 7.46 39.14
CA GLY M 25 -56.30 6.58 40.20
C GLY M 25 -55.50 7.35 41.22
N VAL M 26 -55.03 6.65 42.24
CA VAL M 26 -54.23 7.27 43.30
C VAL M 26 -52.79 7.48 42.79
N LEU M 27 -52.28 8.70 42.92
CA LEU M 27 -50.94 8.94 42.47
C LEU M 27 -50.05 8.16 43.42
N HIS M 28 -49.35 7.20 42.86
CA HIS M 28 -48.52 6.31 43.69
C HIS M 28 -47.02 6.65 43.67
N ALA M 29 -46.52 7.09 42.53
CA ALA M 29 -45.12 7.48 42.36
C ALA M 29 -44.96 8.44 41.17
N VAL M 30 -43.98 9.36 41.29
CA VAL M 30 -43.61 10.34 40.25
C VAL M 30 -42.08 10.38 40.24
N ASP M 31 -41.49 10.41 39.07
CA ASP M 31 -40.05 10.51 39.06
C ASP M 31 -39.66 11.79 38.39
N ASN M 32 -38.35 12.09 38.35
CA ASN M 32 -37.89 13.34 37.74
C ASN M 32 -38.30 13.52 36.29
N GLN M 33 -38.39 12.42 35.57
CA GLN M 33 -38.76 12.48 34.18
C GLN M 33 -40.27 12.54 33.99
N LEU M 34 -40.99 12.53 35.11
CA LEU M 34 -42.41 12.62 35.08
C LEU M 34 -43.09 11.33 34.60
N ASN M 35 -42.40 10.18 34.77
CA ASN M 35 -43.04 8.89 34.57
C ASN M 35 -43.98 8.87 35.80
N ILE M 36 -45.13 8.23 35.68
CA ILE M 36 -46.10 8.22 36.76
C ILE M 36 -46.59 6.82 37.03
N VAL M 37 -46.79 6.48 38.29
CA VAL M 37 -47.37 5.18 38.63
C VAL M 37 -48.67 5.52 39.37
N LEU M 38 -49.77 4.89 38.99
CA LEU M 38 -51.03 5.09 39.67
C LEU M 38 -51.38 3.75 40.29
N ALA M 39 -52.14 3.80 41.40
CA ALA M 39 -52.57 2.62 42.09
C ALA M 39 -54.10 2.60 42.02
N ASN M 40 -54.64 1.41 41.80
CA ASN M 40 -56.09 1.17 41.72
C ASN M 40 -56.70 2.16 40.77
N ALA M 41 -56.19 2.16 39.55
CA ALA M 41 -56.62 3.09 38.54
C ALA M 41 -57.67 2.46 37.63
N SER M 42 -58.44 3.27 36.92
CA SER M 42 -59.39 2.70 35.97
C SER M 42 -59.40 3.65 34.80
N ASN M 43 -59.87 3.16 33.64
CA ASN M 43 -59.95 3.96 32.43
C ASN M 43 -61.44 4.20 32.11
N LYS M 44 -61.73 4.94 31.05
CA LYS M 44 -63.13 5.24 30.70
C LYS M 44 -63.95 4.00 30.34
N ALA M 45 -63.28 2.93 29.94
CA ALA M 45 -63.97 1.68 29.62
C ALA M 45 -64.31 0.96 30.92
N GLY M 46 -63.91 1.53 32.07
CA GLY M 46 -64.21 0.87 33.32
C GLY M 46 -63.25 -0.27 33.69
N GLU M 47 -62.21 -0.53 32.89
CA GLU M 47 -61.26 -1.56 33.30
C GLU M 47 -60.49 -1.02 34.51
N LYS M 48 -60.18 -1.90 35.46
CA LYS M 48 -59.48 -1.55 36.69
C LYS M 48 -58.16 -2.28 36.82
N PHE M 49 -57.14 -1.58 37.32
CA PHE M 49 -55.80 -2.14 37.45
C PHE M 49 -55.16 -1.73 38.76
N ASN M 50 -54.54 -2.69 39.43
CA ASN M 50 -53.92 -2.40 40.72
C ASN M 50 -52.79 -1.37 40.59
N ARG M 51 -52.06 -1.44 39.47
CA ARG M 51 -50.98 -0.51 39.15
C ARG M 51 -50.89 -0.35 37.65
N VAL M 52 -50.60 0.90 37.24
CA VAL M 52 -50.45 1.34 35.88
C VAL M 52 -49.20 2.21 35.87
N PHE M 53 -48.19 1.76 35.10
CA PHE M 53 -46.93 2.45 34.97
C PHE M 53 -47.03 3.22 33.67
N ILE M 54 -47.12 4.54 33.81
CA ILE M 54 -47.31 5.39 32.64
C ILE M 54 -46.04 6.09 32.20
N TYR M 56 -43.70 8.73 30.49
CA TYR M 56 -43.88 10.17 30.41
C TYR M 56 -44.13 10.74 29.03
N ARG M 57 -43.55 10.10 27.99
CA ARG M 57 -43.69 10.55 26.62
C ARG M 57 -45.13 10.63 26.09
N TYR M 58 -46.03 9.85 26.68
CA TYR M 58 -47.41 9.82 26.23
C TYR M 58 -48.39 10.55 27.17
N ILE M 59 -47.85 11.22 28.20
CA ILE M 59 -48.73 11.96 29.11
C ILE M 59 -48.94 13.37 28.55
N VAL M 60 -50.21 13.72 28.33
CA VAL M 60 -50.56 15.05 27.81
C VAL M 60 -50.75 16.03 29.01
N HIS M 61 -51.52 15.63 30.00
CA HIS M 61 -51.68 16.45 31.20
C HIS M 61 -52.16 15.59 32.36
N ILE M 62 -51.95 16.10 33.58
CA ILE M 62 -52.38 15.42 34.81
C ILE M 62 -53.27 16.43 35.53
N ASP M 63 -54.47 16.00 35.91
CA ASP M 63 -55.41 16.92 36.56
C ASP M 63 -55.86 16.50 37.94
N SER M 64 -56.08 17.49 38.80
CA SER M 64 -56.62 17.24 40.12
C SER M 64 -58.06 16.71 39.92
N THR M 65 -58.54 15.91 40.85
CA THR M 65 -59.89 15.37 40.72
C THR M 65 -60.72 15.85 41.90
N GLU M 66 -60.10 16.30 42.99
CA GLU M 66 -60.92 16.71 44.11
C GLU M 66 -61.34 18.17 44.02
N ARG M 67 -62.54 18.47 44.48
CA ARG M 67 -62.98 19.85 44.53
C ARG M 67 -62.37 20.48 45.83
N ARG M 68 -62.09 21.78 45.85
CA ARG M 68 -61.60 22.41 47.07
C ARG M 68 -62.78 22.44 48.08
N ILE M 69 -62.43 22.47 49.36
CA ILE M 69 -63.37 22.48 50.48
C ILE M 69 -64.28 23.69 50.47
N ASP M 70 -65.52 23.49 50.88
CA ASP M 70 -66.52 24.57 50.96
C ASP M 70 -66.19 25.35 52.27
N ARG M 72 -67.45 27.98 53.75
CA ARG M 72 -68.61 28.33 54.62
C ARG M 72 -69.01 27.11 55.46
N GLU M 73 -69.05 25.92 54.88
CA GLU M 73 -69.42 24.75 55.66
C GLU M 73 -68.30 24.46 56.70
N PHE M 74 -67.05 24.61 56.26
CA PHE M 74 -65.96 24.44 57.20
C PHE M 74 -66.22 25.42 58.38
N ALA M 75 -66.59 26.66 58.07
CA ALA M 75 -66.82 27.65 59.13
C ALA M 75 -67.96 27.23 60.09
N LYS M 76 -69.02 26.69 59.51
CA LYS M 76 -70.15 26.24 60.29
C LYS M 76 -69.73 25.13 61.25
N GLN M 77 -68.95 24.17 60.74
CA GLN M 77 -68.50 23.08 61.60
C GLN M 77 -67.45 23.53 62.61
N ALA M 78 -66.65 24.51 62.24
CA ALA M 78 -65.65 25.04 63.19
C ALA M 78 -66.35 25.77 64.33
N GLU M 79 -67.47 26.41 64.01
CA GLU M 79 -68.27 27.17 64.99
C GLU M 79 -68.76 26.30 66.14
N LYS M 80 -69.19 25.08 65.81
CA LYS M 80 -69.67 24.10 66.80
C LYS M 80 -68.53 23.69 67.74
N ILE M 81 -67.30 23.67 67.21
CA ILE M 81 -66.13 23.25 67.96
C ILE M 81 -65.51 24.41 68.77
N PHE M 82 -65.49 25.61 68.17
CA PHE M 82 -64.95 26.82 68.83
C PHE M 82 -66.07 27.84 68.84
N PRO M 83 -67.05 27.64 69.71
CA PRO M 83 -68.20 28.56 69.81
C PRO M 83 -67.80 30.02 69.97
N GLY M 84 -68.25 30.89 69.07
CA GLY M 84 -67.94 32.30 69.19
C GLY M 84 -66.55 32.76 68.77
N VAL M 86 -65.17 31.77 65.72
CA VAL M 86 -65.05 31.68 64.25
C VAL M 86 -65.58 32.85 63.38
N LYS M 87 -64.78 33.26 62.41
CA LYS M 87 -65.20 34.32 61.50
C LYS M 87 -64.94 33.98 60.00
N TYR M 88 -65.99 33.95 59.19
CA TYR M 88 -65.80 33.70 57.80
C TYR M 88 -65.58 35.04 57.13
N ILE M 89 -64.55 35.14 56.31
CA ILE M 89 -64.24 36.36 55.60
C ILE M 89 -64.47 36.12 54.10
N GLU M 90 -65.55 36.69 53.58
CA GLU M 90 -65.94 36.56 52.17
C GLU M 90 -64.90 37.15 51.19
N GLU M 91 -64.26 38.24 51.60
CA GLU M 91 -63.27 38.94 50.80
C GLU M 91 -62.19 37.99 50.23
N THR M 92 -61.82 36.96 50.98
CA THR M 92 -60.83 36.03 50.43
C THR M 92 -61.28 34.59 50.58
N ASN M 93 -62.50 34.38 51.06
CA ASN M 93 -62.97 33.00 51.23
C ASN M 93 -62.12 32.24 52.27
N VAL M 94 -61.75 32.96 53.33
CA VAL M 94 -60.91 32.44 54.41
C VAL M 94 -61.69 32.36 55.75
N VAL M 95 -61.32 31.43 56.62
CA VAL M 95 -61.98 31.34 57.92
C VAL M 95 -60.93 31.62 59.02
N LEU M 96 -61.25 32.54 59.93
CA LEU M 96 -60.34 32.85 61.07
C LEU M 96 -60.88 32.21 62.35
N ILE M 97 -60.00 31.59 63.14
CA ILE M 97 -60.47 30.97 64.38
C ILE M 97 -59.65 31.62 65.49
N GLY M 98 -60.33 32.35 66.37
CA GLY M 98 -59.61 33.04 67.43
C GLY M 98 -58.67 34.07 66.83
N ASP M 99 -57.61 34.43 67.54
CA ASP M 99 -56.71 35.43 67.00
C ASP M 99 -55.45 34.90 66.34
N LYS M 100 -55.23 33.59 66.44
CA LYS M 100 -54.02 32.95 65.91
C LYS M 100 -54.16 31.88 64.84
N VAL M 101 -55.36 31.60 64.35
CA VAL M 101 -55.47 30.50 63.37
C VAL M 101 -56.22 31.01 62.15
N ARG M 102 -55.73 30.66 60.98
CA ARG M 102 -56.32 31.12 59.74
C ARG M 102 -56.38 29.90 58.83
N VAL M 103 -57.54 29.66 58.21
CA VAL M 103 -57.74 28.54 57.30
C VAL M 103 -58.18 28.99 55.90
N SER M 104 -57.43 28.59 54.88
CA SER M 104 -57.83 28.92 53.49
C SER M 104 -58.18 27.61 52.85
N GLU M 105 -58.58 27.65 51.59
CA GLU M 105 -58.98 26.40 50.96
C GLU M 105 -57.78 25.51 50.73
N ILE M 106 -56.59 26.00 51.09
CA ILE M 106 -55.34 25.28 50.91
C ILE M 106 -54.66 24.78 52.19
N GLY M 107 -55.24 25.14 53.35
CA GLY M 107 -54.67 24.66 54.59
C GLY M 107 -54.85 25.57 55.77
N VAL M 108 -54.30 25.09 56.91
CA VAL M 108 -54.34 25.79 58.19
C VAL M 108 -53.06 26.52 58.55
N GLU M 109 -53.15 27.80 58.90
CA GLU M 109 -51.99 28.54 59.35
C GLU M 109 -52.16 28.68 60.87
N GLY M 110 -51.07 28.56 61.62
CA GLY M 110 -51.15 28.72 63.06
C GLY M 110 -50.55 27.56 63.79
N VAL M 111 -50.34 27.75 65.08
CA VAL M 111 -49.74 26.71 65.91
C VAL M 111 -50.50 26.59 67.24
N GLY M 112 -50.44 25.42 67.88
CA GLY M 112 -51.14 25.31 69.14
C GLY M 112 -52.31 24.34 69.05
N PRO M 113 -53.05 24.15 70.14
CA PRO M 113 -54.17 23.22 70.12
C PRO M 113 -55.37 23.62 69.23
N VAL M 114 -55.59 24.92 69.02
CA VAL M 114 -56.71 25.30 68.16
C VAL M 114 -56.32 24.93 66.73
N ALA M 115 -55.09 25.29 66.33
CA ALA M 115 -54.58 24.98 65.01
C ALA M 115 -54.62 23.46 64.76
N GLU M 116 -54.16 22.67 65.72
CA GLU M 116 -54.19 21.22 65.56
C GLU M 116 -55.64 20.75 65.36
N ARG M 117 -56.55 21.22 66.20
CA ARG M 117 -57.96 20.82 66.07
C ARG M 117 -58.51 21.24 64.69
N ALA M 118 -58.16 22.44 64.22
CA ALA M 118 -58.60 22.93 62.90
C ALA M 118 -58.10 22.02 61.76
N LYS M 119 -56.82 21.61 61.84
CA LYS M 119 -56.27 20.70 60.84
C LYS M 119 -57.08 19.39 60.75
N ARG M 120 -57.45 18.88 61.92
CA ARG M 120 -58.23 17.68 62.04
C ARG M 120 -59.60 17.87 61.35
N LEU M 121 -60.19 19.06 61.52
CA LEU M 121 -61.51 19.35 60.90
C LEU M 121 -61.32 19.38 59.39
N PHE M 122 -60.27 20.07 58.97
CA PHE M 122 -59.93 20.20 57.57
C PHE M 122 -59.80 18.82 56.97
N GLU M 123 -59.01 17.97 57.64
CA GLU M 123 -58.82 16.65 57.11
C GLU M 123 -60.10 15.87 56.98
N GLU M 124 -61.03 16.08 57.93
CA GLU M 124 -62.32 15.38 57.89
C GLU M 124 -63.04 15.80 56.62
N PHE M 125 -62.86 17.04 56.17
CA PHE M 125 -63.51 17.45 54.92
C PHE M 125 -62.86 16.76 53.73
N LEU M 126 -61.58 16.51 53.82
CA LEU M 126 -60.96 15.87 52.68
C LEU M 126 -61.26 14.38 52.59
N LYS M 127 -61.50 13.71 53.71
CA LYS M 127 -61.79 12.28 53.68
C LYS M 127 -63.16 12.00 53.05
N ARG M 128 -64.06 12.97 53.13
CA ARG M 128 -65.40 12.80 52.57
C ARG M 128 -65.29 12.69 51.02
N PHE N 1 -39.53 3.67 36.36
CA PHE N 1 -39.96 2.57 37.24
C PHE N 1 -39.37 1.19 36.86
N VAL N 2 -38.14 1.24 36.41
CA VAL N 2 -37.36 0.07 36.09
C VAL N 2 -37.24 -0.88 37.30
N ALA N 3 -37.01 -0.33 38.48
CA ALA N 3 -36.89 -1.21 39.65
C ALA N 3 -38.22 -1.92 39.92
N GLU N 4 -39.30 -1.16 39.90
CA GLU N 4 -40.62 -1.73 40.15
C GLU N 4 -40.99 -2.86 39.16
N LEU N 5 -40.73 -2.67 37.87
CA LEU N 5 -41.03 -3.68 36.86
C LEU N 5 -40.12 -4.87 37.03
N ASN N 6 -38.86 -4.61 37.32
CA ASN N 6 -37.92 -5.70 37.53
C ASN N 6 -38.45 -6.61 38.68
N ASN N 7 -39.26 -6.05 39.60
CA ASN N 7 -39.82 -6.84 40.69
C ASN N 7 -40.99 -7.69 40.19
N LEU N 8 -41.40 -7.52 38.93
CA LEU N 8 -42.50 -8.33 38.40
C LEU N 8 -42.01 -9.41 37.42
N LEU N 9 -40.70 -9.71 37.40
CA LEU N 9 -40.25 -10.75 36.48
C LEU N 9 -41.02 -12.04 36.71
N GLY N 10 -41.49 -12.64 35.63
CA GLY N 10 -42.22 -13.87 35.77
C GLY N 10 -43.71 -13.67 35.97
N ARG N 11 -44.16 -12.44 36.24
CA ARG N 11 -45.58 -12.16 36.46
C ARG N 11 -46.25 -11.71 35.17
N GLU N 12 -47.56 -11.85 35.09
CA GLU N 12 -48.25 -11.49 33.86
C GLU N 12 -48.49 -10.00 33.82
N VAL N 13 -48.13 -9.34 32.72
CA VAL N 13 -48.38 -7.90 32.59
C VAL N 13 -49.00 -7.57 31.25
N GLN N 14 -49.62 -6.40 31.14
CA GLN N 14 -50.23 -5.93 29.89
C GLN N 14 -49.46 -4.69 29.44
N VAL N 15 -49.11 -4.63 28.15
CA VAL N 15 -48.36 -3.49 27.63
C VAL N 15 -49.13 -2.86 26.49
N VAL N 16 -49.56 -1.62 26.66
CA VAL N 16 -50.32 -0.89 25.65
C VAL N 16 -49.38 -0.07 24.76
N LEU N 17 -49.45 -0.28 23.44
CA LEU N 17 -48.57 0.39 22.49
C LEU N 17 -49.29 1.51 21.76
N SER N 18 -48.52 2.51 21.33
CA SER N 18 -49.09 3.67 20.66
C SER N 18 -49.69 3.36 19.30
N ASN N 19 -49.50 2.15 18.80
CA ASN N 19 -50.12 1.85 17.52
C ASN N 19 -51.47 1.17 17.74
N GLY N 20 -51.98 1.15 18.98
CA GLY N 20 -53.25 0.49 19.24
C GLY N 20 -53.17 -0.96 19.72
N GLU N 21 -52.02 -1.62 19.59
CA GLU N 21 -51.95 -3.00 20.05
C GLU N 21 -51.75 -3.10 21.56
N VAL N 22 -52.24 -4.21 22.11
CA VAL N 22 -52.08 -4.48 23.52
C VAL N 22 -51.58 -5.91 23.62
N TYR N 23 -50.45 -6.10 24.30
CA TYR N 23 -49.84 -7.41 24.48
C TYR N 23 -49.84 -7.73 25.94
N LYS N 24 -50.26 -8.95 26.25
CA LYS N 24 -50.28 -9.42 27.60
C LYS N 24 -49.47 -10.69 27.58
N GLY N 25 -48.55 -10.80 28.53
CA GLY N 25 -47.72 -12.00 28.61
C GLY N 25 -46.92 -11.92 29.89
N VAL N 26 -45.93 -12.78 30.01
CA VAL N 26 -45.08 -12.83 31.17
C VAL N 26 -43.94 -11.81 31.01
N LEU N 27 -43.69 -11.01 32.02
CA LEU N 27 -42.57 -10.05 31.92
C LEU N 27 -41.29 -10.88 31.99
N HIS N 28 -40.54 -10.84 30.91
CA HIS N 28 -39.30 -11.58 30.77
C HIS N 28 -38.05 -10.75 31.04
N ALA N 29 -38.07 -9.48 30.68
CA ALA N 29 -36.92 -8.60 30.89
C ALA N 29 -37.28 -7.12 30.73
N VAL N 30 -36.58 -6.26 31.49
CA VAL N 30 -36.79 -4.81 31.45
C VAL N 30 -35.39 -4.24 31.49
N ASP N 31 -35.07 -3.26 30.68
CA ASP N 31 -33.75 -2.64 30.82
C ASP N 31 -33.90 -1.16 31.31
N ASN N 32 -32.80 -0.43 31.53
CA ASN N 32 -32.96 0.93 32.06
C ASN N 32 -33.71 1.86 31.15
N GLN N 33 -33.74 1.56 29.85
CA GLN N 33 -34.44 2.43 28.93
C GLN N 33 -35.91 2.04 28.80
N LEU N 34 -36.30 1.05 29.58
CA LEU N 34 -37.66 0.53 29.60
C LEU N 34 -38.14 -0.14 28.28
N ASN N 35 -37.18 -0.76 27.58
CA ASN N 35 -37.50 -1.63 26.49
C ASN N 35 -38.00 -2.82 27.31
N ILE N 36 -38.96 -3.55 26.80
CA ILE N 36 -39.50 -4.69 27.54
C ILE N 36 -39.59 -5.96 26.69
N VAL N 37 -39.23 -7.10 27.29
CA VAL N 37 -39.39 -8.36 26.58
C VAL N 37 -40.52 -9.15 27.31
N LEU N 38 -41.54 -9.60 26.57
CA LEU N 38 -42.58 -10.45 27.16
C LEU N 38 -42.35 -11.83 26.58
N ALA N 39 -42.68 -12.87 27.36
CA ALA N 39 -42.58 -14.25 26.91
C ALA N 39 -44.04 -14.75 26.80
N ASN N 40 -44.29 -15.67 25.83
CA ASN N 40 -45.60 -16.26 25.64
C ASN N 40 -46.69 -15.22 25.74
N ALA N 41 -46.58 -14.22 24.86
CA ALA N 41 -47.48 -13.08 24.86
C ALA N 41 -48.52 -13.13 23.74
N SER N 42 -49.66 -12.51 23.96
CA SER N 42 -50.66 -12.48 22.95
C SER N 42 -51.24 -11.07 22.83
N ASN N 43 -51.71 -10.77 21.61
CA ASN N 43 -52.29 -9.49 21.35
C ASN N 43 -53.79 -9.71 21.34
N LYS N 44 -54.55 -8.64 21.12
CA LYS N 44 -56.01 -8.71 21.15
C LYS N 44 -56.56 -9.57 20.02
N ALA N 45 -55.83 -9.67 18.92
CA ALA N 45 -56.33 -10.47 17.81
C ALA N 45 -56.09 -11.93 18.12
N GLY N 46 -55.66 -12.23 19.35
CA GLY N 46 -55.39 -13.60 19.69
C GLY N 46 -54.06 -14.18 19.18
N GLU N 47 -53.22 -13.41 18.50
CA GLU N 47 -51.96 -14.00 18.09
C GLU N 47 -51.07 -14.21 19.33
N LYS N 48 -50.23 -15.24 19.30
CA LYS N 48 -49.34 -15.60 20.43
C LYS N 48 -47.93 -15.79 19.90
N PHE N 49 -46.97 -15.22 20.60
CA PHE N 49 -45.57 -15.33 20.20
C PHE N 49 -44.78 -15.75 21.42
N ASN N 50 -43.75 -16.59 21.24
CA ASN N 50 -42.94 -17.04 22.38
C ASN N 50 -42.17 -15.82 22.99
N ARG N 51 -41.72 -14.88 22.18
CA ARG N 51 -41.09 -13.67 22.71
C ARG N 51 -41.48 -12.47 21.87
N VAL N 52 -41.73 -11.37 22.56
CA VAL N 52 -42.08 -10.13 21.93
C VAL N 52 -41.10 -9.11 22.54
N PHE N 53 -40.31 -8.48 21.69
CA PHE N 53 -39.35 -7.46 22.08
C PHE N 53 -39.99 -6.09 21.72
N ILE N 54 -40.47 -5.39 22.74
CA ILE N 54 -41.14 -4.10 22.60
C ILE N 54 -40.19 -2.90 22.76
N TYR N 56 -39.06 0.71 23.63
CA TYR N 56 -39.59 1.66 24.57
C TYR N 56 -40.34 2.88 24.04
N ARG N 57 -39.91 3.43 22.91
CA ARG N 57 -40.53 4.62 22.33
C ARG N 57 -42.02 4.47 22.05
N TYR N 58 -42.50 3.25 21.85
CA TYR N 58 -43.92 3.02 21.52
C TYR N 58 -44.71 2.49 22.69
N ILE N 59 -44.08 2.40 23.87
CA ILE N 59 -44.84 1.95 24.99
C ILE N 59 -45.64 3.12 25.64
N VAL N 60 -46.95 2.96 25.80
CA VAL N 60 -47.77 4.02 26.41
C VAL N 60 -47.80 3.80 27.93
N HIS N 61 -48.17 2.60 28.31
CA HIS N 61 -48.17 2.22 29.72
C HIS N 61 -48.12 0.70 29.87
N ILE N 62 -47.75 0.22 31.07
CA ILE N 62 -47.64 -1.20 31.40
C ILE N 62 -48.56 -1.35 32.60
N ASP N 63 -49.44 -2.35 32.56
CA ASP N 63 -50.43 -2.55 33.62
C ASP N 63 -50.30 -3.88 34.34
N SER N 64 -50.64 -3.91 35.63
CA SER N 64 -50.65 -5.16 36.40
C SER N 64 -51.93 -5.87 35.92
N THR N 65 -51.93 -7.18 35.95
CA THR N 65 -53.09 -7.93 35.42
C THR N 65 -53.78 -8.75 36.50
N GLU N 66 -53.13 -8.88 37.63
CA GLU N 66 -53.69 -9.68 38.72
C GLU N 66 -54.38 -8.80 39.75
N ARG N 67 -55.41 -9.34 40.40
CA ARG N 67 -56.07 -8.61 41.46
C ARG N 67 -55.30 -8.95 42.73
N ARG N 68 -55.26 -8.04 43.69
CA ARG N 68 -54.58 -8.34 44.96
C ARG N 68 -55.42 -9.44 45.63
N ILE N 69 -54.83 -10.12 46.59
CA ILE N 69 -55.50 -11.21 47.31
C ILE N 69 -56.71 -10.79 48.17
N ASP N 70 -57.73 -11.64 48.21
CA ASP N 70 -58.91 -11.34 49.04
C ASP N 70 -58.52 -11.62 50.52
N ARG N 72 -60.00 -11.19 53.42
CA ARG N 72 -61.00 -11.83 54.28
C ARG N 72 -60.96 -13.33 53.98
N GLU N 73 -60.76 -13.68 52.71
CA GLU N 73 -60.69 -15.10 52.37
C GLU N 73 -59.36 -15.67 52.92
N PHE N 74 -58.29 -14.88 52.85
CA PHE N 74 -57.00 -15.34 53.38
C PHE N 74 -57.15 -15.61 54.89
N ALA N 75 -57.78 -14.68 55.60
CA ALA N 75 -57.95 -14.85 57.05
C ALA N 75 -58.78 -16.14 57.37
N LYS N 76 -59.83 -16.38 56.59
CA LYS N 76 -60.66 -17.57 56.76
C LYS N 76 -59.76 -18.81 56.64
N GLN N 77 -58.94 -18.87 55.62
CA GLN N 77 -58.07 -20.02 55.47
C GLN N 77 -56.90 -20.06 56.47
N ALA N 78 -56.33 -18.92 56.88
CA ALA N 78 -55.26 -18.97 57.89
C ALA N 78 -55.84 -19.49 59.21
N GLU N 79 -57.09 -19.15 59.47
CA GLU N 79 -57.82 -19.59 60.67
C GLU N 79 -57.85 -21.14 60.77
N LYS N 80 -58.05 -21.85 59.65
CA LYS N 80 -58.06 -23.32 59.68
C LYS N 80 -56.67 -23.78 60.11
N ILE N 81 -55.64 -23.13 59.59
CA ILE N 81 -54.26 -23.45 59.93
C ILE N 81 -53.82 -23.01 61.33
N PHE N 82 -54.31 -21.88 61.82
CA PHE N 82 -53.91 -21.43 63.17
C PHE N 82 -55.17 -21.11 63.98
N PRO N 83 -55.77 -22.14 64.60
CA PRO N 83 -56.99 -21.99 65.40
C PRO N 83 -56.92 -20.89 66.45
N GLY N 84 -57.88 -19.96 66.40
CA GLY N 84 -57.95 -18.89 67.37
C GLY N 84 -56.82 -17.88 67.42
N VAL N 86 -56.00 -15.99 64.42
CA VAL N 86 -56.13 -15.12 63.28
C VAL N 86 -57.17 -14.04 63.45
N LYS N 87 -56.87 -12.81 63.03
CA LYS N 87 -57.83 -11.71 63.12
C LYS N 87 -57.74 -10.80 61.87
N TYR N 88 -58.85 -10.61 61.19
CA TYR N 88 -58.94 -9.72 60.04
C TYR N 88 -59.20 -8.33 60.63
N ILE N 89 -58.50 -7.32 60.14
CA ILE N 89 -58.65 -5.96 60.62
C ILE N 89 -59.10 -5.13 59.45
N GLU N 90 -60.39 -4.81 59.46
CA GLU N 90 -60.96 -4.06 58.39
C GLU N 90 -60.45 -2.62 58.22
N GLU N 91 -59.98 -2.02 59.31
CA GLU N 91 -59.53 -0.65 59.24
C GLU N 91 -58.45 -0.52 58.17
N THR N 92 -57.60 -1.54 58.04
CA THR N 92 -56.55 -1.50 57.04
C THR N 92 -56.45 -2.69 56.12
N ASN N 93 -57.41 -3.59 56.22
CA ASN N 93 -57.47 -4.77 55.33
C ASN N 93 -56.23 -5.65 55.52
N VAL N 94 -55.86 -5.86 56.77
CA VAL N 94 -54.69 -6.61 57.16
C VAL N 94 -55.10 -7.80 58.03
N VAL N 95 -54.31 -8.84 58.01
CA VAL N 95 -54.61 -10.01 58.81
C VAL N 95 -53.50 -10.20 59.82
N LEU N 96 -53.87 -10.25 61.10
CA LEU N 96 -52.86 -10.51 62.13
C LEU N 96 -52.91 -12.00 62.48
N ILE N 97 -51.74 -12.59 62.69
CA ILE N 97 -51.68 -14.01 63.13
C ILE N 97 -50.81 -14.06 64.39
N GLY N 98 -51.42 -14.44 65.53
CA GLY N 98 -50.64 -14.49 66.76
C GLY N 98 -50.16 -13.09 67.07
N ASP N 99 -49.03 -12.94 67.75
CA ASP N 99 -48.57 -11.59 68.06
C ASP N 99 -47.35 -11.14 67.27
N LYS N 100 -46.77 -12.02 66.47
CA LYS N 100 -45.60 -11.60 65.74
C LYS N 100 -45.74 -11.68 64.21
N VAL N 101 -46.94 -11.99 63.70
CA VAL N 101 -47.08 -12.08 62.24
C VAL N 101 -48.21 -11.21 61.76
N ARG N 102 -47.94 -10.51 60.66
CA ARG N 102 -48.87 -9.57 60.09
C ARG N 102 -48.87 -9.67 58.59
N VAL N 103 -50.05 -9.78 58.00
CA VAL N 103 -50.13 -9.91 56.55
C VAL N 103 -50.98 -8.81 55.89
N SER N 104 -50.37 -8.11 54.91
CA SER N 104 -51.08 -7.09 54.13
C SER N 104 -51.25 -7.66 52.72
N GLU N 105 -51.99 -6.97 51.85
CA GLU N 105 -52.17 -7.49 50.51
C GLU N 105 -50.85 -7.48 49.74
N ILE N 106 -49.79 -7.01 50.38
CA ILE N 106 -48.49 -6.92 49.70
C ILE N 106 -47.41 -7.83 50.26
N GLY N 107 -47.73 -8.55 51.33
CA GLY N 107 -46.75 -9.48 51.87
C GLY N 107 -46.89 -9.79 53.34
N VAL N 108 -45.97 -10.58 53.85
CA VAL N 108 -45.99 -11.01 55.24
C VAL N 108 -44.86 -10.41 56.07
N GLU N 109 -45.18 -9.88 57.23
CA GLU N 109 -44.15 -9.36 58.13
C GLU N 109 -44.06 -10.41 59.22
N GLY N 110 -42.83 -10.64 59.71
CA GLY N 110 -42.62 -11.61 60.76
C GLY N 110 -41.55 -12.60 60.34
N VAL N 111 -41.04 -13.36 61.30
CA VAL N 111 -40.02 -14.38 61.06
C VAL N 111 -40.46 -15.64 61.79
N GLY N 112 -39.86 -16.77 61.42
CA GLY N 112 -40.24 -18.02 62.06
C GLY N 112 -41.31 -18.85 61.40
N PRO N 113 -41.60 -20.01 61.98
CA PRO N 113 -42.59 -20.97 61.49
C PRO N 113 -43.93 -20.43 61.05
N VAL N 114 -44.56 -19.61 61.90
CA VAL N 114 -45.87 -19.10 61.56
C VAL N 114 -45.71 -18.23 60.31
N ALA N 115 -44.75 -17.30 60.36
CA ALA N 115 -44.51 -16.42 59.23
C ALA N 115 -44.22 -17.24 57.95
N GLU N 116 -43.39 -18.27 58.07
CA GLU N 116 -43.09 -19.06 56.88
C GLU N 116 -44.33 -19.79 56.35
N ARG N 117 -45.16 -20.27 57.25
CA ARG N 117 -46.36 -20.95 56.82
C ARG N 117 -47.29 -19.91 56.19
N ALA N 118 -47.28 -18.70 56.77
CA ALA N 118 -48.13 -17.63 56.22
C ALA N 118 -47.70 -17.26 54.80
N LYS N 119 -46.39 -17.22 54.56
CA LYS N 119 -45.90 -16.93 53.24
C LYS N 119 -46.32 -18.02 52.25
N ARG N 120 -46.32 -19.29 52.66
CA ARG N 120 -46.75 -20.30 51.71
C ARG N 120 -48.27 -20.24 51.39
N LEU N 121 -49.10 -19.84 52.36
CA LEU N 121 -50.55 -19.72 52.10
C LEU N 121 -50.71 -18.53 51.14
N PHE N 122 -49.97 -17.46 51.39
CA PHE N 122 -50.03 -16.27 50.54
C PHE N 122 -49.71 -16.69 49.11
N GLU N 123 -48.59 -17.40 48.94
CA GLU N 123 -48.20 -17.86 47.61
C GLU N 123 -49.30 -18.75 47.00
N GLU N 124 -49.90 -19.65 47.79
CA GLU N 124 -50.95 -20.51 47.23
C GLU N 124 -52.01 -19.62 46.66
N PHE N 125 -52.33 -18.53 47.36
CA PHE N 125 -53.31 -17.58 46.84
C PHE N 125 -52.77 -16.92 45.56
N LEU N 126 -51.49 -16.67 45.44
CA LEU N 126 -51.01 -16.04 44.20
C LEU N 126 -51.02 -17.00 43.03
N LYS N 127 -50.84 -18.28 43.29
CA LYS N 127 -50.83 -19.27 42.22
C LYS N 127 -52.20 -19.53 41.65
N ARG N 128 -53.24 -19.15 42.38
CA ARG N 128 -54.60 -19.37 41.87
C ARG N 128 -54.87 -18.37 40.73
N PHE O 1 25.79 1.18 -33.04
CA PHE O 1 25.47 2.53 -33.57
C PHE O 1 25.15 3.50 -32.44
N VAL O 2 25.79 3.27 -31.30
CA VAL O 2 25.63 4.16 -30.13
C VAL O 2 25.85 5.62 -30.56
N ALA O 3 26.89 5.88 -31.36
CA ALA O 3 27.18 7.27 -31.76
C ALA O 3 26.03 7.87 -32.56
N GLU O 4 25.57 7.16 -33.58
CA GLU O 4 24.46 7.64 -34.38
C GLU O 4 23.20 7.87 -33.53
N LEU O 5 22.86 6.95 -32.60
CA LEU O 5 21.65 7.19 -31.82
C LEU O 5 21.82 8.37 -30.90
N ASN O 6 23.06 8.64 -30.47
CA ASN O 6 23.27 9.79 -29.61
C ASN O 6 22.90 11.03 -30.32
N ASN O 7 23.12 11.05 -31.62
CA ASN O 7 22.79 12.24 -32.39
C ASN O 7 21.25 12.44 -32.49
N LEU O 8 20.47 11.41 -32.18
CA LEU O 8 19.01 11.47 -32.22
C LEU O 8 18.39 11.71 -30.83
N LEU O 9 19.24 11.88 -29.82
CA LEU O 9 18.74 12.17 -28.47
C LEU O 9 17.80 13.40 -28.53
N GLY O 10 16.64 13.30 -27.92
CA GLY O 10 15.74 14.42 -27.96
C GLY O 10 14.88 14.38 -29.21
N ARG O 11 15.10 13.43 -30.13
CA ARG O 11 14.26 13.33 -31.32
C ARG O 11 13.30 12.17 -31.17
N GLU O 12 12.25 12.19 -31.98
CA GLU O 12 11.30 11.08 -31.95
C GLU O 12 11.86 9.91 -32.75
N VAL O 13 11.67 8.70 -32.23
CA VAL O 13 12.11 7.49 -32.89
C VAL O 13 11.07 6.42 -32.58
N GLN O 14 11.17 5.32 -33.28
CA GLN O 14 10.30 4.20 -33.02
C GLN O 14 11.21 2.98 -32.68
N VAL O 15 10.85 2.25 -31.63
CA VAL O 15 11.60 1.06 -31.23
C VAL O 15 10.68 -0.18 -31.28
N VAL O 16 11.08 -1.15 -32.10
CA VAL O 16 10.37 -2.38 -32.34
C VAL O 16 10.99 -3.45 -31.45
N LEU O 17 10.14 -4.10 -30.62
CA LEU O 17 10.59 -5.16 -29.72
C LEU O 17 10.27 -6.56 -30.22
N SER O 18 11.05 -7.55 -29.80
CA SER O 18 10.82 -8.89 -30.30
C SER O 18 9.52 -9.54 -29.79
N ASN O 19 8.78 -8.86 -28.90
CA ASN O 19 7.48 -9.36 -28.42
C ASN O 19 6.34 -8.75 -29.28
N GLY O 20 6.67 -8.13 -30.42
CA GLY O 20 5.65 -7.56 -31.26
C GLY O 20 5.32 -6.13 -30.95
N GLU O 21 5.61 -5.64 -29.75
CA GLU O 21 5.26 -4.27 -29.45
C GLU O 21 6.16 -3.33 -30.18
N VAL O 22 5.65 -2.11 -30.38
CA VAL O 22 6.35 -1.04 -31.03
C VAL O 22 6.10 0.22 -30.21
N TYR O 23 7.16 0.89 -29.80
CA TYR O 23 6.98 2.11 -29.02
C TYR O 23 7.51 3.32 -29.74
N LYS O 24 6.74 4.41 -29.74
CA LYS O 24 7.21 5.62 -30.34
C LYS O 24 7.33 6.71 -29.25
N GLY O 25 8.43 7.44 -29.23
CA GLY O 25 8.59 8.47 -28.23
C GLY O 25 9.86 9.25 -28.44
N VAL O 26 10.19 10.12 -27.49
CA VAL O 26 11.40 10.87 -27.63
C VAL O 26 12.56 10.03 -27.09
N LEU O 27 13.63 9.91 -27.87
CA LEU O 27 14.84 9.17 -27.46
C LEU O 27 15.41 9.97 -26.29
N HIS O 28 15.26 9.42 -25.10
CA HIS O 28 15.70 10.08 -23.91
C HIS O 28 17.13 9.75 -23.44
N ALA O 29 17.55 8.50 -23.63
CA ALA O 29 18.87 8.01 -23.24
C ALA O 29 19.22 6.71 -23.97
N VAL O 30 20.52 6.56 -24.25
CA VAL O 30 21.07 5.38 -24.90
C VAL O 30 22.42 5.12 -24.22
N ASP O 31 22.74 3.88 -23.89
CA ASP O 31 24.04 3.58 -23.25
C ASP O 31 24.85 2.69 -24.19
N ASN O 32 26.07 2.30 -23.82
CA ASN O 32 26.90 1.54 -24.74
C ASN O 32 26.37 0.19 -25.09
N GLN O 33 25.55 -0.39 -24.22
CA GLN O 33 24.99 -1.69 -24.51
C GLN O 33 23.69 -1.57 -25.30
N LEU O 34 23.34 -0.33 -25.58
CA LEU O 34 22.14 -0.05 -26.37
C LEU O 34 20.80 -0.29 -25.64
N ASN O 35 20.81 -0.11 -24.31
CA ASN O 35 19.56 -0.14 -23.59
C ASN O 35 19.04 1.22 -24.04
N ILE O 36 17.72 1.36 -24.07
CA ILE O 36 17.15 2.60 -24.53
C ILE O 36 16.06 3.03 -23.61
N VAL O 37 15.97 4.34 -23.41
CA VAL O 37 14.96 4.93 -22.57
C VAL O 37 14.20 5.89 -23.45
N LEU O 38 12.87 5.76 -23.48
CA LEU O 38 12.04 6.68 -24.24
C LEU O 38 11.24 7.53 -23.31
N ALA O 39 11.04 8.80 -23.69
CA ALA O 39 10.25 9.76 -22.94
C ALA O 39 8.92 10.03 -23.69
N ASN O 40 7.82 10.14 -22.95
CA ASN O 40 6.48 10.40 -23.53
C ASN O 40 6.26 9.43 -24.67
N ALA O 41 6.27 8.14 -24.39
CA ALA O 41 6.13 7.17 -25.46
C ALA O 41 4.78 6.47 -25.45
N SER O 42 4.46 5.84 -26.56
CA SER O 42 3.21 5.10 -26.67
C SER O 42 3.34 3.88 -27.60
N ASN O 43 2.51 2.86 -27.36
CA ASN O 43 2.52 1.66 -28.19
C ASN O 43 1.38 1.74 -29.23
N LYS O 44 1.25 0.72 -30.07
CA LYS O 44 0.20 0.68 -31.10
C LYS O 44 -1.18 0.59 -30.47
N ALA O 45 -1.23 0.26 -29.19
CA ALA O 45 -2.49 0.12 -28.47
C ALA O 45 -2.90 1.43 -27.86
N GLY O 46 -2.14 2.49 -28.11
CA GLY O 46 -2.51 3.78 -27.56
C GLY O 46 -2.16 4.09 -26.12
N GLU O 47 -1.45 3.20 -25.44
CA GLU O 47 -1.08 3.50 -24.06
C GLU O 47 0.10 4.43 -24.05
N LYS O 48 0.05 5.45 -23.19
CA LYS O 48 1.15 6.41 -23.10
C LYS O 48 1.90 6.29 -21.79
N PHE O 49 3.22 6.37 -21.84
CA PHE O 49 4.01 6.33 -20.59
C PHE O 49 5.01 7.47 -20.57
N ASN O 50 5.23 8.02 -19.38
CA ASN O 50 6.18 9.11 -19.20
C ASN O 50 7.63 8.61 -19.49
N ARG O 51 7.91 7.37 -19.09
CA ARG O 51 9.21 6.76 -19.33
C ARG O 51 9.03 5.28 -19.64
N VAL O 52 9.76 4.83 -20.65
CA VAL O 52 9.73 3.43 -21.03
C VAL O 52 11.21 3.01 -21.05
N PHE O 53 11.59 2.12 -20.17
CA PHE O 53 12.97 1.63 -20.09
C PHE O 53 13.02 0.29 -20.84
N ILE O 54 13.68 0.28 -21.97
CA ILE O 54 13.78 -0.89 -22.83
C ILE O 54 15.10 -1.65 -22.76
N TYR O 56 18.03 -3.97 -23.88
CA TYR O 56 18.58 -4.16 -25.20
C TYR O 56 18.36 -5.55 -25.81
N ARG O 57 18.21 -6.59 -25.01
CA ARG O 57 18.03 -7.90 -25.59
C ARG O 57 16.76 -8.10 -26.39
N TYR O 58 15.79 -7.22 -26.20
CA TYR O 58 14.52 -7.36 -26.89
C TYR O 58 14.33 -6.32 -27.96
N ILE O 59 15.36 -5.55 -28.25
CA ILE O 59 15.22 -4.54 -29.28
C ILE O 59 15.65 -5.16 -30.59
N VAL O 60 14.73 -5.16 -31.56
CA VAL O 60 14.96 -5.72 -32.90
C VAL O 60 15.62 -4.62 -33.73
N HIS O 61 14.95 -3.48 -33.80
CA HIS O 61 15.47 -2.31 -34.52
C HIS O 61 14.89 -0.98 -34.03
N ILE O 62 15.55 0.12 -34.39
CA ILE O 62 15.19 1.49 -34.04
C ILE O 62 15.07 2.26 -35.33
N ASP O 63 13.96 2.98 -35.50
CA ASP O 63 13.69 3.70 -36.75
C ASP O 63 13.47 5.16 -36.57
N SER O 64 13.86 5.90 -37.59
CA SER O 64 13.72 7.33 -37.60
C SER O 64 13.30 7.81 -38.98
N THR O 65 12.28 8.67 -39.01
CA THR O 65 11.84 9.24 -40.27
C THR O 65 12.44 10.62 -40.42
N GLU O 66 13.25 11.04 -39.47
CA GLU O 66 13.86 12.36 -39.57
C GLU O 66 15.25 12.36 -40.22
N ARG O 67 15.57 13.43 -40.92
CA ARG O 67 16.89 13.55 -41.53
C ARG O 67 17.56 14.51 -40.57
N ARG O 68 18.58 14.06 -39.87
CA ARG O 68 19.25 14.93 -38.92
C ARG O 68 20.73 15.13 -39.25
N ILE O 69 21.18 16.37 -39.13
CA ILE O 69 22.57 16.65 -39.45
C ILE O 69 23.52 16.23 -38.33
N ASP O 70 24.57 15.50 -38.68
CA ASP O 70 25.52 15.08 -37.69
C ASP O 70 26.89 15.58 -38.16
N ARG O 72 29.65 15.29 -36.78
CA ARG O 72 30.69 14.29 -36.53
C ARG O 72 30.75 13.37 -37.77
N GLU O 73 29.63 13.11 -38.42
CA GLU O 73 29.74 12.30 -39.64
C GLU O 73 30.36 13.13 -40.75
N PHE O 74 30.03 14.41 -40.78
CA PHE O 74 30.64 15.27 -41.78
C PHE O 74 32.14 15.22 -41.60
N ALA O 75 32.61 15.33 -40.34
CA ALA O 75 34.06 15.31 -40.06
C ALA O 75 34.70 14.00 -40.56
N LYS O 76 34.04 12.87 -40.38
CA LYS O 76 34.61 11.62 -40.86
C LYS O 76 34.74 11.63 -42.39
N GLN O 77 33.75 12.16 -43.10
CA GLN O 77 33.86 12.22 -44.55
C GLN O 77 34.92 13.23 -44.96
N ALA O 78 34.99 14.36 -44.27
CA ALA O 78 35.98 15.34 -44.63
C ALA O 78 37.38 14.79 -44.48
N GLU O 79 37.56 13.99 -43.43
CA GLU O 79 38.88 13.38 -43.15
C GLU O 79 39.41 12.58 -44.31
N LYS O 80 38.54 11.95 -45.08
CA LYS O 80 39.02 11.18 -46.21
C LYS O 80 39.41 12.11 -47.37
N ILE O 81 38.93 13.36 -47.37
CA ILE O 81 39.24 14.31 -48.43
C ILE O 81 40.42 15.20 -48.06
N PHE O 82 40.46 15.60 -46.81
CA PHE O 82 41.51 16.45 -46.32
C PHE O 82 42.22 15.73 -45.17
N PRO O 83 42.82 14.56 -45.46
CA PRO O 83 43.52 13.76 -44.43
C PRO O 83 44.50 14.56 -43.61
N GLY O 84 44.39 14.39 -42.28
CA GLY O 84 45.27 15.06 -41.33
C GLY O 84 44.94 16.52 -41.06
N VAL O 86 41.64 17.68 -40.39
CA VAL O 86 40.29 17.84 -39.95
C VAL O 86 40.09 17.64 -38.46
N LYS O 87 39.34 18.56 -37.88
CA LYS O 87 39.05 18.51 -36.45
C LYS O 87 37.58 18.82 -36.17
N TYR O 88 36.92 17.92 -35.42
CA TYR O 88 35.53 18.16 -35.04
C TYR O 88 35.71 18.92 -33.74
N ILE O 89 34.90 19.96 -33.55
CA ILE O 89 34.93 20.79 -32.35
C ILE O 89 33.64 20.65 -31.60
N GLU O 90 33.59 19.78 -30.61
CA GLU O 90 32.34 19.61 -29.91
C GLU O 90 31.88 20.89 -29.20
N GLU O 91 32.81 21.71 -28.73
CA GLU O 91 32.37 22.89 -28.01
C GLU O 91 31.47 23.82 -28.81
N THR O 92 31.64 23.87 -30.13
CA THR O 92 30.77 24.70 -30.96
C THR O 92 30.03 23.89 -32.07
N ASN O 93 30.23 22.57 -32.10
CA ASN O 93 29.61 21.70 -33.11
C ASN O 93 29.96 22.13 -34.55
N VAL O 94 31.25 22.28 -34.79
CA VAL O 94 31.73 22.74 -36.08
C VAL O 94 32.88 21.81 -36.48
N VAL O 95 33.29 21.87 -37.75
CA VAL O 95 34.38 21.05 -38.24
C VAL O 95 35.37 22.01 -38.86
N LEU O 96 36.60 21.95 -38.40
CA LEU O 96 37.65 22.81 -38.90
C LEU O 96 38.47 22.02 -39.91
N ILE O 97 38.66 22.59 -41.10
CA ILE O 97 39.45 21.96 -42.15
C ILE O 97 40.65 22.89 -42.30
N GLY O 98 41.83 22.40 -41.94
CA GLY O 98 42.98 23.27 -41.97
C GLY O 98 42.73 24.40 -40.97
N ASP O 99 43.49 25.48 -41.13
CA ASP O 99 43.39 26.64 -40.23
C ASP O 99 42.44 27.74 -40.64
N LYS O 100 41.92 27.68 -41.86
CA LYS O 100 41.05 28.74 -42.37
C LYS O 100 39.66 28.44 -42.81
N VAL O 101 39.25 27.17 -42.88
CA VAL O 101 37.85 27.00 -43.27
C VAL O 101 37.09 26.30 -42.19
N ARG O 102 35.84 26.70 -42.05
CA ARG O 102 35.01 26.20 -40.96
C ARG O 102 33.67 25.81 -41.48
N VAL O 103 33.23 24.61 -41.13
CA VAL O 103 31.93 24.13 -41.58
C VAL O 103 30.98 23.88 -40.41
N SER O 104 29.81 24.50 -40.44
CA SER O 104 28.79 24.34 -39.41
C SER O 104 27.58 23.64 -40.07
N GLU O 105 26.51 23.44 -39.33
CA GLU O 105 25.37 22.79 -39.95
C GLU O 105 24.79 23.66 -41.06
N ILE O 106 25.07 24.95 -41.10
CA ILE O 106 24.52 25.68 -42.22
C ILE O 106 25.49 25.89 -43.38
N GLY O 107 26.70 25.35 -43.28
CA GLY O 107 27.62 25.50 -44.39
C GLY O 107 29.06 25.84 -44.11
N VAL O 108 29.83 25.91 -45.19
CA VAL O 108 31.26 26.20 -45.14
C VAL O 108 31.52 27.69 -45.14
N GLU O 109 32.50 28.08 -44.36
CA GLU O 109 32.92 29.45 -44.30
C GLU O 109 34.43 29.45 -44.61
N GLY O 110 34.86 30.38 -45.45
CA GLY O 110 36.27 30.45 -45.82
C GLY O 110 36.40 30.69 -47.31
N VAL O 111 37.62 30.92 -47.79
CA VAL O 111 37.82 31.17 -49.20
C VAL O 111 38.90 30.30 -49.83
N GLY O 112 38.91 30.26 -51.16
CA GLY O 112 39.95 29.50 -51.83
C GLY O 112 39.58 28.09 -52.26
N PRO O 113 40.55 27.37 -52.81
CA PRO O 113 40.41 25.98 -53.32
C PRO O 113 39.84 25.04 -52.23
N VAL O 114 40.41 25.07 -51.03
CA VAL O 114 39.93 24.24 -49.89
C VAL O 114 38.44 24.50 -49.59
N ALA O 115 38.06 25.77 -49.45
CA ALA O 115 36.66 26.08 -49.19
C ALA O 115 35.77 25.55 -50.34
N GLU O 116 36.22 25.70 -51.58
CA GLU O 116 35.43 25.20 -52.71
C GLU O 116 35.29 23.68 -52.65
N ARG O 117 36.34 22.99 -52.27
CA ARG O 117 36.24 21.55 -52.16
C ARG O 117 35.33 21.19 -50.96
N ALA O 118 35.47 21.96 -49.88
CA ALA O 118 34.65 21.70 -48.69
C ALA O 118 33.18 21.90 -49.03
N LYS O 119 32.88 22.90 -49.85
CA LYS O 119 31.48 23.18 -50.25
C LYS O 119 30.87 22.04 -51.02
N ARG O 120 31.61 21.45 -51.97
CA ARG O 120 31.04 20.36 -52.73
C ARG O 120 30.83 19.19 -51.77
N LEU O 121 31.76 18.99 -50.85
CA LEU O 121 31.59 17.86 -49.90
C LEU O 121 30.35 18.12 -49.05
N PHE O 122 30.18 19.36 -48.58
CA PHE O 122 29.03 19.70 -47.75
C PHE O 122 27.70 19.43 -48.43
N GLU O 123 27.57 19.85 -49.68
CA GLU O 123 26.35 19.64 -50.45
C GLU O 123 26.07 18.15 -50.67
N GLU O 124 27.11 17.37 -50.93
CA GLU O 124 26.87 15.96 -51.09
C GLU O 124 26.45 15.37 -49.73
N PHE O 125 27.09 15.85 -48.68
CA PHE O 125 26.81 15.37 -47.36
C PHE O 125 25.33 15.54 -47.03
N LEU O 126 24.79 16.71 -47.36
CA LEU O 126 23.38 17.04 -47.14
C LEU O 126 22.42 16.21 -47.97
N LYS O 127 22.92 15.77 -49.12
CA LYS O 127 22.16 14.97 -50.07
C LYS O 127 21.90 13.56 -49.49
N PHE P 1 20.15 1.30 -17.58
CA PHE P 1 19.47 2.39 -16.82
C PHE P 1 19.30 2.03 -15.35
N VAL P 2 20.33 1.43 -14.77
CA VAL P 2 20.26 1.10 -13.35
C VAL P 2 20.07 2.37 -12.50
N ALA P 3 20.67 3.46 -12.93
CA ALA P 3 20.59 4.73 -12.20
C ALA P 3 19.19 5.34 -12.17
N GLU P 4 18.52 5.37 -13.32
CA GLU P 4 17.19 5.99 -13.31
C GLU P 4 16.12 5.11 -12.67
N LEU P 5 16.26 3.77 -12.74
CA LEU P 5 15.31 2.91 -12.05
C LEU P 5 15.49 3.14 -10.58
N ASN P 6 16.75 3.26 -10.14
CA ASN P 6 16.96 3.51 -8.71
C ASN P 6 16.21 4.66 -8.22
N ASN P 7 16.11 5.68 -9.07
CA ASN P 7 15.37 6.89 -8.75
C ASN P 7 13.88 6.57 -8.53
N LEU P 8 13.40 5.44 -9.04
CA LEU P 8 12.01 5.04 -8.89
C LEU P 8 11.73 4.04 -7.79
N LEU P 9 12.71 3.70 -6.97
CA LEU P 9 12.42 2.77 -5.85
C LEU P 9 11.29 3.38 -4.96
N GLY P 10 10.36 2.56 -4.47
CA GLY P 10 9.28 3.09 -3.66
C GLY P 10 8.15 3.55 -4.59
N ARG P 11 8.41 3.68 -5.89
CA ARG P 11 7.37 4.09 -6.81
C ARG P 11 6.79 2.90 -7.61
N GLU P 12 5.58 3.09 -8.07
CA GLU P 12 4.99 2.05 -8.85
C GLU P 12 5.44 2.02 -10.29
N VAL P 13 5.66 0.82 -10.79
CA VAL P 13 6.03 0.68 -12.18
C VAL P 13 5.35 -0.58 -12.76
N GLN P 14 5.41 -0.67 -14.07
CA GLN P 14 4.89 -1.81 -14.82
C GLN P 14 6.10 -2.53 -15.48
N VAL P 15 6.18 -3.86 -15.37
CA VAL P 15 7.27 -4.65 -15.95
C VAL P 15 6.61 -5.60 -16.95
N VAL P 16 6.96 -5.50 -18.22
CA VAL P 16 6.38 -6.35 -19.25
C VAL P 16 7.37 -7.45 -19.53
N LEU P 17 6.93 -8.68 -19.32
CA LEU P 17 7.72 -9.88 -19.48
C LEU P 17 7.55 -10.52 -20.86
N SER P 18 8.58 -11.28 -21.19
CA SER P 18 8.76 -11.99 -22.43
C SER P 18 7.71 -13.11 -22.66
N ASN P 19 7.16 -13.65 -21.58
CA ASN P 19 6.16 -14.71 -21.68
C ASN P 19 4.78 -14.09 -21.76
N GLY P 20 4.74 -12.81 -22.12
CA GLY P 20 3.46 -12.14 -22.21
C GLY P 20 2.86 -11.65 -20.89
N GLU P 21 3.43 -11.93 -19.73
CA GLU P 21 2.83 -11.39 -18.51
C GLU P 21 3.22 -9.91 -18.28
N VAL P 22 2.38 -9.16 -17.55
CA VAL P 22 2.60 -7.77 -17.21
C VAL P 22 2.33 -7.62 -15.70
N TYR P 23 3.34 -7.16 -14.96
CA TYR P 23 3.23 -6.99 -13.53
C TYR P 23 3.35 -5.54 -13.13
N LYS P 24 2.45 -5.11 -12.26
CA LYS P 24 2.44 -3.73 -11.78
C LYS P 24 2.71 -3.77 -10.29
N GLY P 25 3.62 -2.92 -9.80
CA GLY P 25 3.87 -2.98 -8.38
C GLY P 25 4.89 -1.95 -7.96
N VAL P 26 5.16 -1.87 -6.66
CA VAL P 26 6.14 -0.93 -6.15
C VAL P 26 7.54 -1.49 -6.45
N LEU P 27 8.38 -0.69 -7.11
CA LEU P 27 9.77 -1.08 -7.42
C LEU P 27 10.45 -1.19 -6.08
N HIS P 28 10.81 -2.40 -5.71
CA HIS P 28 11.38 -2.63 -4.40
C HIS P 28 12.89 -2.83 -4.42
N ALA P 29 13.42 -3.41 -5.50
CA ALA P 29 14.86 -3.58 -5.63
C ALA P 29 15.26 -3.72 -7.07
N VAL P 30 16.46 -3.24 -7.38
CA VAL P 30 17.02 -3.34 -8.73
C VAL P 30 18.52 -3.55 -8.56
N ASP P 31 19.10 -4.52 -9.22
CA ASP P 31 20.56 -4.62 -9.10
C ASP P 31 21.20 -4.19 -10.43
N ASN P 32 22.53 -4.30 -10.49
CA ASN P 32 23.29 -3.93 -11.67
C ASN P 32 22.97 -4.74 -12.91
N GLN P 33 22.54 -5.98 -12.74
CA GLN P 33 22.21 -6.85 -13.88
C GLN P 33 20.76 -6.60 -14.29
N LEU P 34 20.10 -5.74 -13.55
CA LEU P 34 18.74 -5.39 -13.84
C LEU P 34 17.73 -6.49 -13.45
N ASN P 35 18.06 -7.29 -12.44
CA ASN P 35 17.10 -8.21 -11.85
C ASN P 35 16.22 -7.22 -11.08
N ILE P 36 14.91 -7.50 -11.06
CA ILE P 36 13.96 -6.61 -10.41
C ILE P 36 13.07 -7.29 -9.37
N VAL P 37 12.83 -6.60 -8.27
CA VAL P 37 11.93 -7.13 -7.25
C VAL P 37 10.78 -6.11 -7.13
N LEU P 38 9.54 -6.57 -7.29
CA LEU P 38 8.36 -5.70 -7.14
C LEU P 38 7.69 -6.07 -5.83
N ALA P 39 7.13 -5.11 -5.13
CA ALA P 39 6.42 -5.41 -3.88
C ALA P 39 4.94 -5.15 -4.10
N ASN P 40 4.09 -5.94 -3.42
CA ASN P 40 2.63 -5.75 -3.51
C ASN P 40 2.28 -5.58 -4.95
N ALA P 41 2.63 -6.59 -5.74
CA ALA P 41 2.44 -6.52 -7.19
C ALA P 41 1.29 -7.36 -7.66
N SER P 42 0.79 -7.07 -8.86
CA SER P 42 -0.29 -7.90 -9.40
C SER P 42 -0.14 -8.00 -10.92
N ASN P 43 -0.75 -9.03 -11.51
CA ASN P 43 -0.69 -9.23 -12.96
C ASN P 43 -2.05 -8.89 -13.57
N LYS P 44 -2.16 -9.01 -14.89
CA LYS P 44 -3.39 -8.67 -15.56
C LYS P 44 -4.50 -9.65 -15.24
N ALA P 45 -4.17 -10.69 -14.49
CA ALA P 45 -5.17 -11.67 -14.11
C ALA P 45 -5.72 -11.37 -12.72
N GLY P 46 -5.27 -10.28 -12.09
CA GLY P 46 -5.76 -10.01 -10.75
C GLY P 46 -5.01 -10.75 -9.64
N GLU P 47 -4.14 -11.69 -10.01
CA GLU P 47 -3.36 -12.37 -8.99
C GLU P 47 -2.45 -11.35 -8.28
N LYS P 48 -2.35 -11.41 -6.96
CA LYS P 48 -1.55 -10.43 -6.24
C LYS P 48 -0.51 -11.15 -5.38
N PHE P 49 0.67 -10.54 -5.22
CA PHE P 49 1.79 -11.16 -4.46
C PHE P 49 2.55 -10.18 -3.61
N ASN P 50 2.96 -10.64 -2.45
CA ASN P 50 3.71 -9.77 -1.56
C ASN P 50 5.05 -9.40 -2.26
N ARG P 51 5.69 -10.38 -2.89
CA ARG P 51 6.93 -10.13 -3.63
C ARG P 51 6.95 -10.97 -4.95
N VAL P 52 7.44 -10.34 -6.03
CA VAL P 52 7.63 -10.95 -7.34
C VAL P 52 9.14 -10.69 -7.68
N PHE P 53 9.93 -11.74 -7.74
CA PHE P 53 11.35 -11.62 -8.05
C PHE P 53 11.50 -11.91 -9.57
N ILE P 54 11.85 -10.90 -10.34
CA ILE P 54 11.89 -11.04 -11.79
C ILE P 54 13.30 -11.16 -12.38
N TYR P 56 16.15 -10.89 -14.98
CA TYR P 56 16.40 -9.89 -16.01
C TYR P 56 16.35 -10.44 -17.41
N ARG P 57 16.61 -11.72 -17.63
CA ARG P 57 16.56 -12.22 -19.01
C ARG P 57 15.18 -12.17 -19.65
N TYR P 58 14.11 -12.16 -18.84
CA TYR P 58 12.75 -12.15 -19.33
C TYR P 58 12.06 -10.81 -19.36
N ILE P 59 12.77 -9.77 -18.89
CA ILE P 59 12.22 -8.44 -18.86
C ILE P 59 12.35 -7.77 -20.21
N VAL P 60 11.22 -7.30 -20.74
CA VAL P 60 11.23 -6.68 -22.06
C VAL P 60 11.40 -5.19 -21.87
N HIS P 61 10.57 -4.60 -21.01
CA HIS P 61 10.68 -3.19 -20.70
C HIS P 61 10.03 -2.90 -19.37
N ILE P 62 10.34 -1.73 -18.80
CA ILE P 62 9.80 -1.29 -17.53
C ILE P 62 9.18 0.08 -17.82
N ASP P 63 7.93 0.30 -17.39
CA ASP P 63 7.21 1.57 -17.69
C ASP P 63 6.77 2.35 -16.46
N SER P 64 6.82 3.66 -16.55
CA SER P 64 6.39 4.49 -15.44
C SER P 64 5.53 5.63 -16.00
N THR P 65 4.39 5.85 -15.37
CA THR P 65 3.48 6.89 -15.81
C THR P 65 3.58 8.11 -14.92
N GLU P 66 4.54 8.08 -14.01
CA GLU P 66 4.75 9.17 -13.08
C GLU P 66 5.92 10.08 -13.50
N ARG P 67 5.83 11.36 -13.18
CA ARG P 67 6.90 12.28 -13.49
C ARG P 67 7.62 12.41 -12.14
N ARG P 68 8.90 12.03 -12.10
CA ARG P 68 9.65 12.08 -10.86
C ARG P 68 10.92 12.91 -10.95
N ILE P 69 11.07 13.86 -10.07
CA ILE P 69 12.25 14.66 -10.14
C ILE P 69 13.48 13.89 -9.67
N ASP P 70 14.47 13.76 -10.53
CA ASP P 70 15.73 13.07 -10.19
C ASP P 70 16.83 14.13 -10.12
N ARG P 72 20.00 13.88 -9.41
CA ARG P 72 21.31 13.50 -9.97
C ARG P 72 21.25 13.80 -11.46
N GLU P 73 20.06 13.65 -12.05
CA GLU P 73 19.85 13.96 -13.46
C GLU P 73 20.01 15.47 -13.65
N PHE P 74 19.45 16.28 -12.73
CA PHE P 74 19.64 17.73 -12.83
C PHE P 74 21.12 18.07 -12.76
N ALA P 75 21.83 17.38 -11.87
CA ALA P 75 23.28 17.63 -11.71
C ALA P 75 24.01 17.43 -13.07
N LYS P 76 23.63 16.38 -13.80
CA LYS P 76 24.27 16.12 -15.08
C LYS P 76 23.98 17.22 -16.06
N GLN P 77 22.72 17.63 -16.14
CA GLN P 77 22.40 18.72 -17.01
C GLN P 77 23.11 19.98 -16.57
N ALA P 78 23.11 20.26 -15.26
CA ALA P 78 23.76 21.50 -14.78
C ALA P 78 25.24 21.52 -15.12
N GLU P 79 25.87 20.35 -15.07
CA GLU P 79 27.32 20.31 -15.35
C GLU P 79 27.65 20.84 -16.78
N LYS P 80 26.73 20.67 -17.71
CA LYS P 80 26.96 21.12 -19.07
C LYS P 80 26.79 22.61 -19.21
N ILE P 81 26.18 23.23 -18.20
CA ILE P 81 25.90 24.67 -18.23
C ILE P 81 26.91 25.40 -17.35
N PHE P 82 27.31 24.77 -16.25
CA PHE P 82 28.23 25.36 -15.32
C PHE P 82 29.37 24.34 -15.14
N PRO P 83 30.09 23.98 -16.21
CA PRO P 83 31.18 23.00 -16.13
C PRO P 83 32.15 23.26 -15.00
N GLY P 84 32.46 22.22 -14.23
CA GLY P 84 33.40 22.31 -13.14
C GLY P 84 32.85 22.96 -11.88
N VAL P 86 29.65 22.10 -10.50
CA VAL P 86 28.43 21.34 -10.07
C VAL P 86 28.70 20.13 -9.25
N LYS P 87 27.93 20.04 -8.16
CA LYS P 87 28.13 18.94 -7.24
C LYS P 87 26.81 18.45 -6.70
N TYR P 88 26.56 17.15 -6.82
CA TYR P 88 25.31 16.58 -6.25
C TYR P 88 25.67 16.17 -4.82
N ILE P 89 24.78 16.45 -3.88
CA ILE P 89 25.00 16.16 -2.47
C ILE P 89 23.95 15.14 -2.04
N GLU P 90 24.33 13.85 -2.01
CA GLU P 90 23.41 12.82 -1.59
C GLU P 90 22.95 12.98 -0.14
N GLU P 91 23.77 13.58 0.73
CA GLU P 91 23.37 13.70 2.13
C GLU P 91 22.16 14.60 2.32
N THR P 92 21.94 15.56 1.40
CA THR P 92 20.71 16.38 1.53
C THR P 92 19.86 16.36 0.24
N ASN P 93 20.29 15.62 -0.77
CA ASN P 93 19.59 15.56 -2.08
C ASN P 93 19.43 16.96 -2.76
N VAL P 94 20.55 17.64 -2.80
CA VAL P 94 20.60 18.98 -3.35
C VAL P 94 21.73 19.08 -4.36
N VAL P 95 21.69 20.06 -5.27
CA VAL P 95 22.80 20.22 -6.21
C VAL P 95 23.35 21.59 -5.94
N LEU P 96 24.66 21.67 -5.70
CA LEU P 96 25.30 22.96 -5.48
C LEU P 96 25.92 23.44 -6.78
N ILE P 97 25.69 24.70 -7.13
CA ILE P 97 26.29 25.28 -8.34
C ILE P 97 27.19 26.38 -7.82
N GLY P 98 28.49 26.15 -7.88
CA GLY P 98 29.40 27.15 -7.38
C GLY P 98 29.25 27.12 -5.87
N ASP P 99 29.71 28.19 -5.21
CA ASP P 99 29.72 28.26 -3.76
C ASP P 99 28.46 28.80 -3.07
N LYS P 100 27.54 29.35 -3.86
CA LYS P 100 26.35 29.99 -3.31
C LYS P 100 24.99 29.54 -3.77
N VAL P 101 24.85 29.11 -5.01
CA VAL P 101 23.58 28.66 -5.48
C VAL P 101 23.34 27.20 -5.08
N ARG P 102 22.15 26.92 -4.59
CA ARG P 102 21.77 25.58 -4.19
C ARG P 102 20.43 25.24 -4.82
N VAL P 103 20.31 24.02 -5.32
CA VAL P 103 19.07 23.61 -5.95
C VAL P 103 18.47 22.36 -5.30
N SER P 104 17.25 22.44 -4.80
CA SER P 104 16.65 21.26 -4.22
C SER P 104 15.51 20.83 -5.19
N GLU P 105 14.76 19.79 -4.86
CA GLU P 105 13.63 19.37 -5.71
C GLU P 105 12.53 20.44 -5.85
N ILE P 106 12.50 21.40 -4.93
CA ILE P 106 11.53 22.50 -4.87
C ILE P 106 12.00 23.67 -5.78
N GLY P 107 13.29 23.70 -6.11
CA GLY P 107 13.80 24.76 -6.94
C GLY P 107 15.12 25.38 -6.54
N VAL P 108 15.42 26.52 -7.16
CA VAL P 108 16.67 27.23 -6.98
C VAL P 108 16.70 28.23 -5.85
N GLU P 109 17.77 28.20 -5.05
CA GLU P 109 17.91 29.20 -4.00
C GLU P 109 19.19 29.93 -4.27
N GLY P 110 19.12 31.24 -4.39
CA GLY P 110 20.33 32.01 -4.64
C GLY P 110 20.10 33.41 -5.20
N VAL P 111 21.18 34.12 -5.45
CA VAL P 111 21.10 35.47 -5.96
C VAL P 111 22.06 35.75 -7.10
N GLY P 112 21.65 36.66 -7.99
CA GLY P 112 22.46 37.07 -9.13
C GLY P 112 22.36 36.25 -10.42
N PRO P 113 23.24 36.51 -11.39
CA PRO P 113 23.32 35.84 -12.70
C PRO P 113 23.34 34.31 -12.64
N VAL P 114 24.13 33.73 -11.74
CA VAL P 114 24.17 32.27 -11.65
C VAL P 114 22.82 31.70 -11.26
N ALA P 115 22.19 32.26 -10.25
CA ALA P 115 20.87 31.77 -9.87
C ALA P 115 19.87 31.93 -11.01
N GLU P 116 19.93 33.02 -11.77
CA GLU P 116 18.96 33.22 -12.86
C GLU P 116 19.15 32.17 -13.92
N ARG P 117 20.40 31.91 -14.28
CA ARG P 117 20.66 30.87 -15.28
C ARG P 117 20.19 29.51 -14.70
N ALA P 118 20.50 29.25 -13.43
CA ALA P 118 20.09 27.97 -12.86
C ALA P 118 18.54 27.85 -12.84
N LYS P 119 17.87 28.98 -12.58
CA LYS P 119 16.39 28.95 -12.54
C LYS P 119 15.86 28.56 -13.88
N ARG P 120 16.39 29.12 -14.97
CA ARG P 120 15.89 28.75 -16.31
C ARG P 120 16.15 27.29 -16.58
N LEU P 121 17.32 26.81 -16.17
CA LEU P 121 17.69 25.42 -16.38
C LEU P 121 16.73 24.48 -15.63
N PHE P 122 16.39 24.85 -14.39
CA PHE P 122 15.46 24.06 -13.59
C PHE P 122 14.04 24.00 -14.17
N GLU P 123 13.50 25.14 -14.62
CA GLU P 123 12.14 25.14 -15.18
C GLU P 123 12.18 24.23 -16.39
N GLU P 124 13.22 24.38 -17.21
CA GLU P 124 13.35 23.52 -18.38
C GLU P 124 13.43 22.07 -17.96
N PHE P 125 14.30 21.79 -16.98
CA PHE P 125 14.52 20.45 -16.45
C PHE P 125 13.20 19.85 -15.97
N LEU P 126 12.34 20.68 -15.40
CA LEU P 126 11.04 20.20 -14.90
C LEU P 126 10.04 19.82 -15.98
N LYS P 127 10.16 20.41 -17.15
CA LYS P 127 9.26 20.04 -18.24
C LYS P 127 9.81 18.81 -19.00
N PHE Q 1 18.86 -11.40 -6.83
CA PHE Q 1 18.19 -11.39 -5.51
C PHE Q 1 18.40 -12.69 -4.71
N VAL Q 2 19.63 -13.21 -4.78
CA VAL Q 2 20.03 -14.41 -4.08
C VAL Q 2 19.81 -14.21 -2.56
N ALA Q 3 20.18 -13.04 -2.06
CA ALA Q 3 20.02 -12.71 -0.65
C ALA Q 3 18.56 -12.83 -0.19
N GLU Q 4 17.66 -12.20 -0.92
CA GLU Q 4 16.23 -12.22 -0.61
C GLU Q 4 15.63 -13.62 -0.70
N LEU Q 5 16.00 -14.39 -1.72
CA LEU Q 5 15.47 -15.75 -1.80
C LEU Q 5 15.99 -16.62 -0.66
N ASN Q 6 17.25 -16.41 -0.24
CA ASN Q 6 17.77 -17.22 0.84
C ASN Q 6 16.93 -17.02 2.08
N ASN Q 7 16.34 -15.84 2.21
CA ASN Q 7 15.53 -15.59 3.38
C ASN Q 7 14.20 -16.38 3.30
N LEU Q 8 13.85 -16.88 2.12
CA LEU Q 8 12.61 -17.64 1.99
C LEU Q 8 12.84 -19.14 1.96
N LEU Q 9 14.08 -19.57 2.27
CA LEU Q 9 14.35 -21.02 2.30
C LEU Q 9 13.42 -21.61 3.38
N GLY Q 10 12.75 -22.72 3.03
CA GLY Q 10 11.82 -23.34 3.96
C GLY Q 10 10.39 -22.81 3.81
N ARG Q 11 10.16 -21.77 3.02
CA ARG Q 11 8.81 -21.24 2.84
C ARG Q 11 8.33 -21.64 1.45
N GLU Q 12 7.02 -21.53 1.26
CA GLU Q 12 6.39 -21.84 0.01
C GLU Q 12 6.54 -20.68 -0.96
N VAL Q 13 6.89 -21.02 -2.19
CA VAL Q 13 7.04 -20.03 -3.25
C VAL Q 13 6.48 -20.66 -4.52
N GLN Q 14 6.21 -19.78 -5.48
CA GLN Q 14 5.75 -20.18 -6.80
C GLN Q 14 6.86 -19.77 -7.82
N VAL Q 15 7.19 -20.67 -8.74
CA VAL Q 15 8.19 -20.41 -9.77
C VAL Q 15 7.49 -20.51 -11.14
N VAL Q 16 7.46 -19.42 -11.91
CA VAL Q 16 6.85 -19.47 -13.22
C VAL Q 16 7.94 -19.72 -14.27
N LEU Q 17 7.75 -20.76 -15.10
CA LEU Q 17 8.74 -21.14 -16.12
C LEU Q 17 8.36 -20.63 -17.51
N SER Q 18 9.38 -20.40 -18.32
CA SER Q 18 9.15 -19.86 -19.63
C SER Q 18 8.44 -20.84 -20.56
N ASN Q 19 8.35 -22.12 -20.21
CA ASN Q 19 7.62 -23.07 -21.06
C ASN Q 19 6.11 -23.03 -20.70
N GLY Q 20 5.73 -22.14 -19.79
CA GLY Q 20 4.34 -22.02 -19.39
C GLY Q 20 4.01 -22.74 -18.08
N GLU Q 21 4.89 -23.61 -17.61
CA GLU Q 21 4.60 -24.29 -16.36
C GLU Q 21 4.80 -23.38 -15.18
N VAL Q 22 4.12 -23.77 -14.12
CA VAL Q 22 4.16 -23.06 -12.90
C VAL Q 22 4.24 -24.07 -11.81
N TYR Q 23 5.34 -24.04 -11.05
CA TYR Q 23 5.52 -24.92 -9.92
C TYR Q 23 5.39 -24.21 -8.58
N LYS Q 24 4.67 -24.85 -7.66
CA LYS Q 24 4.47 -24.30 -6.34
C LYS Q 24 5.05 -25.30 -5.37
N GLY Q 25 5.85 -24.79 -4.43
CA GLY Q 25 6.45 -25.67 -3.46
C GLY Q 25 7.32 -25.00 -2.42
N VAL Q 26 7.91 -25.79 -1.54
CA VAL Q 26 8.78 -25.25 -0.53
C VAL Q 26 10.12 -24.96 -1.22
N LEU Q 27 10.66 -23.77 -1.03
CA LEU Q 27 11.96 -23.38 -1.60
C LEU Q 27 13.03 -24.12 -0.78
N HIS Q 28 13.73 -25.03 -1.42
CA HIS Q 28 14.70 -25.87 -0.74
C HIS Q 28 16.17 -25.45 -0.92
N ALA Q 29 16.49 -24.79 -2.04
CA ALA Q 29 17.86 -24.40 -2.32
C ALA Q 29 17.89 -23.36 -3.42
N VAL Q 30 18.84 -22.41 -3.31
CA VAL Q 30 19.04 -21.32 -4.28
C VAL Q 30 20.54 -21.11 -4.33
N ASP Q 31 21.10 -21.03 -5.51
CA ASP Q 31 22.53 -20.79 -5.61
C ASP Q 31 22.77 -19.41 -6.24
N ASN Q 32 24.05 -19.03 -6.34
CA ASN Q 32 24.39 -17.72 -6.90
C ASN Q 32 23.84 -17.50 -8.28
N GLN Q 33 23.75 -18.57 -9.07
CA GLN Q 33 23.24 -18.42 -10.44
C GLN Q 33 21.74 -18.46 -10.51
N LEU Q 34 21.15 -18.62 -9.34
CA LEU Q 34 19.70 -18.67 -9.18
C LEU Q 34 19.01 -19.91 -9.76
N ASN Q 35 19.71 -21.04 -9.68
CA ASN Q 35 19.09 -22.30 -10.03
C ASN Q 35 18.24 -22.45 -8.77
N ILE Q 36 17.14 -23.17 -8.85
CA ILE Q 36 16.26 -23.28 -7.68
C ILE Q 36 15.91 -24.74 -7.47
N VAL Q 37 15.88 -25.19 -6.22
CA VAL Q 37 15.45 -26.56 -5.94
C VAL Q 37 14.17 -26.45 -5.08
N LEU Q 38 13.04 -26.95 -5.60
CA LEU Q 38 11.77 -26.94 -4.83
C LEU Q 38 11.50 -28.31 -4.17
N ALA Q 39 10.97 -28.25 -2.95
CA ALA Q 39 10.64 -29.48 -2.16
C ALA Q 39 9.12 -29.68 -2.19
N ASN Q 40 8.70 -30.94 -2.26
CA ASN Q 40 7.27 -31.30 -2.33
C ASN Q 40 6.51 -30.28 -3.17
N ALA Q 41 6.89 -30.18 -4.44
CA ALA Q 41 6.25 -29.21 -5.33
C ALA Q 41 5.19 -29.87 -6.21
N SER Q 42 4.37 -29.04 -6.84
CA SER Q 42 3.35 -29.57 -7.71
C SER Q 42 3.18 -28.49 -8.75
N ASN Q 43 2.73 -28.86 -9.94
CA ASN Q 43 2.50 -27.90 -11.01
C ASN Q 43 1.00 -27.73 -11.15
N LYS Q 44 0.57 -26.93 -12.13
CA LYS Q 44 -0.85 -26.66 -12.36
C LYS Q 44 -1.63 -27.95 -12.66
N ALA Q 45 -0.98 -28.94 -13.24
CA ALA Q 45 -1.64 -30.20 -13.56
C ALA Q 45 -1.82 -31.03 -12.29
N GLY Q 46 -1.42 -30.47 -11.17
CA GLY Q 46 -1.56 -31.22 -9.94
C GLY Q 46 -0.59 -32.37 -9.78
N GLU Q 47 0.40 -32.51 -10.66
CA GLU Q 47 1.37 -33.58 -10.45
C GLU Q 47 2.23 -33.13 -9.28
N LYS Q 48 2.71 -34.07 -8.50
CA LYS Q 48 3.50 -33.75 -7.34
C LYS Q 48 4.85 -34.39 -7.40
N PHE Q 49 5.87 -33.69 -6.90
CA PHE Q 49 7.21 -34.28 -6.88
C PHE Q 49 7.96 -34.00 -5.56
N ASN Q 50 8.73 -34.97 -5.10
CA ASN Q 50 9.51 -34.78 -3.90
C ASN Q 50 10.50 -33.62 -4.13
N ARG Q 51 11.19 -33.63 -5.27
CA ARG Q 51 12.12 -32.56 -5.60
C ARG Q 51 11.95 -32.12 -7.04
N VAL Q 52 12.03 -30.82 -7.28
CA VAL Q 52 11.99 -30.28 -8.65
C VAL Q 52 13.25 -29.38 -8.77
N PHE Q 53 14.16 -29.71 -9.69
CA PHE Q 53 15.39 -28.92 -9.89
C PHE Q 53 15.21 -28.06 -11.11
N ILE Q 54 15.08 -26.76 -10.89
CA ILE Q 54 14.83 -25.82 -11.95
C ILE Q 54 16.09 -25.03 -12.44
N TYR Q 56 18.15 -22.24 -14.04
CA TYR Q 56 17.91 -20.82 -14.02
C TYR Q 56 17.57 -20.16 -15.34
N ARG Q 57 18.05 -20.69 -16.45
CA ARG Q 57 17.76 -20.07 -17.72
C ARG Q 57 16.23 -20.06 -18.06
N TYR Q 58 15.45 -20.92 -17.40
CA TYR Q 58 14.04 -20.98 -17.70
C TYR Q 58 13.12 -20.34 -16.69
N ILE Q 59 13.67 -19.78 -15.62
CA ILE Q 59 12.84 -19.13 -14.62
C ILE Q 59 12.48 -17.69 -15.05
N VAL Q 60 11.19 -17.39 -15.18
CA VAL Q 60 10.78 -16.03 -15.58
C VAL Q 60 10.74 -15.16 -14.30
N HIS Q 61 10.02 -15.65 -13.27
CA HIS Q 61 9.97 -14.95 -12.00
C HIS Q 61 9.59 -15.94 -10.89
N ILE Q 62 9.85 -15.56 -9.64
CA ILE Q 62 9.57 -16.36 -8.45
C ILE Q 62 8.67 -15.47 -7.58
N ASP Q 63 7.54 -16.01 -7.14
CA ASP Q 63 6.55 -15.27 -6.37
C ASP Q 63 6.34 -15.76 -4.94
N SER Q 64 6.06 -14.82 -4.04
CA SER Q 64 5.84 -15.12 -2.64
C SER Q 64 4.63 -14.35 -2.11
N THR Q 65 3.77 -15.08 -1.40
CA THR Q 65 2.56 -14.55 -0.84
C THR Q 65 2.73 -14.30 0.65
N GLU Q 66 3.84 -14.71 1.22
CA GLU Q 66 4.03 -14.47 2.64
C GLU Q 66 4.71 -13.12 2.96
N ARG Q 67 4.76 -12.79 4.25
CA ARG Q 67 5.43 -11.60 4.77
C ARG Q 67 6.51 -12.21 5.64
N ARG Q 68 7.75 -12.17 5.19
CA ARG Q 68 8.81 -12.75 6.00
C ARG Q 68 9.80 -11.73 6.50
N ILE Q 69 10.05 -11.75 7.79
CA ILE Q 69 10.94 -10.77 8.37
C ILE Q 69 12.39 -11.09 8.11
N ASP Q 70 13.08 -10.19 7.42
CA ASP Q 70 14.49 -10.39 7.10
C ASP Q 70 15.31 -9.39 7.96
N ARG Q 72 18.44 -8.99 8.20
CA ARG Q 72 19.63 -8.46 7.50
C ARG Q 72 19.21 -7.24 6.72
N GLU Q 73 17.97 -7.26 6.26
CA GLU Q 73 17.43 -6.13 5.52
C GLU Q 73 17.17 -4.99 6.50
N PHE Q 74 16.71 -5.36 7.69
CA PHE Q 74 16.47 -4.33 8.69
C PHE Q 74 17.85 -3.66 8.99
N ALA Q 75 18.88 -4.46 9.10
CA ALA Q 75 20.23 -3.95 9.33
C ALA Q 75 20.64 -2.92 8.23
N LYS Q 76 20.34 -3.22 6.96
CA LYS Q 76 20.68 -2.26 5.88
C LYS Q 76 19.89 -0.98 6.05
N GLN Q 77 18.60 -1.07 6.39
CA GLN Q 77 17.82 0.16 6.53
C GLN Q 77 18.33 0.97 7.76
N ALA Q 78 18.64 0.28 8.85
CA ALA Q 78 19.13 0.91 10.07
C ALA Q 78 20.47 1.54 9.85
N GLU Q 79 21.30 0.96 9.00
CA GLU Q 79 22.63 1.56 8.76
C GLU Q 79 22.49 2.96 8.08
N LYS Q 80 21.39 3.17 7.35
CA LYS Q 80 21.15 4.49 6.76
C LYS Q 80 20.68 5.50 7.80
N ILE Q 81 20.17 5.00 8.94
CA ILE Q 81 19.67 5.87 10.00
C ILE Q 81 20.69 6.10 11.11
N PHE Q 82 21.49 5.06 11.37
CA PHE Q 82 22.48 5.10 12.41
C PHE Q 82 23.82 4.77 11.78
N PRO Q 83 24.24 5.58 10.79
CA PRO Q 83 25.53 5.26 10.17
C PRO Q 83 26.69 4.90 11.13
N GLY Q 84 27.39 3.82 10.80
CA GLY Q 84 28.50 3.34 11.59
C GLY Q 84 28.18 2.70 12.94
N VAL Q 86 25.69 0.18 13.28
CA VAL Q 86 24.87 -1.00 13.06
C VAL Q 86 25.60 -2.30 12.73
N LYS Q 87 25.21 -3.36 13.41
CA LYS Q 87 25.79 -4.67 13.20
C LYS Q 87 24.72 -5.78 13.17
N TYR Q 88 24.70 -6.60 12.10
CA TYR Q 88 23.79 -7.75 12.04
C TYR Q 88 24.57 -8.89 12.70
N ILE Q 89 23.88 -9.61 13.60
CA ILE Q 89 24.50 -10.73 14.31
C ILE Q 89 23.84 -12.02 13.79
N GLU Q 90 24.50 -12.73 12.88
CA GLU Q 90 23.91 -13.96 12.37
C GLU Q 90 23.78 -15.02 13.47
N GLU Q 91 24.65 -14.97 14.48
CA GLU Q 91 24.58 -16.02 15.49
C GLU Q 91 23.23 -16.07 16.24
N THR Q 92 22.63 -14.91 16.50
CA THR Q 92 21.36 -14.81 17.24
C THR Q 92 20.23 -14.14 16.46
N ASN Q 93 20.49 -13.82 15.17
CA ASN Q 93 19.56 -13.17 14.27
C ASN Q 93 18.99 -11.83 14.80
N VAL Q 94 19.87 -11.02 15.38
CA VAL Q 94 19.43 -9.71 15.84
C VAL Q 94 20.29 -8.62 15.22
N VAL Q 95 19.88 -7.39 15.43
CA VAL Q 95 20.64 -6.28 14.94
C VAL Q 95 20.96 -5.38 16.13
N LEU Q 96 22.24 -5.09 16.35
CA LEU Q 96 22.69 -4.24 17.40
C LEU Q 96 22.84 -2.81 16.88
N ILE Q 97 22.25 -1.84 17.56
CA ILE Q 97 22.39 -0.43 17.18
C ILE Q 97 23.09 0.23 18.38
N GLY Q 98 24.33 0.66 18.15
CA GLY Q 98 25.12 1.22 19.21
C GLY Q 98 25.34 0.08 20.20
N ASP Q 99 25.68 0.44 21.44
CA ASP Q 99 25.97 -0.55 22.44
C ASP Q 99 24.81 -0.98 23.32
N LYS Q 100 23.71 -0.22 23.32
CA LYS Q 100 22.58 -0.51 24.23
C LYS Q 100 21.22 -0.85 23.63
N VAL Q 101 21.11 -0.89 22.31
CA VAL Q 101 19.86 -1.22 21.66
C VAL Q 101 20.04 -2.49 20.84
N ARG Q 102 19.09 -3.41 21.01
CA ARG Q 102 19.09 -4.71 20.36
C ARG Q 102 17.78 -4.88 19.65
N VAL Q 103 17.81 -5.20 18.36
CA VAL Q 103 16.56 -5.36 17.65
C VAL Q 103 16.46 -6.78 17.15
N SER Q 104 15.38 -7.47 17.55
CA SER Q 104 15.10 -8.85 17.14
C SER Q 104 13.83 -8.83 16.30
N GLU Q 105 13.41 -10.00 15.86
CA GLU Q 105 12.19 -10.15 15.08
C GLU Q 105 10.97 -9.67 15.86
N ILE Q 106 11.08 -9.68 17.19
CA ILE Q 106 10.03 -9.23 18.14
C ILE Q 106 9.89 -7.72 18.22
N GLY Q 107 10.99 -7.02 18.04
CA GLY Q 107 10.95 -5.58 18.14
C GLY Q 107 12.20 -5.03 18.81
N VAL Q 108 12.14 -3.78 19.22
CA VAL Q 108 13.27 -3.12 19.80
C VAL Q 108 13.38 -3.25 21.30
N GLU Q 109 14.57 -3.55 21.77
CA GLU Q 109 14.81 -3.63 23.18
C GLU Q 109 15.80 -2.50 23.49
N GLY Q 110 15.45 -1.66 24.46
CA GLY Q 110 16.35 -0.59 24.84
C GLY Q 110 15.60 0.65 25.22
N VAL Q 111 16.34 1.63 25.75
CA VAL Q 111 15.72 2.87 26.17
C VAL Q 111 16.39 4.12 25.64
N GLY Q 112 15.65 5.22 25.69
CA GLY Q 112 16.17 6.50 25.22
C GLY Q 112 15.82 6.85 23.77
N PRO Q 113 16.41 7.94 23.28
CA PRO Q 113 16.23 8.48 21.93
C PRO Q 113 16.59 7.47 20.83
N VAL Q 114 17.66 6.73 21.05
CA VAL Q 114 18.06 5.79 20.03
C VAL Q 114 16.97 4.71 19.88
N ALA Q 115 16.54 4.14 21.01
CA ALA Q 115 15.50 3.10 21.00
C ALA Q 115 14.25 3.67 20.41
N GLU Q 116 13.93 4.92 20.72
CA GLU Q 116 12.73 5.53 20.16
C GLU Q 116 12.81 5.53 18.65
N ARG Q 117 13.93 6.03 18.12
CA ARG Q 117 14.09 6.10 16.68
C ARG Q 117 14.15 4.72 16.06
N ALA Q 118 14.74 3.75 16.75
CA ALA Q 118 14.83 2.39 16.23
C ALA Q 118 13.43 1.78 16.16
N LYS Q 119 12.62 2.13 17.16
CA LYS Q 119 11.24 1.64 17.22
C LYS Q 119 10.44 2.19 16.05
N ARG Q 120 10.58 3.49 15.72
CA ARG Q 120 9.85 4.02 14.57
C ARG Q 120 10.25 3.29 13.28
N LEU Q 121 11.56 3.13 13.11
CA LEU Q 121 12.14 2.41 11.98
C LEU Q 121 11.62 0.97 11.90
N PHE Q 122 11.63 0.25 13.02
CA PHE Q 122 11.20 -1.15 13.00
C PHE Q 122 9.74 -1.30 12.56
N GLU Q 123 8.86 -0.42 13.05
CA GLU Q 123 7.46 -0.46 12.64
C GLU Q 123 7.30 -0.25 11.15
N GLU Q 124 7.98 0.75 10.60
CA GLU Q 124 7.87 1.01 9.18
C GLU Q 124 8.36 -0.15 8.35
N PHE Q 125 9.42 -0.77 8.85
CA PHE Q 125 10.08 -1.92 8.23
C PHE Q 125 9.10 -3.10 8.13
N LEU Q 126 8.23 -3.23 9.14
CA LEU Q 126 7.24 -4.29 9.16
C LEU Q 126 6.22 -4.09 8.05
N LYS Q 127 5.88 -2.84 7.78
CA LYS Q 127 4.95 -2.53 6.68
C LYS Q 127 5.69 -2.85 5.39
N PHE R 1 22.77 -27.30 -8.99
CA PHE R 1 22.46 -28.54 -8.23
C PHE R 1 23.20 -29.83 -8.71
N VAL R 2 24.43 -29.62 -9.17
CA VAL R 2 25.27 -30.71 -9.58
C VAL R 2 25.39 -31.70 -8.40
N ALA R 3 25.66 -31.23 -7.19
CA ALA R 3 25.77 -32.20 -6.08
C ALA R 3 24.48 -32.98 -5.78
N GLU R 4 23.31 -32.33 -5.80
CA GLU R 4 22.04 -33.04 -5.54
C GLU R 4 21.73 -34.09 -6.59
N LEU R 5 21.94 -33.74 -7.86
CA LEU R 5 21.71 -34.69 -8.97
C LEU R 5 22.69 -35.86 -8.89
N ASN R 6 23.92 -35.59 -8.45
CA ASN R 6 24.87 -36.69 -8.34
C ASN R 6 24.37 -37.74 -7.37
N ASN R 7 23.67 -37.33 -6.32
CA ASN R 7 23.20 -38.28 -5.30
C ASN R 7 22.06 -39.14 -5.83
N LEU R 8 21.55 -38.77 -7.01
CA LEU R 8 20.44 -39.47 -7.64
C LEU R 8 20.87 -40.35 -8.83
N LEU R 9 22.17 -40.42 -9.08
CA LEU R 9 22.67 -41.25 -10.16
C LEU R 9 22.17 -42.69 -9.91
N GLY R 10 21.81 -43.39 -10.99
CA GLY R 10 21.29 -44.74 -10.84
C GLY R 10 19.82 -44.74 -10.44
N ARG R 11 19.24 -43.57 -10.22
CA ARG R 11 17.82 -43.52 -9.83
C ARG R 11 17.01 -42.96 -10.99
N GLU R 12 15.70 -43.19 -10.95
CA GLU R 12 14.84 -42.70 -12.01
C GLU R 12 14.49 -41.25 -11.80
N VAL R 13 14.51 -40.50 -12.89
CA VAL R 13 14.16 -39.09 -12.83
C VAL R 13 13.44 -38.79 -14.12
N GLN R 14 12.85 -37.62 -14.18
CA GLN R 14 12.12 -37.15 -15.36
C GLN R 14 12.81 -35.81 -15.75
N VAL R 15 12.92 -35.49 -17.04
CA VAL R 15 13.59 -34.26 -17.51
C VAL R 15 12.69 -33.61 -18.56
N VAL R 16 12.17 -32.42 -18.25
CA VAL R 16 11.30 -31.68 -19.14
C VAL R 16 12.17 -30.77 -20.00
N LEU R 17 12.06 -30.89 -21.32
CA LEU R 17 12.84 -30.10 -22.26
C LEU R 17 11.97 -28.98 -22.77
N SER R 18 12.61 -27.94 -23.24
CA SER R 18 11.90 -26.79 -23.69
C SER R 18 11.22 -27.01 -25.07
N ASN R 19 11.43 -28.16 -25.69
CA ASN R 19 10.76 -28.39 -26.95
C ASN R 19 9.46 -29.11 -26.65
N GLY R 20 9.21 -29.31 -25.37
CA GLY R 20 7.97 -29.94 -24.99
C GLY R 20 8.11 -31.41 -24.67
N GLU R 21 9.20 -32.03 -25.08
CA GLU R 21 9.37 -33.43 -24.79
C GLU R 21 9.63 -33.62 -23.32
N VAL R 22 9.30 -34.81 -22.80
CA VAL R 22 9.56 -35.15 -21.41
C VAL R 22 10.12 -36.57 -21.40
N TYR R 23 11.33 -36.76 -20.84
CA TYR R 23 11.99 -38.06 -20.79
C TYR R 23 12.11 -38.58 -19.39
N LYS R 24 11.79 -39.86 -19.21
CA LYS R 24 11.90 -40.49 -17.89
C LYS R 24 12.85 -41.65 -18.06
N GLY R 25 13.76 -41.78 -17.10
CA GLY R 25 14.74 -42.83 -17.18
C GLY R 25 15.71 -42.80 -16.04
N VAL R 26 16.70 -43.66 -16.11
CA VAL R 26 17.74 -43.76 -15.09
C VAL R 26 18.80 -42.64 -15.27
N LEU R 27 19.05 -41.85 -14.22
CA LEU R 27 20.08 -40.80 -14.31
C LEU R 27 21.42 -41.54 -14.40
N HIS R 28 22.00 -41.51 -15.58
CA HIS R 28 23.23 -42.21 -15.86
C HIS R 28 24.47 -41.30 -15.65
N ALA R 29 24.39 -40.01 -16.03
CA ALA R 29 25.53 -39.09 -15.84
C ALA R 29 25.06 -37.64 -15.81
N VAL R 30 25.79 -36.85 -15.04
CA VAL R 30 25.50 -35.42 -14.90
C VAL R 30 26.87 -34.70 -14.80
N ASP R 31 27.07 -33.60 -15.50
CA ASP R 31 28.37 -32.93 -15.37
C ASP R 31 28.20 -31.52 -14.78
N ASN R 32 29.31 -30.80 -14.60
CA ASN R 32 29.22 -29.46 -14.00
C ASN R 32 28.37 -28.51 -14.77
N GLN R 33 28.18 -28.75 -16.05
CA GLN R 33 27.39 -27.84 -16.84
C GLN R 33 25.93 -28.26 -16.86
N LEU R 34 25.63 -29.36 -16.19
CA LEU R 34 24.30 -29.90 -16.08
C LEU R 34 23.83 -30.56 -17.39
N ASN R 35 24.78 -31.10 -18.14
CA ASN R 35 24.41 -31.87 -19.32
C ASN R 35 23.95 -33.13 -18.56
N ILE R 36 22.97 -33.83 -19.12
CA ILE R 36 22.44 -35.04 -18.49
C ILE R 36 22.45 -36.23 -19.45
N VAL R 37 22.72 -37.42 -18.91
CA VAL R 37 22.65 -38.64 -19.72
C VAL R 37 21.60 -39.50 -18.99
N LEU R 38 20.54 -39.89 -19.72
CA LEU R 38 19.51 -40.78 -19.17
C LEU R 38 19.68 -42.14 -19.82
N ALA R 39 19.59 -43.19 -19.03
CA ALA R 39 19.68 -44.59 -19.48
C ALA R 39 18.28 -45.26 -19.45
N ASN R 40 18.04 -46.13 -20.43
CA ASN R 40 16.78 -46.85 -20.54
C ASN R 40 15.67 -45.85 -20.36
N ALA R 41 15.67 -44.85 -21.24
CA ALA R 41 14.71 -43.77 -21.17
C ALA R 41 13.57 -43.87 -22.19
N SER R 42 12.50 -43.10 -21.95
CA SER R 42 11.35 -43.07 -22.84
C SER R 42 10.65 -41.72 -22.75
N ASN R 43 10.02 -41.31 -23.84
CA ASN R 43 9.33 -40.06 -23.85
C ASN R 43 7.86 -40.32 -23.69
N LYS R 44 7.06 -39.28 -23.81
CA LYS R 44 5.62 -39.42 -23.65
C LYS R 44 4.98 -40.31 -24.72
N ALA R 45 5.55 -40.32 -25.91
CA ALA R 45 5.03 -41.10 -27.01
C ALA R 45 5.42 -42.58 -26.89
N GLY R 46 6.02 -42.97 -25.76
CA GLY R 46 6.41 -44.36 -25.58
C GLY R 46 7.68 -44.82 -26.26
N GLU R 47 8.31 -43.95 -27.05
CA GLU R 47 9.56 -44.38 -27.70
C GLU R 47 10.59 -44.65 -26.61
N LYS R 48 11.40 -45.68 -26.82
CA LYS R 48 12.41 -46.04 -25.83
C LYS R 48 13.83 -45.97 -26.41
N PHE R 49 14.78 -45.52 -25.58
CA PHE R 49 16.17 -45.40 -26.00
C PHE R 49 17.13 -45.91 -24.94
N ASN R 50 18.22 -46.55 -25.35
CA ASN R 50 19.20 -47.07 -24.39
C ASN R 50 19.92 -45.89 -23.73
N ARG R 51 20.15 -44.86 -24.54
CA ARG R 51 20.80 -43.65 -24.04
C ARG R 51 20.21 -42.40 -24.65
N VAL R 52 19.99 -41.42 -23.78
CA VAL R 52 19.56 -40.11 -24.26
C VAL R 52 20.59 -39.11 -23.67
N PHE R 53 21.24 -38.36 -24.55
CA PHE R 53 22.22 -37.35 -24.15
C PHE R 53 21.52 -36.02 -24.33
N ILE R 54 21.21 -35.40 -23.22
CA ILE R 54 20.47 -34.15 -23.23
C ILE R 54 21.33 -32.93 -22.99
N TYR R 56 22.43 -29.41 -21.99
CA TYR R 56 21.96 -28.57 -20.88
C TYR R 56 21.13 -27.34 -21.24
N ARG R 57 21.35 -26.69 -22.37
CA ARG R 57 20.54 -25.49 -22.60
C ARG R 57 19.04 -25.72 -22.95
N TYR R 58 18.65 -26.99 -23.12
CA TYR R 58 17.25 -27.26 -23.44
C TYR R 58 16.53 -27.88 -22.24
N ILE R 59 17.25 -28.00 -21.12
CA ILE R 59 16.67 -28.55 -19.92
C ILE R 59 15.95 -27.49 -19.09
N VAL R 60 14.66 -27.69 -18.88
CA VAL R 60 13.88 -26.71 -18.12
C VAL R 60 14.01 -27.15 -16.68
N HIS R 61 13.61 -28.38 -16.42
CA HIS R 61 13.74 -28.85 -15.06
C HIS R 61 13.89 -30.36 -14.96
N ILE R 62 14.35 -30.82 -13.80
CA ILE R 62 14.54 -32.24 -13.54
C ILE R 62 13.75 -32.52 -12.28
N ASP R 63 12.88 -33.53 -12.32
CA ASP R 63 12.00 -33.90 -11.20
C ASP R 63 12.18 -35.30 -10.66
N SER R 64 12.03 -35.42 -9.36
CA SER R 64 12.19 -36.71 -8.72
C SER R 64 11.04 -36.99 -7.78
N THR R 65 10.54 -38.22 -7.82
CA THR R 65 9.46 -38.61 -6.92
C THR R 65 9.98 -39.54 -5.84
N GLU R 66 11.29 -39.71 -5.72
CA GLU R 66 11.83 -40.59 -4.68
C GLU R 66 12.33 -39.76 -3.48
N ARG R 67 12.57 -40.41 -2.34
CA ARG R 67 13.02 -39.70 -1.15
C ARG R 67 14.52 -39.67 -1.01
N ARG R 68 15.19 -40.74 -1.39
CA ARG R 68 16.66 -40.81 -1.37
C ARG R 68 17.45 -39.94 -0.40
N ILE R 69 18.07 -40.57 0.61
CA ILE R 69 18.85 -39.87 1.62
C ILE R 69 20.34 -39.56 1.27
N ASP R 70 20.76 -38.35 1.59
CA ASP R 70 22.11 -37.88 1.28
C ASP R 70 22.95 -37.55 2.53
N ARG R 72 25.82 -36.41 2.78
CA ARG R 72 26.59 -35.18 2.67
C ARG R 72 25.66 -34.06 3.14
N GLU R 73 24.37 -34.14 2.82
CA GLU R 73 23.44 -33.12 3.27
C GLU R 73 23.25 -33.15 4.79
N PHE R 74 23.43 -34.33 5.36
CA PHE R 74 23.32 -34.43 6.80
C PHE R 74 24.56 -33.78 7.43
N ALA R 75 25.72 -33.97 6.79
CA ALA R 75 26.96 -33.41 7.30
C ALA R 75 26.83 -31.87 7.37
N LYS R 76 26.30 -31.27 6.30
CA LYS R 76 26.13 -29.82 6.27
C LYS R 76 25.13 -29.40 7.36
N GLN R 77 24.09 -30.19 7.58
CA GLN R 77 23.14 -29.82 8.63
C GLN R 77 23.79 -29.97 9.98
N ALA R 78 24.52 -31.09 10.14
CA ALA R 78 25.22 -31.37 11.39
C ALA R 78 26.19 -30.27 11.75
N GLU R 79 26.88 -29.75 10.73
CA GLU R 79 27.90 -28.73 10.96
C GLU R 79 27.33 -27.41 11.56
N LYS R 80 26.04 -27.16 11.37
CA LYS R 80 25.41 -25.98 11.93
C LYS R 80 25.10 -26.23 13.39
N ILE R 81 24.96 -27.51 13.78
CA ILE R 81 24.66 -27.90 15.16
C ILE R 81 25.92 -28.19 15.97
N PHE R 82 26.94 -28.77 15.32
CA PHE R 82 28.22 -29.08 15.99
C PHE R 82 29.35 -28.44 15.21
N PRO R 83 29.33 -27.10 15.07
CA PRO R 83 30.36 -26.37 14.32
C PRO R 83 31.78 -26.86 14.68
N GLY R 84 32.56 -27.14 13.63
CA GLY R 84 33.93 -27.60 13.75
C GLY R 84 34.13 -29.08 14.15
N VAL R 86 32.52 -31.85 12.67
CA VAL R 86 31.91 -32.76 11.71
C VAL R 86 32.73 -33.09 10.47
N LYS R 87 32.69 -34.36 10.08
CA LYS R 87 33.39 -34.83 8.89
C LYS R 87 32.52 -35.82 8.16
N TYR R 88 32.40 -35.64 6.86
CA TYR R 88 31.68 -36.59 6.03
C TYR R 88 32.79 -37.52 5.58
N ILE R 89 32.62 -38.82 5.72
CA ILE R 89 33.65 -39.75 5.28
C ILE R 89 33.10 -40.46 4.03
N GLU R 90 33.62 -40.09 2.86
CA GLU R 90 33.14 -40.66 1.61
C GLU R 90 33.44 -42.16 1.58
N GLU R 91 34.61 -42.55 2.08
CA GLU R 91 35.01 -43.94 2.05
C GLU R 91 33.99 -44.90 2.63
N THR R 92 33.26 -44.52 3.67
CA THR R 92 32.28 -45.44 4.27
C THR R 92 30.89 -44.85 4.30
N ASN R 93 30.80 -43.63 3.82
CA ASN R 93 29.54 -42.96 3.75
C ASN R 93 28.91 -42.64 5.12
N VAL R 94 29.72 -42.12 6.03
CA VAL R 94 29.19 -41.70 7.30
C VAL R 94 29.71 -40.29 7.68
N VAL R 95 29.05 -39.75 8.72
CA VAL R 95 29.37 -38.45 9.29
C VAL R 95 29.82 -38.62 10.73
N LEU R 96 31.05 -38.23 10.99
CA LEU R 96 31.58 -38.32 12.31
C LEU R 96 31.30 -37.00 13.02
N ILE R 97 30.61 -37.07 14.15
CA ILE R 97 30.34 -35.87 14.97
C ILE R 97 31.23 -36.06 16.19
N GLY R 98 32.31 -35.28 16.28
CA GLY R 98 33.22 -35.44 17.39
C GLY R 98 34.08 -36.69 17.18
N ASP R 99 34.59 -37.27 18.25
CA ASP R 99 35.46 -38.46 18.13
C ASP R 99 34.76 -39.76 18.48
N LYS R 100 33.50 -39.71 18.93
CA LYS R 100 32.82 -40.92 19.40
C LYS R 100 31.43 -41.13 18.91
N VAL R 101 30.97 -40.26 18.04
CA VAL R 101 29.63 -40.40 17.48
C VAL R 101 29.77 -40.49 15.95
N ARG R 102 29.04 -41.42 15.37
CA ARG R 102 29.07 -41.60 13.93
C ARG R 102 27.71 -41.95 13.46
N VAL R 103 27.31 -41.26 12.42
CA VAL R 103 25.99 -41.41 11.84
C VAL R 103 26.02 -41.99 10.45
N SER R 104 25.30 -43.09 10.26
CA SER R 104 25.23 -43.75 8.97
C SER R 104 23.80 -43.52 8.51
N GLU R 105 23.40 -44.16 7.39
CA GLU R 105 22.04 -44.05 6.82
C GLU R 105 20.98 -44.61 7.74
N ILE R 106 21.39 -45.58 8.55
CA ILE R 106 20.44 -46.18 9.47
C ILE R 106 20.40 -45.45 10.81
N GLY R 107 21.21 -44.37 10.96
CA GLY R 107 21.17 -43.63 12.21
C GLY R 107 22.43 -43.45 13.02
N VAL R 108 22.25 -42.96 14.24
CA VAL R 108 23.34 -42.64 15.16
C VAL R 108 23.89 -43.78 16.00
N GLU R 109 25.20 -43.76 16.22
CA GLU R 109 25.90 -44.73 17.07
C GLU R 109 26.75 -43.89 17.98
N GLY R 110 26.63 -44.15 19.29
CA GLY R 110 27.42 -43.41 20.26
C GLY R 110 26.58 -43.11 21.48
N VAL R 111 27.24 -42.71 22.54
CA VAL R 111 26.48 -42.44 23.76
C VAL R 111 26.62 -41.02 24.27
N GLY R 112 25.70 -40.64 25.15
CA GLY R 112 25.75 -39.31 25.73
C GLY R 112 24.92 -38.22 25.05
N PRO R 113 25.03 -36.99 25.57
CA PRO R 113 24.36 -35.78 25.13
C PRO R 113 24.60 -35.49 23.65
N VAL R 114 25.85 -35.65 23.21
CA VAL R 114 26.16 -35.41 21.81
C VAL R 114 25.41 -36.43 20.97
N ALA R 115 25.35 -37.68 21.43
CA ALA R 115 24.66 -38.73 20.66
C ALA R 115 23.18 -38.42 20.62
N GLU R 116 22.64 -37.96 21.73
CA GLU R 116 21.23 -37.64 21.80
C GLU R 116 20.88 -36.42 20.96
N ARG R 117 21.75 -35.42 20.96
CA ARG R 117 21.55 -34.23 20.12
C ARG R 117 21.64 -34.72 18.65
N ALA R 118 22.55 -35.64 18.36
CA ALA R 118 22.65 -36.15 16.99
C ALA R 118 21.39 -36.92 16.53
N LYS R 119 20.79 -37.71 17.44
CA LYS R 119 19.59 -38.51 17.10
C LYS R 119 18.42 -37.60 16.77
N ARG R 120 18.28 -36.54 17.54
CA ARG R 120 17.21 -35.58 17.30
C ARG R 120 17.46 -35.01 15.89
N LEU R 121 18.71 -34.62 15.62
CA LEU R 121 19.03 -34.05 14.33
C LEU R 121 18.70 -35.03 13.20
N PHE R 122 19.14 -36.29 13.33
CA PHE R 122 18.91 -37.29 12.30
C PHE R 122 17.45 -37.60 12.05
N GLU R 123 16.63 -37.50 13.09
CA GLU R 123 15.22 -37.75 12.93
C GLU R 123 14.58 -36.63 12.11
N GLU R 124 14.92 -35.39 12.43
CA GLU R 124 14.40 -34.22 11.70
C GLU R 124 14.90 -34.25 10.23
N PHE R 125 16.13 -34.71 10.05
CA PHE R 125 16.74 -34.82 8.73
C PHE R 125 15.86 -35.71 7.84
N LEU R 126 15.51 -36.91 8.32
CA LEU R 126 14.65 -37.81 7.58
C LEU R 126 13.36 -37.07 7.21
N LYS R 127 13.25 -35.81 7.63
CA LYS R 127 12.11 -34.95 7.30
C LYS R 127 10.76 -35.61 7.52
N PHE S 1 28.92 -34.47 -22.41
CA PHE S 1 29.13 -35.92 -22.81
C PHE S 1 29.93 -36.15 -24.11
N VAL S 2 30.96 -35.34 -24.33
CA VAL S 2 31.80 -35.53 -25.49
C VAL S 2 32.39 -36.95 -25.56
N ALA S 3 32.89 -37.45 -24.44
CA ALA S 3 33.51 -38.76 -24.39
C ALA S 3 32.59 -39.91 -24.80
N GLU S 4 31.40 -39.95 -24.23
CA GLU S 4 30.40 -40.97 -24.54
C GLU S 4 29.98 -40.93 -26.01
N LEU S 5 29.86 -39.75 -26.59
CA LEU S 5 29.46 -39.70 -27.99
C LEU S 5 30.62 -40.18 -28.82
N ASN S 6 31.83 -39.93 -28.35
CA ASN S 6 32.96 -40.38 -29.12
C ASN S 6 32.98 -41.90 -29.24
N ASN S 7 32.39 -42.54 -28.25
CA ASN S 7 32.30 -43.99 -28.23
C ASN S 7 31.31 -44.53 -29.28
N LEU S 8 30.36 -43.68 -29.70
CA LEU S 8 29.35 -44.00 -30.70
C LEU S 8 29.71 -43.55 -32.13
N LEU S 9 30.94 -43.08 -32.36
CA LEU S 9 31.36 -42.66 -33.70
C LEU S 9 31.21 -43.88 -34.64
N GLY S 10 30.59 -43.71 -35.81
CA GLY S 10 30.40 -44.86 -36.69
C GLY S 10 29.09 -45.63 -36.42
N ARG S 11 28.39 -45.29 -35.35
CA ARG S 11 27.12 -45.96 -35.04
C ARG S 11 25.96 -45.05 -35.43
N GLU S 12 24.77 -45.63 -35.53
CA GLU S 12 23.63 -44.83 -35.90
C GLU S 12 23.11 -44.11 -34.70
N VAL S 13 22.69 -42.87 -34.87
CA VAL S 13 22.11 -42.15 -33.77
C VAL S 13 21.07 -41.26 -34.34
N GLN S 14 20.29 -40.67 -33.45
CA GLN S 14 19.22 -39.77 -33.81
C GLN S 14 19.50 -38.44 -33.11
N VAL S 15 19.33 -37.33 -33.84
CA VAL S 15 19.55 -36.02 -33.26
C VAL S 15 18.35 -35.18 -33.47
N VAL S 16 17.81 -34.72 -32.37
CA VAL S 16 16.60 -33.91 -32.32
C VAL S 16 16.94 -32.44 -32.18
N LEU S 17 16.51 -31.66 -33.18
CA LEU S 17 16.75 -30.23 -33.23
C LEU S 17 15.59 -29.37 -32.72
N SER S 18 15.89 -28.13 -32.33
CA SER S 18 14.89 -27.25 -31.79
C SER S 18 13.91 -26.66 -32.80
N ASN S 19 14.17 -26.81 -34.09
CA ASN S 19 13.24 -26.31 -35.10
C ASN S 19 12.20 -27.42 -35.40
N GLY S 20 12.30 -28.53 -34.69
CA GLY S 20 11.37 -29.61 -34.89
C GLY S 20 11.87 -30.80 -35.71
N GLU S 21 13.00 -30.68 -36.39
CA GLU S 21 13.49 -31.81 -37.17
C GLU S 21 14.22 -32.83 -36.33
N VAL S 22 14.28 -34.04 -36.87
CA VAL S 22 14.97 -35.15 -36.26
C VAL S 22 15.78 -35.76 -37.38
N TYR S 23 17.10 -35.92 -37.20
CA TYR S 23 17.91 -36.51 -38.25
C TYR S 23 18.45 -37.78 -37.68
N LYS S 24 18.48 -38.82 -38.51
CA LYS S 24 18.99 -40.12 -38.11
C LYS S 24 20.09 -40.52 -39.09
N GLY S 25 21.22 -40.98 -38.56
CA GLY S 25 22.34 -41.37 -39.40
C GLY S 25 23.54 -41.83 -38.59
N VAL S 26 24.64 -42.10 -39.29
CA VAL S 26 25.85 -42.53 -38.62
C VAL S 26 26.55 -41.30 -37.97
N LEU S 27 27.01 -41.47 -36.73
CA LEU S 27 27.70 -40.36 -36.06
C LEU S 27 29.11 -40.34 -36.69
N HIS S 28 29.40 -39.23 -37.36
CA HIS S 28 30.65 -39.06 -38.08
C HIS S 28 31.74 -38.25 -37.37
N ALA S 29 31.33 -37.22 -36.63
CA ALA S 29 32.25 -36.35 -35.90
C ALA S 29 31.53 -35.64 -34.77
N VAL S 30 32.22 -35.48 -33.64
CA VAL S 30 31.71 -34.77 -32.45
C VAL S 30 32.87 -33.88 -31.98
N ASP S 31 32.65 -32.60 -31.72
CA ASP S 31 33.79 -31.82 -31.22
C ASP S 31 33.52 -31.40 -29.76
N ASN S 32 34.48 -30.73 -29.13
CA ASN S 32 34.32 -30.34 -27.73
C ASN S 32 33.09 -29.48 -27.46
N GLN S 33 32.68 -28.69 -28.45
CA GLN S 33 31.52 -27.85 -28.25
C GLN S 33 30.23 -28.63 -28.57
N LEU S 34 30.39 -29.90 -28.91
CA LEU S 34 29.25 -30.73 -29.21
C LEU S 34 28.55 -30.41 -30.53
N ASN S 35 29.29 -29.85 -31.49
CA ASN S 35 28.75 -29.66 -32.81
C ASN S 35 28.74 -31.10 -33.31
N ILE S 36 27.89 -31.40 -34.28
CA ILE S 36 27.80 -32.77 -34.74
C ILE S 36 27.72 -32.96 -36.25
N VAL S 37 28.45 -33.96 -36.71
CA VAL S 37 28.37 -34.28 -38.13
C VAL S 37 27.75 -35.69 -38.27
N LEU S 38 26.74 -35.81 -39.12
CA LEU S 38 26.12 -37.11 -39.38
C LEU S 38 26.34 -37.45 -40.84
N ALA S 39 26.67 -38.71 -41.08
CA ALA S 39 26.89 -39.23 -42.45
C ALA S 39 25.62 -40.01 -42.92
N ASN S 40 25.21 -39.85 -44.19
CA ASN S 40 24.04 -40.58 -44.71
C ASN S 40 22.81 -40.49 -43.81
N ALA S 41 22.41 -39.27 -43.49
CA ALA S 41 21.30 -39.05 -42.59
C ALA S 41 20.07 -38.55 -43.31
N SER S 42 18.91 -38.83 -42.70
CA SER S 42 17.64 -38.38 -43.24
C SER S 42 16.76 -37.87 -42.12
N ASN S 43 15.82 -37.04 -42.50
CA ASN S 43 14.92 -36.48 -41.56
C ASN S 43 13.61 -37.19 -41.78
N LYS S 44 12.60 -36.77 -41.04
CA LYS S 44 11.30 -37.40 -41.12
C LYS S 44 10.59 -37.18 -42.47
N ALA S 45 10.87 -36.07 -43.14
CA ALA S 45 10.29 -35.78 -44.44
C ALA S 45 10.90 -36.72 -45.49
N GLY S 46 11.76 -37.65 -45.06
CA GLY S 46 12.40 -38.55 -46.01
C GLY S 46 13.60 -37.99 -46.81
N GLU S 47 13.91 -36.69 -46.69
CA GLU S 47 15.09 -36.16 -47.42
C GLU S 47 16.34 -36.84 -46.85
N LYS S 48 17.29 -37.18 -47.72
CA LYS S 48 18.52 -37.85 -47.26
C LYS S 48 19.78 -37.08 -47.70
N PHE S 49 20.84 -37.07 -46.88
CA PHE S 49 22.05 -36.32 -47.26
C PHE S 49 23.33 -37.03 -46.92
N ASN S 50 24.33 -36.88 -47.75
CA ASN S 50 25.61 -37.52 -47.49
C ASN S 50 26.20 -36.96 -46.17
N ARG S 51 26.04 -35.67 -45.92
CA ARG S 51 26.56 -35.09 -44.66
C ARG S 51 25.60 -34.05 -44.14
N VAL S 52 25.42 -34.05 -42.82
CA VAL S 52 24.60 -33.03 -42.18
C VAL S 52 25.51 -32.47 -41.03
N PHE S 53 25.75 -31.17 -41.10
CA PHE S 53 26.58 -30.48 -40.13
C PHE S 53 25.60 -29.73 -39.26
N ILE S 54 25.49 -30.18 -38.02
CA ILE S 54 24.56 -29.64 -37.05
C ILE S 54 25.17 -28.73 -35.96
N TYR S 56 25.74 -26.85 -32.70
CA TYR S 56 25.40 -27.23 -31.37
C TYR S 56 24.26 -26.46 -30.67
N ARG S 57 24.08 -25.17 -30.98
CA ARG S 57 23.07 -24.31 -30.33
C ARG S 57 21.64 -24.82 -30.51
N TYR S 58 21.43 -25.57 -31.60
CA TYR S 58 20.11 -26.15 -31.99
C TYR S 58 19.86 -27.62 -31.63
N ILE S 59 20.85 -28.29 -31.00
CA ILE S 59 20.67 -29.66 -30.60
C ILE S 59 20.01 -29.78 -29.21
N VAL S 60 18.85 -30.44 -29.17
CA VAL S 60 18.15 -30.66 -27.92
C VAL S 60 18.73 -31.90 -27.28
N HIS S 61 18.75 -32.99 -28.04
CA HIS S 61 19.32 -34.23 -27.53
C HIS S 61 19.74 -35.22 -28.62
N ILE S 62 20.53 -36.21 -28.20
CA ILE S 62 21.03 -37.26 -29.10
C ILE S 62 20.66 -38.60 -28.46
N ASP S 63 19.99 -39.44 -29.24
CA ASP S 63 19.47 -40.73 -28.78
C ASP S 63 20.09 -41.91 -29.48
N SER S 64 20.41 -42.93 -28.70
CA SER S 64 21.02 -44.15 -29.18
C SER S 64 20.10 -45.30 -28.80
N THR S 65 19.98 -46.31 -29.66
CA THR S 65 19.18 -47.49 -29.32
C THR S 65 20.06 -48.72 -29.25
N GLU S 66 21.36 -48.54 -29.40
CA GLU S 66 22.28 -49.67 -29.35
C GLU S 66 23.00 -49.66 -28.03
N ARG S 67 23.50 -50.82 -27.64
CA ARG S 67 24.24 -50.95 -26.41
C ARG S 67 25.66 -51.10 -26.91
N ARG S 68 26.56 -50.17 -26.59
CA ARG S 68 27.93 -50.25 -27.08
C ARG S 68 29.01 -50.27 -26.01
N ILE S 69 29.57 -51.45 -25.72
CA ILE S 69 30.63 -51.58 -24.72
C ILE S 69 31.69 -50.46 -24.85
N ASP S 70 31.91 -49.74 -23.76
CA ASP S 70 32.90 -48.66 -23.73
C ASP S 70 33.93 -49.07 -22.68
N ARG S 72 36.57 -47.59 -21.73
CA ARG S 72 37.01 -46.45 -20.91
C ARG S 72 36.08 -46.35 -19.72
N GLU S 73 34.80 -46.55 -19.96
CA GLU S 73 33.84 -46.49 -18.88
C GLU S 73 34.13 -47.63 -17.88
N PHE S 74 34.47 -48.80 -18.42
CA PHE S 74 34.79 -49.93 -17.56
C PHE S 74 35.99 -49.53 -16.73
N ALA S 75 36.98 -48.88 -17.35
CA ALA S 75 38.14 -48.51 -16.55
C ALA S 75 37.72 -47.53 -15.44
N LYS S 76 36.77 -46.65 -15.70
CA LYS S 76 36.39 -45.73 -14.60
C LYS S 76 35.78 -46.50 -13.44
N GLN S 77 34.95 -47.48 -13.77
CA GLN S 77 34.33 -48.30 -12.73
C GLN S 77 35.34 -49.15 -11.99
N ALA S 78 36.28 -49.68 -12.74
CA ALA S 78 37.31 -50.51 -12.14
C ALA S 78 38.17 -49.76 -11.12
N GLU S 79 38.51 -48.52 -11.43
CA GLU S 79 39.34 -47.68 -10.57
C GLU S 79 38.70 -47.52 -9.16
N LYS S 80 37.38 -47.53 -9.10
CA LYS S 80 36.69 -47.44 -7.82
C LYS S 80 36.73 -48.79 -7.06
N ILE S 81 37.07 -49.88 -7.75
CA ILE S 81 37.11 -51.18 -7.10
C ILE S 81 38.54 -51.54 -6.81
N PHE S 82 39.44 -51.19 -7.71
CA PHE S 82 40.87 -51.46 -7.55
C PHE S 82 41.64 -50.15 -7.62
N PRO S 83 41.39 -49.24 -6.66
CA PRO S 83 42.11 -47.97 -6.67
C PRO S 83 43.62 -48.05 -6.90
N GLY S 84 44.10 -47.22 -7.80
CA GLY S 84 45.51 -47.15 -8.08
C GLY S 84 46.04 -48.33 -8.87
N VAL S 86 44.39 -49.48 -11.90
CA VAL S 86 43.68 -49.56 -13.17
C VAL S 86 44.32 -48.68 -14.23
N LYS S 87 44.31 -49.19 -15.46
CA LYS S 87 44.91 -48.49 -16.61
C LYS S 87 44.13 -48.89 -17.86
N TYR S 88 43.63 -47.90 -18.61
CA TYR S 88 42.96 -48.18 -19.88
C TYR S 88 44.10 -48.09 -20.84
N ILE S 89 44.17 -49.02 -21.79
CA ILE S 89 45.26 -49.03 -22.78
C ILE S 89 44.58 -48.83 -24.13
N GLU S 90 44.65 -47.60 -24.62
CA GLU S 90 44.02 -47.25 -25.88
C GLU S 90 44.62 -48.07 -27.02
N GLU S 91 45.91 -48.39 -26.97
CA GLU S 91 46.53 -49.14 -28.05
C GLU S 91 45.85 -50.47 -28.42
N THR S 92 45.36 -51.21 -27.43
CA THR S 92 44.70 -52.47 -27.74
C THR S 92 43.27 -52.46 -27.21
N ASN S 93 42.84 -51.33 -26.70
CA ASN S 93 41.52 -51.17 -26.14
C ASN S 93 41.14 -52.14 -25.01
N VAL S 94 42.06 -52.37 -24.05
CA VAL S 94 41.76 -53.24 -22.90
C VAL S 94 42.05 -52.47 -21.60
N VAL S 95 41.69 -53.09 -20.48
CA VAL S 95 41.88 -52.53 -19.14
C VAL S 95 42.80 -53.48 -18.32
N LEU S 96 43.92 -52.96 -17.84
CA LEU S 96 44.84 -53.77 -17.04
C LEU S 96 44.56 -53.50 -15.58
N ILE S 97 44.21 -54.55 -14.85
CA ILE S 97 43.92 -54.44 -13.42
C ILE S 97 45.08 -55.12 -12.77
N GLY S 98 46.02 -54.31 -12.33
CA GLY S 98 47.17 -54.88 -11.72
C GLY S 98 48.08 -55.34 -12.83
N ASP S 99 49.03 -56.18 -12.45
CA ASP S 99 50.01 -56.71 -13.37
C ASP S 99 49.65 -58.00 -14.10
N LYS S 100 48.57 -58.67 -13.73
CA LYS S 100 48.27 -59.95 -14.35
C LYS S 100 46.84 -60.21 -14.72
N VAL S 101 45.97 -59.22 -14.63
CA VAL S 101 44.58 -59.42 -14.99
C VAL S 101 44.25 -58.40 -16.10
N ARG S 102 43.81 -58.87 -17.27
CA ARG S 102 43.44 -57.94 -18.33
C ARG S 102 42.03 -58.16 -18.76
N VAL S 103 41.32 -57.07 -18.98
CA VAL S 103 39.92 -57.12 -19.37
C VAL S 103 39.72 -56.53 -20.77
N SER S 104 39.12 -57.31 -21.68
CA SER S 104 38.80 -56.88 -23.04
C SER S 104 37.28 -56.76 -23.11
N GLU S 105 36.75 -56.37 -24.26
CA GLU S 105 35.30 -56.27 -24.43
C GLU S 105 34.68 -57.66 -24.42
N ILE S 106 35.53 -58.68 -24.39
CA ILE S 106 35.02 -60.04 -24.38
C ILE S 106 35.07 -60.76 -23.00
N GLY S 107 35.69 -60.10 -22.01
CA GLY S 107 35.78 -60.69 -20.69
C GLY S 107 37.11 -60.54 -20.01
N VAL S 108 37.23 -61.16 -18.84
CA VAL S 108 38.42 -61.09 -18.02
C VAL S 108 39.41 -62.23 -18.24
N GLU S 109 40.69 -61.91 -18.30
CA GLU S 109 41.72 -62.93 -18.46
C GLU S 109 42.63 -62.81 -17.24
N GLY S 110 42.95 -63.93 -16.61
CA GLY S 110 43.80 -63.93 -15.43
C GLY S 110 43.17 -64.78 -14.33
N VAL S 111 43.93 -65.12 -13.30
CA VAL S 111 43.34 -65.92 -12.23
C VAL S 111 43.45 -65.32 -10.85
N GLY S 112 42.78 -65.99 -9.90
CA GLY S 112 42.81 -65.57 -8.51
C GLY S 112 41.70 -64.64 -8.08
N PRO S 113 41.81 -64.07 -6.86
CA PRO S 113 40.90 -63.13 -6.20
C PRO S 113 40.66 -61.85 -7.04
N VAL S 114 41.73 -61.30 -7.58
CA VAL S 114 41.62 -60.08 -8.40
C VAL S 114 40.72 -60.36 -9.60
N ALA S 115 41.02 -61.44 -10.30
CA ALA S 115 40.23 -61.79 -11.46
C ALA S 115 38.76 -62.16 -11.16
N GLU S 116 38.51 -62.76 -10.00
CA GLU S 116 37.15 -63.17 -9.60
C GLU S 116 36.30 -61.92 -9.36
N ARG S 117 36.90 -60.95 -8.68
CA ARG S 117 36.21 -59.67 -8.41
C ARG S 117 36.00 -58.95 -9.75
N ALA S 118 37.06 -58.91 -10.56
CA ALA S 118 36.95 -58.25 -11.85
C ALA S 118 35.88 -58.96 -12.71
N LYS S 119 35.78 -60.28 -12.63
CA LYS S 119 34.75 -60.98 -13.41
C LYS S 119 33.34 -60.52 -13.01
N ARG S 120 33.06 -60.43 -11.72
CA ARG S 120 31.75 -59.96 -11.26
C ARG S 120 31.51 -58.50 -11.70
N LEU S 121 32.55 -57.66 -11.65
CA LEU S 121 32.39 -56.28 -12.07
C LEU S 121 32.08 -56.21 -13.54
N PHE S 122 32.67 -57.09 -14.35
CA PHE S 122 32.38 -57.07 -15.79
C PHE S 122 30.95 -57.52 -16.07
N GLU S 123 30.54 -58.57 -15.39
CA GLU S 123 29.19 -59.10 -15.56
C GLU S 123 28.18 -57.95 -15.43
N GLU S 124 28.32 -57.21 -14.33
CA GLU S 124 27.41 -56.11 -14.05
C GLU S 124 27.53 -55.01 -15.09
N PHE S 125 28.77 -54.64 -15.39
CA PHE S 125 29.07 -53.60 -16.35
C PHE S 125 28.32 -53.87 -17.66
N LEU S 126 28.26 -55.14 -18.06
CA LEU S 126 27.59 -55.49 -19.31
C LEU S 126 26.09 -55.34 -19.33
N LYS S 127 25.44 -55.58 -18.18
CA LYS S 127 24.00 -55.46 -18.12
C LYS S 127 23.62 -53.99 -18.14
N PHE T 1 33.07 -27.77 -37.19
CA PHE T 1 33.39 -28.35 -38.53
C PHE T 1 33.79 -27.29 -39.58
N VAL T 2 34.55 -26.30 -39.14
CA VAL T 2 35.03 -25.27 -40.02
C VAL T 2 35.92 -25.94 -41.07
N ALA T 3 36.73 -26.89 -40.65
CA ALA T 3 37.59 -27.59 -41.59
C ALA T 3 36.80 -28.41 -42.63
N GLU T 4 35.72 -29.09 -42.23
CA GLU T 4 34.97 -29.88 -43.20
C GLU T 4 34.22 -28.95 -44.18
N LEU T 5 33.69 -27.83 -43.67
CA LEU T 5 32.97 -26.94 -44.57
C LEU T 5 33.95 -26.31 -45.53
N ASN T 6 35.19 -26.13 -45.07
CA ASN T 6 36.16 -25.55 -45.94
C ASN T 6 36.45 -26.41 -47.14
N ASN T 7 36.38 -27.73 -46.96
CA ASN T 7 36.63 -28.64 -48.06
C ASN T 7 35.51 -28.54 -49.11
N LEU T 8 34.37 -27.94 -48.75
CA LEU T 8 33.22 -27.79 -49.68
C LEU T 8 33.03 -26.42 -50.32
N LEU T 9 34.01 -25.51 -50.15
CA LEU T 9 33.90 -24.19 -50.75
C LEU T 9 33.83 -24.47 -52.23
N GLY T 10 33.01 -23.69 -52.96
CA GLY T 10 32.90 -23.96 -54.39
C GLY T 10 31.81 -24.99 -54.67
N ARG T 11 31.29 -25.67 -53.66
CA ARG T 11 30.24 -26.65 -53.87
C ARG T 11 28.90 -26.15 -53.38
N GLU T 12 27.86 -26.84 -53.85
CA GLU T 12 26.51 -26.56 -53.47
C GLU T 12 26.23 -27.16 -52.12
N VAL T 13 25.51 -26.40 -51.28
CA VAL T 13 25.07 -26.88 -50.00
C VAL T 13 23.72 -26.28 -49.76
N GLN T 14 23.08 -26.78 -48.72
CA GLN T 14 21.83 -26.28 -48.30
C GLN T 14 22.03 -25.84 -46.84
N VAL T 15 21.49 -24.67 -46.49
CA VAL T 15 21.59 -24.17 -45.11
C VAL T 15 20.18 -23.91 -44.57
N VAL T 16 19.86 -24.59 -43.47
CA VAL T 16 18.58 -24.51 -42.79
C VAL T 16 18.65 -23.52 -41.63
N LEU T 17 17.81 -22.48 -41.70
CA LEU T 17 17.77 -21.42 -40.73
C LEU T 17 16.62 -21.60 -39.73
N SER T 18 16.80 -21.07 -38.52
CA SER T 18 15.82 -21.24 -37.48
C SER T 18 14.50 -20.49 -37.69
N ASN T 19 14.42 -19.63 -38.71
CA ASN T 19 13.19 -18.91 -38.97
C ASN T 19 12.40 -19.67 -40.03
N GLY T 20 12.88 -20.86 -40.37
CA GLY T 20 12.20 -21.71 -41.33
C GLY T 20 12.73 -21.68 -42.76
N GLU T 21 13.44 -20.61 -43.15
CA GLU T 21 13.97 -20.55 -44.48
C GLU T 21 15.04 -21.61 -44.70
N VAL T 22 15.19 -21.97 -45.97
CA VAL T 22 16.18 -22.92 -46.41
C VAL T 22 16.83 -22.30 -47.65
N TYR T 23 18.13 -22.03 -47.61
CA TYR T 23 18.81 -21.47 -48.78
C TYR T 23 19.78 -22.47 -49.41
N LYS T 24 19.79 -22.49 -50.74
CA LYS T 24 20.65 -23.40 -51.48
C LYS T 24 21.58 -22.56 -52.31
N GLY T 25 22.83 -22.96 -52.42
CA GLY T 25 23.77 -22.18 -53.22
C GLY T 25 25.19 -22.69 -53.08
N VAL T 26 26.12 -22.02 -53.75
CA VAL T 26 27.50 -22.41 -53.69
C VAL T 26 28.11 -21.86 -52.38
N LEU T 27 28.76 -22.73 -51.61
CA LEU T 27 29.37 -22.33 -50.35
C LEU T 27 30.48 -21.40 -50.81
N HIS T 28 30.36 -20.12 -50.46
CA HIS T 28 31.32 -19.16 -50.91
C HIS T 28 32.38 -18.76 -49.89
N ALA T 29 31.99 -18.70 -48.61
CA ALA T 29 32.89 -18.33 -47.51
C ALA T 29 32.34 -18.95 -46.24
N VAL T 30 33.25 -19.29 -45.31
CA VAL T 30 32.88 -19.85 -44.02
C VAL T 30 33.99 -19.40 -43.04
N ASP T 31 33.65 -18.75 -41.92
CA ASP T 31 34.73 -18.32 -41.00
C ASP T 31 34.77 -19.23 -39.79
N ASN T 32 35.60 -18.87 -38.78
CA ASN T 32 35.75 -19.68 -37.58
C ASN T 32 34.47 -19.68 -36.75
N GLN T 33 33.66 -18.65 -36.89
CA GLN T 33 32.44 -18.63 -36.10
C GLN T 33 31.28 -19.30 -36.81
N LEU T 34 31.56 -19.78 -38.03
CA LEU T 34 30.56 -20.46 -38.83
C LEU T 34 29.51 -19.55 -39.41
N ASN T 35 29.88 -18.28 -39.66
CA ASN T 35 29.00 -17.39 -40.41
C ASN T 35 29.25 -17.99 -41.82
N ILE T 36 28.24 -17.92 -42.68
CA ILE T 36 28.32 -18.56 -44.01
C ILE T 36 27.86 -17.60 -45.09
N VAL T 37 28.60 -17.55 -46.19
CA VAL T 37 28.25 -16.71 -47.32
C VAL T 37 27.97 -17.70 -48.49
N LEU T 38 26.79 -17.54 -49.08
CA LEU T 38 26.38 -18.33 -50.24
C LEU T 38 26.40 -17.42 -51.48
N ALA T 39 26.74 -18.01 -52.61
CA ALA T 39 26.80 -17.31 -53.89
C ALA T 39 25.68 -17.92 -54.78
N ASN T 40 24.98 -17.08 -55.57
CA ASN T 40 23.92 -17.57 -56.45
C ASN T 40 23.04 -18.55 -55.70
N ALA T 41 22.42 -18.02 -54.65
CA ALA T 41 21.63 -18.78 -53.74
C ALA T 41 20.19 -18.55 -54.02
N SER T 42 19.35 -19.43 -53.52
CA SER T 42 17.91 -19.27 -53.69
C SER T 42 17.23 -19.89 -52.51
N ASN T 43 16.02 -19.40 -52.20
CA ASN T 43 15.26 -19.95 -51.09
C ASN T 43 14.10 -20.77 -51.65
N LYS T 44 13.29 -21.34 -50.76
CA LYS T 44 12.19 -22.19 -51.18
C LYS T 44 11.18 -21.53 -52.12
N ALA T 45 10.85 -20.27 -51.85
CA ALA T 45 9.90 -19.52 -52.68
C ALA T 45 10.45 -19.19 -54.04
N GLY T 46 11.71 -19.57 -54.26
CA GLY T 46 12.30 -19.31 -55.56
C GLY T 46 13.03 -18.00 -55.72
N GLU T 47 13.15 -17.18 -54.69
CA GLU T 47 13.89 -15.94 -54.88
C GLU T 47 15.39 -16.26 -55.04
N LYS T 48 16.09 -15.50 -55.88
CA LYS T 48 17.49 -15.75 -56.15
C LYS T 48 18.31 -14.54 -55.76
N PHE T 49 19.49 -14.81 -55.22
CA PHE T 49 20.35 -13.72 -54.80
C PHE T 49 21.77 -14.00 -55.21
N ASN T 50 22.53 -12.96 -55.55
CA ASN T 50 23.92 -13.17 -55.94
C ASN T 50 24.76 -13.55 -54.67
N ARG T 51 24.43 -12.96 -53.52
CA ARG T 51 25.12 -13.29 -52.28
C ARG T 51 24.16 -13.33 -51.11
N VAL T 52 24.26 -14.36 -50.28
CA VAL T 52 23.47 -14.36 -49.09
C VAL T 52 24.44 -14.49 -47.89
N PHE T 53 24.44 -13.50 -46.99
CA PHE T 53 25.32 -13.49 -45.81
C PHE T 53 24.52 -14.01 -44.62
N ILE T 54 24.87 -15.19 -44.16
CA ILE T 54 24.13 -15.83 -43.10
C ILE T 54 24.75 -15.82 -41.71
N TYR T 56 25.69 -16.77 -38.16
CA TYR T 56 25.79 -18.09 -37.53
C TYR T 56 24.74 -18.41 -36.49
N ARG T 57 24.29 -17.42 -35.73
CA ARG T 57 23.32 -17.65 -34.67
C ARG T 57 21.99 -18.29 -35.15
N TYR T 58 21.64 -18.04 -36.40
CA TYR T 58 20.40 -18.57 -36.94
C TYR T 58 20.55 -19.84 -37.77
N ILE T 59 21.77 -20.35 -37.86
CA ILE T 59 22.00 -21.55 -38.64
C ILE T 59 21.76 -22.82 -37.82
N VAL T 60 20.78 -23.64 -38.25
CA VAL T 60 20.47 -24.85 -37.53
C VAL T 60 21.40 -25.94 -38.00
N HIS T 61 21.49 -26.09 -39.31
CA HIS T 61 22.40 -27.09 -39.88
C HIS T 61 22.64 -26.82 -41.38
N ILE T 62 23.67 -27.47 -41.89
CA ILE T 62 24.07 -27.28 -43.25
C ILE T 62 24.14 -28.67 -43.82
N ASP T 63 23.64 -28.85 -45.04
CA ASP T 63 23.62 -30.17 -45.66
C ASP T 63 24.27 -30.23 -47.05
N SER T 64 24.95 -31.33 -47.27
CA SER T 64 25.63 -31.59 -48.53
C SER T 64 25.24 -32.97 -49.06
N THR T 65 24.93 -33.04 -50.36
CA THR T 65 24.61 -34.32 -50.95
C THR T 65 25.79 -34.84 -51.76
N GLU T 66 26.73 -33.96 -52.08
CA GLU T 66 27.90 -34.38 -52.84
C GLU T 66 28.77 -35.24 -51.93
N ARG T 67 30.01 -35.44 -52.36
CA ARG T 67 30.99 -36.20 -51.60
C ARG T 67 32.31 -35.84 -52.22
N ARG T 68 32.90 -34.76 -51.72
CA ARG T 68 34.18 -34.29 -52.21
C ARG T 68 35.23 -35.04 -51.43
N ILE T 69 36.36 -35.33 -52.09
CA ILE T 69 37.46 -36.06 -51.49
C ILE T 69 38.41 -35.15 -50.72
N ASP T 70 38.43 -35.31 -49.39
CA ASP T 70 39.28 -34.50 -48.52
C ASP T 70 40.57 -35.26 -48.15
N ARG T 72 42.98 -34.16 -46.47
CA ARG T 72 43.40 -33.89 -45.10
C ARG T 72 42.79 -34.94 -44.22
N GLU T 73 41.53 -35.30 -44.52
CA GLU T 73 40.87 -36.30 -43.71
C GLU T 73 41.56 -37.64 -43.93
N PHE T 74 42.08 -37.88 -45.15
CA PHE T 74 42.76 -39.15 -45.38
C PHE T 74 44.05 -39.15 -44.55
N ALA T 75 44.77 -38.02 -44.55
CA ALA T 75 45.98 -37.86 -43.77
C ALA T 75 45.70 -38.21 -42.29
N LYS T 76 44.61 -37.66 -41.75
CA LYS T 76 44.26 -37.96 -40.35
C LYS T 76 44.09 -39.43 -40.15
N GLN T 77 43.40 -40.12 -41.09
CA GLN T 77 43.18 -41.57 -40.97
C GLN T 77 44.46 -42.37 -41.14
N ALA T 78 45.30 -41.90 -42.05
CA ALA T 78 46.57 -42.56 -42.31
C ALA T 78 47.52 -42.47 -41.11
N GLU T 79 47.37 -41.40 -40.32
CA GLU T 79 48.24 -41.21 -39.16
C GLU T 79 47.93 -42.32 -38.16
N LYS T 80 46.66 -42.74 -38.09
CA LYS T 80 46.26 -43.83 -37.19
C LYS T 80 46.96 -45.12 -37.60
N ILE T 81 47.22 -45.30 -38.89
CA ILE T 81 47.85 -46.52 -39.38
C ILE T 81 49.36 -46.46 -39.48
N PHE T 82 49.93 -45.31 -39.86
CA PHE T 82 51.39 -45.21 -39.98
C PHE T 82 51.84 -44.05 -39.11
N PRO T 83 51.67 -44.19 -37.78
CA PRO T 83 52.04 -43.14 -36.81
C PRO T 83 53.42 -42.58 -37.00
N GLY T 84 53.50 -41.25 -37.01
CA GLY T 84 54.77 -40.56 -37.19
C GLY T 84 55.34 -40.51 -38.61
N VAL T 86 53.27 -39.77 -41.46
CA VAL T 86 52.33 -39.14 -42.36
C VAL T 86 52.36 -37.61 -42.39
N LYS T 87 52.31 -37.09 -43.60
CA LYS T 87 52.34 -35.67 -43.88
C LYS T 87 51.40 -35.31 -45.02
N TYR T 88 50.56 -34.31 -44.78
CA TYR T 88 49.66 -33.80 -45.80
C TYR T 88 50.46 -32.65 -46.44
N ILE T 89 50.45 -32.56 -47.76
CA ILE T 89 51.23 -31.56 -48.45
C ILE T 89 50.24 -30.67 -49.18
N GLU T 90 49.92 -29.52 -48.57
CA GLU T 90 48.96 -28.62 -49.16
C GLU T 90 49.36 -28.10 -50.55
N GLU T 91 50.65 -27.99 -50.79
CA GLU T 91 51.14 -27.43 -52.01
C GLU T 91 50.70 -28.27 -53.22
N THR T 92 50.65 -29.59 -53.04
CA THR T 92 50.29 -30.48 -54.13
C THR T 92 49.06 -31.34 -53.82
N ASN T 93 48.42 -31.10 -52.67
CA ASN T 93 47.22 -31.84 -52.24
C ASN T 93 47.44 -33.36 -52.14
N VAL T 94 48.63 -33.78 -51.70
CA VAL T 94 48.90 -35.21 -51.55
C VAL T 94 49.28 -35.58 -50.10
N VAL T 95 49.24 -36.86 -49.81
CA VAL T 95 49.59 -37.31 -48.48
C VAL T 95 50.82 -38.20 -48.67
N LEU T 96 51.90 -37.93 -47.93
CA LEU T 96 53.12 -38.74 -48.04
C LEU T 96 53.11 -39.71 -46.87
N ILE T 97 53.49 -40.96 -47.13
CA ILE T 97 53.54 -42.01 -46.10
C ILE T 97 54.96 -42.52 -46.24
N GLY T 98 55.76 -42.22 -45.21
CA GLY T 98 57.16 -42.57 -45.24
C GLY T 98 57.81 -41.72 -46.34
N ASP T 99 58.96 -42.14 -46.85
CA ASP T 99 59.63 -41.39 -47.88
C ASP T 99 59.37 -41.89 -49.29
N LYS T 100 58.70 -43.02 -49.45
CA LYS T 100 58.50 -43.58 -50.80
C LYS T 100 57.07 -43.91 -51.20
N VAL T 101 56.08 -43.45 -50.46
CA VAL T 101 54.71 -43.76 -50.80
C VAL T 101 53.96 -42.43 -50.82
N ARG T 102 53.15 -42.21 -51.85
CA ARG T 102 52.48 -40.92 -52.00
C ARG T 102 51.05 -41.18 -52.39
N VAL T 103 50.10 -40.54 -51.73
CA VAL T 103 48.70 -40.74 -52.06
C VAL T 103 48.04 -39.43 -52.50
N SER T 104 47.46 -39.45 -53.70
CA SER T 104 46.73 -38.28 -54.22
C SER T 104 45.28 -38.72 -54.25
N GLU T 105 44.38 -37.86 -54.69
CA GLU T 105 42.99 -38.28 -54.70
C GLU T 105 42.73 -39.33 -55.79
N ILE T 106 43.72 -39.56 -56.63
CA ILE T 106 43.63 -40.54 -57.68
C ILE T 106 44.12 -41.92 -57.17
N GLY T 107 44.75 -41.94 -55.99
CA GLY T 107 45.22 -43.19 -55.44
C GLY T 107 46.65 -43.23 -54.96
N VAL T 108 47.08 -44.42 -54.59
CA VAL T 108 48.41 -44.67 -54.06
C VAL T 108 49.42 -44.94 -55.12
N GLU T 109 50.62 -44.42 -54.89
CA GLU T 109 51.75 -44.61 -55.76
C GLU T 109 52.90 -45.10 -54.86
N GLY T 110 53.53 -46.19 -55.29
CA GLY T 110 54.63 -46.76 -54.55
C GLY T 110 54.50 -48.27 -54.57
N VAL T 111 55.46 -48.94 -53.96
CA VAL T 111 55.46 -50.41 -53.91
C VAL T 111 55.81 -50.94 -52.53
N GLY T 112 55.56 -52.24 -52.34
CA GLY T 112 55.89 -52.88 -51.07
C GLY T 112 54.80 -52.93 -50.04
N PRO T 113 55.09 -53.46 -48.85
CA PRO T 113 54.13 -53.59 -47.72
C PRO T 113 53.38 -52.29 -47.43
N VAL T 114 54.14 -51.20 -47.38
CA VAL T 114 53.56 -49.89 -47.13
C VAL T 114 52.53 -49.52 -48.19
N ALA T 115 52.89 -49.49 -49.46
CA ALA T 115 51.86 -49.15 -50.49
C ALA T 115 50.62 -50.06 -50.41
N GLU T 116 50.83 -51.36 -50.17
CA GLU T 116 49.70 -52.29 -50.06
C GLU T 116 48.78 -51.88 -48.92
N ARG T 117 49.34 -51.66 -47.75
CA ARG T 117 48.50 -51.24 -46.62
C ARG T 117 47.78 -49.93 -47.00
N ALA T 118 48.53 -49.02 -47.59
CA ALA T 118 47.99 -47.71 -47.99
C ALA T 118 46.83 -47.83 -48.96
N LYS T 119 46.93 -48.80 -49.87
CA LYS T 119 45.89 -49.02 -50.87
C LYS T 119 44.59 -49.47 -50.20
N ARG T 120 44.68 -50.37 -49.22
CA ARG T 120 43.47 -50.84 -48.50
C ARG T 120 42.87 -49.65 -47.81
N LEU T 121 43.75 -48.87 -47.14
CA LEU T 121 43.27 -47.69 -46.44
C LEU T 121 42.56 -46.72 -47.42
N PHE T 122 43.15 -46.47 -48.59
CA PHE T 122 42.50 -45.54 -49.53
C PHE T 122 41.14 -46.07 -49.98
N GLU T 123 41.08 -47.37 -50.27
CA GLU T 123 39.83 -48.00 -50.70
C GLU T 123 38.76 -47.77 -49.65
N GLU T 124 39.09 -48.05 -48.40
CA GLU T 124 38.15 -47.86 -47.32
C GLU T 124 37.76 -46.38 -47.20
N PHE T 125 38.75 -45.49 -47.30
CA PHE T 125 38.54 -44.05 -47.17
C PHE T 125 37.50 -43.55 -48.17
N LEU T 126 37.54 -44.08 -49.38
CA LEU T 126 36.57 -43.66 -50.39
C LEU T 126 35.21 -44.17 -49.99
N LYS T 127 35.12 -44.59 -48.72
CA LYS T 127 33.89 -45.07 -48.05
C LYS T 127 33.05 -45.91 -48.98
N PHE U 1 31.60 -11.79 -41.98
CA PHE U 1 31.66 -11.23 -43.36
C PHE U 1 31.64 -9.72 -43.26
N VAL U 2 32.24 -9.20 -42.20
CA VAL U 2 32.28 -7.76 -42.08
C VAL U 2 32.98 -7.14 -43.31
N ALA U 3 34.08 -7.74 -43.77
CA ALA U 3 34.77 -7.16 -44.91
C ALA U 3 33.91 -7.17 -46.19
N GLU U 4 33.21 -8.26 -46.43
CA GLU U 4 32.34 -8.36 -47.61
C GLU U 4 31.28 -7.33 -47.55
N LEU U 5 30.63 -7.20 -46.40
CA LEU U 5 29.56 -6.21 -46.25
C LEU U 5 30.03 -4.80 -46.50
N ASN U 6 31.22 -4.46 -45.99
CA ASN U 6 31.80 -3.15 -46.22
C ASN U 6 31.92 -2.81 -47.71
N ASN U 7 32.13 -3.81 -48.53
CA ASN U 7 32.24 -3.58 -49.96
C ASN U 7 30.85 -3.19 -50.52
N LEU U 8 29.78 -3.50 -49.80
CA LEU U 8 28.45 -3.15 -50.26
C LEU U 8 27.91 -1.81 -49.71
N LEU U 9 28.74 -1.06 -48.98
CA LEU U 9 28.29 0.20 -48.43
C LEU U 9 27.86 1.06 -49.62
N GLY U 10 26.71 1.72 -49.49
CA GLY U 10 26.23 2.58 -50.55
C GLY U 10 25.36 1.79 -51.49
N ARG U 11 25.32 0.48 -51.33
CA ARG U 11 24.51 -0.35 -52.23
C ARG U 11 23.25 -0.82 -51.54
N GLU U 12 22.24 -1.12 -52.34
CA GLU U 12 21.01 -1.60 -51.71
C GLU U 12 21.11 -3.08 -51.31
N VAL U 13 20.53 -3.40 -50.15
CA VAL U 13 20.52 -4.77 -49.66
C VAL U 13 19.21 -5.04 -48.99
N GLN U 14 18.93 -6.28 -48.73
CA GLN U 14 17.73 -6.64 -48.03
C GLN U 14 18.25 -7.29 -46.73
N VAL U 15 17.65 -6.95 -45.59
CA VAL U 15 18.02 -7.59 -44.33
C VAL U 15 16.83 -8.28 -43.69
N VAL U 16 16.95 -9.56 -43.51
CA VAL U 16 15.87 -10.34 -42.94
C VAL U 16 16.01 -10.51 -41.44
N LEU U 17 14.96 -10.13 -40.69
CA LEU U 17 14.94 -10.23 -39.25
C LEU U 17 14.21 -11.46 -38.68
N SER U 18 14.53 -11.84 -37.46
CA SER U 18 13.93 -13.02 -36.88
C SER U 18 12.51 -12.81 -36.44
N ASN U 19 12.05 -11.56 -36.43
CA ASN U 19 10.69 -11.28 -36.02
C ASN U 19 9.80 -11.33 -37.25
N GLY U 20 10.38 -11.76 -38.36
CA GLY U 20 9.66 -11.81 -39.62
C GLY U 20 9.70 -10.57 -40.52
N GLU U 21 10.17 -9.41 -40.08
CA GLU U 21 10.20 -8.30 -41.03
C GLU U 21 11.36 -8.44 -41.99
N VAL U 22 11.29 -7.70 -43.09
CA VAL U 22 12.34 -7.70 -44.10
C VAL U 22 12.43 -6.23 -44.43
N TYR U 23 13.63 -5.66 -44.39
CA TYR U 23 13.86 -4.26 -44.71
C TYR U 23 14.80 -4.20 -45.91
N LYS U 24 14.51 -3.27 -46.82
CA LYS U 24 15.34 -3.11 -48.01
C LYS U 24 15.80 -1.66 -47.97
N GLY U 25 17.07 -1.43 -48.30
CA GLY U 25 17.55 -0.08 -48.25
C GLY U 25 19.02 -0.05 -48.55
N VAL U 26 19.59 1.14 -48.53
CA VAL U 26 21.00 1.31 -48.78
C VAL U 26 21.81 0.99 -47.51
N LEU U 27 22.86 0.17 -47.66
CA LEU U 27 23.73 -0.23 -46.55
C LEU U 27 24.51 1.03 -46.17
N HIS U 28 24.12 1.62 -45.05
CA HIS U 28 24.71 2.87 -44.61
C HIS U 28 25.89 2.68 -43.63
N ALA U 29 25.82 1.65 -42.77
CA ALA U 29 26.92 1.33 -41.86
C ALA U 29 26.84 -0.16 -41.43
N VAL U 30 28.00 -0.73 -41.13
CA VAL U 30 28.07 -2.10 -40.63
C VAL U 30 29.24 -2.08 -39.68
N ASP U 31 29.13 -2.67 -38.49
CA ASP U 31 30.31 -2.64 -37.62
C ASP U 31 30.82 -4.06 -37.37
N ASN U 32 31.86 -4.21 -36.54
CA ASN U 32 32.46 -5.49 -36.24
C ASN U 32 31.51 -6.51 -35.64
N GLN U 33 30.51 -6.06 -34.88
CA GLN U 33 29.59 -7.02 -34.30
C GLN U 33 28.43 -7.27 -35.26
N LEU U 34 28.49 -6.65 -36.42
CA LEU U 34 27.48 -6.80 -37.45
C LEU U 34 26.11 -6.12 -37.18
N ASN U 35 26.12 -5.05 -36.37
CA ASN U 35 24.92 -4.26 -36.23
C ASN U 35 24.85 -3.60 -37.65
N ILE U 36 23.65 -3.29 -38.11
CA ILE U 36 23.49 -2.71 -39.46
C ILE U 36 22.69 -1.44 -39.41
N VAL U 37 23.07 -0.47 -40.23
CA VAL U 37 22.29 0.75 -40.39
C VAL U 37 21.91 0.83 -41.87
N LEU U 38 20.61 0.92 -42.16
CA LEU U 38 20.09 1.05 -43.52
C LEU U 38 19.52 2.47 -43.65
N ALA U 39 19.78 3.08 -44.81
CA ALA U 39 19.31 4.40 -45.12
C ALA U 39 18.18 4.27 -46.19
N ASN U 40 17.20 5.18 -46.10
CA ASN U 40 16.06 5.21 -47.02
C ASN U 40 15.53 3.81 -47.17
N ALA U 41 15.21 3.18 -46.05
CA ALA U 41 14.77 1.81 -46.09
C ALA U 41 13.28 1.66 -46.02
N SER U 42 12.81 0.47 -46.37
CA SER U 42 11.38 0.18 -46.31
C SER U 42 11.16 -1.31 -45.98
N ASN U 43 10.02 -1.63 -45.40
CA ASN U 43 9.70 -3.02 -45.05
C ASN U 43 8.63 -3.52 -46.02
N LYS U 44 8.21 -4.77 -45.86
CA LYS U 44 7.21 -5.35 -46.77
C LYS U 44 5.90 -4.58 -46.78
N ALA U 45 5.46 -4.11 -45.63
CA ALA U 45 4.22 -3.36 -45.57
C ALA U 45 4.32 -1.96 -46.25
N GLY U 46 5.44 -1.63 -46.89
CA GLY U 46 5.53 -0.32 -47.50
C GLY U 46 5.92 0.89 -46.63
N GLU U 47 6.11 0.73 -45.31
CA GLU U 47 6.49 1.89 -44.51
C GLU U 47 7.91 2.27 -44.87
N LYS U 48 8.22 3.56 -44.96
CA LYS U 48 9.57 3.94 -45.30
C LYS U 48 10.22 4.69 -44.13
N PHE U 49 11.55 4.57 -44.00
CA PHE U 49 12.26 5.24 -42.92
C PHE U 49 13.56 5.81 -43.40
N ASN U 50 13.92 7.00 -42.92
CA ASN U 50 15.18 7.61 -43.28
C ASN U 50 16.37 6.75 -42.78
N ARG U 51 16.25 6.23 -41.55
CA ARG U 51 17.30 5.37 -40.94
C ARG U 51 16.68 4.22 -40.17
N VAL U 52 17.18 3.02 -40.41
CA VAL U 52 16.71 1.86 -39.65
C VAL U 52 17.98 1.28 -39.07
N PHE U 53 18.09 1.34 -37.73
CA PHE U 53 19.21 0.82 -36.96
C PHE U 53 18.86 -0.58 -36.46
N ILE U 54 19.54 -1.57 -37.03
CA ILE U 54 19.26 -2.98 -36.76
C ILE U 54 20.25 -3.72 -35.83
N TYR U 56 22.25 -6.49 -34.17
CA TYR U 56 22.75 -7.72 -34.70
C TYR U 56 22.11 -9.00 -34.20
N ARG U 57 21.63 -9.06 -32.96
CA ARG U 57 21.06 -10.34 -32.48
C ARG U 57 19.83 -10.84 -33.24
N TYR U 58 19.18 -9.94 -33.95
CA TYR U 58 17.95 -10.28 -34.70
C TYR U 58 18.06 -10.37 -36.19
N ILE U 59 19.29 -10.28 -36.70
CA ILE U 59 19.52 -10.39 -38.12
C ILE U 59 19.73 -11.85 -38.45
N VAL U 60 18.88 -12.38 -39.33
CA VAL U 60 19.01 -13.77 -39.73
C VAL U 60 19.98 -13.83 -40.88
N HIS U 61 19.73 -13.04 -41.94
CA HIS U 61 20.65 -12.98 -43.05
C HIS U 61 20.55 -11.67 -43.82
N ILE U 62 21.61 -11.36 -44.54
CA ILE U 62 21.62 -10.17 -45.38
C ILE U 62 21.77 -10.65 -46.82
N ASP U 63 21.03 -10.01 -47.74
CA ASP U 63 21.03 -10.42 -49.15
C ASP U 63 21.29 -9.34 -50.16
N SER U 64 22.02 -9.70 -51.22
CA SER U 64 22.35 -8.79 -52.32
C SER U 64 22.08 -9.44 -53.69
N THR U 65 21.51 -8.65 -54.60
CA THR U 65 21.21 -9.12 -55.94
C THR U 65 22.17 -8.45 -56.93
N GLU U 66 23.22 -7.81 -56.41
CA GLU U 66 24.22 -7.14 -57.27
C GLU U 66 25.56 -7.86 -57.39
N ARG U 67 26.30 -7.57 -58.45
CA ARG U 67 27.58 -8.22 -58.60
C ARG U 67 28.53 -7.53 -57.63
N ARG U 68 28.99 -6.33 -57.99
CA ARG U 68 29.90 -5.57 -57.11
C ARG U 68 31.33 -6.08 -57.02
N ILE U 69 32.23 -5.45 -57.77
CA ILE U 69 33.63 -5.85 -57.78
C ILE U 69 34.37 -5.44 -56.51
N ASP U 70 35.09 -6.38 -55.92
CA ASP U 70 35.85 -6.15 -54.68
C ASP U 70 37.30 -6.54 -54.94
N ARG U 72 39.87 -6.15 -53.12
CA ARG U 72 40.53 -6.75 -51.95
C ARG U 72 40.37 -8.26 -52.12
N GLU U 73 39.20 -8.68 -52.58
CA GLU U 73 38.96 -10.10 -52.83
C GLU U 73 39.86 -10.55 -54.02
N PHE U 74 39.97 -9.72 -55.05
CA PHE U 74 40.89 -10.07 -56.15
C PHE U 74 42.33 -10.23 -55.55
N ALA U 75 42.78 -9.29 -54.71
CA ALA U 75 44.12 -9.44 -54.10
C ALA U 75 44.29 -10.79 -53.38
N LYS U 76 43.33 -11.21 -52.56
CA LYS U 76 43.40 -12.51 -51.88
C LYS U 76 43.57 -13.69 -52.85
N GLN U 77 42.82 -13.66 -53.93
CA GLN U 77 42.91 -14.71 -54.93
C GLN U 77 44.25 -14.66 -55.66
N ALA U 78 44.69 -13.44 -55.99
CA ALA U 78 45.95 -13.27 -56.69
C ALA U 78 47.12 -13.72 -55.84
N GLU U 79 47.04 -13.53 -54.50
CA GLU U 79 48.14 -13.96 -53.62
C GLU U 79 48.33 -15.48 -53.71
N LYS U 80 47.27 -16.20 -54.09
CA LYS U 80 47.40 -17.65 -54.23
C LYS U 80 48.15 -18.08 -55.49
N ILE U 81 48.01 -17.28 -56.53
CA ILE U 81 48.64 -17.53 -57.84
C ILE U 81 50.06 -16.95 -57.92
N PHE U 82 50.28 -15.77 -57.30
CA PHE U 82 51.59 -15.12 -57.31
C PHE U 82 51.99 -14.86 -55.84
N PRO U 83 52.29 -15.92 -55.07
CA PRO U 83 52.66 -15.74 -53.67
C PRO U 83 53.81 -14.80 -53.50
N GLY U 84 53.67 -13.92 -52.51
CA GLY U 84 54.69 -12.94 -52.19
C GLY U 84 54.76 -11.75 -53.12
N VAL U 86 51.88 -9.90 -54.32
CA VAL U 86 50.64 -9.17 -54.42
C VAL U 86 50.41 -8.11 -53.34
N LYS U 87 50.00 -6.92 -53.76
CA LYS U 87 49.74 -5.83 -52.83
C LYS U 87 48.40 -5.14 -53.19
N TYR U 88 47.49 -5.02 -52.24
CA TYR U 88 46.27 -4.31 -52.52
C TYR U 88 46.62 -2.84 -52.17
N ILE U 89 46.20 -1.87 -52.99
CA ILE U 89 46.53 -0.43 -52.75
C ILE U 89 45.22 0.27 -52.49
N GLU U 90 44.94 0.51 -51.21
CA GLU U 90 43.68 1.15 -50.84
C GLU U 90 43.61 2.56 -51.38
N GLU U 91 44.74 3.24 -51.47
CA GLU U 91 44.76 4.60 -51.95
C GLU U 91 44.20 4.82 -53.37
N THR U 92 44.33 3.81 -54.25
CA THR U 92 43.85 3.92 -55.63
C THR U 92 42.94 2.76 -56.02
N ASN U 93 42.69 1.86 -55.08
CA ASN U 93 41.84 0.68 -55.29
C ASN U 93 42.32 -0.21 -56.44
N VAL U 94 43.61 -0.51 -56.44
CA VAL U 94 44.22 -1.36 -57.45
C VAL U 94 44.96 -2.53 -56.78
N VAL U 95 45.37 -3.51 -57.56
CA VAL U 95 46.16 -4.64 -57.07
C VAL U 95 47.44 -4.68 -57.89
N LEU U 96 48.56 -4.60 -57.22
CA LEU U 96 49.82 -4.66 -57.91
C LEU U 96 50.33 -6.11 -57.80
N ILE U 97 50.84 -6.66 -58.92
CA ILE U 97 51.38 -7.99 -58.95
C ILE U 97 52.79 -7.80 -59.43
N GLY U 98 53.74 -8.00 -58.53
CA GLY U 98 55.11 -7.77 -58.94
C GLY U 98 55.17 -6.27 -59.15
N ASP U 99 56.15 -5.88 -59.93
CA ASP U 99 56.43 -4.49 -60.17
C ASP U 99 55.93 -3.91 -61.47
N LYS U 100 55.52 -4.75 -62.39
CA LYS U 100 55.11 -4.30 -63.71
C LYS U 100 53.67 -4.59 -64.07
N VAL U 101 52.89 -5.19 -63.17
CA VAL U 101 51.51 -5.50 -63.53
C VAL U 101 50.55 -4.88 -62.57
N ARG U 102 49.53 -4.24 -63.11
CA ARG U 102 48.59 -3.49 -62.29
C ARG U 102 47.19 -3.88 -62.66
N VAL U 103 46.39 -4.22 -61.67
CA VAL U 103 45.02 -4.60 -61.95
C VAL U 103 44.01 -3.72 -61.28
N SER U 104 43.07 -3.21 -62.07
CA SER U 104 42.04 -2.36 -61.47
C SER U 104 40.69 -2.99 -61.74
N GLU U 105 39.68 -2.29 -61.29
CA GLU U 105 38.31 -2.74 -61.46
C GLU U 105 37.96 -2.92 -62.96
N ILE U 106 38.78 -2.33 -63.82
CA ILE U 106 38.58 -2.35 -65.26
C ILE U 106 39.41 -3.40 -66.01
N GLY U 107 40.28 -4.09 -65.27
CA GLY U 107 41.11 -5.11 -65.91
C GLY U 107 42.60 -4.97 -65.66
N VAL U 108 43.37 -5.81 -66.34
CA VAL U 108 44.83 -5.88 -66.20
C VAL U 108 45.62 -4.97 -67.13
N GLU U 109 46.63 -4.32 -66.57
CA GLU U 109 47.55 -3.47 -67.32
C GLU U 109 48.95 -4.12 -67.19
N GLY U 110 49.59 -4.40 -68.32
CA GLY U 110 50.91 -5.02 -68.35
C GLY U 110 51.09 -5.96 -69.54
N VAL U 111 52.27 -6.52 -69.69
CA VAL U 111 52.53 -7.42 -70.81
C VAL U 111 53.49 -8.48 -70.31
N GLY U 112 53.51 -9.60 -71.01
CA GLY U 112 54.37 -10.69 -70.63
C GLY U 112 53.57 -11.82 -69.97
N PRO U 113 54.21 -12.93 -69.56
CA PRO U 113 53.51 -14.07 -68.92
C PRO U 113 52.77 -13.74 -67.60
N VAL U 114 53.30 -12.80 -66.83
CA VAL U 114 52.61 -12.42 -65.57
C VAL U 114 51.29 -11.75 -65.95
N ALA U 115 51.36 -10.79 -66.86
CA ALA U 115 50.13 -10.10 -67.28
C ALA U 115 49.12 -11.05 -67.90
N GLU U 116 49.58 -12.05 -68.65
CA GLU U 116 48.60 -13.00 -69.22
C GLU U 116 48.01 -13.90 -68.14
N ARG U 117 48.81 -14.37 -67.20
CA ARG U 117 48.23 -15.20 -66.14
C ARG U 117 47.23 -14.36 -65.30
N ALA U 118 47.54 -13.09 -65.12
CA ALA U 118 46.66 -12.23 -64.35
C ALA U 118 45.31 -11.95 -65.05
N LYS U 119 45.37 -11.82 -66.38
CA LYS U 119 44.15 -11.56 -67.14
C LYS U 119 43.27 -12.76 -67.00
N ARG U 120 43.88 -13.95 -67.07
CA ARG U 120 43.12 -15.17 -66.91
C ARG U 120 42.38 -15.16 -65.54
N LEU U 121 43.13 -14.85 -64.48
CA LEU U 121 42.57 -14.80 -63.11
C LEU U 121 41.46 -13.73 -63.00
N PHE U 122 41.70 -12.56 -63.59
CA PHE U 122 40.72 -11.49 -63.53
C PHE U 122 39.38 -11.88 -64.12
N GLU U 123 39.42 -12.53 -65.29
CA GLU U 123 38.23 -13.01 -65.97
C GLU U 123 37.49 -14.09 -65.17
N GLU U 124 38.24 -15.02 -64.57
CA GLU U 124 37.61 -16.03 -63.73
C GLU U 124 36.97 -15.29 -62.53
N PHE U 125 37.69 -14.31 -62.00
CA PHE U 125 37.24 -13.50 -60.87
C PHE U 125 35.95 -12.76 -61.20
N LEU U 126 35.89 -12.06 -62.33
CA LEU U 126 34.64 -11.38 -62.66
C LEU U 126 33.53 -12.42 -62.72
N LYS U 127 33.90 -13.69 -62.58
CA LYS U 127 33.02 -14.85 -62.56
C LYS U 127 32.43 -15.16 -63.91
N PHE V 1 27.71 -1.67 -7.74
CA PHE V 1 27.37 -0.45 -7.02
C PHE V 1 27.17 0.76 -7.95
N VAL V 2 26.54 0.54 -9.09
CA VAL V 2 26.26 1.64 -10.00
C VAL V 2 25.43 2.74 -9.36
N ALA V 3 24.43 2.35 -8.57
CA ALA V 3 23.54 3.31 -7.93
C ALA V 3 24.27 4.09 -6.85
N GLU V 4 25.03 3.39 -6.01
CA GLU V 4 25.79 4.07 -4.96
C GLU V 4 26.76 5.07 -5.61
N LEU V 5 27.40 4.69 -6.72
CA LEU V 5 28.34 5.62 -7.38
C LEU V 5 27.62 6.79 -8.06
N ASN V 6 26.46 6.54 -8.64
CA ASN V 6 25.71 7.60 -9.31
C ASN V 6 25.33 8.65 -8.28
N ASN V 7 25.32 8.29 -7.00
CA ASN V 7 24.97 9.27 -5.98
C ASN V 7 26.16 10.10 -5.51
N LEU V 8 27.32 9.86 -6.11
CA LEU V 8 28.55 10.58 -5.79
C LEU V 8 28.95 11.49 -6.94
N LEU V 9 28.03 11.70 -7.86
CA LEU V 9 28.31 12.56 -9.00
C LEU V 9 28.77 13.97 -8.52
N GLY V 10 29.88 14.45 -9.07
CA GLY V 10 30.39 15.74 -8.68
C GLY V 10 31.28 15.68 -7.44
N ARG V 11 31.40 14.51 -6.81
CA ARG V 11 32.22 14.36 -5.58
C ARG V 11 33.58 13.79 -5.97
N GLU V 12 34.57 13.99 -5.14
CA GLU V 12 35.93 13.52 -5.45
C GLU V 12 36.06 12.06 -5.03
N VAL V 13 36.51 11.22 -5.95
CA VAL V 13 36.70 9.82 -5.67
C VAL V 13 38.11 9.48 -6.10
N GLN V 14 38.56 8.32 -5.66
CA GLN V 14 39.89 7.79 -6.02
C GLN V 14 39.66 6.46 -6.74
N VAL V 15 40.31 6.25 -7.88
CA VAL V 15 40.17 5.01 -8.62
C VAL V 15 41.52 4.32 -8.81
N VAL V 16 41.61 3.11 -8.31
CA VAL V 16 42.85 2.35 -8.38
C VAL V 16 42.79 1.37 -9.56
N LEU V 17 43.80 1.46 -10.41
CA LEU V 17 43.87 0.65 -11.62
C LEU V 17 44.79 -0.54 -11.46
N SER V 18 44.54 -1.62 -12.22
CA SER V 18 45.38 -2.80 -12.09
C SER V 18 46.77 -2.62 -12.65
N ASN V 19 47.04 -1.54 -13.38
CA ASN V 19 48.42 -1.32 -13.85
C ASN V 19 49.18 -0.53 -12.74
N GLY V 20 48.63 -0.45 -11.53
CA GLY V 20 49.30 0.31 -10.49
C GLY V 20 49.01 1.83 -10.42
N GLU V 21 48.38 2.44 -11.45
CA GLU V 21 48.08 3.85 -11.36
C GLU V 21 46.89 4.10 -10.41
N VAL V 22 46.87 5.31 -9.87
CA VAL V 22 45.80 5.77 -8.99
C VAL V 22 45.40 7.19 -9.42
N TYR V 23 44.15 7.33 -9.83
CA TYR V 23 43.60 8.63 -10.29
C TYR V 23 42.64 9.21 -9.28
N LYS V 24 42.82 10.47 -8.96
CA LYS V 24 41.94 11.16 -8.04
C LYS V 24 41.25 12.28 -8.82
N GLY V 25 39.93 12.40 -8.70
CA GLY V 25 39.22 13.44 -9.42
C GLY V 25 37.72 13.40 -9.15
N VAL V 26 37.01 14.35 -9.77
CA VAL V 26 35.57 14.45 -9.60
C VAL V 26 34.84 13.32 -10.44
N LEU V 27 33.96 12.55 -9.82
CA LEU V 27 33.23 11.53 -10.53
C LEU V 27 32.29 12.28 -11.47
N HIS V 28 32.52 12.10 -12.75
CA HIS V 28 31.77 12.78 -13.79
C HIS V 28 30.68 11.92 -14.45
N ALA V 29 30.90 10.60 -14.51
CA ALA V 29 29.97 9.67 -15.13
C ALA V 29 30.27 8.22 -14.74
N VAL V 30 29.23 7.42 -14.53
CA VAL V 30 29.38 6.00 -14.21
C VAL V 30 28.30 5.33 -15.09
N ASP V 31 28.59 4.18 -15.69
CA ASP V 31 27.54 3.52 -16.50
C ASP V 31 27.25 2.14 -15.91
N ASN V 32 26.29 1.43 -16.46
CA ASN V 32 25.95 0.10 -15.93
C ASN V 32 27.12 -0.88 -15.90
N GLN V 33 28.10 -0.72 -16.79
CA GLN V 33 29.23 -1.67 -16.76
C GLN V 33 30.32 -1.18 -15.83
N LEU V 34 30.06 -0.01 -15.27
CA LEU V 34 30.99 0.58 -14.34
C LEU V 34 32.23 1.16 -14.98
N ASN V 35 32.15 1.56 -16.25
CA ASN V 35 33.23 2.36 -16.86
C ASN V 35 33.06 3.65 -16.03
N ILE V 36 34.11 4.44 -15.88
CA ILE V 36 34.05 5.65 -15.08
C ILE V 36 34.73 6.81 -15.79
N VAL V 37 34.09 7.99 -15.73
CA VAL V 37 34.73 9.18 -16.31
C VAL V 37 35.09 10.08 -15.09
N LEU V 38 36.32 10.57 -15.03
CA LEU V 38 36.63 11.48 -13.96
C LEU V 38 36.96 12.79 -14.65
N ALA V 39 36.64 13.90 -13.97
CA ALA V 39 36.93 15.22 -14.47
C ALA V 39 38.02 15.84 -13.59
N ASN V 40 38.96 16.58 -14.21
CA ASN V 40 40.04 17.26 -13.48
C ASN V 40 40.70 16.31 -12.52
N ALA V 41 41.21 15.26 -13.09
CA ALA V 41 41.78 14.22 -12.32
C ALA V 41 43.30 14.27 -12.36
N SER V 42 43.94 13.68 -11.36
CA SER V 42 45.40 13.62 -11.38
C SER V 42 45.83 12.23 -10.91
N ASN V 43 47.05 11.84 -11.28
CA ASN V 43 47.61 10.57 -10.87
C ASN V 43 48.74 10.83 -9.82
N LYS V 44 49.35 9.77 -9.30
CA LYS V 44 50.37 9.94 -8.27
C LYS V 44 51.51 10.82 -8.73
N ALA V 45 51.84 10.76 -10.01
CA ALA V 45 52.93 11.58 -10.56
C ALA V 45 52.52 13.05 -10.70
N GLY V 46 51.29 13.40 -10.34
CA GLY V 46 50.96 14.82 -10.44
C GLY V 46 50.49 15.28 -11.81
N GLU V 47 50.45 14.41 -12.81
CA GLU V 47 49.91 14.87 -14.12
C GLU V 47 48.41 15.09 -13.94
N LYS V 48 47.91 16.12 -14.57
CA LYS V 48 46.51 16.48 -14.44
C LYS V 48 45.82 16.36 -15.76
N PHE V 49 44.55 15.93 -15.74
CA PHE V 49 43.78 15.78 -17.00
C PHE V 49 42.34 16.28 -16.83
N ASN V 50 41.86 17.05 -17.82
CA ASN V 50 40.48 17.56 -17.75
C ASN V 50 39.52 16.39 -17.65
N ARG V 51 39.71 15.33 -18.45
CA ARG V 51 38.82 14.14 -18.33
C ARG V 51 39.69 12.91 -18.52
N VAL V 52 39.36 11.85 -17.78
CA VAL V 52 40.03 10.57 -17.85
C VAL V 52 38.87 9.54 -17.96
N PHE V 53 38.88 8.76 -19.03
CA PHE V 53 37.87 7.75 -19.30
C PHE V 53 38.50 6.36 -18.94
N ILE V 54 38.01 5.77 -17.86
CA ILE V 54 38.56 4.53 -17.34
C ILE V 54 37.70 3.30 -17.71
N TYR V 56 36.25 -0.28 -17.38
CA TYR V 56 35.91 -1.03 -16.18
C TYR V 56 36.78 -2.25 -15.92
N ARG V 57 37.26 -2.89 -16.98
CA ARG V 57 38.10 -4.09 -16.86
C ARG V 57 39.37 -3.92 -15.98
N TYR V 58 39.89 -2.70 -15.98
CA TYR V 58 41.10 -2.32 -15.25
C TYR V 58 40.93 -1.64 -13.88
N ILE V 59 39.69 -1.52 -13.41
CA ILE V 59 39.42 -0.90 -12.11
C ILE V 59 39.43 -1.94 -11.00
N VAL V 60 40.30 -1.74 -9.99
CA VAL V 60 40.36 -2.67 -8.90
C VAL V 60 39.31 -2.23 -7.87
N HIS V 61 39.34 -0.95 -7.49
CA HIS V 61 38.35 -0.42 -6.55
C HIS V 61 38.30 1.09 -6.68
N ILE V 62 37.20 1.65 -6.19
CA ILE V 62 36.97 3.07 -6.15
C ILE V 62 36.78 3.44 -4.69
N ASP V 63 37.48 4.47 -4.25
CA ASP V 63 37.38 4.84 -2.84
C ASP V 63 36.87 6.24 -2.60
N SER V 64 36.20 6.42 -1.48
CA SER V 64 35.69 7.75 -1.08
C SER V 64 36.94 8.53 -0.68
N THR V 65 36.92 9.82 -0.82
CA THR V 65 38.10 10.58 -0.42
C THR V 65 37.82 11.55 0.72
N GLU V 66 36.56 11.76 1.04
CA GLU V 66 36.23 12.71 2.12
C GLU V 66 36.04 12.05 3.48
N ARG V 67 36.29 12.80 4.53
CA ARG V 67 36.03 12.32 5.87
C ARG V 67 34.53 12.69 6.12
N ARG V 68 33.85 11.92 6.96
CA ARG V 68 32.48 12.22 7.35
C ARG V 68 32.59 13.48 8.25
N ILE V 69 31.56 14.30 8.36
CA ILE V 69 31.76 15.47 9.18
C ILE V 69 31.76 15.19 10.67
N ASP V 70 32.48 16.02 11.40
CA ASP V 70 32.61 15.93 12.86
C ASP V 70 31.24 16.34 13.51
N ARG V 72 30.18 16.56 16.63
CA ARG V 72 30.25 17.48 17.79
C ARG V 72 30.49 18.89 17.27
N GLU V 73 31.34 19.04 16.25
CA GLU V 73 31.54 20.38 15.65
C GLU V 73 30.23 20.85 14.97
N PHE V 74 29.51 19.95 14.31
CA PHE V 74 28.20 20.28 13.68
C PHE V 74 27.24 20.80 14.80
N ALA V 75 27.22 20.06 15.93
CA ALA V 75 26.38 20.46 17.09
C ALA V 75 26.76 21.89 17.54
N LYS V 76 28.06 22.15 17.68
CA LYS V 76 28.48 23.46 18.11
C LYS V 76 27.97 24.59 17.21
N GLN V 77 28.05 24.38 15.91
CA GLN V 77 27.60 25.39 14.98
C GLN V 77 26.09 25.48 14.93
N ALA V 78 25.39 24.34 15.10
CA ALA V 78 23.93 24.37 15.07
C ALA V 78 23.43 25.13 16.29
N GLU V 79 24.11 24.97 17.42
CA GLU V 79 23.75 25.66 18.67
C GLU V 79 23.70 27.18 18.48
N LYS V 80 24.67 27.74 17.76
CA LYS V 80 24.65 29.17 17.52
C LYS V 80 23.38 29.57 16.73
N ILE V 81 22.94 28.68 15.85
CA ILE V 81 21.78 28.94 14.98
C ILE V 81 20.47 28.60 15.61
N PHE V 82 20.44 27.57 16.46
CA PHE V 82 19.19 27.14 17.12
C PHE V 82 19.48 27.08 18.63
N PRO V 83 19.73 28.23 19.26
CA PRO V 83 20.04 28.27 20.71
C PRO V 83 19.14 27.48 21.62
N GLY V 84 19.71 26.60 22.42
CA GLY V 84 18.93 25.80 23.34
C GLY V 84 18.09 24.70 22.72
N VAL V 86 19.49 22.35 20.60
CA VAL V 86 20.40 21.28 20.16
C VAL V 86 20.92 20.28 21.20
N LYS V 87 20.90 18.99 20.83
CA LYS V 87 21.41 17.92 21.73
C LYS V 87 22.25 16.97 20.91
N TYR V 88 23.49 16.78 21.34
CA TYR V 88 24.37 15.85 20.68
C TYR V 88 24.17 14.58 21.47
N ILE V 89 23.90 13.47 20.79
CA ILE V 89 23.69 12.20 21.49
C ILE V 89 24.87 11.32 21.14
N GLU V 90 25.74 11.14 22.12
CA GLU V 90 26.93 10.34 21.97
C GLU V 90 26.65 8.90 21.59
N GLU V 91 25.56 8.34 22.09
CA GLU V 91 25.22 6.92 21.84
C GLU V 91 25.33 6.52 20.39
N THR V 92 24.90 7.41 19.51
CA THR V 92 24.96 7.12 18.08
C THR V 92 25.64 8.22 17.29
N ASN V 93 26.24 9.19 17.97
CA ASN V 93 26.94 10.28 17.28
C ASN V 93 25.97 11.01 16.34
N VAL V 94 24.82 11.34 16.91
CA VAL V 94 23.74 12.02 16.20
C VAL V 94 23.37 13.32 16.89
N VAL V 95 22.83 14.24 16.11
CA VAL V 95 22.48 15.54 16.65
C VAL V 95 20.99 15.80 16.45
N LEU V 96 20.32 16.12 17.55
CA LEU V 96 18.92 16.43 17.52
C LEU V 96 18.71 17.96 17.55
N ILE V 97 17.83 18.46 16.69
CA ILE V 97 17.57 19.89 16.69
C ILE V 97 16.06 20.04 16.90
N GLY V 98 15.67 20.57 18.07
CA GLY V 98 14.26 20.68 18.39
C GLY V 98 13.69 19.24 18.43
N ASP V 99 12.39 19.06 18.31
CA ASP V 99 11.81 17.71 18.38
C ASP V 99 11.49 16.99 17.05
N LYS V 100 11.74 17.63 15.92
CA LYS V 100 11.42 17.05 14.62
C LYS V 100 12.60 16.92 13.67
N VAL V 101 13.82 17.29 14.07
CA VAL V 101 14.94 17.22 13.13
C VAL V 101 16.06 16.41 13.73
N ARG V 102 16.56 15.50 12.92
CA ARG V 102 17.61 14.60 13.37
C ARG V 102 18.71 14.61 12.32
N VAL V 103 19.97 14.74 12.77
CA VAL V 103 21.13 14.80 11.85
C VAL V 103 22.16 13.72 12.15
N SER V 104 22.53 12.92 11.16
CA SER V 104 23.57 11.89 11.39
C SER V 104 24.73 12.24 10.46
N GLU V 105 25.79 11.45 10.44
CA GLU V 105 26.86 11.83 9.56
C GLU V 105 26.49 11.60 8.08
N ILE V 106 25.33 11.03 7.81
CA ILE V 106 24.91 10.78 6.45
C ILE V 106 23.81 11.73 5.96
N GLY V 107 23.39 12.65 6.82
CA GLY V 107 22.36 13.59 6.39
C GLY V 107 21.33 14.00 7.44
N VAL V 108 20.34 14.76 6.98
CA VAL V 108 19.28 15.34 7.79
C VAL V 108 17.89 14.69 7.60
N GLU V 109 17.25 14.33 8.70
CA GLU V 109 15.90 13.79 8.65
C GLU V 109 15.05 14.94 9.14
N GLY V 110 13.91 15.12 8.49
CA GLY V 110 13.01 16.18 8.89
C GLY V 110 12.48 16.98 7.72
N VAL V 111 11.43 17.74 8.00
CA VAL V 111 10.82 18.58 6.99
C VAL V 111 10.55 19.94 7.65
N GLY V 112 10.58 21.02 6.89
CA GLY V 112 10.34 22.28 7.55
C GLY V 112 11.54 23.21 7.54
N PRO V 113 11.36 24.43 8.06
CA PRO V 113 12.37 25.49 8.15
C PRO V 113 13.59 25.07 8.92
N VAL V 114 13.37 24.38 10.04
CA VAL V 114 14.49 23.96 10.86
C VAL V 114 15.28 22.92 10.08
N ALA V 115 14.58 21.99 9.44
CA ALA V 115 15.23 20.97 8.63
C ALA V 115 16.06 21.56 7.45
N GLU V 116 15.49 22.57 6.80
CA GLU V 116 16.17 23.22 5.67
C GLU V 116 17.42 24.00 6.13
N ARG V 117 17.32 24.64 7.28
CA ARG V 117 18.45 25.40 7.79
C ARG V 117 19.56 24.40 8.16
N ALA V 118 19.20 23.28 8.77
CA ALA V 118 20.18 22.28 9.11
C ALA V 118 20.87 21.66 7.87
N LYS V 119 20.13 21.54 6.76
CA LYS V 119 20.72 21.00 5.53
C LYS V 119 21.73 22.00 5.03
N ARG V 120 21.40 23.27 5.15
CA ARG V 120 22.31 24.33 4.73
C ARG V 120 23.60 24.28 5.52
N LEU V 121 23.51 24.04 6.83
CA LEU V 121 24.66 23.96 7.72
C LEU V 121 25.47 22.71 7.35
N PHE V 122 24.79 21.57 7.15
CA PHE V 122 25.47 20.33 6.78
C PHE V 122 26.28 20.55 5.49
N GLU V 123 25.70 21.23 4.52
CA GLU V 123 26.39 21.47 3.25
C GLU V 123 27.63 22.41 3.45
N GLU V 124 27.52 23.35 4.39
CA GLU V 124 28.64 24.24 4.65
C GLU V 124 29.83 23.36 5.05
N PHE V 125 29.60 22.34 5.87
CA PHE V 125 30.70 21.45 6.24
C PHE V 125 31.26 20.73 5.03
N LEU V 126 30.38 20.18 4.20
CA LEU V 126 30.83 19.47 3.02
C LEU V 126 31.66 20.35 2.07
N LYS V 127 31.31 21.63 1.96
CA LYS V 127 32.05 22.55 1.08
C LYS V 127 33.46 22.89 1.59
N ARG V 128 33.68 22.85 2.89
CA ARG V 128 35.00 23.17 3.42
C ARG V 128 36.01 22.09 2.98
N PHE W 1 31.64 4.95 -22.66
CA PHE W 1 31.70 6.37 -23.09
C PHE W 1 31.98 6.47 -24.58
N VAL W 2 31.32 5.62 -25.36
CA VAL W 2 31.45 5.68 -26.83
C VAL W 2 31.03 7.06 -27.37
N ALA W 3 29.88 7.53 -26.92
CA ALA W 3 29.36 8.81 -27.39
C ALA W 3 30.36 9.97 -27.09
N GLU W 4 30.85 10.03 -25.86
CA GLU W 4 31.80 11.08 -25.45
C GLU W 4 33.05 11.06 -26.30
N LEU W 5 33.62 9.89 -26.57
CA LEU W 5 34.85 9.85 -27.40
C LEU W 5 34.52 10.20 -28.84
N ASN W 6 33.36 9.79 -29.30
CA ASN W 6 32.99 10.12 -30.66
C ASN W 6 32.98 11.63 -30.75
N ASN W 7 32.61 12.32 -29.67
CA ASN W 7 32.65 13.79 -29.73
C ASN W 7 34.08 14.35 -29.74
N LEU W 8 35.10 13.50 -29.68
CA LEU W 8 36.48 13.99 -29.68
C LEU W 8 37.24 13.66 -30.96
N LEU W 9 36.51 13.27 -32.02
CA LEU W 9 37.15 12.99 -33.31
C LEU W 9 37.98 14.21 -33.82
N GLY W 10 39.23 13.91 -34.17
CA GLY W 10 40.15 14.93 -34.63
C GLY W 10 40.93 15.64 -33.53
N ARG W 11 40.63 15.34 -32.27
CA ARG W 11 41.33 15.97 -31.13
C ARG W 11 42.37 14.99 -30.63
N GLU W 12 43.42 15.52 -30.01
CA GLU W 12 44.51 14.66 -29.49
C GLU W 12 44.08 14.02 -28.19
N VAL W 13 44.32 12.73 -28.06
CA VAL W 13 44.02 12.03 -26.83
C VAL W 13 45.26 11.20 -26.49
N GLN W 14 45.29 10.66 -25.28
CA GLN W 14 46.36 9.80 -24.86
C GLN W 14 45.69 8.48 -24.49
N VAL W 15 46.28 7.35 -24.87
CA VAL W 15 45.67 6.06 -24.55
C VAL W 15 46.71 5.21 -23.82
N VAL W 16 46.39 4.80 -22.61
CA VAL W 16 47.35 4.02 -21.82
C VAL W 16 47.02 2.53 -21.93
N LEU W 17 48.01 1.73 -22.33
CA LEU W 17 47.81 0.32 -22.54
C LEU W 17 48.30 -0.54 -21.37
N SER W 18 47.72 -1.72 -21.17
CA SER W 18 48.07 -2.57 -20.05
C SER W 18 49.45 -3.16 -20.16
N ASN W 19 50.07 -3.11 -21.33
CA ASN W 19 51.47 -3.58 -21.48
C ASN W 19 52.45 -2.45 -21.10
N GLY W 20 51.95 -1.31 -20.59
CA GLY W 20 52.86 -0.24 -20.22
C GLY W 20 53.13 0.86 -21.22
N GLU W 21 52.66 0.68 -22.45
CA GLU W 21 52.82 1.67 -23.49
C GLU W 21 51.78 2.75 -23.37
N VAL W 22 52.17 3.91 -23.86
CA VAL W 22 51.25 5.04 -23.88
C VAL W 22 51.32 5.68 -25.28
N TYR W 23 50.18 5.80 -25.97
CA TYR W 23 50.15 6.41 -27.31
C TYR W 23 49.36 7.71 -27.27
N LYS W 24 49.86 8.72 -27.94
CA LYS W 24 49.17 10.00 -27.98
C LYS W 24 49.08 10.30 -29.44
N GLY W 25 47.91 10.74 -29.87
CA GLY W 25 47.73 10.98 -31.28
C GLY W 25 46.33 11.51 -31.43
N VAL W 26 45.93 11.73 -32.68
CA VAL W 26 44.60 12.21 -33.00
C VAL W 26 43.55 11.08 -32.96
N LEU W 27 42.43 11.30 -32.27
CA LEU W 27 41.38 10.28 -32.26
C LEU W 27 40.81 10.19 -33.68
N HIS W 28 40.99 9.07 -34.30
CA HIS W 28 40.52 8.88 -35.66
C HIS W 28 39.21 8.13 -35.77
N ALA W 29 39.01 7.11 -34.92
CA ALA W 29 37.80 6.29 -34.88
C ALA W 29 37.62 5.58 -33.53
N VAL W 30 36.37 5.40 -33.14
CA VAL W 30 36.01 4.69 -31.91
C VAL W 30 34.78 3.85 -32.22
N ASP W 31 34.77 2.54 -31.91
CA ASP W 31 33.55 1.74 -32.16
C ASP W 31 32.82 1.43 -30.83
N ASN W 32 31.71 0.68 -30.90
CA ASN W 32 30.93 0.40 -29.67
C ASN W 32 31.68 -0.40 -28.61
N GLN W 33 32.64 -1.18 -29.07
CA GLN W 33 33.39 -2.01 -28.18
C GLN W 33 34.59 -1.25 -27.61
N LEU W 34 34.70 0.02 -27.99
CA LEU W 34 35.79 0.90 -27.59
C LEU W 34 37.20 0.53 -28.12
N ASN W 35 37.24 -0.12 -29.30
CA ASN W 35 38.51 -0.33 -30.01
C ASN W 35 38.76 1.13 -30.46
N ILE W 36 40.03 1.50 -30.54
CA ILE W 36 40.41 2.87 -30.88
C ILE W 36 41.38 2.90 -32.00
N VAL W 37 41.18 3.85 -32.91
CA VAL W 37 42.15 4.08 -33.95
C VAL W 37 42.69 5.51 -33.74
N LEU W 38 44.01 5.65 -33.66
CA LEU W 38 44.63 6.95 -33.54
C LEU W 38 45.39 7.21 -34.85
N ALA W 39 45.39 8.47 -35.30
CA ALA W 39 46.14 8.89 -36.49
C ALA W 39 47.37 9.68 -35.98
N ASN W 40 48.50 9.53 -36.68
CA ASN W 40 49.74 10.21 -36.33
C ASN W 40 50.01 10.21 -34.82
N ALA W 41 50.16 9.00 -34.29
CA ALA W 41 50.39 8.74 -32.87
C ALA W 41 51.82 8.38 -32.56
N SER W 42 52.29 8.72 -31.38
CA SER W 42 53.64 8.36 -30.97
C SER W 42 53.58 7.77 -29.60
N ASN W 43 54.60 7.00 -29.23
CA ASN W 43 54.65 6.35 -27.94
C ASN W 43 55.82 6.94 -27.15
N LYS W 44 56.10 6.40 -25.98
CA LYS W 44 57.19 6.94 -25.14
C LYS W 44 58.60 6.67 -25.63
N ALA W 45 58.72 5.81 -26.63
CA ALA W 45 60.02 5.52 -27.18
C ALA W 45 60.24 6.52 -28.30
N GLY W 46 59.30 7.43 -28.51
CA GLY W 46 59.44 8.40 -29.57
C GLY W 46 59.12 7.88 -30.97
N GLU W 47 58.56 6.68 -31.08
CA GLU W 47 58.22 6.18 -32.44
C GLU W 47 56.91 6.82 -32.90
N LYS W 48 56.72 6.98 -34.20
CA LYS W 48 55.52 7.61 -34.76
C LYS W 48 54.91 6.64 -35.79
N PHE W 49 53.58 6.57 -35.85
CA PHE W 49 52.88 5.69 -36.81
C PHE W 49 51.70 6.44 -37.38
N ASN W 50 51.46 6.29 -38.68
CA ASN W 50 50.38 7.03 -39.30
C ASN W 50 49.05 6.64 -38.71
N ARG W 51 48.95 5.35 -38.35
CA ARG W 51 47.76 4.79 -37.71
C ARG W 51 48.13 3.69 -36.76
N VAL W 52 47.43 3.68 -35.63
CA VAL W 52 47.65 2.68 -34.61
C VAL W 52 46.27 2.15 -34.31
N PHE W 53 46.05 0.86 -34.47
CA PHE W 53 44.73 0.26 -34.21
C PHE W 53 44.79 -0.40 -32.84
N ILE W 54 44.08 0.18 -31.86
CA ILE W 54 44.22 -0.36 -30.52
C ILE W 54 43.10 -1.26 -30.07
N TYR W 56 40.54 -2.98 -27.77
CA TYR W 56 39.88 -2.53 -26.56
C TYR W 56 40.26 -3.26 -25.27
N ARG W 57 40.54 -4.56 -25.34
CA ARG W 57 40.89 -5.35 -24.15
C ARG W 57 42.17 -4.89 -23.43
N TYR W 58 43.05 -4.23 -24.15
CA TYR W 58 44.29 -3.72 -23.58
C TYR W 58 44.29 -2.23 -23.19
N ILE W 59 43.14 -1.57 -23.33
CA ILE W 59 43.05 -0.19 -22.99
C ILE W 59 42.71 -0.02 -21.49
N VAL W 60 43.57 0.67 -20.74
CA VAL W 60 43.32 0.88 -19.29
C VAL W 60 42.45 2.13 -19.19
N HIS W 61 42.88 3.21 -19.83
CA HIS W 61 42.13 4.48 -19.82
C HIS W 61 42.51 5.39 -21.00
N ILE W 62 41.63 6.34 -21.30
CA ILE W 62 41.86 7.29 -22.41
C ILE W 62 41.78 8.67 -21.75
N ASP W 63 42.76 9.54 -21.96
CA ASP W 63 42.79 10.87 -21.32
C ASP W 63 42.75 12.08 -22.26
N SER W 64 42.08 13.15 -21.82
CA SER W 64 42.04 14.36 -22.62
C SER W 64 43.47 14.94 -22.52
N THR W 65 43.93 15.62 -23.55
CA THR W 65 45.28 16.18 -23.52
C THR W 65 45.31 17.69 -23.55
N GLU W 66 44.17 18.33 -23.79
CA GLU W 66 44.12 19.82 -23.86
C GLU W 66 43.59 20.41 -22.57
N ARG W 67 44.11 21.57 -22.17
CA ARG W 67 43.57 22.20 -20.97
C ARG W 67 42.38 22.98 -21.47
N ARG W 68 41.45 23.28 -20.58
CA ARG W 68 40.30 24.06 -20.97
C ARG W 68 40.77 25.50 -21.16
N ILE W 69 40.01 26.29 -21.90
CA ILE W 69 40.40 27.68 -22.14
C ILE W 69 40.42 28.56 -20.88
N ASP W 70 41.31 29.55 -20.88
CA ASP W 70 41.42 30.50 -19.76
C ASP W 70 40.27 31.49 -19.92
N ARG W 72 39.31 34.06 -18.17
CA ARG W 72 39.64 35.48 -17.95
C ARG W 72 40.26 36.03 -19.25
N GLU W 73 41.12 35.24 -19.89
CA GLU W 73 41.74 35.69 -21.13
C GLU W 73 40.67 35.78 -22.23
N PHE W 74 39.75 34.83 -22.24
CA PHE W 74 38.71 34.91 -23.25
C PHE W 74 37.96 36.24 -23.03
N ALA W 75 37.58 36.52 -21.78
CA ALA W 75 36.85 37.73 -21.44
C ALA W 75 37.62 38.99 -21.89
N LYS W 76 38.92 39.01 -21.65
CA LYS W 76 39.77 40.12 -22.02
C LYS W 76 39.68 40.31 -23.54
N GLN W 77 39.92 39.23 -24.28
CA GLN W 77 39.86 39.35 -25.71
C GLN W 77 38.51 39.64 -26.27
N ALA W 78 37.46 39.12 -25.64
CA ALA W 78 36.10 39.40 -26.10
C ALA W 78 35.83 40.92 -25.90
N GLU W 79 36.37 41.50 -24.81
CA GLU W 79 36.21 42.91 -24.47
C GLU W 79 36.50 43.80 -25.69
N LYS W 80 37.69 43.60 -26.28
CA LYS W 80 38.14 44.31 -27.49
C LYS W 80 37.12 44.19 -28.63
N ILE W 81 36.48 43.03 -28.76
CA ILE W 81 35.49 42.82 -29.82
C ILE W 81 34.13 43.43 -29.48
N PHE W 82 33.74 43.42 -28.20
CA PHE W 82 32.43 43.96 -27.83
C PHE W 82 32.60 44.91 -26.64
N PRO W 83 33.07 46.15 -26.89
CA PRO W 83 33.34 47.19 -25.89
C PRO W 83 32.20 47.41 -24.93
N GLY W 84 32.52 47.37 -23.65
CA GLY W 84 31.52 47.55 -22.63
C GLY W 84 30.40 46.51 -22.54
N VAL W 86 31.09 42.97 -22.01
CA VAL W 86 31.61 41.70 -21.52
C VAL W 86 31.86 41.68 -20.03
N LYS W 87 31.46 40.59 -19.38
CA LYS W 87 31.68 40.48 -17.96
C LYS W 87 32.15 39.08 -17.56
N TYR W 88 33.30 38.99 -16.90
CA TYR W 88 33.79 37.72 -16.39
C TYR W 88 33.13 37.55 -15.04
N ILE W 89 32.50 36.39 -14.81
CA ILE W 89 31.82 36.09 -13.56
C ILE W 89 32.66 35.01 -12.86
N GLU W 90 33.38 35.42 -11.81
CA GLU W 90 34.24 34.49 -11.08
C GLU W 90 33.42 33.39 -10.35
N GLU W 91 32.20 33.70 -9.96
CA GLU W 91 31.40 32.72 -9.25
C GLU W 91 31.34 31.37 -10.00
N THR W 92 31.13 31.41 -11.32
CA THR W 92 31.04 30.19 -12.11
C THR W 92 32.08 30.05 -13.22
N ASN W 93 33.00 31.02 -13.32
CA ASN W 93 34.06 30.98 -14.33
C ASN W 93 33.41 31.02 -15.74
N VAL W 94 32.43 31.92 -15.90
CA VAL W 94 31.68 32.09 -17.11
C VAL W 94 31.74 33.53 -17.65
N VAL W 95 31.67 33.67 -18.95
CA VAL W 95 31.70 35.00 -19.49
C VAL W 95 30.37 35.39 -20.09
N LEU W 96 29.85 36.56 -19.67
CA LEU W 96 28.63 37.08 -20.28
C LEU W 96 28.93 38.16 -21.35
N ILE W 97 28.21 38.11 -22.46
CA ILE W 97 28.41 39.10 -23.51
C ILE W 97 27.03 39.63 -23.80
N GLY W 98 26.82 40.92 -23.50
CA GLY W 98 25.51 41.52 -23.72
C GLY W 98 24.52 40.81 -22.86
N ASP W 99 23.28 40.73 -23.30
CA ASP W 99 22.27 40.08 -22.49
C ASP W 99 21.76 38.74 -23.04
N LYS W 100 22.22 38.32 -24.23
CA LYS W 100 21.75 37.05 -24.81
C LYS W 100 22.86 36.02 -25.18
N VAL W 101 24.11 36.26 -24.75
CA VAL W 101 25.18 35.33 -25.05
C VAL W 101 25.96 34.96 -23.77
N ARG W 102 26.26 33.66 -23.64
CA ARG W 102 26.97 33.17 -22.48
C ARG W 102 27.97 32.11 -22.88
N VAL W 103 29.20 32.22 -22.35
CA VAL W 103 30.33 31.35 -22.64
C VAL W 103 30.96 30.66 -21.41
N SER W 104 30.96 29.33 -21.41
CA SER W 104 31.57 28.56 -20.31
C SER W 104 32.81 27.95 -20.92
N GLU W 105 33.62 27.26 -20.12
CA GLU W 105 34.79 26.64 -20.72
C GLU W 105 34.45 25.51 -21.69
N ILE W 106 33.16 25.19 -21.89
CA ILE W 106 32.89 24.13 -22.87
C ILE W 106 32.01 24.61 -24.01
N GLY W 107 31.85 25.92 -24.20
CA GLY W 107 31.00 26.31 -25.31
C GLY W 107 30.26 27.61 -25.17
N VAL W 108 29.51 27.93 -26.22
CA VAL W 108 28.75 29.18 -26.31
C VAL W 108 27.25 29.00 -26.35
N GLU W 109 26.53 29.71 -25.49
CA GLU W 109 25.08 29.63 -25.49
C GLU W 109 24.55 30.90 -26.16
N GLY W 110 23.53 30.77 -26.99
CA GLY W 110 22.96 31.94 -27.62
C GLY W 110 22.91 31.77 -29.10
N VAL W 111 22.17 32.66 -29.76
CA VAL W 111 22.02 32.64 -31.21
C VAL W 111 22.28 34.04 -31.78
N GLY W 112 22.72 34.10 -33.03
CA GLY W 112 22.93 35.41 -33.62
C GLY W 112 24.34 35.92 -33.79
N PRO W 113 24.44 37.08 -34.43
CA PRO W 113 25.70 37.76 -34.72
C PRO W 113 26.76 37.71 -33.64
N VAL W 114 26.39 38.09 -32.42
CA VAL W 114 27.38 38.09 -31.31
C VAL W 114 27.77 36.65 -30.92
N ALA W 115 26.76 35.79 -30.80
CA ALA W 115 27.01 34.37 -30.50
C ALA W 115 28.00 33.83 -31.54
N GLU W 116 27.74 34.05 -32.83
CA GLU W 116 28.66 33.56 -33.86
C GLU W 116 30.10 34.08 -33.73
N ARG W 117 30.27 35.34 -33.39
CA ARG W 117 31.63 35.87 -33.27
C ARG W 117 32.32 35.29 -32.04
N ALA W 118 31.50 35.02 -31.02
CA ALA W 118 31.99 34.45 -29.78
C ALA W 118 32.58 33.06 -30.03
N LYS W 119 31.84 32.26 -30.81
CA LYS W 119 32.28 30.90 -31.16
C LYS W 119 33.60 30.89 -31.93
N ARG W 120 33.76 31.84 -32.84
CA ARG W 120 35.01 31.92 -33.62
C ARG W 120 36.18 32.25 -32.71
N LEU W 121 35.94 33.13 -31.74
CA LEU W 121 37.01 33.52 -30.81
C LEU W 121 37.34 32.28 -29.96
N PHE W 122 36.29 31.57 -29.55
CA PHE W 122 36.46 30.36 -28.74
C PHE W 122 37.34 29.37 -29.55
N GLU W 123 36.95 29.15 -30.79
CA GLU W 123 37.69 28.23 -31.66
C GLU W 123 39.15 28.69 -31.83
N GLU W 124 39.36 29.99 -31.88
CA GLU W 124 40.72 30.49 -32.03
C GLU W 124 41.60 30.11 -30.83
N PHE W 125 41.05 30.12 -29.62
CA PHE W 125 41.82 29.67 -28.44
C PHE W 125 42.08 28.14 -28.59
N LEU W 126 41.08 27.39 -29.02
CA LEU W 126 41.25 25.95 -29.17
C LEU W 126 42.33 25.57 -30.20
N LYS W 127 42.54 26.41 -31.20
CA LYS W 127 43.54 26.12 -32.24
C LYS W 127 44.95 26.41 -31.78
N ARG W 128 45.06 27.11 -30.64
CA ARG W 128 46.33 27.50 -30.05
C ARG W 128 46.96 26.30 -29.33
N PHE X 1 37.99 -2.73 -36.12
CA PHE X 1 38.59 -2.16 -37.33
C PHE X 1 38.92 -3.22 -38.40
N VAL X 2 38.08 -4.25 -38.43
CA VAL X 2 38.17 -5.30 -39.38
C VAL X 2 38.20 -4.72 -40.78
N ALA X 3 37.33 -3.76 -41.06
CA ALA X 3 37.28 -3.22 -42.43
C ALA X 3 38.54 -2.45 -42.80
N GLU X 4 39.01 -1.63 -41.87
CA GLU X 4 40.20 -0.83 -42.09
C GLU X 4 41.42 -1.71 -42.32
N LEU X 5 41.52 -2.81 -41.57
CA LEU X 5 42.65 -3.71 -41.76
C LEU X 5 42.53 -4.50 -43.03
N ASN X 6 41.31 -4.88 -43.38
CA ASN X 6 41.15 -5.66 -44.61
C ASN X 6 41.67 -4.76 -45.76
N ASN X 7 41.58 -3.43 -45.63
CA ASN X 7 42.07 -2.56 -46.69
C ASN X 7 43.58 -2.42 -46.77
N LEU X 8 44.29 -3.08 -45.84
CA LEU X 8 45.77 -3.05 -45.81
C LEU X 8 46.33 -4.40 -46.21
N LEU X 9 45.50 -5.24 -46.83
CA LEU X 9 45.95 -6.56 -47.27
C LEU X 9 47.16 -6.36 -48.21
N GLY X 10 48.22 -7.12 -47.98
CA GLY X 10 49.41 -6.95 -48.79
C GLY X 10 50.38 -5.84 -48.36
N ARG X 11 49.98 -5.00 -47.38
CA ARG X 11 50.86 -3.90 -46.91
C ARG X 11 51.58 -4.36 -45.61
N GLU X 12 52.64 -3.65 -45.26
CA GLU X 12 53.41 -4.00 -44.09
C GLU X 12 52.84 -3.37 -42.82
N VAL X 13 52.62 -4.21 -41.82
CA VAL X 13 52.12 -3.74 -40.53
C VAL X 13 53.01 -4.34 -39.44
N GLN X 14 52.91 -3.76 -38.26
CA GLN X 14 53.62 -4.22 -37.08
C GLN X 14 52.48 -4.64 -36.13
N VAL X 15 52.64 -5.78 -35.45
CA VAL X 15 51.64 -6.25 -34.48
C VAL X 15 52.35 -6.41 -33.14
N VAL X 16 51.93 -5.64 -32.14
CA VAL X 16 52.51 -5.72 -30.80
C VAL X 16 51.68 -6.70 -29.94
N LEU X 17 52.35 -7.72 -29.40
CA LEU X 17 51.71 -8.74 -28.57
C LEU X 17 51.95 -8.49 -27.07
N SER X 18 51.05 -9.04 -26.23
CA SER X 18 51.11 -8.82 -24.79
C SER X 18 52.22 -9.60 -24.09
N ASN X 19 52.91 -10.47 -24.80
CA ASN X 19 54.04 -11.17 -24.18
C ASN X 19 55.30 -10.37 -24.47
N GLY X 20 55.16 -9.16 -25.05
CA GLY X 20 56.36 -8.40 -25.37
C GLY X 20 56.89 -8.52 -26.81
N GLU X 21 56.53 -9.55 -27.57
CA GLU X 21 57.05 -9.62 -28.89
C GLU X 21 56.39 -8.63 -29.82
N VAL X 22 57.13 -8.26 -30.87
CA VAL X 22 56.60 -7.38 -31.89
C VAL X 22 56.89 -8.03 -33.24
N TYR X 23 55.85 -8.31 -34.01
CA TYR X 23 56.06 -8.91 -35.34
C TYR X 23 55.74 -7.91 -36.45
N LYS X 24 56.61 -7.86 -37.43
CA LYS X 24 56.38 -6.95 -38.53
C LYS X 24 56.37 -7.77 -39.80
N GLY X 25 55.39 -7.56 -40.64
CA GLY X 25 55.34 -8.33 -41.86
C GLY X 25 54.17 -7.87 -42.68
N VAL X 26 53.95 -8.58 -43.78
CA VAL X 26 52.84 -8.29 -44.69
C VAL X 26 51.51 -8.84 -44.11
N LEU X 27 50.48 -8.02 -44.09
CA LEU X 27 49.17 -8.39 -43.61
C LEU X 27 48.58 -9.33 -44.67
N HIS X 28 48.49 -10.59 -44.29
CA HIS X 28 48.07 -11.65 -45.18
C HIS X 28 46.55 -11.95 -45.08
N ALA X 29 46.03 -11.91 -43.85
CA ALA X 29 44.61 -12.20 -43.50
C ALA X 29 44.15 -11.58 -42.18
N VAL X 30 42.88 -11.16 -42.14
CA VAL X 30 42.27 -10.61 -40.95
C VAL X 30 40.85 -11.19 -40.91
N ASP X 31 40.35 -11.67 -39.76
CA ASP X 31 38.96 -12.16 -39.71
C ASP X 31 38.10 -11.27 -38.79
N ASN X 32 36.82 -11.57 -38.59
CA ASN X 32 36.03 -10.67 -37.76
C ASN X 32 36.46 -10.55 -36.33
N GLN X 33 37.11 -11.60 -35.82
CA GLN X 33 37.55 -11.60 -34.43
C GLN X 33 38.90 -10.92 -34.29
N LEU X 34 39.44 -10.52 -35.43
CA LEU X 34 40.76 -9.86 -35.48
C LEU X 34 41.99 -10.82 -35.22
N ASN X 35 41.82 -12.11 -35.53
CA ASN X 35 42.95 -13.00 -35.53
C ASN X 35 43.66 -12.42 -36.77
N ILE X 36 44.99 -12.50 -36.81
CA ILE X 36 45.75 -11.90 -37.90
C ILE X 36 46.75 -12.89 -38.45
N VAL X 37 46.92 -12.90 -39.76
CA VAL X 37 47.93 -13.74 -40.32
C VAL X 37 48.92 -12.80 -40.97
N LEU X 38 50.21 -12.99 -40.68
CA LEU X 38 51.23 -12.16 -41.29
C LEU X 38 52.10 -13.05 -42.19
N ALA X 39 52.52 -12.53 -43.34
CA ALA X 39 53.41 -13.29 -44.23
C ALA X 39 54.82 -12.66 -44.16
N ASN X 40 55.83 -13.52 -44.23
CA ASN X 40 57.25 -13.07 -44.19
C ASN X 40 57.48 -12.03 -43.15
N ALA X 41 57.19 -12.44 -41.94
CA ALA X 41 57.26 -11.60 -40.79
C ALA X 41 58.55 -11.82 -40.02
N SER X 42 58.92 -10.83 -39.23
CA SER X 42 60.05 -11.02 -38.40
C SER X 42 59.78 -10.40 -37.02
N ASN X 43 60.43 -10.95 -36.00
CA ASN X 43 60.31 -10.38 -34.64
C ASN X 43 61.58 -9.51 -34.35
N LYS X 44 61.62 -8.93 -33.17
CA LYS X 44 62.74 -8.07 -32.78
C LYS X 44 64.06 -8.78 -32.76
N ALA X 45 64.07 -10.07 -32.44
CA ALA X 45 65.32 -10.82 -32.44
C ALA X 45 65.82 -11.17 -33.87
N GLY X 46 65.16 -10.69 -34.90
CA GLY X 46 65.61 -11.04 -36.24
C GLY X 46 65.13 -12.38 -36.81
N GLU X 47 64.29 -13.12 -36.09
CA GLU X 47 63.79 -14.38 -36.67
C GLU X 47 62.71 -14.06 -37.71
N LYS X 48 62.69 -14.87 -38.76
CA LYS X 48 61.81 -14.71 -39.91
C LYS X 48 60.94 -15.92 -40.04
N PHE X 49 59.67 -15.72 -40.40
CA PHE X 49 58.76 -16.85 -40.57
C PHE X 49 57.89 -16.55 -41.80
N ASN X 50 57.69 -17.57 -42.64
CA ASN X 50 56.89 -17.39 -43.84
C ASN X 50 55.47 -17.01 -43.46
N ARG X 51 54.95 -17.59 -42.39
CA ARG X 51 53.63 -17.26 -41.90
C ARG X 51 53.60 -17.29 -40.38
N VAL X 52 52.91 -16.30 -39.82
CA VAL X 52 52.72 -16.17 -38.38
C VAL X 52 51.21 -15.98 -38.15
N PHE X 53 50.59 -16.91 -37.42
CA PHE X 53 49.14 -16.90 -37.12
C PHE X 53 48.97 -16.37 -35.70
N ILE X 54 48.50 -15.13 -35.62
CA ILE X 54 48.37 -14.46 -34.34
C ILE X 54 46.97 -14.48 -33.74
N TYR X 56 43.88 -13.39 -31.59
CA TYR X 56 43.42 -12.03 -31.27
C TYR X 56 43.53 -11.61 -29.79
N ARG X 57 43.39 -12.56 -28.86
CA ARG X 57 43.47 -12.29 -27.42
C ARG X 57 44.77 -11.66 -26.96
N TYR X 58 45.85 -11.94 -27.70
CA TYR X 58 47.15 -11.46 -27.33
C TYR X 58 47.61 -10.23 -28.11
N ILE X 59 46.74 -9.68 -28.95
CA ILE X 59 47.11 -8.53 -29.75
C ILE X 59 46.75 -7.24 -29.03
N VAL X 60 47.78 -6.44 -28.74
CA VAL X 60 47.58 -5.21 -28.05
C VAL X 60 47.19 -4.12 -29.03
N HIS X 61 47.98 -4.01 -30.09
CA HIS X 61 47.66 -3.07 -31.14
C HIS X 61 48.36 -3.42 -32.49
N ILE X 62 47.90 -2.82 -33.56
CA ILE X 62 48.43 -3.08 -34.90
C ILE X 62 48.78 -1.69 -35.41
N ASP X 63 49.99 -1.51 -35.93
CA ASP X 63 50.46 -0.21 -36.44
C ASP X 63 50.84 -0.20 -37.94
N SER X 64 50.51 0.89 -38.61
CA SER X 64 50.89 1.07 -40.00
C SER X 64 52.36 1.34 -39.91
N THR X 65 53.14 0.84 -40.84
CA THR X 65 54.58 1.07 -40.77
C THR X 65 55.13 1.91 -41.94
N GLU X 66 54.28 2.22 -42.92
CA GLU X 66 54.76 3.05 -44.07
C GLU X 66 54.45 4.49 -43.80
N ARG X 67 55.33 5.44 -44.09
CA ARG X 67 54.86 6.79 -43.87
C ARG X 67 54.07 7.21 -45.10
N ARG X 68 53.24 8.23 -44.93
CA ARG X 68 52.44 8.80 -45.99
C ARG X 68 53.42 9.48 -46.93
N ILE X 69 53.02 9.66 -48.18
CA ILE X 69 53.87 10.32 -49.17
C ILE X 69 54.16 11.79 -48.85
N ASP X 70 55.38 12.20 -49.17
CA ASP X 70 55.78 13.59 -48.97
C ASP X 70 55.13 14.33 -50.13
N ARG X 72 55.09 17.42 -51.10
CA ARG X 72 55.86 18.41 -51.83
C ARG X 72 56.72 17.69 -52.88
N GLU X 73 57.35 16.57 -52.50
CA GLU X 73 58.14 15.77 -53.42
C GLU X 73 57.17 15.25 -54.50
N PHE X 74 55.95 14.87 -54.11
CA PHE X 74 55.00 14.40 -55.11
C PHE X 74 54.77 15.49 -56.17
N ALA X 75 54.55 16.72 -55.70
CA ALA X 75 54.35 17.87 -56.59
C ALA X 75 55.63 18.07 -57.42
N LYS X 76 56.80 17.99 -56.79
CA LYS X 76 58.05 18.14 -57.54
C LYS X 76 58.09 17.14 -58.73
N GLN X 77 57.83 15.85 -58.48
CA GLN X 77 57.88 14.88 -59.58
C GLN X 77 56.70 15.02 -60.57
N ALA X 78 55.54 15.41 -60.06
CA ALA X 78 54.38 15.54 -60.92
C ALA X 78 54.66 16.65 -61.98
N GLU X 79 55.40 17.66 -61.52
CA GLU X 79 55.78 18.81 -62.36
C GLU X 79 56.53 18.37 -63.60
N LYS X 80 57.32 17.32 -63.49
CA LYS X 80 58.06 16.79 -64.61
C LYS X 80 57.12 16.11 -65.60
N ILE X 81 55.93 15.72 -65.16
CA ILE X 81 55.02 15.01 -66.04
C ILE X 81 53.94 15.91 -66.53
N PHE X 82 53.54 16.87 -65.70
CA PHE X 82 52.48 17.82 -66.12
C PHE X 82 52.99 19.23 -65.97
N PRO X 83 53.93 19.62 -66.84
CA PRO X 83 54.55 20.94 -66.85
C PRO X 83 53.57 22.12 -66.73
N GLY X 84 53.80 22.91 -65.68
CA GLY X 84 52.99 24.07 -65.41
C GLY X 84 51.56 23.81 -64.95
N VAL X 86 50.87 21.81 -62.16
CA VAL X 86 50.92 21.40 -60.77
C VAL X 86 51.01 22.50 -59.73
N LYS X 87 50.11 22.42 -58.75
CA LYS X 87 50.11 23.36 -57.64
C LYS X 87 50.12 22.65 -56.27
N TYR X 88 51.10 23.02 -55.45
CA TYR X 88 51.16 22.47 -54.12
C TYR X 88 50.38 23.46 -53.20
N ILE X 89 49.27 23.02 -52.59
CA ILE X 89 48.44 23.85 -51.69
C ILE X 89 48.78 23.48 -50.24
N GLU X 90 49.58 24.34 -49.63
CA GLU X 90 50.05 24.13 -48.28
C GLU X 90 48.94 24.16 -47.21
N GLU X 91 47.89 24.90 -47.48
CA GLU X 91 46.77 25.00 -46.56
C GLU X 91 46.22 23.61 -46.15
N THR X 92 46.24 22.63 -47.04
CA THR X 92 45.73 21.29 -46.65
C THR X 92 46.69 20.17 -47.04
N ASN X 93 47.85 20.55 -47.59
CA ASN X 93 48.88 19.58 -47.98
C ASN X 93 48.38 18.72 -49.14
N VAL X 94 47.74 19.38 -50.11
CA VAL X 94 47.19 18.73 -51.26
C VAL X 94 47.86 19.22 -52.52
N VAL X 95 47.81 18.41 -53.57
CA VAL X 95 48.47 18.80 -54.81
C VAL X 95 47.39 18.88 -55.87
N LEU X 96 47.30 20.02 -56.55
CA LEU X 96 46.32 20.16 -57.61
C LEU X 96 47.04 19.99 -58.95
N ILE X 97 46.42 19.26 -59.86
CA ILE X 97 47.03 19.05 -61.19
C ILE X 97 46.01 19.45 -62.21
N GLY X 98 46.22 20.61 -62.81
CA GLY X 98 45.25 21.08 -63.77
C GLY X 98 44.07 21.53 -62.92
N ASP X 99 42.88 21.53 -63.51
CA ASP X 99 41.75 22.00 -62.76
C ASP X 99 40.80 20.90 -62.29
N LYS X 100 41.00 19.68 -62.74
CA LYS X 100 40.10 18.58 -62.38
C LYS X 100 40.69 17.39 -61.63
N VAL X 101 41.94 17.46 -61.24
CA VAL X 101 42.54 16.35 -60.54
C VAL X 101 43.14 16.91 -59.26
N ARG X 102 42.90 16.18 -58.16
CA ARG X 102 43.33 16.58 -56.82
C ARG X 102 44.03 15.40 -56.12
N VAL X 103 45.18 15.65 -55.51
CA VAL X 103 45.87 14.56 -54.87
C VAL X 103 46.13 14.85 -53.40
N SER X 104 45.64 13.98 -52.51
CA SER X 104 45.91 14.12 -51.09
C SER X 104 46.85 12.96 -50.75
N GLU X 105 47.30 12.91 -49.50
CA GLU X 105 48.19 11.84 -49.08
C GLU X 105 47.50 10.48 -49.02
N ILE X 106 46.18 10.45 -49.18
CA ILE X 106 45.54 9.14 -49.21
C ILE X 106 44.92 8.77 -50.56
N GLY X 107 45.15 9.56 -51.61
CA GLY X 107 44.62 9.15 -52.91
C GLY X 107 44.38 10.25 -53.92
N VAL X 108 43.96 9.85 -55.12
CA VAL X 108 43.76 10.80 -56.21
C VAL X 108 42.32 10.98 -56.53
N GLU X 109 41.90 12.23 -56.69
CA GLU X 109 40.50 12.46 -57.04
C GLU X 109 40.46 12.94 -58.47
N GLY X 110 39.54 12.40 -59.24
CA GLY X 110 39.41 12.80 -60.63
C GLY X 110 39.36 11.63 -61.58
N VAL X 111 39.15 11.94 -62.86
CA VAL X 111 39.10 10.89 -63.89
C VAL X 111 39.80 11.38 -65.15
N GLY X 112 40.11 10.47 -66.06
CA GLY X 112 40.76 10.90 -67.28
C GLY X 112 42.23 10.55 -67.31
N PRO X 113 42.91 10.86 -68.41
CA PRO X 113 44.33 10.53 -68.52
C PRO X 113 45.21 11.16 -67.46
N VAL X 114 44.90 12.39 -67.08
CA VAL X 114 45.70 13.03 -66.08
C VAL X 114 45.57 12.30 -64.76
N ALA X 115 44.33 12.02 -64.35
CA ALA X 115 44.10 11.34 -63.08
C ALA X 115 44.78 9.99 -63.04
N GLU X 116 44.69 9.22 -64.13
CA GLU X 116 45.30 7.89 -64.23
C GLU X 116 46.81 7.97 -64.11
N ARG X 117 47.42 8.96 -64.75
CA ARG X 117 48.88 9.11 -64.67
C ARG X 117 49.31 9.53 -63.24
N ALA X 118 48.47 10.32 -62.58
CA ALA X 118 48.77 10.71 -61.20
C ALA X 118 48.62 9.49 -60.27
N LYS X 119 47.67 8.59 -60.55
CA LYS X 119 47.53 7.42 -59.69
C LYS X 119 48.78 6.57 -59.83
N ARG X 120 49.30 6.46 -61.05
CA ARG X 120 50.48 5.66 -61.27
C ARG X 120 51.75 6.26 -60.64
N LEU X 121 51.85 7.59 -60.61
CA LEU X 121 52.96 8.28 -59.96
C LEU X 121 52.80 7.98 -58.45
N PHE X 122 51.57 8.08 -57.95
CA PHE X 122 51.29 7.84 -56.52
C PHE X 122 51.81 6.43 -56.14
N GLU X 123 51.36 5.44 -56.90
CA GLU X 123 51.74 4.07 -56.70
C GLU X 123 53.25 3.91 -56.77
N GLU X 124 53.92 4.68 -57.63
CA GLU X 124 55.39 4.54 -57.70
C GLU X 124 55.97 4.93 -56.34
N PHE X 125 55.47 6.00 -55.74
CA PHE X 125 55.96 6.37 -54.42
C PHE X 125 55.66 5.26 -53.43
N LEU X 126 54.47 4.67 -53.53
CA LEU X 126 54.17 3.62 -52.57
C LEU X 126 55.10 2.41 -52.73
N LYS X 127 55.51 2.08 -53.96
CA LYS X 127 56.36 0.92 -54.19
C LYS X 127 57.83 1.02 -53.80
N ARG X 128 58.33 2.22 -53.56
CA ARG X 128 59.75 2.34 -53.25
C ARG X 128 60.16 2.09 -51.80
N PHE Y 1 41.89 -18.78 -38.16
CA PHE Y 1 42.69 -19.52 -39.16
C PHE Y 1 42.65 -21.07 -38.96
N VAL Y 2 41.52 -21.58 -38.48
CA VAL Y 2 41.35 -23.02 -38.35
C VAL Y 2 41.55 -23.70 -39.75
N ALA Y 3 41.02 -23.10 -40.80
CA ALA Y 3 41.20 -23.71 -42.15
C ALA Y 3 42.69 -23.72 -42.57
N GLU Y 4 43.38 -22.61 -42.41
CA GLU Y 4 44.79 -22.59 -42.76
C GLU Y 4 45.64 -23.60 -41.99
N LEU Y 5 45.41 -23.74 -40.68
CA LEU Y 5 46.20 -24.66 -39.88
C LEU Y 5 45.84 -26.11 -40.20
N ASN Y 6 44.54 -26.39 -40.42
CA ASN Y 6 44.16 -27.75 -40.81
C ASN Y 6 44.92 -28.11 -42.09
N ASN Y 7 45.27 -27.12 -42.89
CA ASN Y 7 46.05 -27.44 -44.11
C ASN Y 7 47.52 -27.75 -43.86
N LEU Y 8 47.91 -27.70 -42.59
CA LEU Y 8 49.29 -27.96 -42.20
C LEU Y 8 49.49 -29.23 -41.37
N LEU Y 9 48.48 -30.07 -41.31
CA LEU Y 9 48.59 -31.33 -40.60
C LEU Y 9 49.82 -32.12 -41.08
N GLY Y 10 50.62 -32.58 -40.13
CA GLY Y 10 51.81 -33.34 -40.44
C GLY Y 10 53.06 -32.54 -40.74
N ARG Y 11 52.90 -31.21 -40.84
CA ARG Y 11 54.03 -30.31 -41.10
C ARG Y 11 54.41 -29.77 -39.71
N GLU Y 12 55.67 -29.39 -39.61
CA GLU Y 12 56.23 -28.86 -38.41
C GLU Y 12 55.85 -27.40 -38.20
N VAL Y 13 55.40 -27.07 -36.98
CA VAL Y 13 55.07 -25.68 -36.68
C VAL Y 13 55.67 -25.32 -35.32
N GLN Y 14 55.62 -24.04 -34.94
CA GLN Y 14 56.12 -23.69 -33.61
C GLN Y 14 54.97 -22.94 -33.00
N VAL Y 15 54.66 -23.23 -31.74
CA VAL Y 15 53.56 -22.63 -31.02
C VAL Y 15 54.18 -21.92 -29.77
N VAL Y 16 53.98 -20.62 -29.71
CA VAL Y 16 54.50 -19.79 -28.62
C VAL Y 16 53.38 -19.59 -27.61
N LEU Y 17 53.65 -19.90 -26.33
CA LEU Y 17 52.65 -19.79 -25.26
C LEU Y 17 52.93 -18.59 -24.38
N SER Y 18 51.89 -18.08 -23.72
CA SER Y 18 52.03 -16.91 -22.90
C SER Y 18 52.77 -17.17 -21.59
N ASN Y 19 53.15 -18.41 -21.32
CA ASN Y 19 53.92 -18.64 -20.08
C ASN Y 19 55.41 -18.60 -20.50
N GLY Y 20 55.71 -18.17 -21.74
CA GLY Y 20 57.10 -18.10 -22.19
C GLY Y 20 57.65 -19.34 -22.91
N GLU Y 21 56.96 -20.47 -22.82
CA GLU Y 21 57.42 -21.66 -23.53
C GLU Y 21 57.12 -21.60 -25.01
N VAL Y 22 57.96 -22.27 -25.81
CA VAL Y 22 57.80 -22.35 -27.23
C VAL Y 22 57.96 -23.85 -27.59
N TYR Y 23 56.91 -24.44 -28.17
CA TYR Y 23 56.92 -25.83 -28.58
C TYR Y 23 57.01 -25.96 -30.09
N LYS Y 24 57.90 -26.83 -30.54
CA LYS Y 24 58.05 -27.05 -31.95
C LYS Y 24 57.81 -28.53 -32.14
N GLY Y 25 56.92 -28.85 -33.08
CA GLY Y 25 56.61 -30.22 -33.34
C GLY Y 25 55.69 -30.32 -34.53
N VAL Y 26 55.28 -31.55 -34.82
CA VAL Y 26 54.40 -31.75 -35.94
C VAL Y 26 52.98 -31.43 -35.50
N LEU Y 27 52.25 -30.74 -36.37
CA LEU Y 27 50.88 -30.35 -36.10
C LEU Y 27 50.02 -31.60 -36.24
N HIS Y 28 49.47 -32.03 -35.12
CA HIS Y 28 48.68 -33.24 -35.09
C HIS Y 28 47.18 -33.03 -35.23
N ALA Y 29 46.63 -32.01 -34.58
CA ALA Y 29 45.19 -31.69 -34.70
C ALA Y 29 44.99 -30.26 -34.27
N VAL Y 30 43.93 -29.67 -34.83
CA VAL Y 30 43.46 -28.30 -34.55
C VAL Y 30 41.91 -28.39 -34.51
N ASP Y 31 41.24 -27.69 -33.58
CA ASP Y 31 39.77 -27.74 -33.57
C ASP Y 31 39.26 -26.36 -33.80
N ASN Y 32 37.94 -26.14 -33.74
CA ASN Y 32 37.41 -24.80 -34.05
C ASN Y 32 37.83 -23.73 -33.06
N GLN Y 33 38.14 -24.16 -31.85
CA GLN Y 33 38.52 -23.22 -30.80
C GLN Y 33 40.00 -22.92 -30.83
N LEU Y 34 40.68 -23.57 -31.74
CA LEU Y 34 42.11 -23.39 -31.93
C LEU Y 34 42.91 -24.04 -30.79
N ASN Y 35 42.37 -25.12 -30.19
CA ASN Y 35 43.14 -25.90 -29.23
C ASN Y 35 44.06 -26.61 -30.22
N ILE Y 36 45.29 -26.90 -29.82
CA ILE Y 36 46.25 -27.52 -30.74
C ILE Y 36 46.90 -28.77 -30.15
N VAL Y 37 47.04 -29.82 -30.93
CA VAL Y 37 47.76 -30.98 -30.46
C VAL Y 37 49.05 -31.09 -31.32
N LEU Y 38 50.22 -31.17 -30.70
CA LEU Y 38 51.46 -31.35 -31.44
C LEU Y 38 51.98 -32.76 -31.18
N ALA Y 39 52.66 -33.33 -32.17
CA ALA Y 39 53.29 -34.68 -32.07
C ALA Y 39 54.82 -34.53 -31.96
N ASN Y 40 55.45 -35.29 -31.05
CA ASN Y 40 56.91 -35.26 -30.88
C ASN Y 40 57.43 -33.82 -30.86
N ALA Y 41 56.93 -33.07 -29.90
CA ALA Y 41 57.23 -31.68 -29.82
C ALA Y 41 58.19 -31.41 -28.68
N SER Y 42 59.03 -30.41 -28.82
CA SER Y 42 59.95 -30.10 -27.78
C SER Y 42 59.91 -28.60 -27.43
N ASN Y 43 60.26 -28.23 -26.20
CA ASN Y 43 60.31 -26.83 -25.80
C ASN Y 43 61.79 -26.42 -25.90
N LYS Y 44 62.12 -25.15 -25.62
CA LYS Y 44 63.51 -24.72 -25.78
C LYS Y 44 64.48 -25.42 -24.83
N ALA Y 45 63.98 -25.89 -23.70
CA ALA Y 45 64.76 -26.60 -22.70
C ALA Y 45 65.09 -28.02 -23.12
N GLY Y 46 64.66 -28.43 -24.30
CA GLY Y 46 64.98 -29.77 -24.73
C GLY Y 46 64.02 -30.85 -24.26
N GLU Y 47 62.96 -30.50 -23.54
CA GLU Y 47 62.01 -31.53 -23.11
C GLU Y 47 61.12 -31.91 -24.32
N LYS Y 48 61.03 -33.19 -24.65
CA LYS Y 48 60.25 -33.68 -25.80
C LYS Y 48 59.14 -34.68 -25.36
N PHE Y 49 57.97 -34.58 -25.94
CA PHE Y 49 56.86 -35.46 -25.55
C PHE Y 49 56.19 -36.01 -26.79
N ASN Y 50 55.71 -37.24 -26.75
CA ASN Y 50 55.06 -37.83 -27.94
C ASN Y 50 53.87 -36.94 -28.35
N ARG Y 51 53.15 -36.39 -27.38
CA ARG Y 51 52.00 -35.50 -27.64
C ARG Y 51 51.89 -34.39 -26.62
N VAL Y 52 51.63 -33.20 -27.11
CA VAL Y 52 51.46 -32.05 -26.28
C VAL Y 52 50.09 -31.47 -26.68
N PHE Y 53 49.18 -31.43 -25.70
CA PHE Y 53 47.87 -30.89 -25.92
C PHE Y 53 47.89 -29.45 -25.36
N ILE Y 54 47.81 -28.47 -26.27
CA ILE Y 54 47.86 -27.05 -25.90
C ILE Y 54 46.53 -26.36 -25.83
N TYR Y 56 43.86 -23.49 -25.99
CA TYR Y 56 43.82 -22.29 -26.83
C TYR Y 56 44.03 -20.96 -26.12
N ARG Y 57 43.56 -20.82 -24.89
CA ARG Y 57 43.72 -19.57 -24.11
C ARG Y 57 45.16 -19.10 -23.86
N TYR Y 58 46.11 -20.04 -23.93
CA TYR Y 58 47.54 -19.73 -23.72
C TYR Y 58 48.40 -19.63 -24.99
N ILE Y 59 47.76 -19.77 -26.15
CA ILE Y 59 48.47 -19.63 -27.40
C ILE Y 59 48.52 -18.17 -27.83
N VAL Y 60 49.74 -17.69 -28.04
CA VAL Y 60 49.97 -16.31 -28.44
C VAL Y 60 49.98 -16.30 -29.97
N HIS Y 61 50.82 -17.15 -30.56
CA HIS Y 61 50.84 -17.31 -32.02
C HIS Y 61 51.44 -18.61 -32.45
N ILE Y 62 51.17 -18.98 -33.70
CA ILE Y 62 51.67 -20.22 -34.27
C ILE Y 62 52.44 -19.86 -35.55
N ASP Y 63 53.60 -20.46 -35.74
CA ASP Y 63 54.43 -20.07 -36.87
C ASP Y 63 54.92 -21.22 -37.71
N SER Y 64 55.06 -20.93 -38.98
CA SER Y 64 55.59 -21.87 -39.93
C SER Y 64 57.08 -21.99 -39.61
N THR Y 65 57.63 -23.17 -39.80
CA THR Y 65 59.03 -23.40 -39.53
C THR Y 65 59.84 -23.64 -40.80
N GLU Y 66 59.18 -23.97 -41.91
CA GLU Y 66 59.93 -24.24 -43.14
C GLU Y 66 60.09 -23.04 -44.04
N ARG Y 67 61.21 -22.95 -44.73
CA ARG Y 67 61.36 -21.85 -45.67
C ARG Y 67 60.64 -22.33 -46.95
N ARG Y 68 60.19 -21.38 -47.76
CA ARG Y 68 59.59 -21.69 -49.03
C ARG Y 68 60.78 -22.18 -49.90
N ILE Y 69 60.50 -23.03 -50.88
CA ILE Y 69 61.54 -23.57 -51.74
C ILE Y 69 62.17 -22.47 -52.59
N ASP Y 70 63.45 -22.65 -52.88
CA ASP Y 70 64.22 -21.74 -53.72
C ASP Y 70 63.77 -22.01 -55.16
N ARG Y 72 64.68 -20.59 -58.12
CA ARG Y 72 65.71 -20.66 -59.16
C ARG Y 72 66.30 -22.08 -59.14
N GLU Y 73 66.46 -22.61 -57.92
CA GLU Y 73 67.00 -23.93 -57.75
C GLU Y 73 66.00 -24.95 -58.30
N PHE Y 74 64.70 -24.68 -58.10
CA PHE Y 74 63.70 -25.61 -58.63
C PHE Y 74 63.81 -25.57 -60.16
N ALA Y 75 63.98 -24.36 -60.71
CA ALA Y 75 64.11 -24.21 -62.15
C ALA Y 75 65.28 -25.03 -62.73
N LYS Y 76 66.45 -24.97 -62.10
CA LYS Y 76 67.61 -25.71 -62.60
C LYS Y 76 67.29 -27.20 -62.61
N GLN Y 77 66.87 -27.70 -61.47
CA GLN Y 77 66.56 -29.09 -61.40
C GLN Y 77 65.45 -29.51 -62.35
N ALA Y 78 64.51 -28.62 -62.67
CA ALA Y 78 63.41 -28.98 -63.57
C ALA Y 78 63.95 -29.14 -64.99
N GLU Y 79 65.01 -28.39 -65.32
CA GLU Y 79 65.62 -28.42 -66.64
C GLU Y 79 66.15 -29.82 -67.00
N LYS Y 80 66.78 -30.47 -66.04
CA LYS Y 80 67.32 -31.79 -66.28
C LYS Y 80 66.19 -32.76 -66.63
N ILE Y 81 65.05 -32.54 -65.98
CA ILE Y 81 63.86 -33.35 -66.15
C ILE Y 81 63.02 -32.97 -67.38
N PHE Y 82 62.96 -31.69 -67.73
CA PHE Y 82 62.16 -31.30 -68.89
C PHE Y 82 62.99 -30.41 -69.83
N PRO Y 83 64.17 -30.91 -70.24
CA PRO Y 83 65.12 -30.22 -71.13
C PRO Y 83 64.47 -29.29 -72.15
N GLY Y 84 64.88 -28.02 -72.12
CA GLY Y 84 64.36 -27.02 -73.05
C GLY Y 84 62.91 -26.55 -72.91
N VAL Y 86 61.75 -25.32 -69.79
CA VAL Y 86 61.72 -24.59 -68.53
C VAL Y 86 62.20 -23.14 -68.51
N LYS Y 87 61.39 -22.26 -67.89
CA LYS Y 87 61.69 -20.84 -67.78
C LYS Y 87 61.51 -20.31 -66.35
N TYR Y 88 62.56 -19.72 -65.79
CA TYR Y 88 62.44 -19.14 -64.45
C TYR Y 88 62.01 -17.73 -64.78
N ILE Y 89 60.88 -17.26 -64.24
CA ILE Y 89 60.42 -15.90 -64.50
C ILE Y 89 60.70 -15.10 -63.25
N GLU Y 90 61.78 -14.34 -63.27
CA GLU Y 90 62.13 -13.54 -62.11
C GLU Y 90 61.06 -12.52 -61.67
N GLU Y 91 60.26 -12.00 -62.60
CA GLU Y 91 59.24 -10.98 -62.28
C GLU Y 91 58.30 -11.42 -61.12
N THR Y 92 57.96 -12.71 -61.05
CA THR Y 92 57.07 -13.21 -60.00
C THR Y 92 57.67 -14.38 -59.22
N ASN Y 93 58.94 -14.69 -59.47
CA ASN Y 93 59.60 -15.80 -58.79
C ASN Y 93 58.90 -17.13 -59.09
N VAL Y 94 58.50 -17.24 -60.36
CA VAL Y 94 57.75 -18.39 -60.87
C VAL Y 94 58.51 -19.18 -61.96
N VAL Y 95 58.19 -20.46 -62.06
CA VAL Y 95 58.83 -21.30 -63.04
C VAL Y 95 57.78 -21.83 -64.01
N LEU Y 96 58.00 -21.63 -65.31
CA LEU Y 96 57.07 -22.16 -66.32
C LEU Y 96 57.68 -23.43 -66.93
N ILE Y 97 56.85 -24.45 -67.15
CA ILE Y 97 57.35 -25.71 -67.71
C ILE Y 97 56.49 -26.05 -68.91
N GLY Y 98 57.06 -25.96 -70.11
CA GLY Y 98 56.26 -26.21 -71.27
C GLY Y 98 55.32 -25.03 -71.35
N ASP Y 99 54.09 -25.24 -71.81
CA ASP Y 99 53.16 -24.13 -71.92
C ASP Y 99 51.88 -24.33 -71.11
N LYS Y 100 51.75 -25.41 -70.38
CA LYS Y 100 50.51 -25.60 -69.61
C LYS Y 100 50.75 -25.85 -68.13
N VAL Y 101 52.00 -25.76 -67.68
CA VAL Y 101 52.31 -25.99 -66.29
C VAL Y 101 53.08 -24.79 -65.72
N ARG Y 102 52.69 -24.37 -64.54
CA ARG Y 102 53.26 -23.22 -63.87
C ARG Y 102 53.44 -23.55 -62.38
N VAL Y 103 54.63 -23.28 -61.86
CA VAL Y 103 54.99 -23.58 -60.48
C VAL Y 103 55.42 -22.28 -59.73
N SER Y 104 54.87 -22.08 -58.54
CA SER Y 104 55.18 -20.92 -57.67
C SER Y 104 55.68 -21.52 -56.38
N GLU Y 105 56.03 -20.67 -55.42
CA GLU Y 105 56.52 -21.21 -54.16
C GLU Y 105 55.42 -21.91 -53.35
N ILE Y 106 54.17 -21.84 -53.79
CA ILE Y 106 53.16 -22.56 -53.00
C ILE Y 106 52.49 -23.74 -53.73
N GLY Y 107 52.95 -24.03 -54.95
CA GLY Y 107 52.35 -25.16 -55.62
C GLY Y 107 52.47 -25.23 -57.09
N VAL Y 108 51.96 -26.32 -57.65
CA VAL Y 108 52.00 -26.55 -59.09
C VAL Y 108 50.61 -26.34 -59.70
N GLU Y 109 50.53 -25.60 -60.80
CA GLU Y 109 49.29 -25.33 -61.51
C GLU Y 109 49.35 -26.09 -62.83
N GLY Y 110 48.25 -26.71 -63.24
CA GLY Y 110 48.25 -27.46 -64.49
C GLY Y 110 47.90 -28.90 -64.26
N VAL Y 111 47.60 -29.62 -65.34
CA VAL Y 111 47.19 -31.01 -65.20
C VAL Y 111 47.93 -31.95 -66.21
N GLY Y 112 48.03 -33.22 -65.89
CA GLY Y 112 48.68 -34.13 -66.81
C GLY Y 112 50.04 -34.58 -66.30
N PRO Y 113 50.73 -35.43 -67.07
CA PRO Y 113 52.05 -35.99 -66.75
C PRO Y 113 53.12 -35.00 -66.42
N VAL Y 114 53.18 -33.89 -67.14
CA VAL Y 114 54.23 -32.91 -66.85
C VAL Y 114 53.94 -32.33 -65.46
N ALA Y 115 52.69 -31.94 -65.21
CA ALA Y 115 52.28 -31.39 -63.94
C ALA Y 115 52.50 -32.41 -62.81
N GLU Y 116 52.18 -33.69 -63.10
CA GLU Y 116 52.37 -34.70 -62.08
C GLU Y 116 53.82 -34.84 -61.76
N ARG Y 117 54.66 -34.88 -62.79
CA ARG Y 117 56.11 -35.00 -62.52
C ARG Y 117 56.64 -33.71 -61.81
N ALA Y 118 56.05 -32.58 -62.12
CA ALA Y 118 56.46 -31.31 -61.52
C ALA Y 118 56.18 -31.36 -60.00
N LYS Y 119 55.01 -31.89 -59.62
CA LYS Y 119 54.66 -32.01 -58.21
C LYS Y 119 55.57 -32.92 -57.45
N ARG Y 120 56.02 -34.00 -58.12
CA ARG Y 120 56.94 -34.94 -57.48
C ARG Y 120 58.23 -34.21 -57.18
N LEU Y 121 58.68 -33.39 -58.11
CA LEU Y 121 59.92 -32.65 -57.89
C LEU Y 121 59.74 -31.59 -56.77
N PHE Y 122 58.57 -30.96 -56.77
CA PHE Y 122 58.29 -29.98 -55.72
C PHE Y 122 58.36 -30.72 -54.38
N GLU Y 123 57.68 -31.86 -54.33
CA GLU Y 123 57.71 -32.63 -53.09
C GLU Y 123 59.11 -33.00 -52.64
N GLU Y 124 59.98 -33.35 -53.58
CA GLU Y 124 61.37 -33.70 -53.21
C GLU Y 124 62.04 -32.56 -52.45
N PHE Y 125 61.83 -31.32 -52.89
CA PHE Y 125 62.39 -30.14 -52.21
C PHE Y 125 61.80 -29.95 -50.79
N LEU Y 126 60.51 -30.24 -50.59
CA LEU Y 126 59.89 -30.08 -49.29
C LEU Y 126 60.34 -31.15 -48.32
N LYS Y 127 60.97 -32.18 -48.85
CA LYS Y 127 61.43 -33.27 -48.00
C LYS Y 127 62.82 -33.02 -47.51
N ARG Y 128 63.30 -31.81 -47.75
CA ARG Y 128 64.62 -31.38 -47.33
C ARG Y 128 65.68 -31.95 -48.28
N PHE Z 1 40.27 -31.24 -27.06
CA PHE Z 1 40.77 -32.63 -27.08
C PHE Z 1 40.25 -33.50 -25.89
N VAL Z 2 38.99 -33.30 -25.55
CA VAL Z 2 38.38 -34.11 -24.51
C VAL Z 2 38.49 -35.63 -24.85
N ALA Z 3 38.24 -35.99 -26.11
CA ALA Z 3 38.34 -37.41 -26.50
C ALA Z 3 39.72 -37.99 -26.45
N GLU Z 4 40.73 -37.29 -26.98
CA GLU Z 4 42.08 -37.86 -26.92
C GLU Z 4 42.48 -38.07 -25.43
N LEU Z 5 42.19 -37.10 -24.56
CA LEU Z 5 42.53 -37.19 -23.15
C LEU Z 5 41.83 -38.32 -22.46
N ASN Z 6 40.55 -38.47 -22.74
CA ASN Z 6 39.84 -39.57 -22.16
C ASN Z 6 40.43 -40.95 -22.51
N ASN Z 7 41.10 -41.04 -23.66
CA ASN Z 7 41.74 -42.30 -24.06
C ASN Z 7 43.05 -42.53 -23.33
N LEU Z 8 43.35 -41.64 -22.40
CA LEU Z 8 44.61 -41.74 -21.66
C LEU Z 8 44.35 -41.95 -20.15
N LEU Z 9 43.11 -42.25 -19.80
CA LEU Z 9 42.81 -42.50 -18.39
C LEU Z 9 43.69 -43.64 -17.87
N GLY Z 10 44.29 -43.42 -16.68
CA GLY Z 10 45.15 -44.41 -16.08
C GLY Z 10 46.58 -44.28 -16.53
N ARG Z 11 46.84 -43.41 -17.50
CA ARG Z 11 48.18 -43.20 -18.01
C ARG Z 11 48.85 -41.95 -17.34
N GLU Z 12 50.18 -41.91 -17.38
CA GLU Z 12 51.02 -40.87 -16.79
C GLU Z 12 51.05 -39.62 -17.71
N VAL Z 13 50.64 -38.47 -17.19
CA VAL Z 13 50.68 -37.22 -17.96
C VAL Z 13 51.32 -36.19 -17.06
N GLN Z 14 51.64 -35.06 -17.67
CA GLN Z 14 52.21 -33.92 -16.96
C GLN Z 14 51.29 -32.74 -17.35
N VAL Z 15 50.83 -31.98 -16.36
CA VAL Z 15 50.02 -30.79 -16.59
C VAL Z 15 50.78 -29.52 -16.14
N VAL Z 16 51.00 -28.60 -17.09
CA VAL Z 16 51.75 -27.37 -16.84
C VAL Z 16 50.76 -26.23 -16.60
N LEU Z 17 50.92 -25.54 -15.47
CA LEU Z 17 50.00 -24.49 -15.07
C LEU Z 17 50.56 -23.14 -15.27
N SER Z 18 49.67 -22.15 -15.35
CA SER Z 18 50.15 -20.82 -15.65
C SER Z 18 50.79 -20.17 -14.45
N ASN Z 19 50.71 -20.78 -13.29
CA ASN Z 19 51.40 -20.15 -12.16
C ASN Z 19 52.84 -20.74 -12.12
N GLY Z 20 53.23 -21.45 -13.18
CA GLY Z 20 54.57 -22.02 -13.26
C GLY Z 20 54.71 -23.39 -12.59
N GLU Z 21 53.66 -23.95 -11.98
CA GLU Z 21 53.84 -25.26 -11.41
C GLU Z 21 53.62 -26.28 -12.53
N VAL Z 22 54.12 -27.49 -12.28
CA VAL Z 22 54.01 -28.61 -13.18
C VAL Z 22 53.68 -29.86 -12.36
N TYR Z 23 52.55 -30.49 -12.64
CA TYR Z 23 52.12 -31.70 -11.94
C TYR Z 23 52.18 -32.92 -12.85
N LYS Z 24 52.85 -33.96 -12.37
CA LYS Z 24 52.96 -35.20 -13.12
C LYS Z 24 52.24 -36.25 -12.31
N GLY Z 25 51.37 -37.01 -12.95
CA GLY Z 25 50.65 -38.05 -12.24
C GLY Z 25 49.80 -38.85 -13.19
N VAL Z 26 48.89 -39.65 -12.65
CA VAL Z 26 48.08 -40.46 -13.48
C VAL Z 26 46.82 -39.71 -13.85
N LEU Z 27 46.46 -39.74 -15.12
CA LEU Z 27 45.24 -39.05 -15.53
C LEU Z 27 44.04 -39.81 -14.92
N HIS Z 28 43.35 -39.17 -14.00
CA HIS Z 28 42.23 -39.76 -13.29
C HIS Z 28 40.85 -39.41 -13.83
N ALA Z 29 40.68 -38.21 -14.38
CA ALA Z 29 39.40 -37.72 -14.93
C ALA Z 29 39.56 -36.43 -15.76
N VAL Z 30 38.70 -36.26 -16.77
CA VAL Z 30 38.75 -35.08 -17.63
C VAL Z 30 37.32 -34.77 -17.98
N ASP Z 31 36.89 -33.53 -17.91
CA ASP Z 31 35.48 -33.24 -18.26
C ASP Z 31 35.42 -32.41 -19.55
N ASN Z 32 34.21 -32.02 -19.97
CA ASN Z 32 34.10 -31.29 -21.25
C ASN Z 32 34.80 -29.96 -21.27
N GLN Z 33 34.93 -29.37 -20.08
CA GLN Z 33 35.58 -28.08 -19.96
C GLN Z 33 37.06 -28.22 -19.80
N LEU Z 34 37.54 -29.45 -19.88
CA LEU Z 34 38.97 -29.71 -19.71
C LEU Z 34 39.51 -29.41 -18.27
N ASN Z 35 38.64 -29.53 -17.25
CA ASN Z 35 39.07 -29.51 -15.85
C ASN Z 35 39.75 -30.89 -15.80
N ILE Z 36 40.87 -31.03 -15.08
CA ILE Z 36 41.60 -32.31 -15.04
C ILE Z 36 41.78 -32.80 -13.59
N VAL Z 37 41.67 -34.11 -13.33
CA VAL Z 37 41.95 -34.64 -12.01
C VAL Z 37 43.13 -35.63 -12.16
N LEU Z 38 44.21 -35.44 -11.42
CA LEU Z 38 45.33 -36.36 -11.50
C LEU Z 38 45.36 -37.13 -10.18
N ALA Z 39 45.76 -38.40 -10.21
CA ALA Z 39 45.85 -39.29 -9.03
C ALA Z 39 47.33 -39.49 -8.77
N ASN Z 40 47.73 -39.55 -7.49
CA ASN Z 40 49.14 -39.73 -7.12
C ASN Z 40 50.08 -38.84 -7.92
N ALA Z 41 49.82 -37.55 -7.87
CA ALA Z 41 50.59 -36.61 -8.63
C ALA Z 41 51.67 -35.94 -7.78
N SER Z 42 52.68 -35.43 -8.44
CA SER Z 42 53.75 -34.75 -7.72
C SER Z 42 54.08 -33.45 -8.49
N ASN Z 43 54.64 -32.45 -7.82
CA ASN Z 43 55.03 -31.23 -8.51
C ASN Z 43 56.55 -31.28 -8.51
N LYS Z 44 57.16 -30.24 -9.02
CA LYS Z 44 58.60 -30.22 -9.10
C LYS Z 44 59.37 -30.18 -7.75
N ALA Z 45 58.73 -29.73 -6.69
CA ALA Z 45 59.39 -29.69 -5.41
C ALA Z 45 59.25 -31.04 -4.74
N GLY Z 46 58.74 -32.04 -5.46
CA GLY Z 46 58.60 -33.34 -4.88
C GLY Z 46 57.37 -33.58 -4.02
N GLU Z 47 56.58 -32.56 -3.79
CA GLU Z 47 55.38 -32.82 -2.99
C GLU Z 47 54.51 -33.86 -3.75
N LYS Z 48 53.82 -34.71 -3.00
CA LYS Z 48 52.98 -35.75 -3.57
C LYS Z 48 51.56 -35.59 -3.04
N PHE Z 49 50.56 -35.80 -3.90
CA PHE Z 49 49.17 -35.70 -3.43
C PHE Z 49 48.38 -36.85 -4.06
N ASN Z 50 47.44 -37.44 -3.31
CA ASN Z 50 46.62 -38.54 -3.80
C ASN Z 50 45.74 -38.09 -4.99
N ARG Z 51 45.19 -36.88 -4.88
CA ARG Z 51 44.37 -36.28 -5.94
C ARG Z 51 44.63 -34.79 -6.03
N VAL Z 52 44.77 -34.31 -7.25
CA VAL Z 52 45.00 -32.90 -7.54
C VAL Z 52 43.86 -32.54 -8.54
N PHE Z 53 43.02 -31.59 -8.14
CA PHE Z 53 41.91 -31.15 -8.97
C PHE Z 53 42.34 -29.84 -9.60
N ILE Z 54 42.55 -29.89 -10.90
CA ILE Z 54 43.05 -28.74 -11.63
C ILE Z 54 42.02 -27.95 -12.44
N TYR Z 56 40.56 -25.69 -15.22
CA TYR Z 56 40.94 -25.58 -16.61
C TYR Z 56 41.50 -24.22 -17.03
N ARG Z 57 41.04 -23.14 -16.40
CA ARG Z 57 41.52 -21.78 -16.75
C ARG Z 57 43.00 -21.58 -16.53
N TYR Z 58 43.62 -22.41 -15.69
CA TYR Z 58 45.03 -22.28 -15.40
C TYR Z 58 45.90 -23.33 -16.09
N ILE Z 59 45.30 -24.16 -16.91
CA ILE Z 59 46.10 -25.18 -17.60
C ILE Z 59 46.67 -24.63 -18.93
N VAL Z 60 48.00 -24.62 -19.06
CA VAL Z 60 48.67 -24.16 -20.29
C VAL Z 60 48.68 -25.32 -21.29
N HIS Z 61 49.16 -26.49 -20.84
CA HIS Z 61 49.14 -27.64 -21.73
C HIS Z 61 49.29 -28.91 -20.93
N ILE Z 62 49.01 -30.03 -21.60
CA ILE Z 62 49.07 -31.36 -20.98
C ILE Z 62 49.95 -32.19 -21.87
N ASP Z 63 50.91 -32.92 -21.33
CA ASP Z 63 51.82 -33.70 -22.18
C ASP Z 63 51.75 -35.17 -21.83
N SER Z 64 51.84 -36.05 -22.82
CA SER Z 64 51.81 -37.50 -22.53
C SER Z 64 53.26 -37.71 -22.19
N THR Z 65 53.53 -38.35 -21.06
CA THR Z 65 54.91 -38.53 -20.68
C THR Z 65 55.54 -39.87 -20.99
N GLU Z 66 54.75 -40.85 -21.42
CA GLU Z 66 55.31 -42.18 -21.74
C GLU Z 66 55.88 -42.17 -23.17
N ARG Z 67 57.07 -42.72 -23.35
CA ARG Z 67 57.68 -42.78 -24.68
C ARG Z 67 57.06 -43.93 -25.43
N ARG Z 68 57.05 -43.84 -26.77
CA ARG Z 68 56.49 -44.94 -27.56
C ARG Z 68 57.47 -46.09 -27.53
N ILE Z 69 56.92 -47.29 -27.67
CA ILE Z 69 57.66 -48.53 -27.72
C ILE Z 69 58.76 -48.55 -28.81
N ASP Z 70 59.89 -49.14 -28.47
CA ASP Z 70 61.00 -49.28 -29.41
C ASP Z 70 60.58 -50.45 -30.32
N ARG Z 72 62.04 -51.83 -32.99
CA ARG Z 72 63.13 -52.72 -33.37
C ARG Z 72 63.21 -53.76 -32.25
N GLU Z 73 63.19 -53.28 -30.99
CA GLU Z 73 63.27 -54.15 -29.81
C GLU Z 73 62.02 -55.02 -29.73
N PHE Z 74 60.89 -54.50 -30.19
CA PHE Z 74 59.64 -55.26 -30.20
C PHE Z 74 59.79 -56.42 -31.21
N ALA Z 75 60.49 -56.13 -32.29
CA ALA Z 75 60.67 -57.14 -33.32
C ALA Z 75 61.61 -58.23 -32.77
N LYS Z 76 62.61 -57.84 -32.00
CA LYS Z 76 63.53 -58.80 -31.42
C LYS Z 76 62.75 -59.75 -30.51
N GLN Z 77 61.93 -59.22 -29.61
CA GLN Z 77 61.14 -60.06 -28.70
C GLN Z 77 60.13 -60.90 -29.43
N ALA Z 78 59.50 -60.33 -30.46
CA ALA Z 78 58.50 -61.08 -31.20
C ALA Z 78 59.10 -62.29 -31.92
N GLU Z 79 60.35 -62.18 -32.34
CA GLU Z 79 61.02 -63.26 -33.07
C GLU Z 79 61.10 -64.52 -32.22
N LYS Z 80 61.48 -64.34 -30.95
CA LYS Z 80 61.59 -65.45 -30.01
C LYS Z 80 60.24 -66.11 -29.84
N ILE Z 81 59.17 -65.36 -30.03
CA ILE Z 81 57.83 -65.92 -29.84
C ILE Z 81 57.18 -66.40 -31.15
N PHE Z 82 57.73 -65.96 -32.28
CA PHE Z 82 57.22 -66.38 -33.61
C PHE Z 82 58.43 -66.47 -34.54
N PRO Z 83 59.41 -67.34 -34.19
CA PRO Z 83 60.64 -67.53 -34.97
C PRO Z 83 60.38 -67.60 -36.47
N GLY Z 84 61.06 -66.75 -37.23
CA GLY Z 84 60.87 -66.75 -38.66
C GLY Z 84 59.64 -66.08 -39.26
N VAL Z 86 58.49 -62.92 -38.41
CA VAL Z 86 58.55 -61.53 -37.99
C VAL Z 86 59.43 -60.67 -38.90
N LYS Z 87 58.85 -59.60 -39.42
CA LYS Z 87 59.57 -58.68 -40.29
C LYS Z 87 59.48 -57.22 -39.79
N TYR Z 88 60.62 -56.61 -39.45
CA TYR Z 88 60.67 -55.19 -39.03
C TYR Z 88 60.80 -54.37 -40.33
N ILE Z 89 59.87 -53.46 -40.58
CA ILE Z 89 59.92 -52.67 -41.79
C ILE Z 89 60.44 -51.29 -41.46
N GLU Z 90 61.68 -50.99 -41.83
CA GLU Z 90 62.18 -49.68 -41.50
C GLU Z 90 61.35 -48.56 -42.15
N GLU Z 91 60.91 -48.77 -43.39
CA GLU Z 91 60.14 -47.77 -44.11
C GLU Z 91 59.08 -47.03 -43.27
N THR Z 92 58.31 -47.76 -42.47
CA THR Z 92 57.26 -47.15 -41.62
C THR Z 92 57.45 -47.44 -40.11
N ASN Z 93 58.57 -48.04 -39.75
CA ASN Z 93 58.81 -48.36 -38.35
C ASN Z 93 57.68 -49.27 -37.86
N VAL Z 94 57.36 -50.25 -38.70
CA VAL Z 94 56.30 -51.21 -38.45
C VAL Z 94 56.86 -52.66 -38.45
N VAL Z 95 56.18 -53.53 -37.70
CA VAL Z 95 56.56 -54.92 -37.57
C VAL Z 95 55.43 -55.83 -38.05
N LEU Z 96 55.75 -56.69 -39.02
CA LEU Z 96 54.75 -57.61 -39.56
C LEU Z 96 54.98 -58.99 -38.93
N ILE Z 97 53.92 -59.62 -38.46
CA ILE Z 97 54.09 -60.94 -37.87
C ILE Z 97 53.25 -61.87 -38.70
N GLY Z 98 53.92 -62.77 -39.42
CA GLY Z 98 53.17 -63.67 -40.29
C GLY Z 98 52.58 -62.82 -41.39
N ASP Z 99 51.35 -63.16 -41.80
CA ASP Z 99 50.72 -62.44 -42.89
C ASP Z 99 49.47 -61.68 -42.60
N LYS Z 100 48.88 -61.89 -41.43
CA LYS Z 100 47.67 -61.17 -41.10
C LYS Z 100 47.77 -60.26 -39.86
N VAL Z 101 48.99 -60.08 -39.35
CA VAL Z 101 49.17 -59.22 -38.18
C VAL Z 101 50.25 -58.12 -38.39
N ARG Z 102 49.85 -56.89 -38.12
CA ARG Z 102 50.69 -55.70 -38.32
C ARG Z 102 50.77 -54.90 -37.00
N VAL Z 103 51.99 -54.55 -36.59
CA VAL Z 103 52.20 -53.82 -35.35
C VAL Z 103 52.92 -52.48 -35.57
N SER Z 104 52.31 -51.37 -35.13
CA SER Z 104 52.93 -50.06 -35.21
C SER Z 104 53.07 -49.54 -33.75
N GLU Z 105 53.68 -48.36 -33.58
CA GLU Z 105 53.84 -47.84 -32.22
C GLU Z 105 52.50 -47.50 -31.54
N ILE Z 106 51.41 -47.58 -32.30
CA ILE Z 106 50.09 -47.24 -31.80
C ILE Z 106 49.15 -48.41 -31.54
N GLY Z 107 49.62 -49.61 -31.86
CA GLY Z 107 48.78 -50.78 -31.65
C GLY Z 107 48.91 -51.87 -32.70
N VAL Z 108 48.08 -52.90 -32.53
CA VAL Z 108 48.14 -54.10 -33.38
C VAL Z 108 46.94 -54.24 -34.27
N GLU Z 109 47.18 -54.65 -35.51
CA GLU Z 109 46.07 -54.88 -36.44
C GLU Z 109 46.09 -56.36 -36.77
N GLY Z 110 44.89 -56.95 -36.78
CA GLY Z 110 44.76 -58.37 -37.06
C GLY Z 110 43.77 -58.99 -36.09
N VAL Z 111 43.37 -60.22 -36.40
CA VAL Z 111 42.41 -60.99 -35.59
C VAL Z 111 43.04 -62.35 -35.34
N GLY Z 112 42.63 -63.04 -34.30
CA GLY Z 112 43.20 -64.37 -34.06
C GLY Z 112 44.24 -64.57 -32.97
N PRO Z 113 44.75 -65.79 -32.81
CA PRO Z 113 45.75 -66.19 -31.80
C PRO Z 113 47.04 -65.40 -31.86
N VAL Z 114 47.54 -65.17 -33.08
CA VAL Z 114 48.76 -64.43 -33.24
C VAL Z 114 48.54 -62.96 -32.88
N ALA Z 115 47.43 -62.38 -33.34
CA ALA Z 115 47.16 -60.98 -33.07
C ALA Z 115 47.12 -60.83 -31.54
N GLU Z 116 46.29 -61.67 -30.91
CA GLU Z 116 46.13 -61.64 -29.48
C GLU Z 116 47.45 -61.79 -28.77
N ARG Z 117 48.31 -62.67 -29.24
CA ARG Z 117 49.62 -62.80 -28.58
C ARG Z 117 50.50 -61.57 -28.79
N ALA Z 118 50.45 -60.94 -29.96
CA ALA Z 118 51.28 -59.73 -30.19
C ALA Z 118 50.80 -58.59 -29.29
N LYS Z 119 49.50 -58.52 -29.07
CA LYS Z 119 48.91 -57.50 -28.22
C LYS Z 119 49.44 -57.67 -26.81
N ARG Z 120 49.54 -58.92 -26.37
CA ARG Z 120 50.02 -59.12 -25.01
C ARG Z 120 51.47 -58.73 -24.94
N LEU Z 121 52.25 -59.06 -25.98
CA LEU Z 121 53.67 -58.65 -25.98
C LEU Z 121 53.66 -57.12 -25.93
N PHE Z 122 52.83 -56.51 -26.78
CA PHE Z 122 52.72 -55.04 -26.84
C PHE Z 122 52.49 -54.46 -25.41
N GLU Z 123 51.49 -55.02 -24.73
CA GLU Z 123 51.14 -54.60 -23.40
C GLU Z 123 52.31 -54.76 -22.44
N GLU Z 124 53.09 -55.82 -22.61
CA GLU Z 124 54.25 -56.03 -21.77
C GLU Z 124 55.25 -54.89 -21.84
N PHE Z 125 55.46 -54.36 -23.04
CA PHE Z 125 56.38 -53.23 -23.25
C PHE Z 125 55.79 -51.99 -22.58
N LEU Z 126 54.49 -51.82 -22.72
CA LEU Z 126 53.84 -50.67 -22.14
C LEU Z 126 53.82 -50.73 -20.62
N LYS Z 127 53.97 -51.92 -20.03
CA LYS Z 127 53.96 -52.02 -18.58
C LYS Z 127 55.31 -51.65 -18.02
N ARG Z 128 56.31 -51.81 -18.85
CA ARG Z 128 57.66 -51.52 -18.44
C ARG Z 128 57.81 -50.02 -18.17
N PHE AA 1 34.69 -30.68 -11.31
CA PHE AA 1 34.69 -31.71 -10.26
C PHE AA 1 33.96 -31.28 -8.99
N VAL AA 2 32.81 -30.64 -9.21
CA VAL AA 2 31.90 -30.22 -8.17
C VAL AA 2 31.50 -31.43 -7.29
N ALA AA 3 31.15 -32.56 -7.92
CA ALA AA 3 30.72 -33.76 -7.18
C ALA AA 3 31.82 -34.40 -6.36
N GLU AA 4 33.02 -34.55 -6.90
CA GLU AA 4 34.07 -35.15 -6.11
C GLU AA 4 34.44 -34.26 -4.93
N LEU AA 5 34.46 -32.93 -5.12
CA LEU AA 5 34.77 -32.03 -4.00
C LEU AA 5 33.70 -32.08 -2.93
N ASN AA 6 32.43 -32.13 -3.33
CA ASN AA 6 31.38 -32.24 -2.33
C ASN AA 6 31.59 -33.42 -1.41
N ASN AA 7 32.11 -34.52 -1.95
CA ASN AA 7 32.32 -35.70 -1.12
C ASN AA 7 33.47 -35.55 -0.16
N LEU AA 8 34.09 -34.36 -0.15
CA LEU AA 8 35.23 -34.14 0.76
C LEU AA 8 34.88 -33.13 1.84
N LEU AA 9 33.60 -32.85 1.99
CA LEU AA 9 33.15 -31.93 3.02
C LEU AA 9 33.71 -32.40 4.37
N GLY AA 10 34.22 -31.46 5.15
CA GLY AA 10 34.76 -31.77 6.48
C GLY AA 10 36.16 -32.31 6.39
N ARG AA 11 36.63 -32.58 5.17
CA ARG AA 11 37.99 -33.11 5.07
C ARG AA 11 38.94 -31.96 4.83
N GLU AA 12 40.20 -32.19 5.13
CA GLU AA 12 41.27 -31.19 4.95
C GLU AA 12 41.75 -31.16 3.47
N VAL AA 13 41.81 -29.95 2.87
CA VAL AA 13 42.29 -29.73 1.48
C VAL AA 13 43.17 -28.55 1.43
N GLN AA 14 43.95 -28.46 0.37
CA GLN AA 14 44.83 -27.35 0.18
C GLN AA 14 44.34 -26.65 -1.11
N VAL AA 15 44.20 -25.32 -1.08
CA VAL AA 15 43.76 -24.59 -2.28
C VAL AA 15 44.88 -23.63 -2.68
N VAL AA 16 45.41 -23.79 -3.90
CA VAL AA 16 46.49 -22.94 -4.42
C VAL AA 16 45.85 -21.81 -5.27
N LEU AA 17 46.22 -20.57 -4.98
CA LEU AA 17 45.64 -19.40 -5.63
C LEU AA 17 46.60 -18.79 -6.57
N SER AA 18 46.08 -18.15 -7.61
CA SER AA 18 47.00 -17.61 -8.60
C SER AA 18 47.79 -16.38 -8.10
N ASN AA 19 47.47 -15.86 -6.90
CA ASN AA 19 48.27 -14.74 -6.38
C ASN AA 19 49.47 -15.31 -5.60
N GLY AA 20 49.63 -16.64 -5.59
CA GLY AA 20 50.76 -17.22 -4.87
C GLY AA 20 50.38 -17.76 -3.49
N GLU AA 21 49.21 -17.39 -2.98
CA GLU AA 21 48.82 -17.93 -1.70
C GLU AA 21 48.37 -19.39 -1.83
N VAL AA 22 48.48 -20.09 -0.70
CA VAL AA 22 48.13 -21.48 -0.54
C VAL AA 22 47.45 -21.61 0.82
N TYR AA 23 46.17 -21.97 0.81
CA TYR AA 23 45.41 -22.14 2.03
C TYR AA 23 45.09 -23.59 2.27
N LYS AA 24 45.20 -23.95 3.54
CA LYS AA 24 44.86 -25.32 3.90
C LYS AA 24 43.83 -25.22 4.97
N GLY AA 25 42.76 -25.96 4.81
CA GLY AA 25 41.70 -25.95 5.79
C GLY AA 25 40.64 -27.00 5.51
N VAL AA 26 39.61 -27.01 6.34
CA VAL AA 26 38.55 -27.95 6.16
C VAL AA 26 37.64 -27.41 5.05
N LEU AA 27 37.24 -28.30 4.14
CA LEU AA 27 36.37 -27.94 3.03
C LEU AA 27 35.02 -27.76 3.69
N HIS AA 28 34.50 -26.56 3.54
CA HIS AA 28 33.27 -26.19 4.18
C HIS AA 28 32.10 -26.10 3.20
N ALA AA 29 32.39 -25.69 1.97
CA ALA AA 29 31.36 -25.57 0.95
C ALA AA 29 31.96 -25.46 -0.45
N VAL AA 30 31.22 -25.93 -1.45
CA VAL AA 30 31.66 -25.89 -2.85
C VAL AA 30 30.41 -25.64 -3.64
N ASP AA 31 30.42 -24.68 -4.57
CA ASP AA 31 29.21 -24.50 -5.37
C ASP AA 31 29.50 -24.95 -6.84
N ASN AA 32 28.50 -24.87 -7.72
CA ASN AA 32 28.68 -25.31 -9.10
C ASN AA 32 29.80 -24.56 -9.79
N GLN AA 33 29.97 -23.28 -9.45
CA GLN AA 33 30.99 -22.50 -10.12
C GLN AA 33 32.39 -22.78 -9.55
N LEU AA 34 32.44 -23.65 -8.55
CA LEU AA 34 33.69 -23.97 -7.90
C LEU AA 34 34.20 -22.85 -6.97
N ASN AA 35 33.32 -21.95 -6.50
CA ASN AA 35 33.71 -21.04 -5.44
C ASN AA 35 33.92 -22.02 -4.25
N ILE AA 36 34.85 -21.74 -3.35
CA ILE AA 36 35.08 -22.64 -2.23
C ILE AA 36 35.15 -21.88 -0.92
N VAL AA 37 34.59 -22.47 0.14
CA VAL AA 37 34.65 -21.87 1.47
C VAL AA 37 35.45 -22.86 2.30
N LEU AA 38 36.53 -22.37 2.90
CA LEU AA 38 37.37 -23.22 3.78
C LEU AA 38 37.09 -22.78 5.24
N ALA AA 39 37.12 -23.73 6.20
CA ALA AA 39 36.89 -23.44 7.62
C ALA AA 39 38.20 -23.60 8.35
N ASN AA 40 38.47 -22.72 9.32
CA ASN AA 40 39.74 -22.82 10.05
C ASN AA 40 40.92 -23.10 9.14
N ALA AA 41 41.10 -22.23 8.16
CA ALA AA 41 42.16 -22.38 7.18
C ALA AA 41 43.38 -21.53 7.55
N SER AA 42 44.52 -21.86 6.96
CA SER AA 42 45.69 -21.08 7.25
C SER AA 42 46.49 -21.01 5.95
N ASN AA 43 47.40 -20.04 5.85
CA ASN AA 43 48.22 -19.86 4.66
C ASN AA 43 49.70 -20.05 5.07
N LYS AA 44 50.61 -20.09 4.10
CA LYS AA 44 52.04 -20.27 4.41
C LYS AA 44 52.67 -19.21 5.33
N ALA AA 45 51.97 -18.12 5.58
CA ALA AA 45 52.42 -17.06 6.47
C ALA AA 45 52.10 -17.44 7.93
N GLY AA 46 51.20 -18.41 8.09
CA GLY AA 46 50.82 -18.86 9.41
C GLY AA 46 49.55 -18.19 9.90
N GLU AA 47 48.97 -17.28 9.12
CA GLU AA 47 47.72 -16.64 9.55
C GLU AA 47 46.58 -17.67 9.49
N LYS AA 48 45.65 -17.62 10.43
CA LYS AA 48 44.53 -18.55 10.44
C LYS AA 48 43.23 -17.76 10.48
N PHE AA 49 42.21 -18.26 9.79
CA PHE AA 49 40.93 -17.58 9.74
C PHE AA 49 39.86 -18.62 9.93
N ASN AA 50 38.80 -18.28 10.66
CA ASN AA 50 37.73 -19.20 10.88
C ASN AA 50 37.02 -19.54 9.54
N ARG AA 51 36.93 -18.59 8.63
CA ARG AA 51 36.35 -18.87 7.31
C ARG AA 51 37.09 -18.09 6.23
N VAL AA 52 37.35 -18.73 5.10
CA VAL AA 52 38.00 -18.08 3.98
C VAL AA 52 37.08 -18.40 2.80
N PHE AA 53 36.64 -17.33 2.15
CA PHE AA 53 35.72 -17.44 1.01
C PHE AA 53 36.55 -17.19 -0.25
N ILE AA 54 36.79 -18.25 -1.01
CA ILE AA 54 37.66 -18.17 -2.19
C ILE AA 54 36.95 -18.10 -3.55
N TYR AA 56 36.32 -18.41 -7.33
CA TYR AA 56 36.78 -19.41 -8.27
C TYR AA 56 37.78 -18.97 -9.35
N ARG AA 57 37.71 -17.72 -9.80
CA ARG AA 57 38.60 -17.30 -10.87
C ARG AA 57 40.03 -17.33 -10.48
N TYR AA 58 40.29 -17.28 -9.18
CA TYR AA 58 41.65 -17.28 -8.69
C TYR AA 58 42.14 -18.62 -8.21
N ILE AA 59 41.31 -19.66 -8.31
CA ILE AA 59 41.75 -21.01 -7.92
C ILE AA 59 42.51 -21.78 -9.03
N VAL AA 60 43.76 -22.09 -8.76
CA VAL AA 60 44.59 -22.84 -9.71
C VAL AA 60 44.27 -24.34 -9.57
N HIS AA 61 44.36 -24.88 -8.36
CA HIS AA 61 44.04 -26.30 -8.13
C HIS AA 61 43.71 -26.56 -6.66
N ILE AA 62 43.00 -27.64 -6.38
CA ILE AA 62 42.60 -28.01 -5.03
C ILE AA 62 43.33 -29.36 -4.84
N ASP AA 63 44.01 -29.57 -3.71
CA ASP AA 63 44.75 -30.82 -3.48
C ASP AA 63 44.35 -31.55 -2.22
N SER AA 64 44.37 -32.89 -2.28
CA SER AA 64 44.06 -33.72 -1.11
C SER AA 64 45.27 -33.56 -0.19
N THR AA 65 45.04 -33.62 1.10
CA THR AA 65 46.14 -33.43 1.99
C THR AA 65 46.50 -34.67 2.77
N GLU AA 66 45.61 -35.65 2.77
CA GLU AA 66 45.89 -36.88 3.53
C GLU AA 66 46.32 -38.07 2.72
N ARG AA 67 47.25 -38.83 3.26
CA ARG AA 67 47.70 -40.00 2.56
C ARG AA 67 46.58 -41.07 2.61
N ARG AA 68 46.60 -42.00 1.69
CA ARG AA 68 45.64 -43.09 1.69
C ARG AA 68 46.18 -44.04 2.77
N ILE AA 69 45.29 -44.80 3.39
CA ILE AA 69 45.66 -45.78 4.41
C ILE AA 69 46.66 -46.86 3.98
N ASP AA 70 47.64 -47.14 4.83
CA ASP AA 70 48.65 -48.18 4.58
C ASP AA 70 47.94 -49.56 4.70
N ARG AA 72 48.87 -52.75 4.22
CA ARG AA 72 49.54 -53.84 4.91
C ARG AA 72 49.26 -53.64 6.40
N GLU AA 73 49.50 -52.41 6.89
CA GLU AA 73 49.26 -52.10 8.30
C GLU AA 73 47.79 -52.31 8.65
N PHE AA 74 46.88 -51.93 7.76
CA PHE AA 74 45.48 -52.16 8.04
C PHE AA 74 45.30 -53.69 8.12
N ALA AA 75 46.04 -54.43 7.28
CA ALA AA 75 45.89 -55.88 7.29
C ALA AA 75 46.35 -56.45 8.63
N LYS AA 76 47.49 -55.97 9.12
CA LYS AA 76 48.07 -56.40 10.41
C LYS AA 76 47.16 -56.15 11.59
N GLN AA 77 46.53 -54.98 11.62
CA GLN AA 77 45.63 -54.61 12.71
C GLN AA 77 44.32 -55.37 12.57
N ALA AA 78 43.86 -55.54 11.33
CA ALA AA 78 42.63 -56.27 11.09
C ALA AA 78 42.81 -57.75 11.48
N GLU AA 79 44.04 -58.23 11.35
CA GLU AA 79 44.37 -59.64 11.66
C GLU AA 79 44.16 -59.91 13.15
N LYS AA 80 44.58 -58.97 13.99
CA LYS AA 80 44.43 -59.07 15.45
C LYS AA 80 42.98 -59.06 15.88
N ILE AA 81 42.11 -58.40 15.12
CA ILE AA 81 40.68 -58.34 15.44
C ILE AA 81 39.90 -59.49 14.83
N PHE AA 82 40.34 -59.98 13.66
CA PHE AA 82 39.66 -61.08 12.96
C PHE AA 82 40.69 -62.20 12.81
N PRO AA 83 41.12 -62.81 13.93
CA PRO AA 83 42.12 -63.89 13.84
C PRO AA 83 41.87 -64.92 12.74
N GLY AA 84 42.97 -65.22 12.04
CA GLY AA 84 42.98 -66.19 10.95
C GLY AA 84 42.10 -65.99 9.71
N VAL AA 86 42.05 -62.96 7.70
CA VAL AA 86 42.49 -61.78 6.99
C VAL AA 86 43.63 -62.03 6.00
N LYS AA 87 43.35 -61.74 4.74
CA LYS AA 87 44.28 -61.94 3.62
C LYS AA 87 44.72 -60.65 2.92
N TYR AA 88 46.01 -60.35 2.94
CA TYR AA 88 46.50 -59.18 2.23
C TYR AA 88 46.88 -59.62 0.81
N ILE AA 89 46.35 -58.94 -0.20
CA ILE AA 89 46.69 -59.27 -1.57
C ILE AA 89 47.63 -58.22 -2.15
N GLU AA 90 48.89 -58.59 -2.36
CA GLU AA 90 49.84 -57.64 -2.91
C GLU AA 90 49.50 -57.25 -4.38
N GLU AA 91 48.96 -58.19 -5.18
CA GLU AA 91 48.57 -57.97 -6.60
C GLU AA 91 47.81 -56.63 -6.81
N THR AA 92 46.88 -56.32 -5.90
CA THR AA 92 46.10 -55.08 -5.95
C THR AA 92 46.09 -54.22 -4.67
N ASN AA 93 46.96 -54.52 -3.70
CA ASN AA 93 47.08 -53.76 -2.44
C ASN AA 93 45.72 -53.69 -1.73
N VAL AA 94 45.04 -54.83 -1.70
CA VAL AA 94 43.68 -55.01 -1.17
C VAL AA 94 43.64 -56.08 -0.07
N VAL AA 95 42.72 -55.92 0.89
CA VAL AA 95 42.61 -56.87 1.99
C VAL AA 95 41.29 -57.58 2.06
N LEU AA 96 41.38 -58.90 2.12
CA LEU AA 96 40.20 -59.73 2.21
C LEU AA 96 40.04 -60.19 3.68
N ILE AA 97 38.80 -60.12 4.17
CA ILE AA 97 38.46 -60.53 5.52
C ILE AA 97 37.32 -61.50 5.39
N GLY AA 98 37.61 -62.76 5.70
CA GLY AA 98 36.59 -63.78 5.53
C GLY AA 98 36.45 -63.95 4.00
N ASP AA 99 35.23 -64.17 3.51
CA ASP AA 99 35.04 -64.35 2.07
C ASP AA 99 33.94 -63.46 1.50
N LYS AA 100 33.50 -62.47 2.28
CA LYS AA 100 32.47 -61.55 1.82
C LYS AA 100 32.79 -60.10 2.15
N VAL AA 101 34.02 -59.83 2.57
CA VAL AA 101 34.40 -58.47 2.88
C VAL AA 101 35.74 -58.19 2.24
N ARG AA 102 35.76 -57.08 1.51
CA ARG AA 102 36.94 -56.64 0.77
C ARG AA 102 37.26 -55.20 1.14
N VAL AA 103 38.53 -54.88 1.32
CA VAL AA 103 38.90 -53.54 1.67
C VAL AA 103 40.05 -53.00 0.82
N SER AA 104 39.76 -51.88 0.14
CA SER AA 104 40.72 -51.21 -0.71
C SER AA 104 41.05 -49.92 0.00
N GLU AA 105 42.07 -49.21 -0.48
CA GLU AA 105 42.50 -47.94 0.10
C GLU AA 105 41.38 -46.90 -0.08
N ILE AA 106 40.31 -47.31 -0.73
CA ILE AA 106 39.15 -46.42 -0.95
C ILE AA 106 37.88 -46.73 -0.18
N GLY AA 107 37.85 -47.87 0.51
CA GLY AA 107 36.65 -48.20 1.26
C GLY AA 107 36.45 -49.68 1.49
N VAL AA 108 35.26 -50.00 2.01
CA VAL AA 108 34.90 -51.36 2.40
C VAL AA 108 33.73 -51.90 1.59
N GLU AA 109 33.92 -53.12 1.09
CA GLU AA 109 32.94 -53.85 0.31
C GLU AA 109 32.50 -55.04 1.19
N GLY AA 110 31.19 -55.29 1.21
CA GLY AA 110 30.63 -56.37 2.00
C GLY AA 110 29.56 -55.87 2.95
N VAL AA 111 28.70 -56.77 3.44
CA VAL AA 111 27.66 -56.38 4.36
C VAL AA 111 27.61 -57.36 5.51
N GLY AA 112 27.27 -56.86 6.69
CA GLY AA 112 27.21 -57.71 7.86
C GLY AA 112 28.11 -57.12 8.92
N PRO AA 113 28.19 -57.75 10.11
CA PRO AA 113 29.00 -57.32 11.24
C PRO AA 113 30.49 -57.26 10.95
N VAL AA 114 31.02 -58.17 10.15
CA VAL AA 114 32.46 -58.11 9.86
C VAL AA 114 32.75 -56.84 9.08
N ALA AA 115 31.90 -56.53 8.10
CA ALA AA 115 32.10 -55.34 7.27
C ALA AA 115 32.00 -54.06 8.13
N GLU AA 116 31.04 -54.05 9.05
CA GLU AA 116 30.84 -52.88 9.90
C GLU AA 116 32.03 -52.67 10.81
N ARG AA 117 32.63 -53.75 11.28
CA ARG AA 117 33.79 -53.64 12.14
C ARG AA 117 35.00 -53.13 11.34
N ALA AA 118 35.05 -53.57 10.08
CA ALA AA 118 36.10 -53.20 9.16
C ALA AA 118 35.94 -51.70 8.84
N LYS AA 119 34.71 -51.25 8.57
CA LYS AA 119 34.50 -49.82 8.33
C LYS AA 119 35.03 -49.04 9.55
N ARG AA 120 34.62 -49.47 10.76
CA ARG AA 120 35.06 -48.82 12.00
C ARG AA 120 36.58 -48.75 12.09
N LEU AA 121 37.21 -49.87 11.74
CA LEU AA 121 38.68 -49.95 11.76
C LEU AA 121 39.28 -48.92 10.76
N PHE AA 122 38.71 -48.95 9.55
CA PHE AA 122 39.14 -48.07 8.45
C PHE AA 122 39.04 -46.62 8.96
N GLU AA 123 37.90 -46.31 9.56
CA GLU AA 123 37.71 -44.97 10.07
C GLU AA 123 38.77 -44.60 11.12
N GLU AA 124 39.18 -45.53 11.98
CA GLU AA 124 40.18 -45.17 12.97
C GLU AA 124 41.53 -44.83 12.28
N PHE AA 125 41.84 -45.47 11.15
CA PHE AA 125 43.07 -45.11 10.46
C PHE AA 125 42.95 -43.66 9.95
N LEU AA 126 41.75 -43.29 9.48
CA LEU AA 126 41.52 -41.92 8.95
C LEU AA 126 41.65 -40.80 10.00
N LYS AA 127 41.38 -41.08 11.27
CA LYS AA 127 41.53 -40.06 12.31
C LYS AA 127 43.03 -39.91 12.62
N PHE BA 1 28.98 -17.69 -2.68
CA PHE BA 1 28.66 -17.40 -1.26
C PHE BA 1 28.02 -16.03 -1.03
N VAL BA 2 27.17 -15.61 -1.95
CA VAL BA 2 26.47 -14.37 -1.75
C VAL BA 2 25.67 -14.45 -0.43
N ALA BA 3 25.02 -15.59 -0.19
CA ALA BA 3 24.22 -15.79 1.03
C ALA BA 3 25.06 -15.74 2.33
N GLU BA 4 26.17 -16.49 2.40
CA GLU BA 4 26.99 -16.48 3.62
C GLU BA 4 27.56 -15.08 3.89
N LEU BA 5 27.90 -14.29 2.86
CA LEU BA 5 28.46 -12.94 3.10
C LEU BA 5 27.38 -11.96 3.48
N ASN BA 6 26.23 -12.06 2.84
CA ASN BA 6 25.18 -11.15 3.24
C ASN BA 6 24.88 -11.34 4.76
N ASN BA 7 25.20 -12.52 5.31
CA ASN BA 7 24.94 -12.78 6.74
C ASN BA 7 25.98 -12.16 7.67
N LEU BA 8 27.01 -11.50 7.08
CA LEU BA 8 28.08 -10.81 7.80
C LEU BA 8 27.99 -9.30 7.68
N LEU BA 9 26.85 -8.79 7.24
CA LEU BA 9 26.64 -7.35 7.10
C LEU BA 9 26.90 -6.72 8.48
N GLY BA 10 27.72 -5.65 8.53
CA GLY BA 10 28.07 -4.97 9.77
C GLY BA 10 29.26 -5.60 10.50
N ARG BA 11 29.76 -6.73 9.99
CA ARG BA 11 30.90 -7.38 10.61
C ARG BA 11 32.15 -7.05 9.84
N GLU BA 12 33.28 -7.16 10.53
CA GLU BA 12 34.58 -6.87 9.94
C GLU BA 12 35.08 -8.07 9.12
N VAL BA 13 35.50 -7.81 7.89
CA VAL BA 13 36.06 -8.84 7.02
C VAL BA 13 37.32 -8.28 6.38
N GLN BA 14 38.12 -9.15 5.83
CA GLN BA 14 39.33 -8.74 5.13
C GLN BA 14 39.06 -9.19 3.65
N VAL BA 15 39.50 -8.38 2.68
CA VAL BA 15 39.35 -8.68 1.27
C VAL BA 15 40.75 -8.56 0.65
N VAL BA 16 41.21 -9.66 0.08
CA VAL BA 16 42.49 -9.67 -0.55
C VAL BA 16 42.30 -9.51 -2.06
N LEU BA 17 42.97 -8.52 -2.63
CA LEU BA 17 42.85 -8.22 -4.05
C LEU BA 17 44.08 -8.75 -4.83
N SER BA 18 43.90 -8.97 -6.14
CA SER BA 18 44.96 -9.53 -6.96
C SER BA 18 46.10 -8.55 -7.25
N ASN BA 19 45.91 -7.27 -6.97
CA ASN BA 19 47.01 -6.34 -7.14
C ASN BA 19 47.87 -6.36 -5.86
N GLY BA 20 47.63 -7.31 -4.96
CA GLY BA 20 48.42 -7.36 -3.74
C GLY BA 20 47.91 -6.54 -2.56
N GLU BA 21 46.90 -5.68 -2.78
CA GLU BA 21 46.42 -4.91 -1.65
C GLU BA 21 45.50 -5.76 -0.78
N VAL BA 22 45.39 -5.39 0.50
CA VAL BA 22 44.50 -6.05 1.43
C VAL BA 22 43.67 -5.02 2.21
N TYR BA 23 42.35 -5.07 2.07
CA TYR BA 23 41.52 -4.12 2.76
C TYR BA 23 40.75 -4.79 3.88
N LYS BA 24 40.73 -4.16 5.04
CA LYS BA 24 39.99 -4.72 6.15
C LYS BA 24 38.99 -3.63 6.52
N GLY BA 25 37.74 -4.02 6.71
CA GLY BA 25 36.73 -3.05 7.11
C GLY BA 25 35.42 -3.74 7.41
N VAL BA 26 34.38 -2.95 7.63
CA VAL BA 26 33.04 -3.44 7.92
C VAL BA 26 32.35 -3.78 6.57
N LEU BA 27 31.82 -4.99 6.46
CA LEU BA 27 31.08 -5.42 5.26
C LEU BA 27 29.79 -4.59 5.23
N HIS BA 28 29.70 -3.72 4.25
CA HIS BA 28 28.56 -2.82 4.07
C HIS BA 28 27.56 -3.29 3.00
N ALA BA 29 28.05 -3.92 1.92
CA ALA BA 29 27.16 -4.47 0.85
C ALA BA 29 27.81 -5.55 -0.01
N VAL BA 30 26.98 -6.47 -0.52
CA VAL BA 30 27.43 -7.56 -1.38
C VAL BA 30 26.38 -7.77 -2.44
N ASP BA 31 26.77 -7.93 -3.70
CA ASP BA 31 25.73 -8.20 -4.67
C ASP BA 31 25.91 -9.59 -5.23
N ASN BA 32 24.99 -10.01 -6.10
CA ASN BA 32 25.05 -11.32 -6.69
C ASN BA 32 26.35 -11.61 -7.43
N GLN BA 33 26.93 -10.56 -8.01
CA GLN BA 33 28.16 -10.74 -8.76
C GLN BA 33 29.33 -10.74 -7.82
N LEU BA 34 29.04 -10.52 -6.56
CA LEU BA 34 30.06 -10.51 -5.52
C LEU BA 34 30.94 -9.27 -5.55
N ASN BA 35 30.39 -8.15 -6.01
CA ASN BA 35 31.08 -6.86 -5.88
C ASN BA 35 30.90 -6.63 -4.36
N ILE BA 36 31.86 -5.98 -3.73
CA ILE BA 36 31.81 -5.78 -2.31
C ILE BA 36 31.98 -4.29 -1.93
N VAL BA 37 31.20 -3.79 -0.97
CA VAL BA 37 31.41 -2.44 -0.49
C VAL BA 37 31.78 -2.63 0.99
N LEU BA 38 32.90 -2.02 1.36
CA LEU BA 38 33.41 -2.03 2.73
C LEU BA 38 33.29 -0.64 3.30
N ALA BA 39 32.97 -0.51 4.60
CA ALA BA 39 32.89 0.82 5.23
C ALA BA 39 34.04 0.99 6.23
N ASN BA 40 34.57 2.21 6.30
CA ASN BA 40 35.69 2.52 7.16
C ASN BA 40 36.76 1.43 7.08
N ALA BA 41 37.30 1.27 5.88
CA ALA BA 41 38.28 0.25 5.62
C ALA BA 41 39.67 0.82 5.61
N SER BA 42 40.65 -0.02 5.81
CA SER BA 42 42.02 0.47 5.76
C SER BA 42 42.84 -0.59 4.98
N ASN BA 43 43.93 -0.19 4.34
CA ASN BA 43 44.79 -1.13 3.60
C ASN BA 43 46.01 -1.37 4.48
N LYS BA 44 46.99 -2.13 4.00
CA LYS BA 44 48.14 -2.39 4.87
C LYS BA 44 49.02 -1.16 5.07
N ALA BA 45 48.84 -0.17 4.20
CA ALA BA 45 49.61 1.03 4.33
C ALA BA 45 49.01 1.89 5.42
N GLY BA 46 47.89 1.49 5.98
CA GLY BA 46 47.28 2.28 7.02
C GLY BA 46 46.39 3.40 6.50
N GLU BA 47 46.16 3.49 5.19
CA GLU BA 47 45.27 4.53 4.66
C GLU BA 47 43.82 4.15 5.00
N LYS BA 48 42.99 5.12 5.29
CA LYS BA 48 41.64 4.77 5.69
C LYS BA 48 40.62 5.48 4.81
N PHE BA 49 39.50 4.81 4.57
CA PHE BA 49 38.46 5.36 3.69
C PHE BA 49 37.08 5.02 4.27
N ASN BA 50 36.15 5.98 4.18
CA ASN BA 50 34.80 5.76 4.67
C ASN BA 50 34.10 4.67 3.84
N ARG BA 51 34.40 4.62 2.54
CA ARG BA 51 33.86 3.58 1.68
C ARG BA 51 34.82 3.14 0.59
N VAL BA 52 34.91 1.83 0.41
CA VAL BA 52 35.71 1.25 -0.64
C VAL BA 52 34.80 0.32 -1.45
N PHE BA 53 34.73 0.59 -2.75
CA PHE BA 53 33.90 -0.20 -3.69
C PHE BA 53 34.84 -1.08 -4.45
N ILE BA 54 34.83 -2.35 -4.11
CA ILE BA 54 35.71 -3.33 -4.70
C ILE BA 54 35.08 -4.14 -5.86
N TYR BA 56 34.37 -7.06 -8.32
CA TYR BA 56 34.55 -8.50 -8.09
C TYR BA 56 35.74 -9.22 -8.81
N ARG BA 57 36.01 -8.83 -10.06
CA ARG BA 57 37.05 -9.46 -10.86
C ARG BA 57 38.45 -9.46 -10.19
N TYR BA 58 38.68 -8.50 -9.29
CA TYR BA 58 39.94 -8.38 -8.59
C TYR BA 58 39.93 -9.00 -7.18
N ILE BA 59 38.82 -9.59 -6.76
CA ILE BA 59 38.80 -10.19 -5.44
C ILE BA 59 39.29 -11.64 -5.48
N VAL BA 60 40.30 -11.91 -4.68
CA VAL BA 60 40.91 -13.25 -4.65
C VAL BA 60 40.13 -14.06 -3.61
N HIS BA 61 40.00 -13.51 -2.40
CA HIS BA 61 39.24 -14.21 -1.36
C HIS BA 61 38.89 -13.18 -0.30
N ILE BA 62 37.89 -13.52 0.48
CA ILE BA 62 37.38 -12.67 1.55
C ILE BA 62 37.51 -13.50 2.83
N ASP BA 63 38.06 -12.92 3.91
CA ASP BA 63 38.24 -13.73 5.13
C ASP BA 63 37.57 -13.16 6.35
N SER BA 64 37.12 -14.01 7.27
CA SER BA 64 36.50 -13.55 8.51
C SER BA 64 37.66 -12.98 9.32
N THR BA 65 37.43 -12.04 10.20
CA THR BA 65 38.55 -11.49 10.97
C THR BA 65 38.37 -11.80 12.47
N GLU BA 66 37.16 -12.12 12.89
CA GLU BA 66 36.91 -12.41 14.29
C GLU BA 66 37.14 -13.86 14.67
N ARG BA 67 37.64 -14.07 15.87
CA ARG BA 67 37.84 -15.42 16.35
C ARG BA 67 36.50 -15.86 16.87
N ARG BA 68 36.24 -17.17 16.88
CA ARG BA 68 35.00 -17.66 17.45
C ARG BA 68 35.19 -17.54 18.98
N ILE BA 69 34.08 -17.48 19.69
CA ILE BA 69 34.08 -17.37 21.14
C ILE BA 69 34.73 -18.58 21.82
N ASP BA 70 35.48 -18.29 22.88
CA ASP BA 70 36.11 -19.31 23.70
C ASP BA 70 35.00 -19.91 24.56
N ARG BA 72 34.98 -22.19 26.77
CA ARG BA 72 35.29 -22.37 28.19
C ARG BA 72 35.03 -21.03 28.90
N GLU BA 73 35.55 -19.94 28.35
CA GLU BA 73 35.31 -18.64 28.98
C GLU BA 73 33.79 -18.39 29.05
N PHE BA 74 33.08 -18.70 27.97
CA PHE BA 74 31.62 -18.54 27.97
C PHE BA 74 30.99 -19.36 29.12
N ALA BA 75 31.52 -20.56 29.36
CA ALA BA 75 30.98 -21.42 30.43
C ALA BA 75 31.23 -20.75 31.82
N LYS BA 76 32.46 -20.27 32.03
CA LYS BA 76 32.82 -19.61 33.26
C LYS BA 76 31.82 -18.51 33.54
N GLN BA 77 31.60 -17.63 32.57
CA GLN BA 77 30.65 -16.56 32.80
C GLN BA 77 29.22 -17.00 32.95
N ALA BA 78 28.76 -17.90 32.10
CA ALA BA 78 27.38 -18.35 32.20
C ALA BA 78 27.07 -18.94 33.60
N GLU BA 79 28.06 -19.62 34.18
CA GLU BA 79 27.92 -20.24 35.50
C GLU BA 79 27.49 -19.20 36.54
N LYS BA 80 28.15 -18.05 36.52
CA LYS BA 80 27.85 -16.96 37.42
C LYS BA 80 26.42 -16.48 37.25
N ILE BA 81 25.96 -16.53 36.00
CA ILE BA 81 24.62 -16.08 35.67
C ILE BA 81 23.56 -17.15 35.89
N PHE BA 82 23.97 -18.41 35.89
CA PHE BA 82 23.04 -19.52 36.12
C PHE BA 82 23.74 -20.51 37.06
N PRO BA 83 23.88 -20.14 38.33
CA PRO BA 83 24.54 -21.01 39.30
C PRO BA 83 24.15 -22.48 39.19
N GLY BA 84 25.18 -23.33 39.19
CA GLY BA 84 25.01 -24.76 39.10
C GLY BA 84 24.24 -25.34 37.92
N VAL BA 86 25.28 -24.88 34.59
CA VAL BA 86 26.17 -24.89 33.44
C VAL BA 86 27.17 -26.03 33.30
N LYS BA 87 27.19 -26.62 32.11
CA LYS BA 87 28.09 -27.72 31.78
C LYS BA 87 28.80 -27.52 30.41
N TYR BA 88 30.13 -27.50 30.44
CA TYR BA 88 30.91 -27.39 29.21
C TYR BA 88 31.21 -28.82 28.78
N ILE BA 89 30.89 -29.15 27.53
CA ILE BA 89 31.16 -30.48 26.98
C ILE BA 89 32.35 -30.39 26.03
N GLU BA 90 33.47 -30.97 26.43
CA GLU BA 90 34.71 -30.92 25.66
C GLU BA 90 34.58 -31.71 24.39
N GLU BA 91 33.70 -32.70 24.41
CA GLU BA 91 33.50 -33.59 23.28
C GLU BA 91 33.15 -32.86 22.00
N THR BA 92 32.30 -31.85 22.10
CA THR BA 92 31.91 -31.06 20.93
C THR BA 92 32.10 -29.57 21.15
N ASN BA 93 32.78 -29.20 22.24
CA ASN BA 93 33.05 -27.80 22.56
C ASN BA 93 31.76 -26.98 22.62
N VAL BA 94 30.74 -27.58 23.24
CA VAL BA 94 29.41 -26.98 23.39
C VAL BA 94 29.08 -26.74 24.87
N VAL BA 95 28.21 -25.79 25.17
CA VAL BA 95 27.89 -25.49 26.57
C VAL BA 95 26.42 -25.74 26.79
N LEU BA 96 26.14 -26.53 27.83
CA LEU BA 96 24.78 -26.87 28.22
C LEU BA 96 24.37 -26.00 29.43
N ILE BA 97 23.17 -25.45 29.36
CA ILE BA 97 22.67 -24.58 30.43
C ILE BA 97 21.30 -25.09 30.77
N GLY BA 98 21.19 -25.76 31.93
CA GLY BA 98 19.89 -26.30 32.27
C GLY BA 98 19.69 -27.51 31.38
N ASP BA 99 18.47 -27.83 31.03
CA ASP BA 99 18.23 -29.03 30.22
C ASP BA 99 17.69 -28.74 28.83
N LYS BA 100 17.26 -27.50 28.61
CA LYS BA 100 16.69 -27.15 27.31
C LYS BA 100 17.38 -25.98 26.58
N VAL BA 101 18.56 -25.57 27.07
CA VAL BA 101 19.33 -24.51 26.38
C VAL BA 101 20.71 -25.07 26.05
N ARG BA 102 21.21 -24.80 24.84
CA ARG BA 102 22.48 -25.35 24.37
C ARG BA 102 23.21 -24.29 23.56
N VAL BA 103 24.51 -24.15 23.79
CA VAL BA 103 25.32 -23.14 23.12
C VAL BA 103 26.59 -23.64 22.45
N SER BA 104 26.71 -23.37 21.14
CA SER BA 104 27.91 -23.76 20.40
C SER BA 104 28.55 -22.45 19.97
N GLU BA 105 29.78 -22.49 19.46
CA GLU BA 105 30.47 -21.29 19.00
C GLU BA 105 29.71 -20.54 17.87
N ILE BA 106 28.57 -21.07 17.46
CA ILE BA 106 27.75 -20.49 16.42
C ILE BA 106 26.42 -19.90 16.82
N GLY BA 107 25.98 -20.19 18.03
CA GLY BA 107 24.72 -19.62 18.42
C GLY BA 107 23.99 -20.35 19.51
N VAL BA 108 22.82 -19.83 19.85
CA VAL BA 108 22.04 -20.44 20.92
C VAL BA 108 20.82 -21.23 20.50
N GLU BA 109 20.72 -22.45 21.01
CA GLU BA 109 19.53 -23.27 20.73
C GLU BA 109 18.64 -23.22 21.99
N GLY BA 110 17.37 -22.92 21.80
CA GLY BA 110 16.47 -22.86 22.95
C GLY BA 110 15.53 -21.68 22.88
N VAL BA 111 14.43 -21.77 23.63
CA VAL BA 111 13.38 -20.77 23.72
C VAL BA 111 13.24 -20.39 25.19
N GLY BA 112 12.42 -19.38 25.48
CA GLY BA 112 12.19 -18.97 26.86
C GLY BA 112 13.23 -18.04 27.44
N PRO BA 113 13.02 -17.58 28.70
CA PRO BA 113 13.90 -16.65 29.43
C PRO BA 113 15.37 -17.06 29.56
N VAL BA 114 15.65 -18.35 29.68
CA VAL BA 114 17.05 -18.76 29.80
C VAL BA 114 17.83 -18.59 28.48
N ALA BA 115 17.24 -19.05 27.37
CA ALA BA 115 17.86 -18.94 26.05
C ALA BA 115 18.12 -17.46 25.70
N GLU BA 116 17.14 -16.59 25.99
CA GLU BA 116 17.32 -15.16 25.73
C GLU BA 116 18.53 -14.57 26.47
N ARG BA 117 18.68 -14.94 27.74
CA ARG BA 117 19.77 -14.43 28.54
C ARG BA 117 21.11 -14.95 28.02
N ALA BA 118 21.13 -16.19 27.53
CA ALA BA 118 22.39 -16.74 27.02
C ALA BA 118 22.77 -16.00 25.74
N LYS BA 119 21.78 -15.70 24.90
CA LYS BA 119 22.08 -14.97 23.67
C LYS BA 119 22.76 -13.60 23.93
N ARG BA 120 22.35 -12.94 25.03
CA ARG BA 120 22.87 -11.62 25.41
C ARG BA 120 24.30 -11.75 25.82
N LEU BA 121 24.57 -12.79 26.60
CA LEU BA 121 25.91 -13.09 27.06
C LEU BA 121 26.75 -13.39 25.81
N PHE BA 122 26.21 -14.19 24.90
CA PHE BA 122 26.92 -14.52 23.63
C PHE BA 122 27.26 -13.19 22.91
N GLU BA 123 26.28 -12.31 22.83
CA GLU BA 123 26.49 -11.02 22.18
C GLU BA 123 27.56 -10.18 22.88
N GLU BA 124 27.56 -10.19 24.22
CA GLU BA 124 28.57 -9.42 24.93
C GLU BA 124 29.90 -9.90 24.48
N PHE BA 125 30.04 -11.21 24.31
CA PHE BA 125 31.32 -11.71 23.83
C PHE BA 125 31.58 -11.16 22.42
N LEU BA 126 30.58 -11.22 21.54
CA LEU BA 126 30.82 -10.71 20.20
C LEU BA 126 31.20 -9.23 20.18
N LYS BA 127 30.69 -8.47 21.15
CA LYS BA 127 30.98 -7.05 21.23
C LYS BA 127 32.40 -6.77 21.70
#